data_5FJA
#
_entry.id   5FJA
#
_cell.length_a   1.000
_cell.length_b   1.000
_cell.length_c   1.000
_cell.angle_alpha   90.00
_cell.angle_beta   90.00
_cell.angle_gamma   90.00
#
_symmetry.space_group_name_H-M   'P 1'
#
loop_
_entity.id
_entity.type
_entity.pdbx_description
1 polymer 'DNA-DIRECTED RNA POLYMERASE III SUBUNIT RPC1'
2 polymer 'DNA-DIRECTED RNA POLYMERASE III SUBUNIT RPC2'
3 polymer 'DNA-DIRECTED RNA POLYMERASES I AND III SUBUNIT RPAC1'
4 polymer 'DNA-DIRECTED RNA POLYMERASE III SUBUNIT RPC9'
5 polymer 'DNA-DIRECTED RNA POLYMERASES I, II, AND III SUBUNIT RPABC 1'
6 polymer 'DNA-DIRECTED RNA POLYMERASES I, II, AND III SUBUNIT RPABC 2'
7 polymer 'DNA-DIRECTED RNA POLYMERASE III SUBUNIT RPC8'
8 polymer 'DNA-DIRECTED RNA POLYMERASES I, II, AND III SUBUNIT RPABC 3'
9 polymer 'DNA-DIRECTED RNA POLYMERASE III SUBUNIT RPC10'
10 polymer 'DNA-DIRECTED RNA POLYMERASES I, II, AND III SUBUNIT RPABC 5'
11 polymer 'DNA-DIRECTED RNA POLYMERASES I AND III SUBUNIT RPAC2'
12 polymer 'DNA-DIRECTED RNA POLYMERASES I, II, AND III SUBUNIT RPABC 4'
13 polymer 'DNA-DIRECTED RNA POLYMERASE III SUBUNIT RPC5'
14 polymer 'DNA-DIRECTED RNA POLYMERASE III SUBUNIT RPC4'
15 polymer 'DNA-DIRECTED RNA POLYMERASE III SUBUNIT RPC3'
16 polymer 'DNA-DIRECTED RNA POLYMERASE III SUBUNIT RPC6'
17 polymer 'DNA-DIRECTED RNA POLYMERASE III SUBUNIT RPC7'
18 non-polymer 'ZINC ION'
#
loop_
_entity_poly.entity_id
_entity_poly.type
_entity_poly.pdbx_seq_one_letter_code
_entity_poly.pdbx_strand_id
1 'polypeptide(L)'
;MKEVVVSETPKRIKGLEFSALSAADIVAQSEVEVSTRDLFDLEKDRAPKANGALDPKMGVSSSSLECATCHGNLASCHGH
FGHLKLALPVFHIGYFKATIQILQGICKNCSAILLSETDKRQFLHELRRPGVDNLRRMGILKKILDQCKKQRRCLHCGAL
NGVVKKAAAGAGSAALKIIHDTFRWVGKKSAPEKDIWVGEWKEVLAHNPELERYVKRCMDDLNPLKTLNLFKQIKSADCE
LLGIDATVPSGRPETYIWRYLPAPPVCIRPSVMMQDSPASNEDDLTVKLTEIVWTSSLIKAGLDKGISINNMMEHWDYLQ
LTVAMYINSDSVNPAMLPGSSNGGGKVKPIRGFCQRLKGKQGRFRGNLSGKRVDFSGRTVISPDPNLSIDEVAVPDRVAK
VLTYPEKVTRYNRHKLQELIVNGPNVHPGANYLLKRNEDARRNLRYGDRMKLAKNLQIGDVVERHLEDGDVVLFNRQPSL
HRLSILSHYAKIRPWRTFRLNECVCTPYNADFDGDEMNLHVPQTEEARAEAINLMGVKNNLLTPKSGEPIIAATQDFITG
SYLISHKDSFYDRATLTQLLSMMSDGIEHFDIPPPAIMKPYYLWTGKQVFSLLIKPNHNSPVVINLDAKNKVFVPPKSKS
LPNEMSQNDGFVIIRGSQILSGVMDKSVLGDGKKHSVFYTILRDYGPQEAANAMNRMAKLCARFLGNRGFSIGINDVTPA
DDLKQKKEELVEIAYHKCDELITLFNKGELETQPGCNEEQTLEAKIGGLLSKVREEVGDVCINELDNWNAPLIMATCGSK
GSTLNVSQMVAVVGQQIISGNRVPDGFQDRSLPHFPKNSKTPQSKGFVRNSFFSGLSPPEFLFHAISGREGLVDTAVKTA
ETGYMSRRLMKSLEDLSCQYDNTVRTSANGIVQFTYGGDGLDPLEMEGNAQPVNFNRSWDHAYNITFNNQDKGLLPYAIM
ETANEILGPLEERLVRYDNSGCLVKREDLNKAEYVDQYDAERDFYHSLREYINGKATALANLRKSRGMLGLLEPPAKELQ
GIDPDETVPDNVKTSVSQLYRISEKSVRKFLEIALFKYRKARLEPGTAIGAIGAQSIGEPGTQMTLKTFHFAGVASMNVT
LGVPRIKEIINASKVISTPIINAVLVNDNDERAARVVKGRVEKTLLSDVAFYVQDVYKDNLSFIQVRIDLGTIDKLQLEL
TIEDIAVAITRASKLKIQASDVNIIGKDRIAINVFPEGYKAKSISTSAKEPSENDVFYRMQQLRRALPDVVVKGLPDISR
AVINIRDDGKRELLVEGYGLRDVMCTDGVIGSRTTTNHVLEVFSVLGIEAARYSIIREINYTMSNHGMSVDPRHIQLLGD
VMTYKGEVLGITRFGLSKMRDSVLQLASFEKTTDHLFDAAFYMKKDAVEGVSECIILGQTMSIGTGSFKVVKGTNISEKD
LVPKRCLFESLSNEAALKAN
;
A
2 'polypeptide(L)'
;MVAATKRRKTHIHKHVKDEAFDDLLKPVYKGKKLTDEINTAQDKWHLLPAFLKVKGLVKQHLDSFNYFVDTDLKKIIKAN
QLILSDVDPEFYLKYVDIRVGKKSSSSTKDYLTPPHECRLRDMTYSAPIYVDIEYTRGRNIIMHKDVEIGRMPIMLRSNK
CILYDADESKMAKLNECPLDPGGYFIVNGTEKVILVQEQLSKNRIIVEADEKKGIVQASVTSSTHERKSKTYVITKNGKI
YLKHNSIAEEIPIAIVLKACGILSDLEIMQLVCGNDSSYQDIFAVNLEESSKLDIYTQQQALEYIGAKVKTMRRQKLTIL
QEGIEAIATTVIAHLTVEALDFREKALYIAMMTRRVVMAMYNPKMIDDRDYVGNKRLELAGQLISLLFEDLFKKFNNDFK
LSIDKVLKKPNRAMEYDALLSINVHSNNITSGLNRAISTGNWSLKRFKMERAGVTHVLSRLSYISALGMMTRISSQFEKS
RKVSGPRALQPSQFGMLCTADTPEGEACGLVKNLALMTHITTDDEEEPIKKLCYVLGVEDITLIDSASLHLNYGVYLNGT
LIGSIRFPTKFVTQFRHLRRTGKVSEFISIYSNSHQMAVHIATDGGRICRPLIIVSDGQSRVKDIHLRKLLDGELDFDDF
LKLGLVEYLDVNEENDSYIALYEKDIVPSMTHLEIEPFTILGAVAGLIPYPHHNQSPRNTYQCAMGKQAIGAIAYNQFKR
IDTLLYLMTYPQQPMVKTKTIELIDYDKLPAGQNATVAVMSYSGYDIEDALVLNKSSIDRGFGRCETRRKTTTVLKRYAN
HTQDIIGGMRVDENGDPIWQHQSLGPDGLGEVGMKVQSGQIYINKSVPTNSADAPNPNNVNVQTQYREAPVIYRGPEPSH
IDQVMMSVSDNDQALIKVLLRQNRRPELGDKFSSRHGQKGVCGIIVKQEDMPFNDQGIVPDIIMNPHGFPSRMTVGKMIE
LISGKAGVLNGTLEYGTCFGGSKLEDMSKILVDQGFNYSGKDMLYSGITGECLQAYIFFGPIYYQKLKHMVLDKMHARAR
GPRAVLTRQPTEGRSRDGGLRLGEMERDCVIAYGASQLLLERLMISSDAFEVDVCDKCGLMGYSGWCTTCKSAENIIKMT
IPYAAKLLFQELLSMNIAPRLRLEDIFQQ
;
B
3 'polypeptide(L)'
;MSNIVGIEYNRVTNTTSTDFPGFSKDAENEWNVEKFKKDFEVNISSLDAREANFDLINIDTSIANAFRRIMISEVPSVAA
EYVYFFNNTSVIQDEVLAHRIGLVPLKVDPDMLTWVDSNLPDDEKFTDENTIVLSLNVKCTRNPDAPKGSTDPKELYNNA
HVYARDLKFEPQGRQSTTFADCPVVPADPDILLAKLRPGQEISLKAHCILGIGGDHAKFSPVSTASYRLLPQINILQPIK
GESARRFQKCFPPGVIGIDEGSDEAYVKDARKDTVSREVLRYEEFADKVKLGRVRNHFIFNVESAGAMTPEEIFFKSVRI
LKNKAEYLKNCPITQ
;
C
4 'polypeptide(L)'
;MKVLEERNAFLSDYEVLKFLTDLEKKHLWDQKSLAALKKSRSKGKQNRPYNHPELQGITRNVVNYLSINKNFINQEDEGE
ERESSGAKDAEKSGISKMSDESFAELMTKLNSFKLFKAEKLQIVNQLPANMVHLYSIVEECDARFDEKTIEEMLEIISGY
A
;
D
5 'polypeptide(L)'
;MDQENERNISRLWRAFRTVKEMVKDRGYFITQEEVELPLEDFKAKYCDSMGRPQRKMMSFQANPTEESISKFPDMGSLWV
EFCDEPSVGVKTMKTFVIHIQEKNFQTGIFVYQNNITPSAMKLVPSIPPATIETFNEAALVVNITHHELVPKHIRLSSDE
KRELLKRYRLKESQLPRIQRADPVALYLGLKRGEVVKIIRKSETSGRYASYRICM
;
E
6 'polypeptide(L)'
;MSDYEEAFNDGNENFEDFDVEHFSDEETYEEKPQFKDGETTDANGKTIVTGGNGPEDFQQHEQIRRKTLKEKAIPKDQRA
TTPYMTKYERARILGTRALQISMNAPVFVDLEGETDPLRIAMKELAEKKIPLVIRRYLPDGSFEDWSVEELIVDL
;
F
7 'polypeptide(L)'
;MFILSKIADLVRIPPDQFHRDTISAITHQLNNKFANKIIPNVGLCITIYDLLTVEEGQLKPGDGSSYINVTFRAVVFKPF
LGEIVTGWISKCTAEGIKVSLLGIFDDIFIPQNMLFEGCYYTPEESAWIWPMDEETKLYFDVNEKIRFRIEREVFVDVKP
KSPKERELEERAQLENEIEGKNEETPQNEKPPAYALLGSCQTDGMGLVSWWE
;
G
8 'polypeptide(L)'
;MSNTLFDDIFQVSEVDPGRYNKVCRIEAASTTQDQCKLTLDINVELFPVAAQDSLTVTIASSLNLEDTPANDSSATRSWR
PPQAGDRSLADDYDYVMYGTAYKFEEVSKDLIAVYYSFGGLLMRLEGNYRNLNNLKQENAYLLIRR
;
H
9 'polypeptide(L)'
;MLSFCPSCNNMLLITSGDSGVYTLACRSCPYEFPIEGIEIYDRKKLPRKEVDDVLGGGWDNVDQTKTQCPNYDTCGGESA
YFFQLQIRSADEPMTTFYKCVNCGHRWKEN
;
I
10 'polypeptide(L)' MIVPVRCFSCGKVVGDKWESYLNLLQEDELDEGTALSRLGLKRYCCRRMILTHVDLIEKFLRYNPLEKRD J
11 'polypeptide(L)'
;MTEDIEQKKTATEVTPQEPKHIQEEEEQDVDMTGDEEQEEEPDREKIKLLTQATSEDGTSASFQIVEEDHTLGNALRYVI
MKNPDVEFCGYSIPHPSENLLNIRIQTYGETTAVDALQKGLKDLMDLCDVVESKFTEKIKSM
;
K
12 'polypeptide(L)' MSREGFQIPTNLDAAAAGTSQARTATLKYICAECSSKLSLSRTDAVRCKDCGHRILLKARTKRLVQFEAR L
13 'polypeptide(L)'
;MSIDNKLFVTEEDEEDRTQDRADVEDESNDIDMIADENGTNSAIANEQEEKSEEVKAEDDTGEEEEDDPVIEEFPLKISG
EEESLHVFQYANRPRLVGRKPAEHPFISAARYKPKSHLWEIDIPLDEQAFYNKDKAESEWNGVNVQTLKGVGVENNGQYA
AFVKDMQVYLVPIERVAQLKPFFKYIDDANVTRKQEDARRNPNPSSQRAQVVTMSVKSVNDPSQNRLTGSLLAHKVADEE
ANIELTWAEGTFEQFKDTIVKEAEDKTLVALEKQEDYIDNLV
;
M
14 'polypeptide(L)'
;MSSNKGNGRLPSLKDSSSNGGGSAKPSLKFKPKAVARKSKEEREAAASKVKLEEESKRGNDKKHFNNKNKRVTGAGGQQR
RMAKYLNNTHVISSGPLAAGNFVSEKGDLRRGFIKSEGSGSSLVQKGLETIDNGAESSENEAEDDDNEGVASKSKKKFNM
GKEFEARNLIEDEDDGESEKSSDVDMDDEEWRSKRIEQLFPVRPVRVRHEDVETVKREIQEALSEKPTREPTPSVKTEPV
GTGLQSYLEERERQVNEKLADLGLEKEFQSVDGKEAAAELELLNADHQHILRKLKKMNNKPERFMVFQLPTRLPAFERPA
VKEEKEDMETQASDPSKKKKNIKKKDTKDALSTRELAGKVGSIRVHKSGKLSVKIGNVVMDIGKGAETTFLQDVIALSIA
DDASSAELLGRVDGKIVVTPQI
;
N
15 'polypeptide(L)'
;MDELLGEALSAENQTGESTVESEKLVTPEDVMTISSLEQRTLNPDLFLYKELVKAHLGERAASVIGMLVALGRLSVRELV
EKIDGMDVDSVKTTLVSLTQLRCVKYLQETAISGKKTTYYYYNEEGIHILLYSGLIIDEIITQMRVNDEEEHKQLVAEIV
QNVISLGSLTVEDYLSSVTSDSMKYTISSLFVQLCEMGYLIQISKLHYTPIEDLWQFLYEKHYKNIPRNSPLSDLKKRSQ
AKMNAKTDFAKIINKPNELSQILTVDPKTSLRIVKPTVSLTINLDRFMKGRRSKQLINLAKTRVGSVTAQVYKIALRLTE
QKSPKIRDPLTQTGLLQDLEEAKSFQDEAELVEEKTPGLTFNAIDLARHLPAELDLRGSLLSRKPSDNKKRSGSNAAASL
PSKKLKTEDGFVIPALPAAVSKSLQESGDTQEEDEEEEDLDADTEDPHSASLINSHLKILASSNFPFLNETKPGVYYVPY
SKLMPVLKSSVYEYVIASTLGPSAMRLSRCIRDNKLVSEKIINSTALMKEKDIRSTLASLIRYNSVEIQEVPRTADRSAS
RAVFLFRCKETHSYNFMRQNLEWNMANLLFKKEKLKQENSTLLKKANRDDVKGRENELLLPSELNQLKMVNERELNVFAR
LSRLLSLWEVFQMA
;
O
16 'polypeptide(L)'
;MSGMIENGLQLSDNAKTLHSQMMSKGIGALFTQQELQKQMGIGSLTDLMSIVQELLDKNLIKLVKQNDELKFQGVLESEA
QKKATMSAEEALVYSYIEASGREGIWSKTIKARTNLHQHVVLKCLKSLESQRYVKSVKSVKFPTRKIYMLYSLQPSVDIT
GGPWFTDGELDIEFINSLLTIVWRFISENTFPNGFKNFENGPKKNVFYAPNVKNYSTTQEILEFITAAQVANVELTPSNI
RSLCEVLVYDDKLEKVTHDCYRVTLESILQMNQGEGEPEAGNKALEDEEEFSIFNYFKMFPASKHDKEVVYFDEWTI
;
P
17 'polypeptide(L)'
;MSSYRGGSRGGGSNYMSNLPFGLGYGDVGKNHITEFPSIPLPINGPITNKERSLAVKYINFGKTVKDGP(UNK)(UNK)
(UNK)(UNK)(UNK)(UNK)(UNK)(UNK)(UNK)(UNK)(UNK)(UNK)(UNK)(UNK)(UNK)(UNK)(UNK)(UNK)
(UNK)
;
Q
#
# COMPACT_ATOMS: atom_id res chain seq x y z
N LYS A 2 -47.38 31.53 11.79
CA LYS A 2 -46.20 31.99 11.09
C LYS A 2 -44.93 31.44 11.72
N GLU A 3 -43.90 31.25 10.89
CA GLU A 3 -42.57 30.78 11.29
C GLU A 3 -42.61 29.65 12.33
N VAL A 4 -43.02 28.46 11.89
CA VAL A 4 -43.15 27.30 12.76
C VAL A 4 -41.83 26.97 13.47
N VAL A 5 -41.94 26.50 14.71
CA VAL A 5 -40.78 26.24 15.56
C VAL A 5 -39.89 25.12 15.00
N VAL A 6 -38.60 25.21 15.27
CA VAL A 6 -37.65 24.19 14.86
C VAL A 6 -36.88 23.65 16.07
N SER A 7 -36.82 22.33 16.19
CA SER A 7 -36.12 21.69 17.30
C SER A 7 -34.99 20.80 16.79
N GLU A 8 -34.02 20.51 17.65
CA GLU A 8 -32.87 19.71 17.25
C GLU A 8 -32.36 18.81 18.38
N THR A 9 -31.89 17.63 18.00
CA THR A 9 -31.26 16.69 18.92
C THR A 9 -30.06 16.05 18.24
N PRO A 10 -28.99 15.76 19.01
CA PRO A 10 -27.80 15.10 18.47
C PRO A 10 -28.11 13.77 17.80
N LYS A 11 -27.60 13.57 16.58
CA LYS A 11 -27.91 12.38 15.81
C LYS A 11 -26.66 11.67 15.32
N ARG A 12 -26.54 10.38 15.65
CA ARG A 12 -25.48 9.55 15.10
C ARG A 12 -25.97 8.77 13.89
N ILE A 13 -25.13 7.88 13.38
CA ILE A 13 -25.49 7.06 12.23
C ILE A 13 -25.53 5.59 12.62
N LYS A 14 -26.56 4.88 12.15
CA LYS A 14 -26.60 3.43 12.30
C LYS A 14 -26.91 2.75 10.97
N GLY A 15 -25.92 2.03 10.43
CA GLY A 15 -26.12 1.19 9.27
C GLY A 15 -26.45 1.95 7.99
N LEU A 16 -26.57 1.19 6.90
CA LEU A 16 -27.08 1.72 5.64
C LEU A 16 -28.04 0.71 5.01
N GLU A 17 -28.65 1.09 3.90
CA GLU A 17 -29.53 0.18 3.18
C GLU A 17 -29.25 0.24 1.68
N PHE A 18 -28.79 -0.87 1.12
CA PHE A 18 -28.48 -0.93 -0.31
C PHE A 18 -29.68 -1.43 -1.10
N SER A 19 -29.91 -0.82 -2.26
CA SER A 19 -31.13 -1.04 -3.05
C SER A 19 -31.11 -0.26 -4.34
N ALA A 20 -32.15 -0.42 -5.15
CA ALA A 20 -32.28 0.32 -6.39
C ALA A 20 -33.55 1.17 -6.41
N LEU A 21 -33.38 2.48 -6.55
CA LEU A 21 -34.51 3.40 -6.64
C LEU A 21 -35.28 3.15 -7.93
N SER A 22 -36.59 2.92 -7.83
CA SER A 22 -37.36 2.61 -9.03
C SER A 22 -38.39 3.66 -9.41
N ALA A 23 -38.07 4.46 -10.42
CA ALA A 23 -39.03 5.21 -11.24
C ALA A 23 -39.88 6.23 -10.47
N ALA A 24 -39.96 6.09 -9.16
CA ALA A 24 -40.70 7.03 -8.33
C ALA A 24 -39.85 8.23 -7.96
N ASP A 25 -38.61 7.95 -7.58
CA ASP A 25 -37.72 8.96 -7.04
C ASP A 25 -37.21 9.94 -8.09
N ILE A 26 -36.63 9.40 -9.16
CA ILE A 26 -35.95 10.22 -10.16
C ILE A 26 -36.85 11.27 -10.80
N VAL A 27 -38.08 10.88 -11.13
CA VAL A 27 -39.03 11.83 -11.71
C VAL A 27 -39.47 12.83 -10.65
N ALA A 28 -39.54 12.37 -9.40
CA ALA A 28 -39.86 13.25 -8.28
C ALA A 28 -38.61 14.01 -7.82
N GLN A 29 -37.44 13.48 -8.17
CA GLN A 29 -36.18 14.16 -7.88
C GLN A 29 -35.85 15.17 -8.96
N SER A 30 -36.73 15.26 -9.96
CA SER A 30 -36.49 16.13 -11.10
C SER A 30 -36.80 17.59 -10.80
N GLU A 31 -35.79 18.43 -10.94
CA GLU A 31 -35.98 19.87 -10.89
C GLU A 31 -36.43 20.34 -12.26
N VAL A 32 -35.58 20.13 -13.26
CA VAL A 32 -35.91 20.47 -14.62
C VAL A 32 -36.00 19.22 -15.48
N GLU A 33 -36.34 19.40 -16.75
CA GLU A 33 -36.31 18.31 -17.73
C GLU A 33 -35.42 18.71 -18.89
N VAL A 34 -34.54 17.79 -19.30
CA VAL A 34 -33.58 18.07 -20.36
C VAL A 34 -34.26 18.54 -21.66
N SER A 35 -35.03 17.65 -22.29
CA SER A 35 -35.71 17.93 -23.54
C SER A 35 -34.76 18.49 -24.60
N THR A 36 -35.24 19.44 -25.39
CA THR A 36 -34.46 20.08 -26.45
C THR A 36 -33.68 19.04 -27.25
N ARG A 37 -32.42 19.32 -27.50
CA ARG A 37 -31.40 18.31 -27.85
C ARG A 37 -30.02 18.92 -28.08
N ASP A 38 -29.01 18.08 -27.91
CA ASP A 38 -27.61 18.36 -28.22
C ASP A 38 -27.08 19.71 -27.72
N LEU A 39 -26.19 20.29 -28.52
CA LEU A 39 -25.55 21.58 -28.31
C LEU A 39 -25.07 21.79 -26.87
N PHE A 40 -25.08 23.05 -26.42
CA PHE A 40 -25.16 23.39 -25.00
C PHE A 40 -26.54 23.91 -24.65
N ASP A 41 -27.40 24.04 -25.67
CA ASP A 41 -28.62 24.83 -25.59
C ASP A 41 -28.30 26.27 -25.19
N LEU A 42 -27.38 26.90 -25.93
CA LEU A 42 -26.93 28.25 -25.61
C LEU A 42 -27.92 29.32 -26.04
N GLU A 43 -27.92 30.43 -25.31
CA GLU A 43 -28.58 31.65 -25.78
C GLU A 43 -27.55 32.43 -26.58
N LYS A 44 -27.96 33.02 -27.69
CA LYS A 44 -27.01 33.54 -28.68
C LYS A 44 -26.53 34.97 -28.42
N ASP A 45 -26.98 35.58 -27.33
CA ASP A 45 -26.59 36.96 -27.05
C ASP A 45 -25.34 37.08 -26.20
N ARG A 46 -25.46 36.80 -24.90
CA ARG A 46 -24.34 36.86 -23.98
C ARG A 46 -23.73 35.48 -23.74
N ALA A 47 -24.26 34.50 -24.47
CA ALA A 47 -23.84 33.09 -24.37
C ALA A 47 -23.98 32.45 -22.97
N PRO A 48 -25.19 32.49 -22.39
CA PRO A 48 -25.44 31.66 -21.20
C PRO A 48 -26.05 30.31 -21.59
N LYS A 49 -26.39 29.50 -20.59
CA LYS A 49 -27.05 28.22 -20.84
C LYS A 49 -28.55 28.31 -20.54
N ALA A 50 -29.36 27.67 -21.37
CA ALA A 50 -30.81 27.68 -21.19
C ALA A 50 -31.39 26.28 -21.28
N ASN A 51 -31.98 25.82 -20.18
CA ASN A 51 -32.54 24.47 -20.07
C ASN A 51 -31.52 23.41 -20.46
N GLY A 52 -31.95 22.39 -21.19
CA GLY A 52 -31.06 21.35 -21.68
C GLY A 52 -30.22 20.67 -20.61
N ALA A 53 -29.01 20.28 -20.99
CA ALA A 53 -28.09 19.59 -20.08
C ALA A 53 -27.60 20.51 -18.96
N LEU A 54 -27.00 21.63 -19.33
CA LEU A 54 -26.52 22.60 -18.34
C LEU A 54 -27.46 23.79 -18.29
N ASP A 55 -27.66 24.33 -17.08
CA ASP A 55 -28.78 25.24 -16.84
C ASP A 55 -28.70 25.83 -15.42
N PRO A 56 -29.03 27.12 -15.30
CA PRO A 56 -28.91 27.90 -14.05
C PRO A 56 -29.46 27.24 -12.79
N LYS A 57 -30.59 26.54 -12.89
CA LYS A 57 -31.20 25.96 -11.69
C LYS A 57 -30.76 24.52 -11.43
N MET A 58 -29.83 24.02 -12.24
CA MET A 58 -29.24 22.71 -11.98
C MET A 58 -28.06 22.84 -11.03
N GLY A 59 -27.01 23.52 -11.48
CA GLY A 59 -25.83 23.75 -10.67
C GLY A 59 -25.10 25.00 -11.12
N VAL A 60 -23.98 25.31 -10.46
CA VAL A 60 -23.26 26.54 -10.76
C VAL A 60 -21.74 26.30 -10.89
N SER A 61 -21.20 26.62 -12.07
CA SER A 61 -19.78 26.46 -12.33
C SER A 61 -18.99 27.76 -12.17
N SER A 62 -19.69 28.84 -11.84
CA SER A 62 -19.04 30.16 -11.75
C SER A 62 -19.39 30.90 -10.46
N SER A 63 -18.67 31.99 -10.21
CA SER A 63 -18.76 32.70 -8.95
C SER A 63 -20.07 33.44 -8.72
N SER A 64 -20.75 33.85 -9.79
CA SER A 64 -21.99 34.60 -9.61
C SER A 64 -23.22 33.72 -9.84
N LEU A 65 -23.56 33.48 -11.11
CA LEU A 65 -24.50 32.43 -11.52
C LEU A 65 -25.70 32.21 -10.60
N GLU A 66 -26.64 33.14 -10.57
CA GLU A 66 -27.82 32.99 -9.72
C GLU A 66 -28.58 31.70 -10.08
N CYS A 67 -28.81 30.87 -9.08
CA CYS A 67 -29.37 29.54 -9.28
C CYS A 67 -30.88 29.57 -9.51
N ALA A 68 -31.55 30.49 -8.82
CA ALA A 68 -32.99 30.73 -8.91
C ALA A 68 -33.82 29.65 -8.22
N THR A 69 -33.21 28.50 -7.94
CA THR A 69 -33.78 27.54 -7.01
C THR A 69 -33.41 27.99 -5.61
N CYS A 70 -32.18 28.44 -5.48
CA CYS A 70 -31.66 29.00 -4.24
C CYS A 70 -30.75 30.19 -4.57
N HIS A 71 -30.21 30.82 -3.54
CA HIS A 71 -29.33 31.97 -3.75
C HIS A 71 -28.08 31.88 -2.89
N GLY A 72 -27.03 32.59 -3.29
CA GLY A 72 -25.76 32.55 -2.60
C GLY A 72 -24.72 31.75 -3.38
N ASN A 73 -25.13 31.26 -4.54
CA ASN A 73 -24.28 30.52 -5.49
C ASN A 73 -23.36 29.47 -4.85
N LEU A 74 -22.08 29.52 -5.22
CA LEU A 74 -21.08 28.53 -4.82
C LEU A 74 -20.97 28.37 -3.30
N ALA A 75 -21.14 29.46 -2.57
CA ALA A 75 -20.94 29.45 -1.12
C ALA A 75 -22.19 28.96 -0.38
N SER A 76 -23.26 28.69 -1.12
CA SER A 76 -24.50 28.21 -0.53
C SER A 76 -25.00 26.94 -1.20
N CYS A 77 -25.36 27.05 -2.47
CA CYS A 77 -25.90 25.93 -3.24
C CYS A 77 -24.90 24.78 -3.33
N HIS A 78 -25.43 23.56 -3.36
CA HIS A 78 -24.60 22.36 -3.47
C HIS A 78 -24.82 21.67 -4.80
N GLY A 79 -26.01 21.12 -4.98
CA GLY A 79 -26.36 20.45 -6.22
C GLY A 79 -27.84 20.12 -6.32
N HIS A 80 -28.33 19.97 -7.55
CA HIS A 80 -29.73 19.63 -7.78
C HIS A 80 -29.84 18.54 -8.85
N PHE A 81 -30.90 17.74 -8.77
CA PHE A 81 -31.04 16.59 -9.65
C PHE A 81 -32.16 16.77 -10.67
N GLY A 82 -32.00 16.10 -11.81
CA GLY A 82 -33.00 16.10 -12.86
C GLY A 82 -32.95 14.77 -13.60
N HIS A 83 -33.98 14.48 -14.38
CA HIS A 83 -34.04 13.17 -15.06
C HIS A 83 -33.92 13.31 -16.56
N LEU A 84 -33.92 12.16 -17.24
CA LEU A 84 -33.84 12.11 -18.69
C LEU A 84 -34.71 10.97 -19.21
N LYS A 85 -35.46 11.23 -20.28
CA LYS A 85 -36.33 10.20 -20.85
C LYS A 85 -35.60 9.40 -21.93
N LEU A 86 -35.44 8.11 -21.68
CA LEU A 86 -34.78 7.22 -22.63
C LEU A 86 -35.81 6.38 -23.40
N ALA A 87 -35.80 6.52 -24.72
CA ALA A 87 -36.70 5.74 -25.56
C ALA A 87 -36.38 4.26 -25.44
N LEU A 88 -37.40 3.47 -25.09
CA LEU A 88 -37.27 2.02 -24.86
C LEU A 88 -36.44 1.73 -23.62
N PRO A 89 -36.68 0.57 -22.99
CA PRO A 89 -35.91 0.20 -21.80
C PRO A 89 -34.49 -0.27 -22.13
N VAL A 90 -33.59 0.68 -22.32
CA VAL A 90 -32.18 0.39 -22.60
C VAL A 90 -31.57 -0.43 -21.45
N PHE A 91 -30.73 -1.40 -21.79
CA PHE A 91 -30.23 -2.36 -20.83
C PHE A 91 -29.19 -1.79 -19.86
N HIS A 92 -29.03 -2.45 -18.72
CA HIS A 92 -28.08 -2.03 -17.69
C HIS A 92 -26.66 -2.47 -18.03
N ILE A 93 -25.73 -2.26 -17.08
CA ILE A 93 -24.34 -2.65 -17.28
C ILE A 93 -23.83 -3.51 -16.11
N GLY A 94 -23.82 -2.96 -14.91
CA GLY A 94 -23.30 -3.67 -13.74
C GLY A 94 -24.16 -4.83 -13.30
N TYR A 95 -25.48 -4.66 -13.37
CA TYR A 95 -26.42 -5.69 -12.95
C TYR A 95 -26.57 -6.80 -13.99
N PHE A 96 -25.91 -6.62 -15.14
CA PHE A 96 -25.97 -7.58 -16.25
C PHE A 96 -25.63 -9.00 -15.81
N LYS A 97 -24.63 -9.14 -14.94
CA LYS A 97 -24.26 -10.45 -14.43
C LYS A 97 -25.37 -11.04 -13.58
N ALA A 98 -26.01 -10.19 -12.78
CA ALA A 98 -27.12 -10.61 -11.93
C ALA A 98 -28.40 -10.74 -12.74
N THR A 99 -28.45 -10.06 -13.88
CA THR A 99 -29.62 -10.10 -14.74
C THR A 99 -29.74 -11.45 -15.43
N ILE A 100 -28.62 -12.12 -15.60
CA ILE A 100 -28.62 -13.47 -16.16
C ILE A 100 -29.20 -14.45 -15.14
N GLN A 101 -28.89 -14.21 -13.87
CA GLN A 101 -29.33 -15.08 -12.79
C GLN A 101 -30.83 -14.93 -12.52
N ILE A 102 -31.33 -13.70 -12.63
CA ILE A 102 -32.75 -13.44 -12.45
C ILE A 102 -33.55 -13.97 -13.64
N LEU A 103 -32.85 -14.14 -14.76
CA LEU A 103 -33.46 -14.66 -15.98
C LEU A 103 -33.32 -16.18 -16.05
N GLN A 104 -32.51 -16.73 -15.13
CA GLN A 104 -32.22 -18.16 -15.11
C GLN A 104 -33.33 -19.00 -14.50
N GLY A 105 -33.56 -18.80 -13.20
CA GLY A 105 -34.49 -19.63 -12.45
C GLY A 105 -35.97 -19.37 -12.74
N ILE A 106 -36.24 -18.54 -13.74
CA ILE A 106 -37.61 -18.18 -14.07
C ILE A 106 -38.06 -18.87 -15.36
N CYS A 107 -39.30 -19.37 -15.36
CA CYS A 107 -39.92 -19.95 -16.55
C CYS A 107 -39.94 -18.95 -17.69
N LYS A 108 -39.65 -19.42 -18.91
CA LYS A 108 -39.94 -18.58 -20.07
C LYS A 108 -41.40 -18.77 -20.49
N ASN A 109 -41.97 -19.92 -20.12
CA ASN A 109 -43.39 -20.18 -20.33
C ASN A 109 -44.28 -19.19 -19.59
N CYS A 110 -44.25 -19.28 -18.27
CA CYS A 110 -45.11 -18.50 -17.39
C CYS A 110 -44.50 -17.21 -16.90
N SER A 111 -43.21 -17.03 -17.14
CA SER A 111 -42.42 -16.00 -16.48
C SER A 111 -42.64 -16.11 -14.97
N ALA A 112 -42.48 -17.33 -14.46
CA ALA A 112 -42.69 -17.64 -13.05
C ALA A 112 -41.64 -18.63 -12.55
N ILE A 113 -41.58 -18.81 -11.23
CA ILE A 113 -40.62 -19.74 -10.64
C ILE A 113 -40.99 -21.19 -10.98
N LEU A 114 -39.98 -21.96 -11.38
CA LEU A 114 -40.20 -23.33 -11.85
C LEU A 114 -40.00 -24.39 -10.78
N LEU A 115 -39.77 -23.98 -9.54
CA LEU A 115 -39.53 -24.94 -8.46
C LEU A 115 -40.84 -25.63 -8.05
N SER A 116 -40.74 -26.60 -7.15
CA SER A 116 -41.91 -27.39 -6.78
C SER A 116 -42.03 -27.67 -5.28
N GLU A 117 -43.14 -27.24 -4.69
CA GLU A 117 -43.58 -27.59 -3.32
C GLU A 117 -42.48 -27.58 -2.25
N THR A 118 -42.31 -28.74 -1.60
CA THR A 118 -41.44 -28.89 -0.43
C THR A 118 -40.03 -28.33 -0.63
N ASP A 119 -39.53 -28.41 -1.86
CA ASP A 119 -38.26 -27.79 -2.23
C ASP A 119 -38.24 -26.33 -1.80
N LYS A 120 -39.16 -25.55 -2.36
CA LYS A 120 -39.33 -24.15 -1.98
C LYS A 120 -39.60 -23.98 -0.49
N ARG A 121 -40.40 -24.88 0.06
CA ARG A 121 -40.78 -24.82 1.47
C ARG A 121 -39.59 -25.04 2.39
N GLN A 122 -38.66 -25.90 1.96
CA GLN A 122 -37.47 -26.20 2.76
C GLN A 122 -36.49 -25.04 2.77
N PHE A 123 -36.25 -24.46 1.60
CA PHE A 123 -35.32 -23.34 1.47
C PHE A 123 -35.85 -22.07 2.12
N LEU A 124 -37.17 -21.89 2.06
CA LEU A 124 -37.80 -20.73 2.69
C LEU A 124 -37.63 -20.77 4.21
N HIS A 125 -37.54 -21.98 4.76
CA HIS A 125 -37.31 -22.16 6.19
C HIS A 125 -35.85 -21.94 6.55
N GLU A 126 -34.96 -22.29 5.61
CA GLU A 126 -33.53 -22.19 5.82
C GLU A 126 -33.08 -20.77 6.15
N LEU A 127 -33.25 -19.85 5.19
CA LEU A 127 -32.74 -18.48 5.32
C LEU A 127 -33.41 -17.69 6.45
N ARG A 128 -34.53 -18.19 6.96
CA ARG A 128 -35.25 -17.48 8.01
C ARG A 128 -34.76 -17.89 9.40
N ARG A 129 -33.73 -18.73 9.45
CA ARG A 129 -33.01 -18.99 10.68
C ARG A 129 -32.45 -17.67 11.20
N PRO A 130 -32.71 -17.35 12.48
CA PRO A 130 -32.47 -16.00 13.00
C PRO A 130 -31.05 -15.47 12.78
N GLY A 131 -30.03 -16.26 13.11
CA GLY A 131 -28.67 -15.88 12.75
C GLY A 131 -28.32 -16.36 11.36
N VAL A 132 -27.61 -15.52 10.60
CA VAL A 132 -27.08 -15.91 9.31
C VAL A 132 -25.76 -15.21 8.99
N ASP A 133 -24.83 -15.96 8.43
CA ASP A 133 -23.61 -15.38 7.85
C ASP A 133 -23.90 -14.91 6.43
N ASN A 134 -23.12 -13.95 5.95
CA ASN A 134 -23.21 -13.54 4.56
C ASN A 134 -22.90 -14.68 3.61
N LEU A 135 -22.04 -15.59 4.07
CA LEU A 135 -21.67 -16.78 3.29
C LEU A 135 -22.87 -17.68 3.06
N ARG A 136 -23.81 -17.67 4.00
CA ARG A 136 -25.02 -18.48 3.88
C ARG A 136 -25.90 -17.98 2.73
N ARG A 137 -25.85 -16.68 2.47
CA ARG A 137 -26.61 -16.09 1.37
C ARG A 137 -26.07 -16.56 0.02
N MET A 138 -24.75 -16.48 -0.14
CA MET A 138 -24.11 -16.88 -1.38
C MET A 138 -24.25 -18.38 -1.64
N GLY A 139 -24.32 -19.15 -0.57
CA GLY A 139 -24.42 -20.60 -0.67
C GLY A 139 -25.76 -21.10 -1.17
N ILE A 140 -26.83 -20.55 -0.62
CA ILE A 140 -28.17 -21.00 -0.96
C ILE A 140 -28.63 -20.42 -2.30
N LEU A 141 -28.37 -19.14 -2.53
CA LEU A 141 -28.76 -18.50 -3.78
C LEU A 141 -28.02 -19.10 -4.98
N LYS A 142 -26.90 -19.75 -4.69
CA LYS A 142 -26.20 -20.56 -5.68
C LYS A 142 -26.95 -21.87 -5.88
N LYS A 143 -27.08 -22.62 -4.79
CA LYS A 143 -27.80 -23.89 -4.77
C LYS A 143 -29.14 -23.84 -5.50
N ILE A 144 -30.05 -22.99 -5.03
CA ILE A 144 -31.37 -22.84 -5.64
C ILE A 144 -31.28 -22.53 -7.15
N LEU A 145 -30.19 -21.89 -7.56
CA LEU A 145 -30.00 -21.53 -8.96
C LEU A 145 -29.52 -22.71 -9.79
N ASP A 146 -28.79 -23.63 -9.17
CA ASP A 146 -28.32 -24.81 -9.89
C ASP A 146 -29.31 -25.96 -9.76
N GLN A 147 -30.35 -25.74 -8.96
CA GLN A 147 -31.40 -26.73 -8.79
C GLN A 147 -32.37 -26.71 -9.97
N CYS A 148 -32.55 -25.53 -10.56
CA CYS A 148 -33.46 -25.35 -11.68
C CYS A 148 -32.78 -25.73 -13.01
N LYS A 149 -31.50 -26.06 -12.94
CA LYS A 149 -30.75 -26.46 -14.11
C LYS A 149 -31.11 -27.86 -14.57
N LYS A 150 -31.25 -28.77 -13.60
CA LYS A 150 -31.48 -30.18 -13.88
C LYS A 150 -32.92 -30.49 -14.26
N GLN A 151 -33.86 -29.65 -13.83
CA GLN A 151 -35.26 -29.91 -14.08
C GLN A 151 -35.67 -29.51 -15.49
N ARG A 152 -36.10 -30.49 -16.28
CA ARG A 152 -36.50 -30.26 -17.66
C ARG A 152 -38.01 -30.09 -17.79
N ARG A 153 -38.72 -30.10 -16.67
CA ARG A 153 -40.17 -30.10 -16.68
C ARG A 153 -40.78 -28.83 -16.09
N CYS A 154 -41.65 -28.18 -16.86
CA CYS A 154 -42.36 -26.98 -16.41
C CYS A 154 -43.61 -27.37 -15.65
N LEU A 155 -43.94 -26.57 -14.63
CA LEU A 155 -45.14 -26.75 -13.83
C LEU A 155 -46.34 -26.16 -14.54
N HIS A 156 -47.41 -25.93 -13.80
CA HIS A 156 -48.62 -25.30 -14.31
C HIS A 156 -48.25 -24.03 -15.06
N CYS A 157 -49.03 -23.72 -16.09
CA CYS A 157 -48.66 -22.94 -17.30
C CYS A 157 -48.21 -23.80 -18.48
N GLY A 158 -48.16 -25.11 -18.30
CA GLY A 158 -47.92 -25.98 -19.44
C GLY A 158 -46.47 -26.18 -19.83
N ALA A 159 -46.22 -26.19 -21.14
CA ALA A 159 -44.95 -26.64 -21.70
C ALA A 159 -43.78 -25.70 -21.36
N LEU A 160 -42.61 -26.03 -21.88
CA LEU A 160 -41.35 -25.50 -21.34
C LEU A 160 -40.33 -25.08 -22.39
N ASN A 161 -39.12 -24.78 -21.91
CA ASN A 161 -38.03 -24.30 -22.74
C ASN A 161 -36.68 -24.80 -22.23
N GLY A 162 -35.61 -24.26 -22.79
CA GLY A 162 -34.26 -24.64 -22.40
C GLY A 162 -33.64 -23.71 -21.38
N VAL A 163 -32.30 -23.68 -21.34
CA VAL A 163 -31.57 -22.84 -20.39
C VAL A 163 -31.00 -21.61 -21.10
N VAL A 164 -30.36 -20.72 -20.34
CA VAL A 164 -29.74 -19.53 -20.90
C VAL A 164 -28.26 -19.45 -20.54
N LYS A 165 -27.40 -19.57 -21.55
CA LYS A 165 -25.95 -19.58 -21.32
C LYS A 165 -25.28 -18.22 -21.57
N LYS A 166 -26.07 -17.22 -21.99
CA LYS A 166 -25.55 -15.88 -22.25
C LYS A 166 -24.43 -15.91 -23.30
N ALA A 167 -24.78 -16.19 -24.55
CA ALA A 167 -23.80 -16.28 -25.61
C ALA A 167 -23.63 -14.93 -26.32
N ALA A 168 -22.38 -14.58 -26.62
CA ALA A 168 -22.07 -13.33 -27.30
C ALA A 168 -20.74 -13.42 -28.04
N ALA A 175 -20.12 -6.83 -26.67
CA ALA A 175 -20.90 -7.80 -25.92
C ALA A 175 -22.28 -7.26 -25.60
N LEU A 176 -22.73 -7.49 -24.36
CA LEU A 176 -24.04 -7.05 -23.88
C LEU A 176 -25.17 -7.59 -24.77
N LYS A 177 -24.97 -8.79 -25.31
CA LYS A 177 -25.98 -9.45 -26.13
C LYS A 177 -26.43 -10.75 -25.47
N ILE A 178 -27.69 -10.79 -25.04
CA ILE A 178 -28.20 -11.95 -24.33
C ILE A 178 -29.00 -12.88 -25.24
N ILE A 179 -28.56 -14.13 -25.29
CA ILE A 179 -29.21 -15.15 -26.12
C ILE A 179 -29.37 -16.45 -25.34
N HIS A 180 -30.60 -16.93 -25.22
CA HIS A 180 -30.85 -18.19 -24.51
C HIS A 180 -31.00 -19.33 -25.49
N ASP A 181 -30.07 -20.27 -25.44
CA ASP A 181 -30.08 -21.39 -26.38
C ASP A 181 -30.93 -22.54 -25.86
N THR A 182 -32.01 -22.84 -26.57
CA THR A 182 -32.81 -24.00 -26.23
C THR A 182 -32.09 -25.19 -26.84
N PHE A 183 -31.62 -26.11 -25.98
CA PHE A 183 -30.64 -27.09 -26.41
C PHE A 183 -30.65 -28.32 -25.50
N ARG A 184 -30.01 -29.38 -25.98
CA ARG A 184 -29.93 -30.65 -25.26
C ARG A 184 -31.31 -31.24 -25.02
N TRP A 185 -32.12 -31.24 -26.06
CA TRP A 185 -33.45 -31.85 -26.01
C TRP A 185 -33.28 -33.35 -25.91
N VAL A 186 -34.34 -34.04 -25.46
CA VAL A 186 -34.29 -35.49 -25.32
C VAL A 186 -33.90 -36.16 -26.62
N GLY A 187 -32.86 -36.99 -26.58
CA GLY A 187 -32.29 -37.59 -27.77
C GLY A 187 -33.21 -38.56 -28.46
N LYS A 188 -33.48 -38.29 -29.74
CA LYS A 188 -34.33 -39.13 -30.58
C LYS A 188 -35.71 -39.39 -29.96
N LYS A 189 -36.19 -38.42 -29.19
CA LYS A 189 -37.53 -38.51 -28.60
C LYS A 189 -38.36 -37.31 -29.04
N SER A 190 -39.46 -37.57 -29.73
CA SER A 190 -40.28 -36.51 -30.28
C SER A 190 -41.02 -35.73 -29.20
N ALA A 191 -40.78 -34.43 -29.14
CA ALA A 191 -41.48 -33.55 -28.22
C ALA A 191 -42.74 -32.98 -28.89
N PRO A 192 -43.76 -32.64 -28.08
CA PRO A 192 -44.96 -32.01 -28.65
C PRO A 192 -44.66 -30.64 -29.22
N GLU A 193 -43.68 -29.95 -28.63
CA GLU A 193 -43.27 -28.63 -29.11
C GLU A 193 -42.34 -28.76 -30.32
N LYS A 194 -41.57 -29.85 -30.37
CA LYS A 194 -40.64 -30.07 -31.46
C LYS A 194 -41.37 -30.28 -32.79
N ASP A 195 -42.49 -30.98 -32.74
CA ASP A 195 -43.30 -31.23 -33.93
C ASP A 195 -43.81 -29.93 -34.52
N ILE A 196 -44.10 -28.96 -33.66
CA ILE A 196 -44.50 -27.63 -34.10
C ILE A 196 -43.27 -26.84 -34.54
N TRP A 197 -42.18 -27.00 -33.79
CA TRP A 197 -40.91 -26.36 -34.09
C TRP A 197 -40.44 -26.64 -35.52
N VAL A 198 -40.18 -27.90 -35.81
CA VAL A 198 -39.73 -28.31 -37.14
C VAL A 198 -40.82 -28.01 -38.18
N GLY A 199 -42.07 -27.97 -37.74
CA GLY A 199 -43.19 -27.67 -38.62
C GLY A 199 -43.19 -26.22 -39.06
N GLU A 200 -42.68 -25.34 -38.20
CA GLU A 200 -42.59 -23.92 -38.51
C GLU A 200 -41.57 -23.65 -39.61
N TRP A 201 -40.40 -24.29 -39.49
CA TRP A 201 -39.31 -24.08 -40.44
C TRP A 201 -39.62 -24.65 -41.82
N LYS A 202 -40.53 -25.64 -41.86
CA LYS A 202 -40.92 -26.24 -43.13
C LYS A 202 -41.63 -25.26 -44.04
N GLU A 203 -42.32 -24.30 -43.44
CA GLU A 203 -43.02 -23.25 -44.20
C GLU A 203 -42.04 -22.15 -44.60
N VAL A 204 -40.89 -22.11 -43.94
CA VAL A 204 -39.86 -21.13 -44.24
C VAL A 204 -39.00 -21.60 -45.41
N LEU A 205 -38.33 -22.73 -45.22
CA LEU A 205 -37.44 -23.30 -46.24
C LEU A 205 -38.17 -23.63 -47.54
N ALA A 206 -39.51 -23.64 -47.50
CA ALA A 206 -40.29 -23.90 -48.69
C ALA A 206 -40.25 -22.70 -49.64
N HIS A 207 -40.40 -21.50 -49.09
CA HIS A 207 -40.41 -20.27 -49.89
C HIS A 207 -39.03 -19.95 -50.46
N ASN A 208 -38.04 -19.89 -49.58
CA ASN A 208 -36.67 -19.55 -49.98
C ASN A 208 -35.63 -20.42 -49.29
N PRO A 209 -35.38 -21.61 -49.84
CA PRO A 209 -34.48 -22.63 -49.26
C PRO A 209 -33.04 -22.14 -49.08
N GLU A 210 -32.69 -21.07 -49.77
CA GLU A 210 -31.32 -20.56 -49.80
C GLU A 210 -30.78 -20.12 -48.45
N LEU A 211 -31.50 -19.21 -47.79
CA LEU A 211 -30.95 -18.48 -46.66
C LEU A 211 -30.91 -19.27 -45.34
N GLU A 212 -31.97 -20.01 -45.04
CA GLU A 212 -32.08 -20.70 -43.75
C GLU A 212 -31.05 -21.81 -43.59
N ARG A 213 -30.83 -22.57 -44.66
CA ARG A 213 -29.86 -23.66 -44.62
C ARG A 213 -28.44 -23.09 -44.60
N TYR A 214 -28.28 -21.91 -45.15
CA TYR A 214 -26.98 -21.23 -45.19
C TYR A 214 -26.46 -20.97 -43.78
N VAL A 215 -27.30 -20.34 -42.96
CA VAL A 215 -26.95 -20.07 -41.56
C VAL A 215 -28.16 -20.38 -40.65
N LYS A 216 -27.90 -21.11 -39.58
CA LYS A 216 -28.97 -21.56 -38.69
C LYS A 216 -28.42 -21.96 -37.32
N ARG A 217 -29.29 -22.54 -36.49
CA ARG A 217 -28.92 -23.03 -35.16
C ARG A 217 -28.42 -21.91 -34.26
N CYS A 218 -29.04 -20.74 -34.36
CA CYS A 218 -28.73 -19.62 -33.48
C CYS A 218 -29.70 -19.60 -32.30
N MET A 219 -30.62 -20.57 -32.31
CA MET A 219 -31.64 -20.72 -31.26
C MET A 219 -32.49 -19.47 -31.11
N ASP A 220 -32.55 -18.92 -29.90
CA ASP A 220 -33.38 -17.74 -29.65
C ASP A 220 -32.78 -16.75 -28.66
N ASP A 221 -32.97 -15.46 -28.92
CA ASP A 221 -32.47 -14.42 -28.03
C ASP A 221 -33.59 -13.80 -27.22
N LEU A 222 -33.24 -12.84 -26.37
CA LEU A 222 -34.23 -12.10 -25.60
C LEU A 222 -33.93 -10.60 -25.62
N ASN A 223 -34.86 -9.81 -26.12
CA ASN A 223 -34.69 -8.36 -26.19
C ASN A 223 -34.95 -7.72 -24.83
N PRO A 224 -34.18 -6.68 -24.49
CA PRO A 224 -34.32 -5.91 -23.24
C PRO A 224 -35.75 -5.45 -22.96
N LEU A 225 -36.52 -5.19 -24.02
CA LEU A 225 -37.90 -4.75 -23.87
C LEU A 225 -38.81 -5.87 -23.38
N LYS A 226 -38.70 -7.04 -24.01
CA LYS A 226 -39.59 -8.15 -23.70
C LYS A 226 -39.22 -8.87 -22.41
N THR A 227 -37.95 -8.79 -22.02
CA THR A 227 -37.51 -9.39 -20.77
C THR A 227 -37.90 -8.47 -19.61
N LEU A 228 -38.14 -7.21 -19.91
CA LEU A 228 -38.67 -6.27 -18.93
C LEU A 228 -40.15 -6.51 -18.74
N ASN A 229 -40.83 -6.83 -19.83
CA ASN A 229 -42.24 -7.21 -19.77
C ASN A 229 -42.40 -8.61 -19.20
N LEU A 230 -41.30 -9.36 -19.20
CA LEU A 230 -41.28 -10.71 -18.64
C LEU A 230 -41.09 -10.65 -17.12
N PHE A 231 -40.61 -9.51 -16.64
CA PHE A 231 -40.40 -9.30 -15.21
C PHE A 231 -41.62 -8.66 -14.54
N LYS A 232 -42.60 -8.27 -15.34
CA LYS A 232 -43.77 -7.57 -14.84
C LYS A 232 -44.89 -8.53 -14.40
N GLN A 233 -44.64 -9.83 -14.55
CA GLN A 233 -45.60 -10.83 -14.10
C GLN A 233 -45.39 -11.16 -12.63
N ILE A 234 -44.20 -11.65 -12.29
CA ILE A 234 -43.93 -12.03 -10.92
C ILE A 234 -43.92 -10.81 -10.01
N LYS A 235 -44.81 -10.83 -9.03
CA LYS A 235 -44.90 -9.82 -7.99
C LYS A 235 -45.41 -10.53 -6.75
N SER A 236 -45.06 -10.02 -5.57
CA SER A 236 -45.31 -10.72 -4.32
C SER A 236 -44.69 -12.11 -4.38
N ALA A 237 -45.47 -13.13 -4.03
CA ALA A 237 -45.02 -14.52 -4.05
C ALA A 237 -43.68 -14.67 -3.32
N ASP A 238 -42.68 -15.17 -4.02
CA ASP A 238 -41.33 -15.18 -3.47
C ASP A 238 -40.32 -14.57 -4.43
N CYS A 239 -39.80 -13.39 -4.07
CA CYS A 239 -38.65 -12.81 -4.74
C CYS A 239 -37.41 -13.07 -3.88
N GLU A 240 -37.63 -13.69 -2.73
CA GLU A 240 -36.58 -13.90 -1.74
C GLU A 240 -35.58 -14.95 -2.21
N LEU A 241 -36.07 -15.96 -2.91
CA LEU A 241 -35.21 -16.99 -3.48
C LEU A 241 -34.38 -16.42 -4.62
N LEU A 242 -34.85 -15.29 -5.15
CA LEU A 242 -34.14 -14.60 -6.23
C LEU A 242 -33.19 -13.54 -5.66
N GLY A 243 -33.22 -13.38 -4.35
CA GLY A 243 -32.31 -12.47 -3.68
C GLY A 243 -32.88 -11.08 -3.44
N ILE A 244 -34.18 -10.92 -3.66
CA ILE A 244 -34.82 -9.63 -3.48
C ILE A 244 -35.93 -9.69 -2.43
N ASP A 245 -35.71 -8.98 -1.32
CA ASP A 245 -36.71 -8.89 -0.26
C ASP A 245 -37.52 -7.61 -0.41
N ALA A 246 -38.85 -7.72 -0.30
CA ALA A 246 -39.70 -6.57 -0.53
C ALA A 246 -40.43 -6.08 0.72
N THR A 247 -39.97 -4.95 1.24
CA THR A 247 -40.74 -4.13 2.17
C THR A 247 -41.40 -3.03 1.34
N VAL A 248 -41.25 -3.20 0.02
CA VAL A 248 -41.74 -2.32 -1.05
C VAL A 248 -41.54 -0.80 -0.91
N PRO A 249 -40.31 -0.34 -0.59
CA PRO A 249 -40.02 1.05 -0.96
C PRO A 249 -39.82 1.14 -2.47
N SER A 250 -39.47 -0.01 -3.05
CA SER A 250 -39.17 -0.13 -4.47
C SER A 250 -40.12 -1.11 -5.15
N GLY A 251 -40.17 -1.04 -6.48
CA GLY A 251 -41.15 -1.79 -7.24
C GLY A 251 -40.77 -3.19 -7.69
N ARG A 252 -39.83 -3.81 -7.00
CA ARG A 252 -39.41 -5.20 -7.27
C ARG A 252 -38.59 -5.23 -8.58
N PRO A 253 -37.92 -6.36 -8.89
CA PRO A 253 -36.89 -6.25 -9.94
C PRO A 253 -37.38 -5.92 -11.35
N GLU A 254 -38.10 -4.80 -11.48
CA GLU A 254 -38.31 -4.15 -12.76
C GLU A 254 -37.29 -3.01 -12.88
N THR A 255 -36.49 -2.86 -11.82
CA THR A 255 -35.60 -1.70 -11.66
C THR A 255 -34.24 -1.90 -12.30
N TYR A 256 -33.94 -3.13 -12.70
CA TYR A 256 -32.60 -3.47 -13.16
C TYR A 256 -32.41 -3.13 -14.64
N ILE A 257 -33.45 -2.57 -15.25
CA ILE A 257 -33.35 -2.10 -16.63
C ILE A 257 -33.60 -0.59 -16.68
N TRP A 258 -32.73 0.13 -17.38
CA TRP A 258 -32.83 1.58 -17.46
C TRP A 258 -34.06 2.05 -18.22
N ARG A 259 -34.82 2.94 -17.58
CA ARG A 259 -35.92 3.63 -18.25
C ARG A 259 -35.70 5.13 -18.08
N TYR A 260 -35.73 5.58 -16.83
CA TYR A 260 -35.33 6.93 -16.47
C TYR A 260 -33.81 6.98 -16.31
N LEU A 261 -33.31 8.05 -15.71
CA LEU A 261 -31.87 8.26 -15.56
C LEU A 261 -31.61 9.50 -14.71
N PRO A 262 -30.66 9.38 -13.77
CA PRO A 262 -30.27 10.45 -12.86
C PRO A 262 -29.21 11.37 -13.44
N ALA A 263 -29.61 12.33 -14.28
CA ALA A 263 -28.68 13.31 -14.83
C ALA A 263 -27.97 14.05 -13.71
N PRO A 264 -26.65 13.91 -13.63
CA PRO A 264 -25.85 14.45 -12.53
C PRO A 264 -25.78 15.98 -12.53
N PRO A 265 -25.70 16.58 -11.33
CA PRO A 265 -25.56 18.03 -11.17
C PRO A 265 -24.25 18.56 -11.74
N VAL A 266 -24.03 19.87 -11.64
CA VAL A 266 -22.79 20.47 -12.10
C VAL A 266 -21.75 20.39 -10.98
N CYS A 267 -22.20 19.92 -9.81
CA CYS A 267 -21.29 19.67 -8.70
C CYS A 267 -20.52 18.37 -8.93
N ILE A 268 -21.07 17.52 -9.80
CA ILE A 268 -20.39 16.29 -10.20
C ILE A 268 -19.24 16.63 -11.13
N ARG A 269 -19.57 17.19 -12.28
CA ARG A 269 -18.55 17.82 -13.11
C ARG A 269 -18.94 19.26 -13.41
N PRO A 270 -17.97 20.18 -13.32
CA PRO A 270 -18.15 21.58 -13.70
C PRO A 270 -17.72 21.82 -15.14
N SER A 271 -17.77 23.08 -15.56
CA SER A 271 -17.13 23.47 -16.80
C SER A 271 -15.73 23.95 -16.45
N VAL A 272 -14.72 23.19 -16.88
CA VAL A 272 -13.33 23.47 -16.51
C VAL A 272 -12.94 24.89 -16.87
N MET A 273 -12.43 25.62 -15.90
CA MET A 273 -12.29 27.07 -16.02
C MET A 273 -11.11 27.52 -16.89
N MET A 274 -11.39 28.57 -17.66
CA MET A 274 -10.44 29.33 -18.47
C MET A 274 -9.49 28.52 -19.35
N GLN A 275 -8.29 29.07 -19.51
CA GLN A 275 -7.19 28.56 -20.35
C GLN A 275 -6.15 29.65 -20.32
N ASP A 276 -5.02 29.45 -21.00
CA ASP A 276 -4.09 30.55 -21.23
C ASP A 276 -4.77 31.63 -22.08
N SER A 277 -5.84 31.23 -22.77
CA SER A 277 -6.68 32.15 -23.54
C SER A 277 -8.10 32.15 -22.97
N PRO A 278 -8.80 33.30 -23.06
CA PRO A 278 -10.15 33.37 -22.48
C PRO A 278 -11.16 32.47 -23.21
N ALA A 279 -11.91 31.68 -22.44
CA ALA A 279 -12.89 30.73 -22.97
C ALA A 279 -13.62 30.00 -21.85
N SER A 280 -14.63 29.21 -22.22
CA SER A 280 -15.32 28.35 -21.27
C SER A 280 -15.34 26.91 -21.81
N ASN A 281 -14.66 26.01 -21.11
CA ASN A 281 -14.47 24.65 -21.61
C ASN A 281 -15.33 23.61 -20.89
N GLU A 282 -15.94 22.73 -21.67
CA GLU A 282 -16.75 21.63 -21.15
C GLU A 282 -15.90 20.50 -20.57
N ASP A 283 -16.53 19.66 -19.78
CA ASP A 283 -15.88 18.46 -19.25
C ASP A 283 -16.53 17.22 -19.86
N ASP A 284 -15.79 16.13 -19.90
CA ASP A 284 -16.19 14.93 -20.64
C ASP A 284 -17.59 14.41 -20.30
N LEU A 285 -17.97 14.50 -19.03
CA LEU A 285 -19.28 14.01 -18.60
C LEU A 285 -20.43 14.82 -19.21
N THR A 286 -20.17 16.10 -19.47
CA THR A 286 -21.17 16.96 -20.09
C THR A 286 -21.42 16.55 -21.53
N VAL A 287 -20.35 16.17 -22.22
CA VAL A 287 -20.42 15.76 -23.62
C VAL A 287 -21.18 14.43 -23.75
N LYS A 288 -20.99 13.56 -22.77
CA LYS A 288 -21.65 12.25 -22.75
C LYS A 288 -23.17 12.35 -22.82
N LEU A 289 -23.77 12.91 -21.78
CA LEU A 289 -25.22 12.94 -21.64
C LEU A 289 -25.91 13.86 -22.66
N THR A 290 -25.19 14.86 -23.17
CA THR A 290 -25.76 15.75 -24.17
C THR A 290 -25.78 15.05 -25.52
N GLU A 291 -24.94 14.02 -25.67
CA GLU A 291 -24.94 13.18 -26.84
C GLU A 291 -26.06 12.16 -26.74
N ILE A 292 -26.36 11.75 -25.51
CA ILE A 292 -27.43 10.80 -25.24
C ILE A 292 -28.78 11.34 -25.69
N VAL A 293 -29.04 12.61 -25.38
CA VAL A 293 -30.29 13.27 -25.76
C VAL A 293 -30.51 13.23 -27.27
N TRP A 294 -29.42 13.20 -28.02
CA TRP A 294 -29.49 13.13 -29.47
C TRP A 294 -29.90 11.73 -29.93
N THR A 295 -29.06 10.75 -29.62
CA THR A 295 -29.32 9.36 -30.01
C THR A 295 -30.61 8.82 -29.39
N SER A 296 -31.09 9.47 -28.33
CA SER A 296 -32.38 9.11 -27.73
C SER A 296 -33.51 9.64 -28.59
N SER A 297 -33.56 10.96 -28.75
CA SER A 297 -34.59 11.62 -29.54
C SER A 297 -34.63 11.16 -30.99
N LEU A 298 -33.55 10.49 -31.43
CA LEU A 298 -33.51 9.91 -32.76
C LEU A 298 -34.58 8.84 -32.92
N ILE A 299 -34.74 8.01 -31.89
CA ILE A 299 -35.78 7.00 -31.87
C ILE A 299 -37.12 7.65 -31.55
N LYS A 300 -37.10 8.62 -30.65
CA LYS A 300 -38.29 9.37 -30.27
C LYS A 300 -38.95 10.02 -31.48
N ALA A 301 -38.18 10.78 -32.25
CA ALA A 301 -38.71 11.46 -33.42
C ALA A 301 -39.33 10.49 -34.42
N GLY A 302 -38.49 9.75 -35.15
CA GLY A 302 -39.05 8.77 -36.05
C GLY A 302 -39.63 7.57 -35.33
N LEU A 303 -40.94 7.45 -35.40
CA LEU A 303 -41.65 6.20 -35.14
C LEU A 303 -42.77 6.12 -36.17
N ASP A 304 -43.67 7.09 -36.06
CA ASP A 304 -44.89 7.16 -36.85
C ASP A 304 -44.69 7.76 -38.24
N LYS A 305 -43.48 8.26 -38.51
CA LYS A 305 -43.27 8.96 -39.78
C LYS A 305 -42.37 8.19 -40.75
N GLY A 306 -41.07 8.17 -40.49
CA GLY A 306 -40.10 7.69 -41.47
C GLY A 306 -39.42 6.36 -41.22
N ILE A 307 -38.22 6.25 -41.80
CA ILE A 307 -37.29 5.11 -41.69
C ILE A 307 -37.91 3.73 -41.91
N SER A 308 -37.49 2.74 -41.14
CA SER A 308 -37.81 1.35 -41.40
C SER A 308 -37.56 0.45 -40.19
N ILE A 309 -37.61 -0.86 -40.43
CA ILE A 309 -37.40 -1.86 -39.39
C ILE A 309 -35.92 -2.02 -39.01
N ASN A 310 -35.08 -2.42 -39.96
CA ASN A 310 -33.72 -2.86 -39.66
C ASN A 310 -32.70 -1.73 -39.46
N ASN A 311 -33.12 -0.49 -39.65
CA ASN A 311 -32.24 0.64 -39.42
C ASN A 311 -32.22 1.07 -37.95
N MET A 312 -33.40 1.44 -37.44
CA MET A 312 -33.56 1.86 -36.04
C MET A 312 -32.94 0.89 -35.03
N MET A 313 -32.94 -0.40 -35.38
CA MET A 313 -32.46 -1.45 -34.49
C MET A 313 -31.05 -1.24 -33.93
N GLU A 314 -30.04 -1.24 -34.80
CA GLU A 314 -28.66 -1.13 -34.33
C GLU A 314 -28.38 0.23 -33.68
N HIS A 315 -29.18 1.23 -34.02
CA HIS A 315 -29.08 2.53 -33.37
C HIS A 315 -29.53 2.42 -31.93
N TRP A 316 -30.55 1.60 -31.69
CA TRP A 316 -31.01 1.32 -30.34
C TRP A 316 -30.03 0.37 -29.64
N ASP A 317 -29.35 -0.44 -30.44
CA ASP A 317 -28.30 -1.31 -29.92
C ASP A 317 -27.03 -0.50 -29.67
N TYR A 318 -26.93 0.65 -30.34
CA TYR A 318 -25.82 1.56 -30.11
C TYR A 318 -26.05 2.36 -28.84
N LEU A 319 -27.31 2.46 -28.43
CA LEU A 319 -27.67 3.19 -27.23
C LEU A 319 -27.19 2.48 -25.96
N GLN A 320 -27.32 1.16 -25.95
CA GLN A 320 -26.88 0.37 -24.80
C GLN A 320 -25.37 0.33 -24.73
N LEU A 321 -24.72 0.60 -25.86
CA LEU A 321 -23.27 0.68 -25.90
C LEU A 321 -22.78 1.99 -25.29
N THR A 322 -23.57 3.04 -25.46
CA THR A 322 -23.24 4.37 -24.95
C THR A 322 -23.36 4.45 -23.43
N VAL A 323 -24.50 3.99 -22.91
CA VAL A 323 -24.77 4.07 -21.48
C VAL A 323 -23.83 3.15 -20.69
N ALA A 324 -23.55 1.97 -21.23
CA ALA A 324 -22.61 1.05 -20.60
C ALA A 324 -21.20 1.65 -20.60
N MET A 325 -20.93 2.47 -21.61
CA MET A 325 -19.68 3.21 -21.69
C MET A 325 -19.72 4.41 -20.74
N TYR A 326 -20.90 5.00 -20.60
CA TYR A 326 -21.09 6.19 -19.78
C TYR A 326 -20.76 5.96 -18.30
N ILE A 327 -21.45 5.01 -17.68
CA ILE A 327 -21.23 4.73 -16.26
C ILE A 327 -20.23 3.60 -16.02
N ASN A 328 -19.65 3.09 -17.10
CA ASN A 328 -18.63 2.04 -17.01
C ASN A 328 -17.76 2.00 -18.25
N LYS A 348 -6.41 8.54 -23.68
CA LYS A 348 -7.75 9.04 -23.93
C LYS A 348 -8.81 7.99 -23.59
N PRO A 349 -9.03 7.76 -22.28
CA PRO A 349 -10.00 6.74 -21.85
C PRO A 349 -11.44 7.13 -22.17
N ILE A 350 -11.71 8.44 -22.19
CA ILE A 350 -13.04 8.99 -22.46
C ILE A 350 -14.04 8.63 -21.34
N ARG A 351 -13.59 7.80 -20.40
CA ARG A 351 -14.42 7.37 -19.29
C ARG A 351 -14.67 8.54 -18.34
N GLY A 352 -15.95 8.84 -18.10
CA GLY A 352 -16.32 9.97 -17.27
C GLY A 352 -16.80 9.66 -15.86
N PHE A 353 -17.11 8.40 -15.58
CA PHE A 353 -17.80 8.09 -14.33
C PHE A 353 -17.16 6.99 -13.47
N CYS A 354 -17.20 5.75 -13.95
CA CYS A 354 -16.76 4.60 -13.15
C CYS A 354 -15.30 4.70 -12.70
N GLN A 355 -14.54 5.52 -13.40
CA GLN A 355 -13.13 5.73 -13.11
C GLN A 355 -12.94 6.64 -11.89
N ARG A 356 -13.42 7.88 -11.99
CA ARG A 356 -13.26 8.86 -10.91
C ARG A 356 -13.72 8.37 -9.55
N LEU A 357 -14.66 7.42 -9.53
CA LEU A 357 -15.06 6.78 -8.27
C LEU A 357 -14.00 5.77 -7.84
N LYS A 358 -13.52 4.99 -8.80
CA LYS A 358 -12.52 3.97 -8.57
C LYS A 358 -11.10 4.54 -8.48
N GLY A 359 -10.81 5.49 -9.37
CA GLY A 359 -9.46 5.98 -9.56
C GLY A 359 -9.10 7.31 -8.93
N LYS A 360 -9.78 7.69 -7.86
CA LYS A 360 -9.57 9.03 -7.29
C LYS A 360 -8.46 9.04 -6.25
N GLN A 361 -7.34 9.65 -6.63
CA GLN A 361 -6.19 9.92 -5.75
C GLN A 361 -5.80 8.74 -4.87
N GLY A 362 -5.85 7.53 -5.41
CA GLY A 362 -5.39 6.37 -4.67
C GLY A 362 -5.31 5.07 -5.43
N ARG A 363 -4.43 4.19 -4.95
CA ARG A 363 -4.26 2.84 -5.47
C ARG A 363 -3.82 1.96 -4.32
N PHE A 364 -4.22 0.69 -4.30
CA PHE A 364 -3.77 -0.19 -3.24
C PHE A 364 -2.87 -1.30 -3.76
N ARG A 365 -1.57 -1.15 -3.52
CA ARG A 365 -0.60 -2.23 -3.70
C ARG A 365 -0.30 -2.84 -2.34
N GLY A 366 -0.98 -2.33 -1.32
CA GLY A 366 -0.61 -2.56 0.06
C GLY A 366 -0.07 -1.27 0.67
N ASN A 367 0.08 -0.27 -0.18
CA ASN A 367 0.47 1.07 0.25
C ASN A 367 -0.49 2.12 -0.30
N LEU A 368 -1.21 2.80 0.59
CA LEU A 368 -2.21 3.78 0.17
C LEU A 368 -1.62 5.16 -0.07
N SER A 369 -2.49 6.14 -0.31
CA SER A 369 -2.09 7.52 -0.53
C SER A 369 -3.06 8.45 0.19
N GLY A 370 -2.53 9.54 0.74
CA GLY A 370 -3.35 10.47 1.52
C GLY A 370 -2.90 11.92 1.45
N LYS A 371 -3.74 12.80 1.98
CA LYS A 371 -3.56 14.24 1.88
C LYS A 371 -4.28 14.97 3.02
N ARG A 372 -4.46 16.28 2.85
CA ARG A 372 -5.25 17.12 3.75
C ARG A 372 -4.71 17.27 5.17
N VAL A 373 -3.61 18.00 5.32
CA VAL A 373 -3.19 18.49 6.62
C VAL A 373 -3.03 20.01 6.57
N ASP A 374 -3.87 20.73 7.29
CA ASP A 374 -3.84 22.19 7.28
C ASP A 374 -3.14 22.71 8.53
N PHE A 375 -2.95 24.03 8.59
CA PHE A 375 -2.24 24.68 9.69
C PHE A 375 -0.97 23.94 10.08
N SER A 376 0.01 23.94 9.19
CA SER A 376 1.22 23.14 9.39
C SER A 376 2.48 23.85 8.92
N GLY A 377 3.60 23.15 9.01
CA GLY A 377 4.89 23.68 8.60
C GLY A 377 5.95 22.60 8.50
N ARG A 378 7.02 22.90 7.77
CA ARG A 378 8.10 21.93 7.58
C ARG A 378 9.44 22.66 7.49
N THR A 379 10.50 22.03 7.99
CA THR A 379 11.82 22.64 8.09
C THR A 379 12.82 21.59 8.58
N VAL A 380 14.12 21.87 8.44
CA VAL A 380 15.17 20.93 8.81
C VAL A 380 15.36 20.85 10.32
N ILE A 381 16.41 20.15 10.74
CA ILE A 381 16.64 19.86 12.15
C ILE A 381 17.99 20.42 12.60
N SER A 382 18.18 20.51 13.92
CA SER A 382 19.39 21.05 14.52
C SER A 382 19.33 20.90 16.04
N PRO A 383 20.46 20.53 16.65
CA PRO A 383 20.53 20.20 18.08
C PRO A 383 20.50 21.41 19.01
N ASP A 384 20.49 21.14 20.31
CA ASP A 384 20.63 22.15 21.36
C ASP A 384 20.59 21.47 22.73
N PRO A 385 21.55 21.80 23.62
CA PRO A 385 21.59 21.34 25.01
C PRO A 385 20.58 22.04 25.92
N ASN A 386 20.28 23.29 25.60
CA ASN A 386 19.60 24.19 26.54
C ASN A 386 18.10 23.95 26.62
N LEU A 387 17.52 23.41 25.57
CA LEU A 387 16.09 23.14 25.55
C LEU A 387 15.78 21.86 26.32
N SER A 388 14.95 21.99 27.35
CA SER A 388 14.48 20.83 28.10
C SER A 388 13.57 19.98 27.22
N ILE A 389 13.40 18.71 27.59
CA ILE A 389 12.51 17.84 26.84
C ILE A 389 11.07 18.35 26.97
N ASP A 390 10.24 17.96 26.00
CA ASP A 390 8.86 18.44 25.80
C ASP A 390 8.81 19.91 25.35
N GLU A 391 9.98 20.53 25.24
CA GLU A 391 10.07 21.87 24.66
C GLU A 391 10.66 21.82 23.24
N VAL A 392 10.01 22.51 22.31
CA VAL A 392 10.48 22.60 20.93
C VAL A 392 10.45 24.05 20.45
N ALA A 393 11.59 24.55 20.00
CA ALA A 393 11.70 25.94 19.59
C ALA A 393 11.22 26.15 18.16
N VAL A 394 10.22 27.01 17.99
CA VAL A 394 9.70 27.36 16.68
C VAL A 394 10.13 28.77 16.28
N PRO A 395 10.77 28.90 15.12
CA PRO A 395 11.26 30.21 14.64
C PRO A 395 10.11 31.21 14.45
N ASP A 396 10.36 32.47 14.79
CA ASP A 396 9.34 33.50 14.76
C ASP A 396 8.85 33.79 13.34
N ARG A 397 9.70 33.50 12.35
CA ARG A 397 9.38 33.79 10.96
C ARG A 397 8.23 32.93 10.46
N VAL A 398 8.19 31.67 10.87
CA VAL A 398 7.09 30.78 10.51
C VAL A 398 5.98 30.85 11.57
N ALA A 399 6.26 31.55 12.67
CA ALA A 399 5.28 31.71 13.74
C ALA A 399 4.33 32.86 13.45
N LYS A 400 4.72 33.70 12.49
CA LYS A 400 3.88 34.83 12.08
C LYS A 400 2.72 34.35 11.22
N VAL A 401 2.99 33.33 10.41
CA VAL A 401 1.97 32.77 9.52
C VAL A 401 1.24 31.61 10.17
N LEU A 402 1.66 31.25 11.39
CA LEU A 402 0.99 30.16 12.12
C LEU A 402 0.07 30.73 13.19
N THR A 403 -1.23 30.60 12.96
CA THR A 403 -2.23 31.16 13.86
C THR A 403 -2.79 30.14 14.83
N TYR A 404 -3.83 30.56 15.56
CA TYR A 404 -4.52 29.72 16.55
C TYR A 404 -5.70 30.50 17.11
N PRO A 405 -6.87 29.83 17.22
CA PRO A 405 -8.10 30.50 17.67
C PRO A 405 -8.13 30.79 19.16
N GLU A 406 -8.62 31.97 19.53
CA GLU A 406 -8.77 32.34 20.93
C GLU A 406 -10.06 33.11 21.19
N LYS A 407 -10.82 32.65 22.18
CA LYS A 407 -12.04 33.35 22.57
C LYS A 407 -11.83 34.07 23.89
N VAL A 408 -11.85 35.40 23.84
CA VAL A 408 -11.53 36.22 25.01
C VAL A 408 -12.70 36.34 25.97
N THR A 409 -12.51 35.84 27.19
CA THR A 409 -13.53 35.98 28.24
C THR A 409 -12.94 36.26 29.63
N ARG A 410 -13.35 37.37 30.23
CA ARG A 410 -13.16 37.65 31.66
C ARG A 410 -11.69 37.81 32.08
N TYR A 411 -10.77 37.40 31.21
CA TYR A 411 -9.35 37.40 31.54
C TYR A 411 -8.54 38.06 30.42
N ASN A 412 -8.60 37.44 29.25
CA ASN A 412 -7.84 37.88 28.08
C ASN A 412 -8.14 39.32 27.66
N ARG A 413 -9.25 39.86 28.16
CA ARG A 413 -9.69 41.22 27.84
C ARG A 413 -8.57 42.24 27.99
N HIS A 414 -7.81 42.12 29.08
CA HIS A 414 -6.66 42.99 29.32
C HIS A 414 -5.62 42.94 28.21
N LYS A 415 -5.00 41.77 28.04
CA LYS A 415 -3.84 41.64 27.15
C LYS A 415 -4.20 41.53 25.66
N LEU A 416 -5.30 40.85 25.35
CA LEU A 416 -5.64 40.59 23.95
C LEU A 416 -6.01 41.86 23.17
N GLN A 417 -6.52 42.86 23.88
CA GLN A 417 -6.85 44.13 23.24
C GLN A 417 -5.57 44.89 22.93
N GLU A 418 -4.50 44.56 23.64
CA GLU A 418 -3.20 45.15 23.39
C GLU A 418 -2.54 44.47 22.19
N LEU A 419 -2.86 43.20 21.99
CA LEU A 419 -2.36 42.45 20.84
C LEU A 419 -2.98 42.96 19.54
N ILE A 420 -4.19 43.49 19.63
CA ILE A 420 -4.89 44.02 18.47
C ILE A 420 -4.23 45.29 17.96
N VAL A 421 -3.93 46.21 18.88
CA VAL A 421 -3.33 47.50 18.53
C VAL A 421 -1.85 47.33 18.18
N ASN A 422 -1.30 46.15 18.46
CA ASN A 422 0.11 45.88 18.22
C ASN A 422 0.43 45.79 16.73
N GLY A 423 -0.44 45.09 15.99
CA GLY A 423 -0.27 44.97 14.55
C GLY A 423 0.31 43.63 14.11
N PRO A 424 -0.02 43.20 12.89
CA PRO A 424 0.46 41.94 12.32
C PRO A 424 1.85 42.08 11.68
N ASN A 425 2.79 42.64 12.42
CA ASN A 425 4.17 42.77 11.95
C ASN A 425 5.12 42.21 13.00
N VAL A 426 5.14 42.82 14.18
CA VAL A 426 5.89 42.30 15.30
C VAL A 426 5.25 41.00 15.78
N HIS A 427 6.02 40.18 16.49
CA HIS A 427 5.56 38.87 16.92
C HIS A 427 4.30 38.88 17.80
N PRO A 428 4.24 39.73 18.85
CA PRO A 428 3.02 39.67 19.65
C PRO A 428 1.84 40.43 19.02
N GLY A 429 1.15 39.81 18.07
CA GLY A 429 0.02 40.44 17.41
C GLY A 429 -1.02 39.46 16.90
N ALA A 430 -2.06 39.97 16.25
CA ALA A 430 -3.13 39.14 15.73
C ALA A 430 -3.42 39.45 14.26
N ASN A 431 -3.49 38.42 13.44
CA ASN A 431 -3.72 38.59 12.01
C ASN A 431 -5.20 38.60 11.62
N TYR A 432 -6.07 38.21 12.55
CA TYR A 432 -7.49 38.11 12.25
C TYR A 432 -8.38 38.47 13.44
N LEU A 433 -9.64 38.80 13.15
CA LEU A 433 -10.63 39.11 14.18
C LEU A 433 -12.00 38.63 13.72
N LEU A 434 -12.78 38.08 14.65
CA LEU A 434 -14.11 37.61 14.33
C LEU A 434 -15.13 38.07 15.38
N LYS A 435 -16.10 38.86 14.94
CA LYS A 435 -17.14 39.38 15.83
C LYS A 435 -18.33 38.43 15.94
N ARG A 436 -18.94 38.37 17.11
CA ARG A 436 -20.06 37.46 17.39
C ARG A 436 -21.31 37.82 16.57
N ASN A 437 -21.26 38.95 15.88
CA ASN A 437 -22.40 39.39 15.06
C ASN A 437 -22.38 38.70 13.70
N GLU A 438 -21.40 37.82 13.51
CA GLU A 438 -21.29 36.98 12.32
C GLU A 438 -21.18 37.80 11.04
N ASP A 439 -20.05 38.48 10.87
CA ASP A 439 -19.73 39.11 9.60
C ASP A 439 -19.08 38.07 8.69
N ALA A 440 -18.59 38.49 7.53
CA ALA A 440 -17.77 37.62 6.72
C ALA A 440 -16.57 37.18 7.54
N ARG A 441 -15.69 38.14 7.82
CA ARG A 441 -14.58 37.99 8.75
C ARG A 441 -13.84 39.33 8.80
N ARG A 442 -13.08 39.56 9.86
CA ARG A 442 -12.26 40.76 9.93
C ARG A 442 -10.79 40.38 9.91
N ASN A 443 -10.14 40.66 8.79
CA ASN A 443 -8.71 40.45 8.65
C ASN A 443 -7.98 41.75 8.90
N LEU A 444 -7.09 41.78 9.89
CA LEU A 444 -6.43 43.03 10.18
C LEU A 444 -5.03 43.03 9.59
N ARG A 445 -4.92 43.66 8.42
CA ARG A 445 -3.65 43.97 7.77
C ARG A 445 -3.77 45.36 7.16
N TYR A 446 -4.68 45.43 6.20
CA TYR A 446 -4.89 46.56 5.29
C TYR A 446 -5.11 47.91 5.98
N GLY A 447 -5.54 47.89 7.24
CA GLY A 447 -5.90 49.12 7.91
C GLY A 447 -6.57 48.90 9.26
N ASP A 448 -7.41 49.87 9.65
CA ASP A 448 -8.13 49.84 10.92
C ASP A 448 -7.21 49.81 12.14
N ARG A 449 -7.32 48.75 12.92
CA ARG A 449 -6.72 48.68 14.26
C ARG A 449 -7.23 49.85 15.11
N MET A 450 -6.34 50.44 15.90
CA MET A 450 -6.66 51.63 16.68
C MET A 450 -7.93 51.49 17.51
N LYS A 451 -8.93 52.30 17.17
CA LYS A 451 -10.22 52.34 17.85
C LYS A 451 -10.92 50.98 17.92
N LEU A 452 -10.62 50.11 16.95
CA LEU A 452 -11.25 48.79 16.86
C LEU A 452 -11.01 47.95 18.12
N ALA A 453 -9.92 48.23 18.83
CA ALA A 453 -9.57 47.47 20.03
C ALA A 453 -10.26 48.01 21.27
N LYS A 454 -11.03 49.09 21.11
CA LYS A 454 -11.70 49.71 22.25
C LYS A 454 -12.94 48.95 22.69
N ASN A 455 -13.68 48.41 21.72
CA ASN A 455 -14.91 47.69 22.03
C ASN A 455 -14.65 46.25 22.45
N LEU A 456 -14.31 45.42 21.47
CA LEU A 456 -13.95 44.01 21.71
C LEU A 456 -14.89 43.29 22.67
N GLN A 457 -16.11 43.04 22.23
CA GLN A 457 -17.10 42.36 23.07
C GLN A 457 -16.67 40.92 23.37
N ILE A 458 -17.21 40.38 24.46
CA ILE A 458 -16.78 39.09 25.00
C ILE A 458 -16.93 37.93 24.02
N GLY A 459 -18.04 37.90 23.28
CA GLY A 459 -18.36 36.77 22.44
C GLY A 459 -17.59 36.67 21.13
N ASP A 460 -16.55 37.49 20.99
CA ASP A 460 -15.78 37.50 19.74
C ASP A 460 -14.71 36.43 19.71
N VAL A 461 -14.00 36.35 18.58
CA VAL A 461 -12.92 35.39 18.39
C VAL A 461 -11.75 36.06 17.66
N VAL A 462 -10.55 35.94 18.23
CA VAL A 462 -9.36 36.55 17.64
C VAL A 462 -8.20 35.57 17.60
N GLU A 463 -7.52 35.49 16.46
CA GLU A 463 -6.41 34.57 16.30
C GLU A 463 -5.07 35.23 16.61
N ARG A 464 -4.47 34.84 17.73
CA ARG A 464 -3.15 35.34 18.13
C ARG A 464 -2.02 34.58 17.44
N HIS A 465 -0.87 35.22 17.33
CA HIS A 465 0.33 34.55 16.84
C HIS A 465 0.77 33.46 17.81
N LEU A 466 1.45 32.45 17.28
CA LEU A 466 1.96 31.36 18.12
C LEU A 466 3.03 31.88 19.07
N GLU A 467 2.94 31.47 20.33
CA GLU A 467 3.89 31.93 21.34
C GLU A 467 4.19 30.84 22.36
N ASP A 468 4.92 31.19 23.41
CA ASP A 468 5.31 30.24 24.45
C ASP A 468 4.11 29.82 25.28
N GLY A 469 4.18 28.62 25.84
CA GLY A 469 3.12 28.10 26.68
C GLY A 469 2.01 27.42 25.91
N ASP A 470 2.24 27.18 24.63
CA ASP A 470 1.25 26.52 23.78
C ASP A 470 1.56 25.04 23.62
N VAL A 471 0.70 24.34 22.88
CA VAL A 471 0.86 22.91 22.66
C VAL A 471 0.91 22.59 21.17
N VAL A 472 1.97 21.91 20.75
CA VAL A 472 2.14 21.52 19.36
C VAL A 472 2.69 20.10 19.27
N LEU A 473 2.11 19.30 18.38
CA LEU A 473 2.51 17.91 18.23
C LEU A 473 3.57 17.75 17.14
N PHE A 474 4.52 16.84 17.38
CA PHE A 474 5.65 16.66 16.48
C PHE A 474 5.49 15.38 15.65
N ASN A 475 5.95 15.42 14.40
CA ASN A 475 5.77 14.30 13.48
C ASN A 475 6.89 14.15 12.46
N ARG A 476 7.18 12.90 12.10
CA ARG A 476 8.08 12.60 10.99
C ARG A 476 7.34 11.74 9.98
N GLN A 477 7.50 12.05 8.69
CA GLN A 477 6.72 11.39 7.64
C GLN A 477 6.91 9.86 7.58
N PRO A 478 8.16 9.37 7.58
CA PRO A 478 8.26 7.90 7.60
C PRO A 478 7.90 7.32 8.97
N SER A 479 6.62 7.26 9.27
CA SER A 479 6.14 6.74 10.56
C SER A 479 6.31 5.23 10.64
N LEU A 480 6.71 4.75 11.82
CA LEU A 480 6.89 3.32 12.03
C LEU A 480 5.98 2.79 13.14
N HIS A 481 6.21 3.26 14.37
CA HIS A 481 5.48 2.76 15.52
C HIS A 481 4.83 3.88 16.34
N ARG A 482 4.28 3.52 17.50
CA ARG A 482 3.53 4.43 18.34
C ARG A 482 4.36 5.62 18.85
N LEU A 483 5.69 5.48 18.81
CA LEU A 483 6.58 6.50 19.35
C LEU A 483 6.89 7.58 18.31
N SER A 484 6.24 7.48 17.16
CA SER A 484 6.42 8.47 16.10
C SER A 484 5.77 9.79 16.48
N ILE A 485 4.45 9.78 16.60
CA ILE A 485 3.71 10.99 16.95
C ILE A 485 3.83 11.32 18.43
N LEU A 486 4.35 12.51 18.73
CA LEU A 486 4.43 13.01 20.10
C LEU A 486 3.89 14.43 20.15
N SER A 487 3.90 15.02 21.34
CA SER A 487 3.44 16.39 21.51
C SER A 487 4.33 17.16 22.49
N HIS A 488 4.72 18.36 22.11
CA HIS A 488 5.62 19.16 22.95
C HIS A 488 5.06 20.56 23.18
N TYR A 489 5.76 21.33 24.01
CA TYR A 489 5.52 22.77 24.14
C TYR A 489 6.26 23.50 23.03
N ALA A 490 5.77 24.68 22.65
CA ALA A 490 6.46 25.46 21.62
C ALA A 490 7.30 26.56 22.25
N LYS A 491 8.07 27.26 21.41
CA LYS A 491 8.96 28.34 21.83
C LYS A 491 9.21 29.27 20.65
N ILE A 492 9.73 30.46 20.94
CA ILE A 492 10.06 31.42 19.88
C ILE A 492 11.55 31.76 19.90
N ARG A 493 12.24 31.44 18.81
CA ARG A 493 13.68 31.67 18.72
C ARG A 493 14.06 32.31 17.37
N PRO A 494 15.34 32.69 17.21
CA PRO A 494 15.71 33.34 15.94
C PRO A 494 16.06 32.40 14.79
N TRP A 495 16.54 33.01 13.70
CA TRP A 495 16.91 32.35 12.45
C TRP A 495 15.77 31.51 11.85
N ARG A 496 16.13 30.40 11.24
CA ARG A 496 15.14 29.44 10.75
C ARG A 496 15.61 28.00 10.92
N THR A 497 14.84 27.20 11.65
CA THR A 497 15.05 25.76 11.81
C THR A 497 14.06 25.17 12.80
N PHE A 498 13.93 23.85 12.78
CA PHE A 498 13.20 23.16 13.84
C PHE A 498 14.20 22.48 14.76
N ARG A 499 14.34 23.00 15.97
CA ARG A 499 15.33 22.49 16.90
C ARG A 499 14.69 21.91 18.16
N LEU A 500 15.18 20.75 18.57
CA LEU A 500 14.66 20.06 19.76
C LEU A 500 15.81 19.51 20.60
N ASN A 501 15.49 19.08 21.81
CA ASN A 501 16.49 18.53 22.72
C ASN A 501 17.20 17.31 22.12
N GLU A 502 18.48 17.18 22.44
CA GLU A 502 19.29 16.08 21.95
C GLU A 502 19.11 14.84 22.81
N CYS A 503 18.37 15.00 23.91
CA CYS A 503 18.07 13.89 24.80
C CYS A 503 17.33 12.80 24.05
N VAL A 504 16.46 13.17 23.13
CA VAL A 504 15.74 12.18 22.34
C VAL A 504 16.10 12.22 20.85
N CYS A 505 16.93 11.27 20.41
CA CYS A 505 17.03 10.96 19.00
C CYS A 505 16.30 9.66 18.68
N THR A 506 15.84 8.98 19.74
CA THR A 506 15.31 7.63 19.63
C THR A 506 13.93 7.48 18.96
N PRO A 507 12.91 8.24 19.42
CA PRO A 507 11.56 7.91 18.93
C PRO A 507 11.37 8.19 17.44
N TYR A 508 11.97 9.28 16.95
CA TYR A 508 11.82 9.67 15.55
C TYR A 508 12.95 9.10 14.70
N ASN A 509 13.91 8.46 15.36
CA ASN A 509 15.13 7.99 14.71
C ASN A 509 15.80 9.12 13.94
N ALA A 510 16.26 10.13 14.68
CA ALA A 510 16.79 11.34 14.07
C ALA A 510 18.31 11.35 14.07
N ASP A 511 18.89 11.23 12.87
CA ASP A 511 20.33 11.32 12.69
C ASP A 511 20.73 12.75 12.35
N PHE A 512 19.76 13.66 12.44
CA PHE A 512 19.90 15.02 11.95
C PHE A 512 20.22 14.98 10.46
N ASP A 513 21.41 15.47 10.09
CA ASP A 513 21.89 15.36 8.70
C ASP A 513 21.11 16.28 7.76
N GLY A 514 20.15 17.03 8.32
CA GLY A 514 19.26 17.85 7.53
C GLY A 514 18.09 17.12 6.91
N ASP A 515 17.47 16.25 7.71
CA ASP A 515 16.23 15.58 7.31
C ASP A 515 15.05 16.53 7.40
N GLU A 516 13.85 16.01 7.15
CA GLU A 516 12.64 16.82 7.20
C GLU A 516 11.74 16.41 8.36
N MET A 517 11.03 17.38 8.92
CA MET A 517 10.17 17.13 10.08
C MET A 517 8.84 17.87 9.98
N ASN A 518 7.74 17.15 10.24
CA ASN A 518 6.40 17.72 10.18
C ASN A 518 6.04 18.49 11.46
N LEU A 519 5.13 19.45 11.32
CA LEU A 519 4.66 20.24 12.46
C LEU A 519 3.15 20.46 12.38
N HIS A 520 2.43 20.11 13.44
CA HIS A 520 0.98 20.24 13.47
C HIS A 520 0.49 20.97 14.72
N VAL A 521 -0.30 22.03 14.52
CA VAL A 521 -0.87 22.78 15.63
C VAL A 521 -2.39 22.61 15.71
N PRO A 522 -2.89 22.13 16.87
CA PRO A 522 -4.32 21.92 17.10
C PRO A 522 -5.13 23.21 17.06
N GLN A 523 -6.44 23.10 17.23
CA GLN A 523 -7.33 24.26 17.17
C GLN A 523 -8.14 24.46 18.45
N THR A 524 -9.11 23.58 18.68
CA THR A 524 -10.00 23.69 19.82
C THR A 524 -9.26 23.42 21.14
N GLU A 525 -9.83 23.91 22.23
CA GLU A 525 -9.26 23.72 23.56
C GLU A 525 -9.32 22.25 23.97
N GLU A 526 -10.35 21.56 23.50
CA GLU A 526 -10.53 20.13 23.77
C GLU A 526 -9.34 19.32 23.29
N ALA A 527 -9.11 19.32 21.98
CA ALA A 527 -8.05 18.53 21.37
C ALA A 527 -6.65 18.95 21.83
N ARG A 528 -6.51 20.22 22.21
CA ARG A 528 -5.22 20.72 22.68
C ARG A 528 -4.85 20.13 24.03
N ALA A 529 -5.82 20.09 24.95
CA ALA A 529 -5.61 19.50 26.26
C ALA A 529 -5.48 17.99 26.16
N GLU A 530 -6.03 17.43 25.08
CA GLU A 530 -5.98 16.00 24.83
C GLU A 530 -4.56 15.55 24.47
N ALA A 531 -3.87 16.36 23.66
CA ALA A 531 -2.56 16.00 23.15
C ALA A 531 -1.47 16.06 24.23
N ILE A 532 -1.47 17.12 25.02
CA ILE A 532 -0.39 17.33 25.98
C ILE A 532 -0.55 16.48 27.25
N ASN A 533 -1.79 16.26 27.68
CA ASN A 533 -2.04 15.55 28.93
C ASN A 533 -2.07 14.03 28.75
N LEU A 534 -2.00 13.58 27.50
CA LEU A 534 -2.04 12.16 27.21
C LEU A 534 -0.86 11.75 26.33
N MET A 535 -0.83 12.29 25.11
CA MET A 535 0.19 11.97 24.12
C MET A 535 1.53 12.61 24.47
N GLY A 536 1.55 13.42 25.53
CA GLY A 536 2.74 14.13 25.95
C GLY A 536 3.95 13.25 26.21
N VAL A 537 5.13 13.86 26.08
CA VAL A 537 6.40 13.14 26.16
C VAL A 537 6.61 12.45 27.51
N LYS A 538 6.25 13.14 28.59
CA LYS A 538 6.46 12.63 29.94
C LYS A 538 5.77 11.29 30.17
N ASN A 539 4.57 11.15 29.62
CA ASN A 539 3.82 9.90 29.73
C ASN A 539 4.31 8.86 28.73
N ASN A 540 4.95 9.32 27.66
CA ASN A 540 5.45 8.44 26.60
C ASN A 540 6.89 8.01 26.81
N LEU A 541 7.45 8.38 27.96
CA LEU A 541 8.84 8.09 28.29
C LEU A 541 9.19 6.60 28.15
N LEU A 542 8.20 5.74 28.37
CA LEU A 542 8.41 4.30 28.27
C LEU A 542 7.90 3.76 26.94
N THR A 543 8.61 2.76 26.40
CA THR A 543 8.21 2.14 25.14
C THR A 543 6.91 1.36 25.35
N PRO A 544 6.03 1.37 24.32
CA PRO A 544 4.73 0.69 24.43
C PRO A 544 4.83 -0.83 24.49
N LYS A 545 5.95 -1.40 24.05
CA LYS A 545 6.08 -2.84 23.99
C LYS A 545 6.89 -3.43 25.14
N SER A 546 8.20 -3.20 25.13
CA SER A 546 9.11 -3.84 26.08
C SER A 546 8.90 -3.40 27.52
N GLY A 547 8.36 -2.20 27.71
CA GLY A 547 8.16 -1.65 29.05
C GLY A 547 9.45 -1.13 29.64
N GLU A 548 10.39 -0.80 28.76
CA GLU A 548 11.69 -0.25 29.18
C GLU A 548 11.81 1.18 28.67
N PRO A 549 12.61 2.01 29.36
CA PRO A 549 12.76 3.39 28.86
C PRO A 549 13.37 3.42 27.47
N ILE A 550 12.69 4.08 26.54
CA ILE A 550 13.15 4.17 25.17
C ILE A 550 13.97 5.44 24.95
N ILE A 551 13.93 6.33 25.93
CA ILE A 551 14.59 7.63 25.79
C ILE A 551 15.51 7.96 26.97
N ALA A 552 16.75 8.34 26.65
CA ALA A 552 17.74 8.70 27.65
C ALA A 552 18.94 9.38 26.99
N ALA A 553 19.97 9.66 27.79
CA ALA A 553 21.19 10.26 27.28
C ALA A 553 21.86 9.38 26.22
N THR A 554 22.48 9.99 25.23
CA THR A 554 23.10 9.25 24.14
C THR A 554 24.41 9.86 23.66
N GLN A 555 25.29 9.01 23.13
CA GLN A 555 26.56 9.43 22.56
C GLN A 555 27.42 10.24 23.53
N ASP A 556 27.69 11.49 23.16
CA ASP A 556 28.54 12.38 23.94
C ASP A 556 28.10 12.52 25.40
N PHE A 557 26.80 12.41 25.63
CA PHE A 557 26.26 12.50 26.98
C PHE A 557 26.67 11.30 27.82
N ILE A 558 26.75 10.14 27.18
CA ILE A 558 27.11 8.91 27.87
C ILE A 558 28.61 8.86 28.18
N THR A 559 29.43 9.13 27.18
CA THR A 559 30.88 9.10 27.35
C THR A 559 31.37 10.31 28.12
N GLY A 560 30.54 11.35 28.19
CA GLY A 560 30.88 12.55 28.94
C GLY A 560 30.73 12.33 30.43
N SER A 561 29.65 11.64 30.81
CA SER A 561 29.40 11.32 32.21
C SER A 561 30.44 10.34 32.74
N TYR A 562 30.98 9.53 31.84
CA TYR A 562 32.05 8.59 32.16
C TYR A 562 33.25 9.29 32.77
N LEU A 563 33.87 10.17 31.98
CA LEU A 563 35.06 10.90 32.40
C LEU A 563 34.84 11.72 33.67
N ILE A 564 33.62 12.21 33.87
CA ILE A 564 33.28 12.98 35.06
C ILE A 564 33.30 12.10 36.31
N SER A 565 32.61 10.98 36.24
CA SER A 565 32.49 10.07 37.37
C SER A 565 33.62 9.05 37.39
N HIS A 566 34.57 9.20 36.47
CA HIS A 566 35.69 8.28 36.34
C HIS A 566 36.45 8.15 37.66
N LYS A 567 36.82 6.92 37.99
CA LYS A 567 37.46 6.60 39.27
C LYS A 567 38.80 7.31 39.44
N ASP A 568 39.44 7.62 38.32
CA ASP A 568 40.77 8.23 38.35
C ASP A 568 40.73 9.74 38.62
N SER A 569 39.70 10.40 38.11
CA SER A 569 39.64 11.86 38.17
C SER A 569 39.29 12.42 39.54
N PHE A 570 39.84 13.58 39.86
CA PHE A 570 39.53 14.30 41.09
C PHE A 570 39.27 15.77 40.78
N TYR A 571 38.61 16.47 41.70
CA TYR A 571 38.28 17.88 41.48
C TYR A 571 38.41 18.70 42.76
N ASP A 572 38.43 20.02 42.62
CA ASP A 572 38.62 20.92 43.76
C ASP A 572 37.38 21.80 43.93
N ARG A 573 37.23 22.35 45.14
CA ARG A 573 36.06 23.14 45.50
C ARG A 573 35.73 24.25 44.50
N ALA A 574 36.75 24.96 44.05
CA ALA A 574 36.57 26.03 43.07
C ALA A 574 36.12 25.45 41.74
N THR A 575 36.71 24.32 41.35
CA THR A 575 36.33 23.64 40.12
C THR A 575 34.95 23.01 40.27
N LEU A 576 34.70 22.42 41.43
CA LEU A 576 33.40 21.81 41.71
C LEU A 576 32.31 22.87 41.80
N THR A 577 32.69 24.07 42.22
CA THR A 577 31.76 25.19 42.34
C THR A 577 31.05 25.47 41.02
N GLN A 578 31.84 25.85 40.01
CA GLN A 578 31.29 26.19 38.69
C GLN A 578 30.59 24.98 38.05
N LEU A 579 31.12 23.79 38.31
CA LEU A 579 30.51 22.56 37.78
C LEU A 579 29.09 22.38 38.30
N LEU A 580 28.88 22.69 39.58
CA LEU A 580 27.55 22.68 40.16
C LEU A 580 26.73 23.83 39.58
N SER A 581 27.40 24.93 39.28
CA SER A 581 26.75 26.08 38.66
C SER A 581 26.49 25.81 37.17
N MET A 582 27.24 24.87 36.62
CA MET A 582 27.01 24.42 35.25
C MET A 582 25.83 23.46 35.20
N MET A 583 25.66 22.71 36.28
CA MET A 583 24.51 21.82 36.42
C MET A 583 23.22 22.63 36.47
N SER A 584 23.22 23.66 37.30
CA SER A 584 22.11 24.61 37.35
C SER A 584 22.65 26.03 37.29
N ASP A 585 22.28 26.76 36.23
CA ASP A 585 22.77 28.11 36.02
C ASP A 585 22.34 29.06 37.13
N GLY A 586 21.31 28.66 37.89
CA GLY A 586 20.83 29.45 39.00
C GLY A 586 19.52 28.90 39.55
N ILE A 587 18.79 29.76 40.26
CA ILE A 587 17.44 29.47 40.77
C ILE A 587 17.44 28.37 41.84
N GLU A 588 18.55 27.67 42.01
CA GLU A 588 18.62 26.55 42.95
C GLU A 588 19.72 26.72 43.99
N HIS A 589 19.47 26.21 45.19
CA HIS A 589 20.45 26.25 46.27
C HIS A 589 21.02 24.86 46.52
N PHE A 590 22.33 24.79 46.78
CA PHE A 590 23.01 23.51 46.97
C PHE A 590 23.63 23.39 48.36
N ASP A 591 23.86 22.17 48.80
CA ASP A 591 24.57 21.90 50.02
C ASP A 591 25.73 20.93 49.74
N ILE A 592 26.95 21.41 49.92
CA ILE A 592 28.14 20.60 49.61
C ILE A 592 28.45 19.64 50.74
N PRO A 593 28.44 18.33 50.43
CA PRO A 593 28.76 17.28 51.40
C PRO A 593 30.24 17.33 51.81
N PRO A 594 30.59 16.71 52.94
CA PRO A 594 32.00 16.67 53.37
C PRO A 594 32.88 16.03 52.31
N PRO A 595 34.14 16.49 52.18
CA PRO A 595 35.05 15.99 51.16
C PRO A 595 35.31 14.50 51.28
N ALA A 596 35.72 13.86 50.19
CA ALA A 596 35.97 12.43 50.17
C ALA A 596 37.25 12.12 50.94
N ILE A 597 38.36 12.61 50.43
CA ILE A 597 39.63 12.48 51.14
C ILE A 597 39.73 13.52 52.24
N MET A 598 40.71 13.34 53.13
CA MET A 598 41.02 14.32 54.15
C MET A 598 42.52 14.60 54.11
N LYS A 599 42.87 15.87 53.97
CA LYS A 599 44.28 16.27 53.88
C LYS A 599 44.38 17.69 53.37
N PRO A 600 45.58 18.11 52.98
CA PRO A 600 45.73 19.41 52.34
C PRO A 600 44.96 19.38 51.03
N TYR A 601 44.24 20.46 50.73
CA TYR A 601 43.39 20.50 49.54
C TYR A 601 42.05 19.80 49.72
N TYR A 602 42.05 18.52 50.12
CA TYR A 602 40.78 17.82 50.27
C TYR A 602 40.00 17.60 48.97
N LEU A 603 40.61 17.94 47.84
CA LEU A 603 39.99 17.70 46.54
C LEU A 603 38.75 16.80 46.68
N TRP A 604 37.75 17.04 45.83
CA TRP A 604 36.55 16.20 45.80
C TRP A 604 36.60 15.19 44.66
N THR A 605 36.06 14.00 44.90
CA THR A 605 36.05 12.94 43.88
C THR A 605 34.96 13.16 42.84
N GLY A 606 34.88 12.23 41.88
CA GLY A 606 33.91 12.33 40.81
C GLY A 606 32.55 11.79 41.19
N LYS A 607 32.47 11.16 42.35
CA LYS A 607 31.23 10.59 42.85
C LYS A 607 30.37 11.67 43.50
N GLN A 608 30.88 12.26 44.58
CA GLN A 608 30.18 13.27 45.36
C GLN A 608 29.65 14.43 44.52
N VAL A 609 30.38 14.81 43.48
CA VAL A 609 29.95 15.88 42.60
C VAL A 609 28.79 15.41 41.72
N PHE A 610 28.85 14.17 41.28
CA PHE A 610 27.79 13.59 40.45
C PHE A 610 26.60 13.17 41.31
N SER A 611 26.86 12.90 42.58
CA SER A 611 25.81 12.48 43.51
C SER A 611 24.85 13.62 43.82
N LEU A 612 25.31 14.85 43.58
CA LEU A 612 24.48 16.03 43.84
C LEU A 612 23.53 16.30 42.68
N LEU A 613 23.66 15.54 41.61
CA LEU A 613 22.75 15.65 40.47
C LEU A 613 21.37 15.15 40.86
N ILE A 614 21.33 13.95 41.44
CA ILE A 614 20.09 13.35 41.91
C ILE A 614 19.37 14.22 42.94
N LYS A 615 20.02 14.42 44.08
CA LYS A 615 19.41 15.19 45.18
C LYS A 615 20.27 16.40 45.55
N PRO A 616 20.18 17.47 44.73
CA PRO A 616 20.92 18.70 45.00
C PRO A 616 20.41 19.46 46.22
N ASN A 617 19.10 19.43 46.45
CA ASN A 617 18.48 20.17 47.53
C ASN A 617 18.03 19.27 48.67
N HIS A 618 18.10 19.79 49.88
CA HIS A 618 17.64 19.06 51.06
C HIS A 618 16.13 18.90 51.05
N ASN A 619 15.44 19.86 50.43
CA ASN A 619 13.99 19.84 50.34
C ASN A 619 13.50 18.88 49.26
N SER A 620 14.37 18.55 48.32
CA SER A 620 14.03 17.64 47.24
C SER A 620 13.85 16.22 47.76
N PRO A 621 12.65 15.65 47.61
CA PRO A 621 12.31 14.32 48.11
C PRO A 621 12.60 13.22 47.08
N VAL A 622 13.87 12.87 46.93
CA VAL A 622 14.25 11.82 45.99
C VAL A 622 15.20 10.81 46.63
N VAL A 623 14.77 9.54 46.63
CA VAL A 623 15.58 8.46 47.20
C VAL A 623 15.78 7.35 46.16
N ILE A 624 17.04 7.12 45.78
CA ILE A 624 17.35 6.11 44.79
C ILE A 624 18.30 5.04 45.34
N ASN A 625 17.90 3.78 45.20
CA ASN A 625 18.80 2.66 45.46
C ASN A 625 18.63 1.57 44.42
N LEU A 626 19.72 1.22 43.75
CA LEU A 626 19.69 0.21 42.70
C LEU A 626 21.03 -0.49 42.55
N ASP A 627 20.99 -1.77 42.18
CA ASP A 627 22.20 -2.53 41.91
C ASP A 627 22.14 -3.13 40.51
N ALA A 628 23.05 -2.70 39.64
CA ALA A 628 23.07 -3.16 38.26
C ALA A 628 24.42 -3.73 37.86
N LYS A 629 24.38 -4.80 37.08
CA LYS A 629 25.60 -5.43 36.57
C LYS A 629 25.91 -4.90 35.18
N ASN A 630 27.00 -4.15 35.06
CA ASN A 630 27.31 -3.47 33.80
C ASN A 630 28.21 -4.28 32.88
N LYS A 631 28.65 -3.63 31.80
CA LYS A 631 29.38 -4.30 30.72
C LYS A 631 30.84 -4.61 31.04
N VAL A 632 31.37 -5.56 30.27
CA VAL A 632 32.76 -6.03 30.25
C VAL A 632 33.09 -6.91 31.46
N PHE A 633 32.32 -6.73 32.54
CA PHE A 633 32.19 -7.71 33.63
C PHE A 633 33.46 -8.48 33.99
N VAL A 634 34.47 -7.80 34.53
CA VAL A 634 35.72 -8.48 34.86
C VAL A 634 35.59 -9.20 36.20
N PRO A 635 35.63 -10.54 36.19
CA PRO A 635 35.39 -11.37 37.37
C PRO A 635 36.49 -11.27 38.42
N PRO A 636 36.08 -11.16 39.69
CA PRO A 636 36.99 -11.25 40.84
C PRO A 636 37.19 -12.71 41.26
N LYS A 637 37.84 -12.94 42.40
CA LYS A 637 38.01 -14.29 42.90
C LYS A 637 36.65 -14.97 43.09
N SER A 638 36.52 -16.16 42.53
CA SER A 638 35.25 -16.90 42.56
C SER A 638 34.84 -17.28 43.98
N LYS A 639 35.82 -17.46 44.85
CA LYS A 639 35.55 -17.80 46.24
C LYS A 639 35.02 -16.60 47.00
N SER A 640 35.51 -15.42 46.65
CA SER A 640 35.07 -14.18 47.28
C SER A 640 33.63 -13.85 46.89
N LEU A 641 32.80 -13.60 47.90
CA LEU A 641 31.38 -13.31 47.68
C LEU A 641 31.12 -11.96 46.97
N PRO A 642 31.68 -10.85 47.48
CA PRO A 642 31.32 -9.59 46.81
C PRO A 642 31.94 -9.45 45.42
N ASN A 643 31.12 -9.06 44.44
CA ASN A 643 31.59 -8.84 43.08
C ASN A 643 31.85 -7.37 42.77
N GLU A 644 31.61 -6.51 43.76
CA GLU A 644 31.70 -5.06 43.56
C GLU A 644 33.14 -4.57 43.44
N MET A 645 34.09 -5.45 43.71
CA MET A 645 35.50 -5.06 43.80
C MET A 645 36.26 -5.23 42.49
N SER A 646 35.54 -5.56 41.42
CA SER A 646 36.13 -5.73 40.10
C SER A 646 36.97 -4.51 39.69
N GLN A 647 38.11 -4.77 39.06
CA GLN A 647 39.11 -3.75 38.73
C GLN A 647 38.52 -2.54 38.02
N ASN A 648 37.76 -2.77 36.95
CA ASN A 648 37.12 -1.68 36.22
C ASN A 648 35.60 -1.77 36.28
N ASP A 649 34.95 -0.61 36.23
CA ASP A 649 33.50 -0.53 36.31
C ASP A 649 32.97 -1.23 37.56
N GLY A 650 32.18 -2.27 37.37
CA GLY A 650 31.65 -3.03 38.48
C GLY A 650 30.19 -2.71 38.76
N PHE A 651 29.66 -3.28 39.85
CA PHE A 651 28.25 -3.07 40.18
C PHE A 651 28.01 -1.65 40.62
N VAL A 652 27.09 -0.96 39.96
CA VAL A 652 26.67 0.36 40.39
C VAL A 652 25.66 0.20 41.52
N ILE A 653 26.00 0.71 42.69
CA ILE A 653 25.15 0.56 43.86
C ILE A 653 24.91 1.90 44.54
N ILE A 654 23.63 2.23 44.76
CA ILE A 654 23.26 3.52 45.32
C ILE A 654 22.57 3.34 46.67
N ARG A 655 22.99 4.14 47.65
CA ARG A 655 22.38 4.11 48.97
C ARG A 655 22.08 5.52 49.47
N GLY A 656 20.81 5.82 49.67
CA GLY A 656 20.40 7.16 50.10
C GLY A 656 20.73 8.20 49.05
N SER A 657 20.54 7.81 47.79
CA SER A 657 20.90 8.64 46.64
C SER A 657 22.35 9.13 46.71
N GLN A 658 23.28 8.18 46.71
CA GLN A 658 24.71 8.46 46.66
C GLN A 658 25.40 7.37 45.85
N ILE A 659 26.31 7.76 44.96
CA ILE A 659 27.00 6.77 44.15
C ILE A 659 28.15 6.16 44.94
N LEU A 660 28.07 4.85 45.20
CA LEU A 660 29.08 4.15 45.97
C LEU A 660 30.31 3.78 45.16
N SER A 661 30.09 3.18 43.99
CA SER A 661 31.20 2.64 43.21
C SER A 661 31.03 2.78 41.70
N GLY A 662 32.09 3.25 41.05
CA GLY A 662 32.21 3.19 39.61
C GLY A 662 31.29 4.10 38.80
N VAL A 663 31.55 4.14 37.50
CA VAL A 663 30.75 4.91 36.54
C VAL A 663 29.47 4.18 36.14
N MET A 664 28.47 4.95 35.72
CA MET A 664 27.20 4.38 35.29
C MET A 664 27.28 3.77 33.89
N ASP A 665 27.92 4.48 32.97
CA ASP A 665 28.39 3.95 31.68
C ASP A 665 27.47 2.99 30.89
N LYS A 666 26.43 3.53 30.25
CA LYS A 666 25.70 2.76 29.23
C LYS A 666 24.93 1.54 29.73
N SER A 667 23.67 1.77 30.11
CA SER A 667 22.69 0.81 30.66
C SER A 667 22.58 0.84 32.19
N VAL A 668 23.40 1.65 32.85
CA VAL A 668 22.97 2.19 34.13
C VAL A 668 22.33 3.53 33.80
N LEU A 669 23.13 4.44 33.25
CA LEU A 669 22.58 5.63 32.60
C LEU A 669 22.33 5.31 31.12
N GLY A 670 21.79 6.27 30.38
CA GLY A 670 21.53 6.08 28.97
C GLY A 670 20.51 5.00 28.69
N ASP A 671 20.41 4.60 27.42
CA ASP A 671 19.50 3.54 27.03
C ASP A 671 20.00 2.19 27.54
N GLY A 672 19.09 1.38 28.06
CA GLY A 672 19.46 0.10 28.64
C GLY A 672 18.28 -0.72 29.14
N LYS A 673 18.59 -1.67 30.02
CA LYS A 673 17.57 -2.57 30.55
C LYS A 673 16.79 -1.94 31.69
N LYS A 674 16.01 -2.76 32.39
CA LYS A 674 15.16 -2.31 33.49
C LYS A 674 15.89 -1.46 34.53
N HIS A 675 17.08 -1.91 34.93
CA HIS A 675 17.88 -1.21 35.92
C HIS A 675 18.45 0.09 35.36
N SER A 676 18.24 1.19 36.08
CA SER A 676 18.67 2.52 35.66
C SER A 676 18.38 3.57 36.72
N VAL A 677 19.02 4.73 36.60
CA VAL A 677 18.81 5.84 37.52
C VAL A 677 17.61 6.67 37.04
N PHE A 678 17.20 6.42 35.80
CA PHE A 678 16.07 7.12 35.19
C PHE A 678 14.77 6.37 35.46
N TYR A 679 14.70 5.13 34.98
CA TYR A 679 13.54 4.27 35.15
C TYR A 679 13.15 4.08 36.62
N THR A 680 14.07 4.39 37.52
CA THR A 680 13.82 4.28 38.95
C THR A 680 12.88 5.40 39.41
N ILE A 681 13.35 6.64 39.27
CA ILE A 681 12.55 7.82 39.63
C ILE A 681 11.19 7.82 38.94
N LEU A 682 11.19 7.48 37.66
CA LEU A 682 9.96 7.46 36.86
C LEU A 682 8.90 6.52 37.42
N ARG A 683 9.31 5.30 37.75
CA ARG A 683 8.39 4.30 38.28
C ARG A 683 8.01 4.62 39.72
N ASP A 684 8.80 5.46 40.37
CA ASP A 684 8.58 5.79 41.77
C ASP A 684 7.91 7.15 41.96
N TYR A 685 8.64 8.22 41.65
CA TYR A 685 8.20 9.58 41.97
C TYR A 685 7.50 10.26 40.80
N GLY A 686 7.37 9.57 39.67
CA GLY A 686 6.66 10.10 38.52
C GLY A 686 7.54 10.67 37.44
N PRO A 687 6.93 11.03 36.30
CA PRO A 687 7.62 11.55 35.11
C PRO A 687 8.23 12.94 35.32
N GLN A 688 7.58 13.77 36.14
CA GLN A 688 8.00 15.15 36.35
C GLN A 688 9.45 15.26 36.82
N GLU A 689 9.73 14.74 38.01
CA GLU A 689 11.06 14.81 38.59
C GLU A 689 12.06 14.01 37.77
N ALA A 690 11.60 12.91 37.19
CA ALA A 690 12.44 12.06 36.35
C ALA A 690 12.91 12.80 35.10
N ALA A 691 12.02 13.63 34.56
CA ALA A 691 12.34 14.43 33.38
C ALA A 691 13.28 15.57 33.74
N ASN A 692 13.14 16.08 34.96
CA ASN A 692 13.96 17.19 35.43
C ASN A 692 15.42 16.80 35.58
N ALA A 693 15.66 15.56 35.97
CA ALA A 693 17.02 15.06 36.18
C ALA A 693 17.78 14.94 34.85
N MET A 694 17.08 14.52 33.80
CA MET A 694 17.70 14.34 32.50
C MET A 694 18.00 15.68 31.84
N ASN A 695 17.25 16.71 32.22
CA ASN A 695 17.46 18.05 31.67
C ASN A 695 18.76 18.67 32.19
N ARG A 696 19.10 18.35 33.44
CA ARG A 696 20.33 18.84 34.03
C ARG A 696 21.54 18.13 33.43
N MET A 697 21.33 16.88 33.03
CA MET A 697 22.37 16.07 32.39
C MET A 697 22.91 16.71 31.13
N ALA A 698 22.05 16.88 30.13
CA ALA A 698 22.44 17.40 28.83
C ALA A 698 23.13 18.76 28.90
N LYS A 699 22.67 19.60 29.83
CA LYS A 699 23.24 20.93 30.00
C LYS A 699 24.63 20.87 30.62
N LEU A 700 24.83 19.93 31.54
CA LEU A 700 26.11 19.78 32.24
C LEU A 700 27.20 19.22 31.34
N CYS A 701 26.88 18.13 30.64
CA CYS A 701 27.85 17.43 29.81
C CYS A 701 28.28 18.24 28.59
N ALA A 702 27.37 19.06 28.07
CA ALA A 702 27.64 19.85 26.88
C ALA A 702 28.74 20.88 27.11
N ARG A 703 28.67 21.58 28.24
CA ARG A 703 29.63 22.62 28.56
C ARG A 703 30.95 22.02 29.07
N PHE A 704 30.84 21.00 29.91
CA PHE A 704 32.00 20.34 30.49
C PHE A 704 32.94 19.77 29.44
N LEU A 705 32.46 18.79 28.69
CA LEU A 705 33.26 18.08 27.70
C LEU A 705 33.86 19.04 26.67
N GLY A 706 33.18 20.16 26.44
CA GLY A 706 33.69 21.21 25.57
C GLY A 706 34.88 21.90 26.18
N ASN A 707 34.86 22.06 27.50
CA ASN A 707 35.94 22.73 28.21
C ASN A 707 37.14 21.80 28.41
N ARG A 708 36.87 20.56 28.76
CA ARG A 708 37.95 19.59 29.03
C ARG A 708 38.68 19.20 27.75
N GLY A 709 37.93 18.76 26.75
CA GLY A 709 38.51 18.36 25.47
C GLY A 709 38.73 16.87 25.34
N PHE A 710 38.85 16.42 24.10
CA PHE A 710 39.02 15.00 23.77
C PHE A 710 39.18 14.88 22.26
N SER A 711 39.75 13.76 21.80
CA SER A 711 40.04 13.57 20.38
C SER A 711 40.64 12.20 20.06
N ILE A 712 40.72 11.91 18.77
CA ILE A 712 41.41 10.72 18.26
C ILE A 712 42.63 11.18 17.48
N GLY A 713 43.35 10.25 16.88
CA GLY A 713 44.51 10.61 16.07
C GLY A 713 45.15 9.44 15.37
N ILE A 714 46.06 9.74 14.44
CA ILE A 714 46.83 8.71 13.74
C ILE A 714 47.70 7.95 14.74
N ASN A 715 48.28 8.69 15.68
CA ASN A 715 49.08 8.11 16.76
C ASN A 715 48.34 6.99 17.47
N ASP A 716 47.08 7.24 17.78
CA ASP A 716 46.22 6.27 18.46
C ASP A 716 46.11 4.95 17.70
N VAL A 717 45.52 4.99 16.51
CA VAL A 717 45.24 3.80 15.73
C VAL A 717 46.52 3.07 15.31
N THR A 718 47.57 3.82 15.03
CA THR A 718 48.83 3.25 14.54
C THR A 718 49.46 2.29 15.53
N PRO A 719 49.66 1.03 15.12
CA PRO A 719 50.34 0.02 15.95
C PRO A 719 51.84 0.26 16.03
N ALA A 720 52.44 -0.04 17.17
CA ALA A 720 53.87 0.16 17.37
C ALA A 720 54.57 -1.16 17.67
N ASP A 721 55.42 -1.60 16.75
CA ASP A 721 56.11 -2.89 16.85
C ASP A 721 55.09 -3.99 17.07
N ASP A 722 55.39 -4.91 17.99
CA ASP A 722 54.41 -5.87 18.48
C ASP A 722 53.76 -6.69 17.35
N LEU A 723 52.47 -6.45 17.15
CA LEU A 723 51.59 -7.24 16.28
C LEU A 723 52.17 -7.59 14.91
N LYS A 724 52.89 -6.66 14.30
CA LYS A 724 53.48 -6.88 12.96
C LYS A 724 54.22 -8.21 12.89
N GLN A 725 55.01 -8.50 13.92
CA GLN A 725 55.59 -9.82 14.09
C GLN A 725 54.50 -10.89 14.20
N LYS A 726 53.68 -10.77 15.24
CA LYS A 726 52.63 -11.75 15.54
C LYS A 726 51.66 -11.98 14.38
N LYS A 727 51.19 -10.90 13.77
CA LYS A 727 50.21 -10.99 12.69
C LYS A 727 50.76 -11.75 11.50
N GLU A 728 51.98 -11.41 11.09
CA GLU A 728 52.61 -12.04 9.94
C GLU A 728 52.81 -13.54 10.16
N GLU A 729 53.17 -13.92 11.38
CA GLU A 729 53.44 -15.31 11.70
C GLU A 729 52.15 -16.13 11.76
N LEU A 730 51.11 -15.57 12.37
CA LEU A 730 49.85 -16.28 12.54
C LEU A 730 49.07 -16.41 11.23
N VAL A 731 49.29 -15.48 10.31
CA VAL A 731 48.63 -15.53 9.01
C VAL A 731 49.29 -16.54 8.09
N GLU A 732 50.61 -16.55 8.07
CA GLU A 732 51.37 -17.45 7.21
C GLU A 732 51.27 -18.90 7.69
N ILE A 733 51.11 -19.10 8.99
CA ILE A 733 51.00 -20.43 9.56
C ILE A 733 49.61 -21.01 9.29
N ALA A 734 48.67 -20.13 8.93
CA ALA A 734 47.31 -20.55 8.64
C ALA A 734 47.10 -20.75 7.14
N TYR A 735 48.16 -20.48 6.37
CA TYR A 735 48.09 -20.61 4.91
C TYR A 735 48.48 -22.00 4.43
N HIS A 736 49.73 -22.38 4.68
CA HIS A 736 50.25 -23.66 4.20
C HIS A 736 49.52 -24.85 4.80
N LYS A 737 48.91 -24.65 5.96
CA LYS A 737 48.10 -25.69 6.58
C LYS A 737 46.88 -26.00 5.73
N CYS A 738 46.23 -24.96 5.22
CA CYS A 738 45.11 -25.12 4.31
C CYS A 738 45.59 -25.60 2.96
N ASP A 739 46.80 -25.19 2.58
CA ASP A 739 47.42 -25.63 1.35
C ASP A 739 47.73 -27.12 1.42
N GLU A 740 47.99 -27.61 2.62
CA GLU A 740 48.24 -29.02 2.85
C GLU A 740 46.92 -29.79 2.80
N LEU A 741 45.84 -29.12 3.17
CA LEU A 741 44.51 -29.72 3.13
C LEU A 741 43.95 -29.72 1.71
N ILE A 742 44.29 -28.68 0.94
CA ILE A 742 43.73 -28.50 -0.38
C ILE A 742 44.44 -29.36 -1.43
N THR A 743 45.65 -29.82 -1.11
CA THR A 743 46.38 -30.70 -2.01
C THR A 743 45.89 -32.14 -1.83
N LEU A 744 45.19 -32.39 -0.73
CA LEU A 744 44.61 -33.69 -0.47
C LEU A 744 43.16 -33.75 -0.97
N PHE A 745 42.66 -32.62 -1.46
CA PHE A 745 41.31 -32.53 -1.98
C PHE A 745 41.07 -33.51 -3.14
N ASN A 746 41.71 -33.24 -4.27
CA ASN A 746 41.53 -34.06 -5.46
C ASN A 746 42.35 -35.35 -5.46
N LYS A 747 43.59 -35.25 -5.00
CA LYS A 747 44.54 -36.36 -5.10
C LYS A 747 44.57 -37.24 -3.85
N GLY A 748 43.69 -36.95 -2.89
CA GLY A 748 43.70 -37.69 -1.63
C GLY A 748 42.33 -37.87 -1.00
N GLU A 749 42.29 -38.66 0.06
CA GLU A 749 41.04 -38.97 0.76
C GLU A 749 41.10 -38.50 2.21
N LEU A 750 39.98 -37.97 2.71
CA LEU A 750 39.89 -37.52 4.09
C LEU A 750 38.50 -37.79 4.66
N GLU A 751 38.39 -37.78 5.99
CA GLU A 751 37.11 -37.97 6.66
C GLU A 751 36.20 -36.77 6.42
N THR A 752 34.99 -37.03 5.97
CA THR A 752 34.04 -35.97 5.68
C THR A 752 32.88 -35.96 6.67
N GLN A 753 32.54 -34.77 7.15
CA GLN A 753 31.40 -34.59 8.05
C GLN A 753 30.10 -34.89 7.30
N PRO A 754 29.00 -35.12 8.03
CA PRO A 754 27.72 -35.31 7.34
C PRO A 754 27.20 -34.00 6.73
N GLY A 755 28.04 -33.38 5.90
CA GLY A 755 27.70 -32.15 5.20
C GLY A 755 27.39 -32.44 3.74
N CYS A 756 26.98 -33.68 3.48
CA CYS A 756 26.69 -34.20 2.14
C CYS A 756 27.91 -34.17 1.22
N ASN A 757 27.76 -33.61 0.03
CA ASN A 757 28.74 -33.80 -1.04
C ASN A 757 30.12 -33.18 -0.77
N GLU A 758 31.12 -33.69 -1.50
CA GLU A 758 32.51 -33.28 -1.34
C GLU A 758 32.76 -31.84 -1.77
N GLU A 759 33.89 -31.30 -1.32
CA GLU A 759 34.35 -29.93 -1.57
C GLU A 759 33.61 -28.92 -0.70
N GLN A 760 32.49 -29.36 -0.13
CA GLN A 760 31.82 -28.60 0.93
C GLN A 760 32.48 -28.86 2.27
N THR A 761 33.13 -30.02 2.37
CA THR A 761 33.79 -30.46 3.60
C THR A 761 34.90 -29.51 4.03
N LEU A 762 35.87 -29.30 3.14
CA LEU A 762 36.99 -28.42 3.44
C LEU A 762 36.55 -26.95 3.38
N GLU A 763 35.45 -26.69 2.69
CA GLU A 763 34.90 -25.34 2.60
C GLU A 763 34.45 -24.88 3.97
N ALA A 764 33.94 -25.82 4.77
CA ALA A 764 33.55 -25.53 6.14
C ALA A 764 34.78 -25.48 7.04
N LYS A 765 35.83 -26.19 6.65
CA LYS A 765 37.06 -26.21 7.42
C LYS A 765 37.90 -24.97 7.19
N ILE A 766 37.98 -24.53 5.93
CA ILE A 766 38.72 -23.32 5.59
C ILE A 766 38.00 -22.09 6.15
N GLY A 767 36.68 -22.21 6.31
CA GLY A 767 35.89 -21.14 6.88
C GLY A 767 36.05 -21.07 8.39
N GLY A 768 36.20 -22.24 9.02
CA GLY A 768 36.37 -22.33 10.45
C GLY A 768 37.77 -21.97 10.90
N LEU A 769 38.77 -22.43 10.16
CA LEU A 769 40.17 -22.19 10.51
C LEU A 769 40.53 -20.71 10.41
N LEU A 770 40.28 -20.11 9.25
CA LEU A 770 40.61 -18.71 9.02
C LEU A 770 39.81 -17.78 9.92
N SER A 771 38.62 -18.22 10.32
CA SER A 771 37.80 -17.48 11.28
C SER A 771 38.55 -17.27 12.59
N LYS A 772 38.88 -18.36 13.26
CA LYS A 772 39.59 -18.34 14.53
C LYS A 772 40.90 -17.55 14.46
N VAL A 773 41.66 -17.79 13.40
CA VAL A 773 42.94 -17.11 13.20
C VAL A 773 42.75 -15.60 13.14
N ARG A 774 41.74 -15.16 12.40
CA ARG A 774 41.38 -13.75 12.31
C ARG A 774 41.16 -13.15 13.70
N GLU A 775 40.17 -13.68 14.41
CA GLU A 775 39.83 -13.22 15.75
C GLU A 775 41.03 -13.29 16.70
N GLU A 776 41.85 -14.32 16.55
CA GLU A 776 43.02 -14.51 17.41
C GLU A 776 44.04 -13.40 17.24
N VAL A 777 44.26 -12.99 15.99
CA VAL A 777 45.19 -11.90 15.69
C VAL A 777 44.70 -10.59 16.29
N GLY A 778 43.41 -10.33 16.15
CA GLY A 778 42.82 -9.11 16.68
C GLY A 778 42.60 -9.16 18.18
N ASP A 779 42.73 -10.35 18.76
CA ASP A 779 42.53 -10.53 20.19
C ASP A 779 43.68 -9.91 21.00
N VAL A 780 44.90 -10.26 20.61
CA VAL A 780 46.08 -9.75 21.30
C VAL A 780 46.33 -8.29 20.98
N CYS A 781 45.76 -7.82 19.88
CA CYS A 781 45.88 -6.43 19.46
C CYS A 781 45.34 -5.46 20.51
N ILE A 782 44.03 -5.51 20.74
CA ILE A 782 43.37 -4.60 21.66
C ILE A 782 43.82 -4.83 23.11
N ASN A 783 44.25 -6.05 23.41
CA ASN A 783 44.70 -6.40 24.75
C ASN A 783 45.94 -5.63 25.16
N GLU A 784 46.87 -5.49 24.22
CA GLU A 784 48.14 -4.82 24.49
C GLU A 784 48.10 -3.34 24.13
N LEU A 785 46.94 -2.86 23.69
CA LEU A 785 46.80 -1.47 23.27
C LEU A 785 46.88 -0.53 24.47
N ASP A 786 47.41 0.67 24.23
CA ASP A 786 47.67 1.63 25.31
C ASP A 786 46.38 2.23 25.89
N ASN A 787 46.47 2.68 27.13
CA ASN A 787 45.36 3.33 27.82
C ASN A 787 45.11 4.75 27.31
N TRP A 788 43.93 5.28 27.60
CA TRP A 788 43.54 6.67 27.29
C TRP A 788 43.27 6.91 25.82
N ASN A 789 43.48 5.89 24.99
CA ASN A 789 43.16 5.97 23.57
C ASN A 789 41.67 6.20 23.33
N ALA A 790 41.36 6.97 22.29
CA ALA A 790 39.98 7.33 22.00
C ALA A 790 39.09 6.16 21.55
N PRO A 791 39.51 5.37 20.53
CA PRO A 791 38.60 4.33 20.05
C PRO A 791 38.25 3.28 21.10
N LEU A 792 39.19 2.96 21.97
CA LEU A 792 38.94 1.98 23.02
C LEU A 792 37.92 2.51 24.02
N ILE A 793 38.17 3.70 24.56
CA ILE A 793 37.28 4.32 25.54
C ILE A 793 35.90 4.60 24.96
N MET A 794 35.88 5.05 23.70
CA MET A 794 34.61 5.34 23.04
C MET A 794 33.81 4.07 22.81
N ALA A 795 34.48 3.00 22.37
CA ALA A 795 33.80 1.74 22.13
C ALA A 795 33.65 0.95 23.43
N THR A 796 34.17 1.50 24.51
CA THR A 796 34.11 0.82 25.80
C THR A 796 32.69 0.78 26.36
N CYS A 797 32.02 1.93 26.44
CA CYS A 797 30.68 1.91 27.03
C CYS A 797 29.53 2.27 26.09
N GLY A 798 29.28 3.57 25.90
CA GLY A 798 28.13 3.98 25.12
C GLY A 798 28.24 4.67 23.78
N SER A 799 29.43 5.17 23.44
CA SER A 799 29.55 6.09 22.31
C SER A 799 29.14 5.51 20.96
N LYS A 800 30.00 4.66 20.40
CA LYS A 800 29.82 4.13 19.05
C LYS A 800 30.49 2.77 18.89
N GLY A 801 29.92 1.93 18.03
CA GLY A 801 30.57 0.70 17.60
C GLY A 801 30.89 -0.31 18.68
N SER A 802 31.73 -1.28 18.32
CA SER A 802 32.14 -2.35 19.21
C SER A 802 33.61 -2.69 19.04
N THR A 803 34.15 -3.50 19.94
CA THR A 803 35.55 -3.92 19.90
C THR A 803 35.90 -4.63 18.60
N LEU A 804 34.90 -5.20 17.93
CA LEU A 804 35.11 -5.87 16.65
C LEU A 804 35.46 -4.86 15.56
N ASN A 805 34.89 -3.66 15.67
CA ASN A 805 35.11 -2.61 14.66
C ASN A 805 36.53 -2.07 14.71
N VAL A 806 37.02 -1.76 15.91
CA VAL A 806 38.35 -1.19 16.07
C VAL A 806 39.43 -2.24 15.75
N SER A 807 39.07 -3.51 15.87
CA SER A 807 39.99 -4.59 15.57
C SER A 807 40.28 -4.68 14.08
N GLN A 808 39.29 -4.33 13.26
CA GLN A 808 39.44 -4.35 11.82
C GLN A 808 40.29 -3.18 11.33
N MET A 809 40.23 -2.07 12.07
CA MET A 809 41.00 -0.89 11.73
C MET A 809 42.49 -1.11 11.92
N VAL A 810 42.85 -1.79 13.02
CA VAL A 810 44.23 -1.91 13.42
C VAL A 810 44.87 -3.23 13.01
N ALA A 811 44.35 -4.34 13.52
CA ALA A 811 45.05 -5.62 13.40
C ALA A 811 44.82 -6.30 12.05
N VAL A 812 43.65 -6.91 11.88
CA VAL A 812 43.37 -7.62 10.64
C VAL A 812 41.87 -7.72 10.34
N VAL A 813 41.53 -7.75 9.06
CA VAL A 813 40.19 -8.09 8.62
C VAL A 813 40.23 -9.50 8.03
N GLY A 814 39.09 -10.02 7.59
CA GLY A 814 39.09 -11.31 6.93
C GLY A 814 37.73 -11.87 6.57
N GLN A 815 37.75 -12.82 5.63
CA GLN A 815 36.56 -13.57 5.22
C GLN A 815 35.34 -12.70 4.90
N GLN A 816 35.43 -11.92 3.84
CA GLN A 816 34.26 -11.19 3.35
C GLN A 816 33.32 -12.21 2.70
N ILE A 817 32.09 -12.28 3.20
CA ILE A 817 31.16 -13.30 2.75
C ILE A 817 29.75 -12.78 2.51
N ILE A 818 29.28 -12.89 1.27
CA ILE A 818 27.87 -12.65 0.97
C ILE A 818 27.17 -13.97 0.70
N SER A 819 25.84 -13.91 0.52
CA SER A 819 25.06 -15.04 0.00
C SER A 819 25.07 -16.28 0.89
N GLY A 820 25.91 -16.28 1.93
CA GLY A 820 26.07 -17.44 2.78
C GLY A 820 27.26 -18.30 2.39
N ASN A 821 27.97 -17.89 1.35
CA ASN A 821 29.15 -18.62 0.88
C ASN A 821 30.28 -17.69 0.45
N ARG A 822 31.34 -18.26 -0.11
CA ARG A 822 32.53 -17.48 -0.43
C ARG A 822 32.64 -17.12 -1.90
N VAL A 823 32.44 -15.83 -2.20
CA VAL A 823 32.78 -15.19 -3.48
C VAL A 823 32.64 -16.08 -4.73
N PRO A 824 31.40 -16.42 -5.11
CA PRO A 824 31.13 -17.28 -6.27
C PRO A 824 31.83 -16.79 -7.53
N ASP A 825 32.40 -17.72 -8.29
CA ASP A 825 33.24 -17.39 -9.45
C ASP A 825 32.48 -16.64 -10.54
N GLY A 826 33.01 -15.49 -10.93
CA GLY A 826 32.46 -14.74 -12.05
C GLY A 826 32.87 -15.38 -13.36
N PHE A 827 34.14 -15.73 -13.47
CA PHE A 827 34.67 -16.41 -14.64
C PHE A 827 34.58 -17.93 -14.43
N GLN A 828 35.17 -18.69 -15.34
CA GLN A 828 35.13 -20.14 -15.22
C GLN A 828 36.16 -20.66 -14.22
N ASP A 829 35.67 -21.25 -13.14
CA ASP A 829 36.49 -21.90 -12.13
C ASP A 829 37.58 -20.99 -11.55
N ARG A 830 37.36 -19.68 -11.62
CA ARG A 830 38.32 -18.73 -11.04
C ARG A 830 37.64 -17.44 -10.60
N SER A 831 38.10 -16.89 -9.48
CA SER A 831 37.65 -15.58 -9.02
C SER A 831 37.99 -14.49 -10.03
N LEU A 832 39.28 -14.23 -10.19
CA LEU A 832 39.77 -13.20 -11.09
C LEU A 832 40.83 -13.77 -12.03
N PRO A 833 41.00 -13.14 -13.21
CA PRO A 833 42.04 -13.56 -14.16
C PRO A 833 43.45 -13.43 -13.60
N HIS A 834 43.60 -12.66 -12.52
CA HIS A 834 44.90 -12.46 -11.89
C HIS A 834 45.36 -13.70 -11.12
N PHE A 835 44.47 -14.67 -11.00
CA PHE A 835 44.78 -15.90 -10.26
C PHE A 835 44.74 -17.12 -11.18
N PRO A 836 45.57 -18.13 -10.88
CA PRO A 836 45.64 -19.36 -11.66
C PRO A 836 44.30 -20.10 -11.71
N LYS A 837 44.15 -20.99 -12.69
CA LYS A 837 42.90 -21.74 -12.87
C LYS A 837 42.66 -22.64 -11.67
N ASN A 838 41.39 -23.00 -11.46
CA ASN A 838 40.97 -23.78 -10.30
C ASN A 838 41.36 -23.10 -8.99
N SER A 839 40.78 -21.93 -8.74
CA SER A 839 41.13 -21.16 -7.54
C SER A 839 40.59 -21.84 -6.29
N LYS A 840 41.51 -22.18 -5.38
CA LYS A 840 41.16 -22.88 -4.15
C LYS A 840 41.79 -22.22 -2.93
N THR A 841 43.12 -22.19 -2.92
CA THR A 841 43.91 -21.72 -1.79
C THR A 841 43.50 -20.31 -1.30
N PRO A 842 43.65 -20.06 0.01
CA PRO A 842 43.32 -18.76 0.60
C PRO A 842 44.05 -17.59 -0.05
N GLN A 843 43.51 -16.39 0.14
CA GLN A 843 43.99 -15.14 -0.45
C GLN A 843 43.59 -15.04 -1.91
N SER A 844 43.22 -16.16 -2.52
CA SER A 844 42.71 -16.16 -3.88
C SER A 844 41.19 -15.97 -3.91
N LYS A 845 40.55 -16.20 -2.77
CA LYS A 845 39.10 -16.01 -2.67
C LYS A 845 38.68 -15.32 -1.37
N GLY A 846 38.07 -14.15 -1.51
CA GLY A 846 37.41 -13.46 -0.42
C GLY A 846 38.16 -13.35 0.90
N PHE A 847 39.47 -13.15 0.84
CA PHE A 847 40.28 -13.06 2.06
C PHE A 847 41.31 -11.93 1.96
N VAL A 848 41.45 -11.18 3.04
CA VAL A 848 42.39 -10.07 3.10
C VAL A 848 43.15 -10.06 4.42
N ARG A 849 44.48 -10.07 4.34
CA ARG A 849 45.32 -10.07 5.53
C ARG A 849 45.75 -8.66 5.92
N ASN A 850 45.33 -7.68 5.14
CA ASN A 850 45.70 -6.30 5.37
C ASN A 850 44.60 -5.50 6.05
N SER A 851 45.00 -4.59 6.93
CA SER A 851 44.04 -3.73 7.63
C SER A 851 43.68 -2.52 6.76
N PHE A 852 42.82 -1.65 7.30
CA PHE A 852 42.47 -0.42 6.61
C PHE A 852 43.60 0.59 6.69
N PHE A 853 44.43 0.45 7.72
CA PHE A 853 45.55 1.36 7.95
C PHE A 853 46.71 1.08 7.01
N SER A 854 47.06 -0.18 6.86
CA SER A 854 48.21 -0.58 6.05
C SER A 854 47.95 -0.45 4.55
N GLY A 855 46.68 -0.38 4.17
CA GLY A 855 46.31 -0.31 2.78
C GLY A 855 45.78 -1.62 2.26
N LEU A 856 45.32 -1.63 1.01
CA LEU A 856 44.74 -2.83 0.43
C LEU A 856 45.44 -3.25 -0.86
N SER A 857 45.81 -4.53 -0.94
CA SER A 857 46.35 -5.11 -2.17
C SER A 857 45.29 -5.00 -3.27
N PRO A 858 45.72 -4.89 -4.54
CA PRO A 858 44.75 -4.64 -5.61
C PRO A 858 43.60 -5.66 -5.68
N PRO A 859 43.87 -6.98 -5.66
CA PRO A 859 42.64 -7.75 -5.55
C PRO A 859 42.26 -8.08 -4.11
N GLU A 860 42.41 -7.13 -3.20
CA GLU A 860 41.77 -7.19 -1.89
C GLU A 860 40.58 -6.24 -1.85
N PHE A 861 40.40 -5.51 -2.95
CA PHE A 861 39.46 -4.41 -3.01
C PHE A 861 38.09 -4.86 -3.51
N LEU A 862 38.08 -5.37 -4.74
CA LEU A 862 36.85 -5.85 -5.39
C LEU A 862 36.03 -6.77 -4.49
N PHE A 863 36.72 -7.62 -3.74
CA PHE A 863 36.07 -8.51 -2.78
C PHE A 863 35.30 -7.72 -1.72
N HIS A 864 35.92 -6.65 -1.24
CA HIS A 864 35.29 -5.79 -0.24
C HIS A 864 34.17 -4.97 -0.87
N ALA A 865 34.32 -4.65 -2.14
CA ALA A 865 33.30 -3.90 -2.88
C ALA A 865 32.03 -4.72 -3.03
N ILE A 866 32.19 -6.02 -3.20
CA ILE A 866 31.08 -6.96 -3.27
C ILE A 866 30.19 -6.87 -2.03
N SER A 867 30.77 -7.19 -0.88
CA SER A 867 30.06 -7.16 0.40
C SER A 867 29.46 -5.79 0.69
N GLY A 868 30.16 -4.75 0.26
CA GLY A 868 29.68 -3.39 0.40
C GLY A 868 28.46 -3.14 -0.46
N ARG A 869 28.50 -3.65 -1.68
CA ARG A 869 27.38 -3.52 -2.61
C ARG A 869 26.18 -4.35 -2.16
N GLU A 870 26.47 -5.56 -1.67
CA GLU A 870 25.42 -6.49 -1.24
C GLU A 870 24.66 -5.97 -0.03
N GLY A 871 25.38 -5.48 0.96
CA GLY A 871 24.77 -4.96 2.17
C GLY A 871 24.04 -3.66 1.95
N LEU A 872 24.46 -2.91 0.95
CA LEU A 872 23.87 -1.61 0.64
C LEU A 872 22.52 -1.77 -0.07
N VAL A 873 22.47 -2.66 -1.06
CA VAL A 873 21.26 -2.90 -1.81
C VAL A 873 20.24 -3.67 -0.98
N ASP A 874 20.74 -4.40 0.01
CA ASP A 874 19.89 -5.15 0.94
C ASP A 874 18.88 -4.26 1.65
N THR A 875 19.39 -3.35 2.46
CA THR A 875 18.56 -2.44 3.25
C THR A 875 17.67 -1.57 2.36
N ALA A 876 18.19 -1.18 1.20
CA ALA A 876 17.47 -0.30 0.28
C ALA A 876 16.14 -0.90 -0.17
N VAL A 877 16.15 -2.20 -0.46
CA VAL A 877 14.95 -2.89 -0.90
C VAL A 877 14.02 -3.17 0.29
N LYS A 878 14.62 -3.42 1.45
CA LYS A 878 13.88 -3.76 2.65
C LYS A 878 12.99 -2.61 3.14
N THR A 879 13.37 -1.38 2.77
CA THR A 879 12.62 -0.19 3.19
C THR A 879 11.20 -0.17 2.65
N ALA A 880 11.02 -0.63 1.41
CA ALA A 880 9.71 -0.62 0.77
C ALA A 880 8.83 -1.76 1.27
N GLU A 881 9.46 -2.84 1.72
CA GLU A 881 8.73 -4.02 2.19
C GLU A 881 8.20 -3.82 3.61
N THR A 882 8.83 -2.90 4.34
CA THR A 882 8.49 -2.64 5.74
C THR A 882 7.03 -2.23 5.93
N GLY A 883 6.51 -1.46 4.99
CA GLY A 883 5.17 -0.90 5.12
C GLY A 883 4.04 -1.88 4.90
N TYR A 884 4.30 -2.92 4.11
CA TYR A 884 3.24 -3.88 3.74
C TYR A 884 2.83 -4.77 4.90
N MET A 885 3.80 -5.36 5.56
CA MET A 885 3.55 -6.32 6.65
C MET A 885 2.71 -5.75 7.78
N SER A 886 3.25 -4.75 8.47
CA SER A 886 2.59 -4.16 9.63
C SER A 886 1.20 -3.63 9.32
N ARG A 887 1.05 -2.99 8.17
CA ARG A 887 -0.25 -2.43 7.74
C ARG A 887 -1.33 -3.50 7.67
N ARG A 888 -1.14 -4.48 6.80
CA ARG A 888 -2.14 -5.53 6.59
C ARG A 888 -2.43 -6.31 7.87
N LEU A 889 -1.46 -6.32 8.79
CA LEU A 889 -1.64 -6.96 10.09
C LEU A 889 -2.55 -6.09 10.97
N MET A 890 -2.47 -4.78 10.76
CA MET A 890 -3.28 -3.83 11.53
C MET A 890 -4.76 -3.95 11.19
N LYS A 891 -5.10 -3.87 9.90
CA LYS A 891 -6.49 -3.80 9.44
C LYS A 891 -7.37 -4.93 9.97
N SER A 892 -6.75 -6.05 10.34
CA SER A 892 -7.46 -7.13 10.99
C SER A 892 -7.73 -6.79 12.44
N LEU A 893 -6.66 -6.57 13.20
CA LEU A 893 -6.73 -6.31 14.62
C LEU A 893 -7.01 -4.85 14.95
N GLU A 894 -7.24 -4.04 13.91
CA GLU A 894 -7.44 -2.60 14.05
C GLU A 894 -8.45 -2.20 15.12
N ASP A 895 -9.62 -2.82 15.12
CA ASP A 895 -10.64 -2.49 16.10
C ASP A 895 -10.70 -3.54 17.20
N LEU A 896 -10.21 -3.17 18.38
CA LEU A 896 -10.30 -4.00 19.56
C LEU A 896 -10.21 -3.12 20.81
N SER A 897 -10.78 -3.57 21.92
CA SER A 897 -10.76 -2.79 23.14
C SER A 897 -10.98 -3.64 24.38
N CYS A 898 -10.95 -3.01 25.55
CA CYS A 898 -11.18 -3.68 26.82
C CYS A 898 -12.29 -2.97 27.59
N GLN A 899 -13.39 -3.69 27.82
CA GLN A 899 -14.54 -3.12 28.50
C GLN A 899 -14.35 -3.13 30.02
N TYR A 900 -15.36 -2.66 30.74
CA TYR A 900 -15.31 -2.62 32.20
C TYR A 900 -15.60 -3.99 32.80
N ASP A 901 -15.97 -4.93 31.95
CA ASP A 901 -16.20 -6.32 32.36
C ASP A 901 -14.89 -7.10 32.36
N ASN A 902 -13.80 -6.40 32.06
CA ASN A 902 -12.44 -6.94 32.01
C ASN A 902 -12.23 -7.89 30.84
N THR A 903 -13.29 -8.15 30.08
CA THR A 903 -13.21 -9.00 28.90
C THR A 903 -12.91 -8.17 27.66
N VAL A 904 -11.91 -8.59 26.91
CA VAL A 904 -11.56 -7.91 25.65
C VAL A 904 -12.52 -8.34 24.54
N ARG A 905 -13.21 -7.36 23.96
CA ARG A 905 -14.23 -7.65 22.96
C ARG A 905 -14.03 -6.84 21.68
N THR A 906 -14.71 -7.27 20.62
CA THR A 906 -14.58 -6.66 19.31
C THR A 906 -15.67 -5.62 19.05
N SER A 907 -15.72 -5.12 17.82
CA SER A 907 -16.69 -4.12 17.41
C SER A 907 -18.09 -4.69 17.32
N ALA A 908 -18.18 -6.00 17.09
CA ALA A 908 -19.46 -6.69 17.02
C ALA A 908 -19.94 -7.10 18.41
N ASN A 909 -19.16 -6.71 19.42
CA ASN A 909 -19.43 -7.02 20.81
C ASN A 909 -19.35 -8.53 21.08
N GLY A 910 -18.62 -9.23 20.22
CA GLY A 910 -18.29 -10.63 20.46
C GLY A 910 -17.07 -10.71 21.35
N ILE A 911 -17.03 -11.71 22.21
CA ILE A 911 -15.90 -11.87 23.12
C ILE A 911 -14.88 -12.86 22.56
N VAL A 912 -13.71 -12.34 22.21
CA VAL A 912 -12.62 -13.17 21.71
C VAL A 912 -11.88 -13.86 22.86
N GLN A 913 -11.76 -13.16 23.99
CA GLN A 913 -11.05 -13.67 25.15
C GLN A 913 -11.66 -13.13 26.43
N PHE A 914 -11.70 -13.96 27.48
CA PHE A 914 -12.29 -13.57 28.75
C PHE A 914 -11.35 -12.67 29.56
N THR A 915 -10.06 -13.02 29.57
CA THR A 915 -9.06 -12.22 30.26
C THR A 915 -7.80 -12.09 29.43
N TYR A 916 -7.23 -10.89 29.39
CA TYR A 916 -6.07 -10.62 28.54
C TYR A 916 -4.83 -11.30 29.08
N GLY A 917 -4.21 -12.14 28.23
CA GLY A 917 -3.00 -12.86 28.59
C GLY A 917 -3.15 -13.82 29.76
N GLY A 918 -4.40 -14.10 30.13
CA GLY A 918 -4.68 -14.95 31.27
C GLY A 918 -4.34 -14.27 32.60
N ASP A 919 -4.00 -12.99 32.52
CA ASP A 919 -3.60 -12.22 33.68
C ASP A 919 -4.41 -10.93 33.78
N GLY A 920 -4.26 -10.07 32.78
CA GLY A 920 -4.93 -8.78 32.78
C GLY A 920 -3.98 -7.64 33.08
N LEU A 921 -2.69 -7.95 33.12
CA LEU A 921 -1.66 -6.94 33.37
C LEU A 921 -1.07 -6.43 32.06
N ASP A 922 -0.89 -5.11 31.99
CA ASP A 922 -0.38 -4.47 30.77
C ASP A 922 1.15 -4.45 30.77
N PRO A 923 1.76 -4.93 29.68
CA PRO A 923 3.21 -4.95 29.53
C PRO A 923 3.84 -3.55 29.45
N LEU A 924 3.02 -2.54 29.15
CA LEU A 924 3.51 -1.16 29.10
C LEU A 924 4.00 -0.73 30.47
N GLU A 925 3.13 -0.85 31.47
CA GLU A 925 3.52 -0.55 32.84
C GLU A 925 3.75 -1.85 33.62
N MET A 926 5.02 -2.12 33.90
CA MET A 926 5.42 -3.37 34.53
C MET A 926 6.87 -3.28 34.99
N GLU A 927 7.40 -4.37 35.53
CA GLU A 927 8.78 -4.40 36.00
C GLU A 927 9.52 -5.62 35.45
N GLY A 928 10.75 -5.82 35.92
CA GLY A 928 11.62 -6.87 35.42
C GLY A 928 11.07 -8.28 35.57
N ASN A 929 11.64 -9.20 34.79
CA ASN A 929 11.24 -10.61 34.79
C ASN A 929 9.77 -10.82 34.45
N ALA A 930 9.24 -9.92 33.61
CA ALA A 930 7.86 -10.01 33.14
C ALA A 930 6.83 -9.98 34.27
N GLN A 931 7.22 -9.42 35.41
CA GLN A 931 6.29 -9.22 36.52
C GLN A 931 6.54 -7.87 37.19
N PRO A 932 5.48 -7.19 37.63
CA PRO A 932 5.59 -5.89 38.28
C PRO A 932 5.89 -6.01 39.77
N VAL A 933 6.95 -6.74 40.11
CA VAL A 933 7.31 -6.96 41.52
C VAL A 933 8.72 -6.47 41.84
N ASN A 934 9.71 -7.20 41.35
CA ASN A 934 11.12 -6.92 41.63
C ASN A 934 11.39 -6.88 43.13
N PHE A 935 11.32 -8.05 43.77
CA PHE A 935 11.49 -8.19 45.21
C PHE A 935 12.73 -7.48 45.76
N ASN A 936 13.91 -7.92 45.31
CA ASN A 936 15.19 -7.39 45.81
C ASN A 936 15.26 -5.87 45.78
N ARG A 937 14.74 -5.26 44.72
CA ARG A 937 14.71 -3.81 44.62
C ARG A 937 13.81 -3.19 45.67
N SER A 938 12.58 -3.68 45.74
CA SER A 938 11.57 -3.14 46.66
C SER A 938 11.94 -3.37 48.12
N TRP A 939 12.64 -4.46 48.40
CA TRP A 939 13.06 -4.77 49.76
C TRP A 939 14.07 -3.75 50.27
N ASP A 940 15.11 -3.52 49.49
CA ASP A 940 16.14 -2.55 49.86
C ASP A 940 15.58 -1.13 49.77
N HIS A 941 14.55 -0.95 48.96
CA HIS A 941 13.95 0.37 48.77
C HIS A 941 13.35 0.89 50.07
N ALA A 942 12.57 0.03 50.73
CA ALA A 942 11.95 0.40 52.00
C ALA A 942 12.95 0.29 53.15
N TYR A 943 14.00 -0.50 52.94
CA TYR A 943 14.98 -0.77 53.99
C TYR A 943 15.73 0.49 54.45
N ASN A 944 16.37 1.17 53.50
CA ASN A 944 17.19 2.33 53.84
C ASN A 944 16.37 3.57 54.19
N ILE A 945 15.12 3.60 53.72
CA ILE A 945 14.25 4.74 53.97
C ILE A 945 13.74 4.75 55.42
N THR A 946 13.26 3.60 55.89
CA THR A 946 12.73 3.49 57.24
C THR A 946 13.82 3.13 58.25
N PHE A 947 15.05 3.02 57.75
CA PHE A 947 16.19 2.68 58.59
C PHE A 947 16.37 3.66 59.75
N ASN A 948 16.50 3.13 60.95
CA ASN A 948 16.64 3.95 62.15
C ASN A 948 17.59 3.31 63.15
N ASN A 949 18.16 4.12 64.03
CA ASN A 949 19.12 3.63 65.02
C ASN A 949 18.57 3.69 66.44
N GLN A 950 19.09 2.81 67.30
CA GLN A 950 18.78 2.77 68.73
C GLN A 950 17.34 2.31 69.00
N ASP A 951 16.57 2.08 67.95
CA ASP A 951 15.16 1.74 68.11
C ASP A 951 14.79 0.38 67.50
N LYS A 952 13.80 -0.26 68.12
CA LYS A 952 13.19 -1.48 67.61
C LYS A 952 14.16 -2.65 67.38
N GLY A 953 13.95 -3.38 66.27
CA GLY A 953 14.78 -4.50 65.91
C GLY A 953 14.65 -5.72 66.82
N LEU A 954 13.46 -5.91 67.40
CA LEU A 954 13.26 -6.94 68.42
C LEU A 954 12.64 -8.25 67.94
N LEU A 955 12.30 -8.38 66.67
CA LEU A 955 11.56 -9.56 66.20
C LEU A 955 12.33 -10.48 65.24
N PRO A 956 12.78 -11.63 65.77
CA PRO A 956 13.39 -12.75 65.03
C PRO A 956 12.42 -13.58 64.18
N TYR A 957 11.20 -13.77 64.70
CA TYR A 957 10.29 -14.80 64.18
C TYR A 957 8.98 -14.20 63.67
N ALA A 958 8.30 -13.43 64.52
CA ALA A 958 6.91 -13.01 64.34
C ALA A 958 6.62 -12.31 63.01
N ILE A 959 7.67 -12.02 62.24
CA ILE A 959 7.52 -11.49 60.89
C ILE A 959 6.47 -12.25 60.08
N MET A 960 6.43 -13.57 60.26
CA MET A 960 5.43 -14.42 59.61
C MET A 960 4.01 -14.04 60.05
N GLU A 961 3.85 -13.67 61.31
CA GLU A 961 2.55 -13.27 61.84
C GLU A 961 2.14 -11.92 61.25
N THR A 962 3.14 -11.08 60.97
CA THR A 962 2.89 -9.80 60.31
C THR A 962 2.63 -10.05 58.82
N ALA A 963 3.08 -11.20 58.34
CA ALA A 963 2.83 -11.61 56.97
C ALA A 963 1.47 -12.28 56.86
N ASN A 964 0.89 -12.60 58.02
CA ASN A 964 -0.46 -13.16 58.08
C ASN A 964 -1.50 -12.04 57.98
N GLU A 965 -1.04 -10.81 58.17
CA GLU A 965 -1.89 -9.63 58.01
C GLU A 965 -2.25 -9.47 56.53
N ILE A 966 -1.36 -9.92 55.67
CA ILE A 966 -1.59 -9.93 54.23
C ILE A 966 -2.80 -10.78 53.84
N LEU A 967 -2.70 -12.08 54.08
CA LEU A 967 -3.65 -13.06 53.57
C LEU A 967 -5.10 -12.85 53.99
N GLY A 968 -5.32 -12.69 55.30
CA GLY A 968 -6.67 -12.68 55.85
C GLY A 968 -7.66 -11.72 55.22
N PRO A 969 -7.33 -10.42 55.17
CA PRO A 969 -8.18 -9.44 54.50
C PRO A 969 -8.25 -9.62 52.99
N LEU A 970 -7.14 -10.05 52.38
CA LEU A 970 -7.06 -10.16 50.93
C LEU A 970 -7.73 -11.43 50.39
N GLU A 971 -7.63 -12.53 51.12
CA GLU A 971 -8.13 -13.81 50.65
C GLU A 971 -9.60 -14.04 51.03
N GLU A 972 -10.14 -13.17 51.87
CA GLU A 972 -11.53 -13.30 52.30
C GLU A 972 -12.50 -12.75 51.25
N ARG A 973 -11.99 -11.92 50.35
CA ARG A 973 -12.80 -11.32 49.31
C ARG A 973 -13.08 -12.30 48.17
N LEU A 974 -12.04 -13.03 47.77
CA LEU A 974 -12.13 -13.93 46.63
C LEU A 974 -12.82 -15.24 46.98
N VAL A 975 -12.60 -15.71 48.20
CA VAL A 975 -13.12 -16.99 48.74
C VAL A 975 -13.01 -18.11 47.71
N ARG A 976 -14.06 -18.91 47.55
CA ARG A 976 -14.07 -20.01 46.59
C ARG A 976 -15.43 -20.21 45.96
N TYR A 977 -15.45 -20.47 44.66
CA TYR A 977 -16.68 -20.79 43.94
C TYR A 977 -16.53 -22.08 43.15
N ASP A 978 -17.29 -23.10 43.53
CA ASP A 978 -17.26 -24.39 42.86
C ASP A 978 -18.35 -24.48 41.78
N ASN A 979 -17.93 -24.74 40.56
CA ASN A 979 -18.85 -24.93 39.43
C ASN A 979 -19.80 -23.75 39.26
N SER A 980 -21.09 -24.01 39.41
CA SER A 980 -22.10 -22.98 39.24
C SER A 980 -22.90 -22.73 40.51
N GLY A 981 -22.72 -21.55 41.09
CA GLY A 981 -23.49 -21.13 42.26
C GLY A 981 -23.34 -22.00 43.49
N CYS A 982 -22.15 -22.58 43.67
CA CYS A 982 -21.90 -23.44 44.83
C CYS A 982 -20.48 -23.28 45.35
N LEU A 983 -20.34 -23.29 46.68
CA LEU A 983 -19.02 -23.30 47.30
C LEU A 983 -18.46 -24.73 47.35
N VAL A 984 -17.14 -24.86 47.36
CA VAL A 984 -16.52 -26.17 47.57
C VAL A 984 -16.18 -26.28 49.06
N LYS A 985 -15.73 -27.45 49.52
CA LYS A 985 -15.36 -27.59 50.92
C LYS A 985 -14.03 -28.32 51.16
N ARG A 986 -13.02 -27.57 51.60
CA ARG A 986 -11.85 -28.12 52.29
C ARG A 986 -11.10 -29.23 51.56
N GLU A 987 -11.29 -29.34 50.25
CA GLU A 987 -10.58 -30.38 49.49
C GLU A 987 -9.97 -29.87 48.18
N ASP A 988 -10.85 -29.46 47.27
CA ASP A 988 -10.46 -29.14 45.90
C ASP A 988 -9.52 -27.95 45.79
N LEU A 989 -9.28 -27.27 46.91
CA LEU A 989 -8.34 -26.16 46.96
C LEU A 989 -6.98 -26.56 46.38
N ASN A 990 -6.53 -27.77 46.72
CA ASN A 990 -5.32 -28.32 46.16
C ASN A 990 -5.56 -28.90 44.77
N LYS A 991 -6.71 -29.57 44.61
CA LYS A 991 -7.08 -30.19 43.35
C LYS A 991 -7.25 -29.16 42.25
N ALA A 992 -8.10 -28.17 42.49
CA ALA A 992 -8.30 -27.04 41.59
C ALA A 992 -8.70 -27.44 40.17
N GLU A 993 -9.61 -28.39 40.06
CA GLU A 993 -10.14 -28.78 38.75
C GLU A 993 -11.28 -27.86 38.33
N TYR A 994 -11.79 -27.09 39.30
CA TYR A 994 -12.92 -26.20 39.05
C TYR A 994 -12.47 -24.87 38.44
N VAL A 995 -11.18 -24.58 38.57
CA VAL A 995 -10.60 -23.33 38.08
C VAL A 995 -11.38 -22.13 38.62
N ASP A 996 -12.03 -21.39 37.72
CA ASP A 996 -12.73 -20.10 37.96
C ASP A 996 -11.72 -18.95 37.87
N GLN A 997 -10.47 -19.32 37.57
CA GLN A 997 -9.30 -18.42 37.47
C GLN A 997 -9.08 -17.59 38.73
N TYR A 998 -8.69 -16.32 38.56
CA TYR A 998 -8.28 -15.45 39.67
C TYR A 998 -6.99 -15.93 40.32
N ASP A 999 -6.47 -17.05 39.84
CA ASP A 999 -5.27 -17.67 40.39
C ASP A 999 -4.04 -16.76 40.30
N ALA A 1000 -4.09 -15.81 39.37
CA ALA A 1000 -3.01 -14.84 39.22
C ALA A 1000 -2.89 -13.98 40.47
N GLU A 1001 -4.03 -13.75 41.13
CA GLU A 1001 -4.07 -12.98 42.36
C GLU A 1001 -3.62 -13.83 43.55
N ARG A 1002 -3.97 -15.11 43.53
CA ARG A 1002 -3.60 -16.02 44.60
C ARG A 1002 -2.10 -16.31 44.63
N ASP A 1003 -1.55 -16.68 43.48
CA ASP A 1003 -0.16 -17.05 43.37
C ASP A 1003 0.79 -15.90 43.68
N PHE A 1004 0.30 -14.66 43.47
CA PHE A 1004 1.09 -13.49 43.78
C PHE A 1004 1.26 -13.32 45.29
N TYR A 1005 0.17 -13.51 46.03
CA TYR A 1005 0.21 -13.42 47.48
C TYR A 1005 1.03 -14.56 48.07
N HIS A 1006 0.87 -15.74 47.48
CA HIS A 1006 1.63 -16.93 47.89
C HIS A 1006 3.13 -16.71 47.82
N SER A 1007 3.63 -16.48 46.60
CA SER A 1007 5.05 -16.29 46.36
C SER A 1007 5.63 -15.13 47.18
N LEU A 1008 4.82 -14.09 47.40
CA LEU A 1008 5.25 -12.95 48.20
C LEU A 1008 5.43 -13.36 49.67
N ARG A 1009 4.54 -14.22 50.14
CA ARG A 1009 4.60 -14.72 51.51
C ARG A 1009 5.79 -15.63 51.73
N GLU A 1010 6.02 -16.54 50.80
CA GLU A 1010 7.10 -17.53 50.91
C GLU A 1010 8.46 -16.86 50.73
N TYR A 1011 8.47 -15.73 50.03
CA TYR A 1011 9.70 -14.95 49.85
C TYR A 1011 10.20 -14.42 51.18
N ILE A 1012 9.26 -13.94 52.01
CA ILE A 1012 9.60 -13.45 53.34
C ILE A 1012 10.00 -14.63 54.23
N ASN A 1013 9.40 -15.78 53.98
CA ASN A 1013 9.72 -17.00 54.72
C ASN A 1013 11.15 -17.44 54.43
N GLY A 1014 11.56 -17.34 53.17
CA GLY A 1014 12.91 -17.70 52.77
C GLY A 1014 13.96 -16.82 53.43
N LYS A 1015 13.60 -15.56 53.64
CA LYS A 1015 14.48 -14.62 54.32
C LYS A 1015 14.44 -14.84 55.83
N ALA A 1016 13.28 -15.31 56.30
CA ALA A 1016 13.09 -15.58 57.72
C ALA A 1016 13.85 -16.84 58.15
N THR A 1017 13.78 -17.87 57.32
CA THR A 1017 14.48 -19.12 57.62
C THR A 1017 15.98 -18.96 57.40
N ALA A 1018 16.36 -17.91 56.68
CA ALA A 1018 17.77 -17.58 56.50
C ALA A 1018 18.35 -17.03 57.79
N LEU A 1019 17.52 -16.33 58.55
CA LEU A 1019 17.93 -15.80 59.85
C LEU A 1019 18.08 -16.93 60.86
N ALA A 1020 17.35 -18.01 60.65
CA ALA A 1020 17.41 -19.18 61.51
C ALA A 1020 18.80 -19.81 61.50
N ASN A 1021 19.27 -20.15 60.29
CA ASN A 1021 20.58 -20.76 60.13
C ASN A 1021 21.71 -19.81 60.51
N LEU A 1022 21.44 -18.51 60.41
CA LEU A 1022 22.41 -17.49 60.76
C LEU A 1022 22.50 -17.32 62.27
N ARG A 1023 21.37 -17.51 62.96
CA ARG A 1023 21.33 -17.35 64.40
C ARG A 1023 21.90 -18.57 65.12
N LYS A 1024 21.62 -19.76 64.60
CA LYS A 1024 22.09 -20.99 65.22
C LYS A 1024 23.55 -21.27 64.89
N SER A 1025 24.08 -20.55 63.91
CA SER A 1025 25.49 -20.69 63.55
C SER A 1025 26.38 -20.07 64.62
N ARG A 1026 25.80 -19.19 65.43
CA ARG A 1026 26.50 -18.53 66.52
C ARG A 1026 26.44 -19.38 67.79
N GLY A 1027 25.82 -20.55 67.69
CA GLY A 1027 25.64 -21.42 68.83
C GLY A 1027 24.46 -20.97 69.69
N MET A 1028 23.44 -20.47 69.02
CA MET A 1028 22.23 -20.00 69.69
C MET A 1028 21.05 -20.91 69.39
N LEU A 1029 20.11 -20.97 70.32
CA LEU A 1029 18.96 -21.87 70.23
C LEU A 1029 18.00 -21.50 69.09
N GLY A 1030 17.15 -22.47 68.73
CA GLY A 1030 16.33 -22.43 67.53
C GLY A 1030 14.99 -21.75 67.66
N LEU A 1031 14.92 -20.78 68.58
CA LEU A 1031 13.65 -20.21 69.06
C LEU A 1031 12.63 -19.82 67.98
N LEU A 1032 13.07 -19.53 66.76
CA LEU A 1032 12.12 -19.03 65.78
C LEU A 1032 11.41 -20.17 65.07
N GLU A 1033 10.12 -20.26 65.36
CA GLU A 1033 9.25 -21.35 64.94
C GLU A 1033 7.84 -20.87 65.32
N PRO A 1034 6.81 -21.73 65.20
CA PRO A 1034 5.61 -21.34 65.94
C PRO A 1034 5.95 -21.03 67.39
N PRO A 1035 5.48 -19.88 67.90
CA PRO A 1035 5.95 -19.24 69.13
C PRO A 1035 5.95 -20.13 70.37
N ALA A 1036 6.94 -19.95 71.24
CA ALA A 1036 7.00 -20.63 72.51
C ALA A 1036 5.78 -20.27 73.35
N LYS A 1037 5.19 -21.24 74.04
CA LYS A 1037 3.90 -21.01 74.67
C LYS A 1037 4.03 -20.30 76.03
N GLU A 1038 4.38 -21.06 77.07
CA GLU A 1038 4.63 -20.52 78.41
C GLU A 1038 3.59 -19.44 78.78
N LEU A 1039 4.09 -18.27 79.14
CA LEU A 1039 3.31 -17.04 79.20
C LEU A 1039 4.21 -15.96 78.58
N GLN A 1040 3.74 -15.33 77.52
CA GLN A 1040 4.58 -14.42 76.74
C GLN A 1040 5.07 -13.23 77.56
N GLY A 1041 6.22 -12.68 77.17
CA GLY A 1041 6.88 -11.65 77.95
C GLY A 1041 8.05 -12.22 78.72
N ILE A 1042 8.45 -13.44 78.34
CA ILE A 1042 9.56 -14.14 79.00
C ILE A 1042 10.88 -13.41 78.82
N ASP A 1043 11.05 -12.77 77.67
CA ASP A 1043 12.33 -12.22 77.24
C ASP A 1043 13.40 -13.32 77.24
N PRO A 1044 13.28 -14.27 76.30
CA PRO A 1044 14.10 -15.49 76.25
C PRO A 1044 15.59 -15.24 76.01
N ASP A 1045 15.92 -14.04 75.53
CA ASP A 1045 17.30 -13.70 75.17
C ASP A 1045 18.19 -13.52 76.41
N GLU A 1046 17.57 -13.58 77.58
CA GLU A 1046 18.26 -13.42 78.87
C GLU A 1046 19.52 -14.26 79.01
N THR A 1047 19.36 -15.59 78.97
CA THR A 1047 20.45 -16.53 79.24
C THR A 1047 21.63 -16.41 78.28
N VAL A 1048 21.43 -15.71 77.16
CA VAL A 1048 22.50 -15.50 76.19
C VAL A 1048 23.59 -14.60 76.77
N PRO A 1049 24.86 -15.06 76.71
CA PRO A 1049 25.99 -14.35 77.32
C PRO A 1049 26.36 -13.02 76.65
N ASP A 1050 25.54 -11.99 76.89
CA ASP A 1050 25.88 -10.61 76.56
C ASP A 1050 26.17 -10.37 75.08
N ASN A 1051 27.39 -9.89 74.80
CA ASN A 1051 27.76 -9.36 73.49
C ASN A 1051 27.63 -10.33 72.33
N VAL A 1052 27.57 -11.62 72.62
CA VAL A 1052 27.43 -12.65 71.58
C VAL A 1052 26.14 -12.44 70.81
N LYS A 1053 25.09 -12.04 71.52
CA LYS A 1053 23.80 -11.76 70.89
C LYS A 1053 23.80 -10.39 70.22
N THR A 1054 24.43 -9.42 70.87
CA THR A 1054 24.51 -8.06 70.34
C THR A 1054 25.32 -8.03 69.04
N SER A 1055 26.27 -8.95 68.92
CA SER A 1055 27.10 -9.06 67.73
C SER A 1055 26.28 -9.45 66.50
N VAL A 1056 25.27 -10.29 66.71
CA VAL A 1056 24.40 -10.74 65.64
C VAL A 1056 23.43 -9.63 65.23
N SER A 1057 23.07 -8.79 66.21
CA SER A 1057 22.11 -7.72 65.99
C SER A 1057 22.61 -6.65 65.02
N GLN A 1058 23.91 -6.43 65.01
CA GLN A 1058 24.50 -5.41 64.13
C GLN A 1058 24.67 -5.92 62.70
N LEU A 1059 24.91 -7.23 62.56
CA LEU A 1059 25.18 -7.81 61.25
C LEU A 1059 23.93 -7.84 60.38
N TYR A 1060 22.87 -8.45 60.90
CA TYR A 1060 21.57 -8.42 60.24
C TYR A 1060 20.50 -7.90 61.19
N ARG A 1061 19.29 -7.71 60.68
CA ARG A 1061 18.12 -7.39 61.48
C ARG A 1061 16.89 -7.21 60.58
N ILE A 1062 15.71 -7.38 61.15
CA ILE A 1062 14.44 -7.08 60.48
C ILE A 1062 13.49 -6.47 61.50
N SER A 1063 12.96 -5.28 61.20
CA SER A 1063 12.11 -4.61 62.19
C SER A 1063 10.90 -3.85 61.65
N GLU A 1064 9.73 -4.18 62.18
CA GLU A 1064 8.56 -3.30 62.15
C GLU A 1064 8.22 -2.73 60.77
N LYS A 1065 8.32 -1.41 60.66
CA LYS A 1065 7.96 -0.67 59.45
C LYS A 1065 8.64 -1.21 58.19
N SER A 1066 9.85 -1.74 58.35
CA SER A 1066 10.59 -2.35 57.24
C SER A 1066 9.71 -3.31 56.46
N VAL A 1067 9.25 -4.36 57.14
CA VAL A 1067 8.30 -5.31 56.57
C VAL A 1067 7.04 -4.60 56.08
N ARG A 1068 6.51 -3.70 56.90
CA ARG A 1068 5.27 -3.00 56.57
C ARG A 1068 5.43 -2.09 55.35
N LYS A 1069 6.53 -1.34 55.30
CA LYS A 1069 6.80 -0.49 54.15
C LYS A 1069 7.09 -1.35 52.91
N PHE A 1070 7.62 -2.54 53.15
CA PHE A 1070 7.87 -3.49 52.07
C PHE A 1070 6.55 -4.01 51.51
N LEU A 1071 5.63 -4.37 52.41
CA LEU A 1071 4.32 -4.85 52.00
C LEU A 1071 3.46 -3.71 51.47
N GLU A 1072 3.75 -2.49 51.93
CA GLU A 1072 3.10 -1.29 51.45
C GLU A 1072 3.28 -1.15 49.94
N ILE A 1073 4.53 -0.98 49.51
CA ILE A 1073 4.88 -0.81 48.11
C ILE A 1073 4.58 -2.07 47.30
N ALA A 1074 4.58 -3.22 47.96
CA ALA A 1074 4.35 -4.50 47.31
C ALA A 1074 3.03 -4.55 46.54
N LEU A 1075 1.92 -4.50 47.28
CA LEU A 1075 0.60 -4.55 46.66
C LEU A 1075 0.25 -3.23 45.99
N PHE A 1076 1.01 -2.18 46.31
CA PHE A 1076 0.81 -0.87 45.70
C PHE A 1076 1.17 -0.90 44.22
N LYS A 1077 2.37 -1.38 43.91
CA LYS A 1077 2.82 -1.47 42.53
C LYS A 1077 2.04 -2.53 41.76
N TYR A 1078 1.56 -3.54 42.47
CA TYR A 1078 0.77 -4.60 41.86
C TYR A 1078 -0.59 -4.07 41.41
N ARG A 1079 -1.17 -3.20 42.24
CA ARG A 1079 -2.45 -2.59 41.91
C ARG A 1079 -2.27 -1.48 40.88
N LYS A 1080 -1.14 -0.78 40.96
CA LYS A 1080 -0.84 0.31 40.04
C LYS A 1080 -0.67 -0.19 38.61
N ALA A 1081 -0.25 -1.44 38.46
CA ALA A 1081 -0.10 -2.02 37.13
C ALA A 1081 -1.25 -2.98 36.82
N ARG A 1082 -2.15 -2.54 35.97
CA ARG A 1082 -3.29 -3.34 35.51
C ARG A 1082 -3.82 -2.75 34.20
N LEU A 1083 -4.59 -3.54 33.47
CA LEU A 1083 -5.21 -3.03 32.24
C LEU A 1083 -6.31 -2.03 32.55
N GLU A 1084 -6.18 -0.83 31.98
CA GLU A 1084 -7.20 0.20 32.13
C GLU A 1084 -8.17 0.15 30.96
N PRO A 1085 -9.48 0.08 31.26
CA PRO A 1085 -10.56 -0.10 30.28
C PRO A 1085 -10.53 0.93 29.15
N GLY A 1086 -10.94 0.51 27.97
CA GLY A 1086 -10.90 1.36 26.79
C GLY A 1086 -9.51 1.42 26.20
N THR A 1087 -8.76 0.33 26.39
CA THR A 1087 -7.36 0.29 25.96
C THR A 1087 -7.23 0.11 24.45
N ALA A 1088 -6.08 0.53 23.93
CA ALA A 1088 -5.81 0.53 22.49
C ALA A 1088 -5.14 -0.77 22.02
N ILE A 1089 -5.06 -1.75 22.90
CA ILE A 1089 -4.25 -2.96 22.70
C ILE A 1089 -4.35 -3.57 21.31
N GLY A 1090 -5.56 -3.58 20.74
CA GLY A 1090 -5.76 -4.06 19.39
C GLY A 1090 -4.88 -3.35 18.38
N ALA A 1091 -4.78 -2.03 18.51
CA ALA A 1091 -3.90 -1.23 17.66
C ALA A 1091 -2.46 -1.31 18.14
N ILE A 1092 -2.28 -1.46 19.44
CA ILE A 1092 -0.95 -1.52 20.03
C ILE A 1092 -0.20 -2.79 19.61
N GLY A 1093 -0.92 -3.91 19.62
CA GLY A 1093 -0.33 -5.19 19.26
C GLY A 1093 0.18 -5.24 17.83
N ALA A 1094 -0.48 -4.49 16.94
CA ALA A 1094 -0.09 -4.47 15.53
C ALA A 1094 1.24 -3.75 15.33
N GLN A 1095 1.47 -2.69 16.12
CA GLN A 1095 2.68 -1.89 15.99
C GLN A 1095 3.87 -2.57 16.67
N SER A 1096 3.60 -3.36 17.70
CA SER A 1096 4.66 -4.01 18.46
C SER A 1096 5.20 -5.26 17.74
N ILE A 1097 4.30 -6.01 17.12
CA ILE A 1097 4.65 -7.28 16.50
C ILE A 1097 5.38 -7.10 15.16
N GLY A 1098 4.91 -6.16 14.34
CA GLY A 1098 5.47 -5.97 13.02
C GLY A 1098 6.93 -5.59 13.05
N GLU A 1099 7.24 -4.47 13.69
CA GLU A 1099 8.61 -4.06 14.02
C GLU A 1099 9.47 -3.75 12.79
N PRO A 1100 10.55 -2.96 12.98
CA PRO A 1100 11.47 -2.70 11.86
C PRO A 1100 12.30 -3.92 11.51
N MET A 1117 21.53 -28.10 6.63
CA MET A 1117 20.13 -28.33 6.27
C MET A 1117 19.39 -27.00 6.07
N ASN A 1118 18.65 -26.90 4.98
CA ASN A 1118 17.90 -25.70 4.67
C ASN A 1118 16.69 -25.52 5.59
N VAL A 1119 16.65 -24.37 6.26
CA VAL A 1119 15.55 -24.05 7.16
C VAL A 1119 15.23 -22.56 7.11
N THR A 1120 13.94 -22.21 7.05
CA THR A 1120 13.51 -20.82 7.06
C THR A 1120 13.54 -20.26 8.48
N LEU A 1121 14.01 -19.02 8.62
CA LEU A 1121 14.17 -18.40 9.92
C LEU A 1121 13.50 -17.03 10.01
N GLY A 1122 13.96 -16.10 9.18
CA GLY A 1122 13.59 -14.70 9.29
C GLY A 1122 12.18 -14.36 8.83
N VAL A 1123 11.99 -13.08 8.49
CA VAL A 1123 10.67 -12.55 8.14
C VAL A 1123 9.85 -13.32 7.08
N PRO A 1124 10.49 -13.91 6.04
CA PRO A 1124 9.59 -14.63 5.14
C PRO A 1124 8.94 -15.86 5.75
N ARG A 1125 9.50 -16.37 6.86
CA ARG A 1125 8.88 -17.47 7.59
C ARG A 1125 7.64 -16.99 8.31
N ILE A 1126 7.71 -15.77 8.85
CA ILE A 1126 6.56 -15.16 9.52
C ILE A 1126 5.45 -14.92 8.50
N LYS A 1127 5.84 -14.63 7.26
CA LYS A 1127 4.90 -14.47 6.17
C LYS A 1127 4.16 -15.77 5.90
N GLU A 1128 4.86 -16.89 6.01
CA GLU A 1128 4.28 -18.21 5.81
C GLU A 1128 3.26 -18.53 6.89
N ILE A 1129 3.52 -18.04 8.09
CA ILE A 1129 2.63 -18.25 9.23
C ILE A 1129 1.40 -17.36 9.13
N ILE A 1130 1.64 -16.06 9.14
CA ILE A 1130 0.59 -15.04 9.05
C ILE A 1130 -0.41 -15.30 7.92
N ASN A 1131 0.11 -15.64 6.73
CA ASN A 1131 -0.74 -15.92 5.57
C ASN A 1131 -1.54 -17.20 5.79
N ALA A 1132 -0.96 -18.14 6.54
CA ALA A 1132 -1.59 -19.42 6.83
C ALA A 1132 -1.96 -20.17 5.56
N SER A 1133 -1.02 -20.21 4.61
CA SER A 1133 -1.23 -20.90 3.34
C SER A 1133 -1.17 -22.41 3.53
N LYS A 1134 -1.77 -23.13 2.58
CA LYS A 1134 -1.77 -24.60 2.60
C LYS A 1134 -0.36 -25.16 2.61
N VAL A 1135 0.36 -24.96 1.52
CA VAL A 1135 1.73 -25.47 1.40
C VAL A 1135 2.73 -24.54 2.09
N ILE A 1136 4.01 -24.91 2.03
CA ILE A 1136 5.08 -24.19 2.70
C ILE A 1136 6.42 -24.83 2.35
N SER A 1137 7.51 -24.10 2.60
CA SER A 1137 8.84 -24.59 2.27
C SER A 1137 9.48 -25.35 3.43
N THR A 1138 10.19 -26.43 3.09
CA THR A 1138 10.90 -27.31 4.03
C THR A 1138 10.21 -27.49 5.40
N PRO A 1139 9.05 -28.15 5.39
CA PRO A 1139 8.24 -28.37 6.61
C PRO A 1139 8.75 -29.54 7.44
N ILE A 1140 9.76 -29.31 8.27
CA ILE A 1140 10.33 -30.37 9.09
C ILE A 1140 9.36 -30.85 10.17
N ILE A 1141 9.45 -32.13 10.51
CA ILE A 1141 8.64 -32.71 11.57
C ILE A 1141 9.53 -33.40 12.60
N ASN A 1142 9.30 -33.11 13.87
CA ASN A 1142 10.08 -33.72 14.95
C ASN A 1142 9.33 -34.87 15.61
N ALA A 1143 10.06 -35.94 15.94
CA ALA A 1143 9.46 -37.10 16.57
C ALA A 1143 10.46 -37.84 17.47
N VAL A 1144 9.94 -38.50 18.50
CA VAL A 1144 10.75 -39.32 19.38
C VAL A 1144 10.50 -40.80 19.11
N LEU A 1145 11.51 -41.64 19.30
CA LEU A 1145 11.42 -43.02 18.87
C LEU A 1145 11.12 -43.98 20.02
N VAL A 1146 12.15 -44.35 20.78
CA VAL A 1146 11.99 -45.09 22.02
C VAL A 1146 12.88 -44.50 23.10
N ASN A 1147 14.19 -44.66 22.88
CA ASN A 1147 15.22 -44.26 23.82
C ASN A 1147 16.49 -43.88 23.04
N ASP A 1148 17.60 -43.73 23.75
CA ASP A 1148 18.84 -43.36 23.08
C ASP A 1148 19.74 -44.56 22.84
N ASN A 1149 19.85 -44.96 21.57
CA ASN A 1149 20.68 -46.08 21.15
C ASN A 1149 21.16 -45.89 19.71
N ASP A 1150 22.33 -46.44 19.39
CA ASP A 1150 22.92 -46.27 18.07
C ASP A 1150 22.37 -47.24 17.02
N GLU A 1151 22.18 -48.50 17.41
CA GLU A 1151 21.85 -49.55 16.46
C GLU A 1151 20.34 -49.81 16.36
N ARG A 1152 19.97 -50.72 15.47
CA ARG A 1152 18.59 -51.18 15.31
C ARG A 1152 17.58 -50.07 15.04
N ALA A 1153 16.65 -49.89 15.99
CA ALA A 1153 15.47 -49.04 15.82
C ALA A 1153 15.78 -47.66 15.27
N ALA A 1154 16.95 -47.12 15.62
CA ALA A 1154 17.40 -45.85 15.09
C ALA A 1154 17.45 -45.90 13.56
N ARG A 1155 18.13 -46.91 13.03
CA ARG A 1155 18.22 -47.09 11.58
C ARG A 1155 17.06 -47.87 10.98
N VAL A 1156 16.29 -48.55 11.84
CA VAL A 1156 15.16 -49.35 11.36
C VAL A 1156 14.03 -48.46 10.86
N VAL A 1157 13.59 -47.52 11.69
CA VAL A 1157 12.51 -46.62 11.31
C VAL A 1157 13.00 -45.57 10.31
N LYS A 1158 14.32 -45.50 10.15
CA LYS A 1158 14.94 -44.58 9.22
C LYS A 1158 14.64 -44.99 7.77
N GLY A 1159 14.83 -46.28 7.48
CA GLY A 1159 14.62 -46.78 6.14
C GLY A 1159 13.22 -47.35 5.91
N ARG A 1160 12.38 -47.25 6.94
CA ARG A 1160 11.01 -47.75 6.86
C ARG A 1160 10.08 -46.87 6.03
N VAL A 1161 10.08 -45.58 6.32
CA VAL A 1161 9.02 -44.68 5.87
C VAL A 1161 9.26 -43.93 4.56
N GLU A 1162 10.46 -44.01 3.99
CA GLU A 1162 10.81 -43.09 2.91
C GLU A 1162 11.06 -43.70 1.53
N LYS A 1163 10.45 -43.08 0.53
CA LYS A 1163 10.72 -43.29 -0.90
C LYS A 1163 10.62 -44.73 -1.39
N THR A 1164 11.55 -45.07 -2.27
CA THR A 1164 11.60 -46.39 -2.89
C THR A 1164 13.04 -46.88 -3.03
N LEU A 1165 13.30 -48.09 -2.55
CA LEU A 1165 14.61 -48.71 -2.74
C LEU A 1165 14.58 -49.63 -3.95
N LEU A 1166 13.44 -49.67 -4.63
CA LEU A 1166 13.25 -50.55 -5.78
C LEU A 1166 14.27 -50.27 -6.88
N SER A 1167 14.53 -48.99 -7.14
CA SER A 1167 15.47 -48.60 -8.18
C SER A 1167 16.91 -48.87 -7.75
N ASP A 1168 17.11 -49.05 -6.45
CA ASP A 1168 18.43 -49.29 -5.90
C ASP A 1168 18.78 -50.78 -5.90
N VAL A 1169 18.01 -51.56 -5.16
CA VAL A 1169 18.27 -52.99 -4.96
C VAL A 1169 17.98 -53.82 -6.22
N ALA A 1170 17.47 -53.18 -7.27
CA ALA A 1170 17.04 -53.86 -8.48
C ALA A 1170 18.14 -54.64 -9.20
N PHE A 1171 19.40 -54.40 -8.81
CA PHE A 1171 20.56 -55.00 -9.47
C PHE A 1171 20.53 -54.62 -10.95
N TYR A 1172 20.42 -55.61 -11.83
CA TYR A 1172 20.31 -55.35 -13.26
C TYR A 1172 18.91 -55.65 -13.77
N VAL A 1173 18.40 -54.75 -14.61
CA VAL A 1173 17.08 -54.95 -15.21
C VAL A 1173 17.23 -55.46 -16.63
N GLN A 1174 16.67 -56.64 -16.89
CA GLN A 1174 16.83 -57.28 -18.19
C GLN A 1174 15.50 -57.38 -18.94
N ASP A 1175 15.55 -57.12 -20.24
CA ASP A 1175 14.38 -57.24 -21.11
C ASP A 1175 14.60 -58.33 -22.14
N VAL A 1176 13.83 -59.41 -22.03
CA VAL A 1176 14.03 -60.58 -22.90
C VAL A 1176 12.78 -60.90 -23.72
N TYR A 1177 12.98 -61.19 -25.00
CA TYR A 1177 11.90 -61.64 -25.86
C TYR A 1177 12.22 -63.01 -26.46
N LYS A 1178 11.45 -64.01 -26.07
CA LYS A 1178 11.67 -65.38 -26.56
C LYS A 1178 10.38 -65.99 -27.07
N ASP A 1179 10.40 -66.40 -28.34
CA ASP A 1179 9.26 -67.04 -28.99
C ASP A 1179 7.99 -66.19 -28.91
N ASN A 1180 6.93 -66.77 -28.35
CA ASN A 1180 5.64 -66.11 -28.27
C ASN A 1180 5.40 -65.37 -26.96
N LEU A 1181 6.36 -65.43 -26.06
CA LEU A 1181 6.22 -64.82 -24.74
C LEU A 1181 7.03 -63.54 -24.58
N SER A 1182 6.44 -62.55 -23.92
CA SER A 1182 7.13 -61.31 -23.59
C SER A 1182 7.58 -61.34 -22.14
N PHE A 1183 8.86 -61.07 -21.91
CA PHE A 1183 9.43 -61.21 -20.56
C PHE A 1183 10.08 -59.93 -20.03
N ILE A 1184 9.61 -59.49 -18.87
CA ILE A 1184 10.31 -58.48 -18.10
C ILE A 1184 11.07 -59.16 -16.97
N GLN A 1185 12.38 -58.97 -16.93
CA GLN A 1185 13.20 -59.68 -15.96
C GLN A 1185 13.91 -58.73 -15.00
N VAL A 1186 13.52 -58.79 -13.73
CA VAL A 1186 14.18 -58.04 -12.69
C VAL A 1186 14.59 -58.96 -11.53
N ARG A 1187 15.89 -59.11 -11.33
CA ARG A 1187 16.41 -59.98 -10.29
C ARG A 1187 17.04 -59.18 -9.17
N ILE A 1188 16.44 -59.26 -7.98
CA ILE A 1188 16.88 -58.47 -6.84
C ILE A 1188 18.04 -59.12 -6.10
N ASP A 1189 19.08 -58.34 -5.83
CA ASP A 1189 20.22 -58.80 -5.05
C ASP A 1189 19.89 -58.71 -3.56
N LEU A 1190 20.07 -59.83 -2.85
CA LEU A 1190 19.71 -59.91 -1.45
C LEU A 1190 20.71 -59.19 -0.55
N GLY A 1191 21.83 -58.74 -1.13
CA GLY A 1191 22.89 -58.10 -0.37
C GLY A 1191 22.50 -56.79 0.29
N THR A 1192 21.72 -55.98 -0.42
CA THR A 1192 21.33 -54.66 0.09
C THR A 1192 20.24 -54.75 1.14
N ILE A 1193 19.31 -55.68 0.95
CA ILE A 1193 18.18 -55.85 1.87
C ILE A 1193 18.67 -56.34 3.23
N ASP A 1194 19.82 -57.01 3.25
CA ASP A 1194 20.40 -57.50 4.49
C ASP A 1194 21.06 -56.36 5.28
N LYS A 1195 21.84 -55.54 4.59
CA LYS A 1195 22.52 -54.43 5.24
C LYS A 1195 21.56 -53.29 5.57
N LEU A 1196 20.76 -52.88 4.61
CA LEU A 1196 19.73 -51.88 4.83
C LEU A 1196 18.44 -52.55 5.28
N GLN A 1197 17.98 -52.20 6.47
CA GLN A 1197 16.88 -52.93 7.10
C GLN A 1197 15.51 -52.52 6.57
N LEU A 1198 14.82 -53.50 5.99
CA LEU A 1198 13.42 -53.36 5.57
C LEU A 1198 12.72 -54.68 5.84
N GLU A 1199 11.46 -54.63 6.24
CA GLU A 1199 10.77 -55.86 6.62
C GLU A 1199 10.02 -56.46 5.44
N LEU A 1200 10.55 -57.56 4.93
CA LEU A 1200 10.01 -58.30 3.79
C LEU A 1200 10.96 -59.42 3.41
N THR A 1201 10.52 -60.31 2.53
CA THR A 1201 11.43 -61.28 1.93
C THR A 1201 11.41 -61.16 0.42
N ILE A 1202 10.35 -61.68 -0.20
CA ILE A 1202 10.15 -61.55 -1.63
C ILE A 1202 8.73 -61.09 -1.97
N GLU A 1203 7.74 -61.91 -1.58
CA GLU A 1203 6.33 -61.70 -1.92
C GLU A 1203 5.82 -60.28 -1.60
N ASP A 1204 6.36 -59.67 -0.55
CA ASP A 1204 5.92 -58.34 -0.16
C ASP A 1204 6.27 -57.26 -1.19
N ILE A 1205 7.38 -57.44 -1.90
CA ILE A 1205 7.70 -56.54 -3.00
C ILE A 1205 6.90 -56.97 -4.23
N ALA A 1206 6.57 -58.26 -4.28
CA ALA A 1206 5.81 -58.80 -5.40
C ALA A 1206 4.37 -58.28 -5.36
N VAL A 1207 3.85 -58.12 -4.16
CA VAL A 1207 2.53 -57.52 -3.98
C VAL A 1207 2.66 -56.00 -4.10
N ALA A 1208 3.88 -55.50 -3.93
CA ALA A 1208 4.17 -54.09 -4.17
C ALA A 1208 4.32 -53.84 -5.67
N ILE A 1209 4.79 -54.85 -6.39
CA ILE A 1209 4.88 -54.79 -7.83
C ILE A 1209 3.48 -54.76 -8.44
N THR A 1210 2.58 -55.58 -7.89
CA THR A 1210 1.22 -55.64 -8.39
C THR A 1210 0.43 -54.40 -7.96
N ARG A 1211 0.94 -53.70 -6.95
CA ARG A 1211 0.37 -52.40 -6.58
C ARG A 1211 0.57 -51.42 -7.72
N ALA A 1212 1.81 -51.35 -8.20
CA ALA A 1212 2.16 -50.50 -9.33
C ALA A 1212 1.36 -50.88 -10.56
N SER A 1213 1.19 -52.19 -10.76
CA SER A 1213 0.42 -52.70 -11.88
C SER A 1213 -1.03 -52.26 -11.79
N LYS A 1214 -1.60 -52.36 -10.59
CA LYS A 1214 -2.99 -51.97 -10.37
C LYS A 1214 -3.20 -50.47 -10.54
N LEU A 1215 -2.15 -49.68 -10.34
CA LEU A 1215 -2.30 -48.23 -10.38
C LEU A 1215 -2.24 -47.66 -11.79
N LYS A 1216 -1.04 -47.58 -12.37
CA LYS A 1216 -0.87 -46.88 -13.64
C LYS A 1216 -0.77 -47.77 -14.89
N ILE A 1217 -0.76 -49.09 -14.76
CA ILE A 1217 -0.51 -49.90 -15.95
C ILE A 1217 -1.57 -50.95 -16.29
N GLN A 1218 -1.55 -52.08 -15.61
CA GLN A 1218 -2.39 -53.21 -16.01
C GLN A 1218 -2.55 -54.24 -14.90
N ALA A 1219 -3.59 -55.07 -14.99
CA ALA A 1219 -3.67 -56.28 -14.18
C ALA A 1219 -3.64 -57.50 -15.09
N SER A 1220 -2.51 -58.21 -15.10
CA SER A 1220 -2.38 -59.38 -15.96
C SER A 1220 -1.85 -60.62 -15.24
N ASP A 1221 -0.57 -60.59 -14.90
CA ASP A 1221 0.09 -61.76 -14.32
C ASP A 1221 1.37 -61.38 -13.56
N VAL A 1222 1.83 -62.29 -12.70
CA VAL A 1222 3.08 -62.11 -11.98
C VAL A 1222 3.75 -63.47 -11.76
N ASN A 1223 5.08 -63.52 -11.82
CA ASN A 1223 5.80 -64.78 -11.71
C ASN A 1223 6.92 -64.73 -10.68
N ILE A 1224 7.13 -65.86 -10.00
CA ILE A 1224 8.19 -65.99 -9.00
C ILE A 1224 8.90 -67.33 -9.15
N ILE A 1225 10.22 -67.30 -9.31
CA ILE A 1225 11.00 -68.52 -9.48
C ILE A 1225 12.19 -68.61 -8.51
N GLY A 1226 13.14 -67.69 -8.64
CA GLY A 1226 14.32 -67.71 -7.79
C GLY A 1226 15.13 -66.43 -7.90
N LYS A 1227 15.94 -66.16 -6.87
CA LYS A 1227 16.73 -64.93 -6.78
C LYS A 1227 15.87 -63.68 -6.96
N ASP A 1228 14.63 -63.77 -6.49
CA ASP A 1228 13.66 -62.67 -6.56
C ASP A 1228 13.48 -62.15 -7.99
N ARG A 1229 13.20 -63.05 -8.92
CA ARG A 1229 12.94 -62.65 -10.30
C ARG A 1229 11.43 -62.52 -10.53
N ILE A 1230 11.02 -61.38 -11.07
CA ILE A 1230 9.61 -61.12 -11.33
C ILE A 1230 9.37 -60.93 -12.82
N ALA A 1231 8.54 -61.80 -13.39
CA ALA A 1231 8.24 -61.75 -14.82
C ALA A 1231 6.88 -61.12 -15.10
N ILE A 1232 6.83 -60.26 -16.11
CA ILE A 1232 5.60 -59.60 -16.49
C ILE A 1232 5.23 -59.92 -17.94
N ASN A 1233 4.01 -60.40 -18.14
CA ASN A 1233 3.55 -60.78 -19.47
C ASN A 1233 2.41 -59.88 -19.97
N VAL A 1234 2.52 -59.45 -21.22
CA VAL A 1234 1.48 -58.60 -21.82
C VAL A 1234 1.06 -59.12 -23.20
N PHE A 1235 -0.14 -58.72 -23.62
CA PHE A 1235 -0.69 -59.10 -24.92
C PHE A 1235 -2.04 -58.42 -25.12
N PRO A 1236 -2.35 -58.04 -26.38
CA PRO A 1236 -3.62 -57.37 -26.69
C PRO A 1236 -4.81 -58.32 -26.58
N SER A 1252 -1.99 -47.87 -34.55
CA SER A 1252 -2.34 -48.76 -33.44
C SER A 1252 -1.67 -50.12 -33.62
N GLU A 1253 -1.13 -50.36 -34.82
CA GLU A 1253 -0.45 -51.63 -35.10
C GLU A 1253 0.85 -51.73 -34.32
N ASN A 1254 1.23 -52.97 -34.00
CA ASN A 1254 2.46 -53.25 -33.25
C ASN A 1254 2.49 -52.49 -31.92
N ASP A 1255 1.35 -52.48 -31.23
CA ASP A 1255 1.21 -51.75 -29.98
C ASP A 1255 2.04 -52.39 -28.86
N VAL A 1256 2.26 -53.69 -28.96
CA VAL A 1256 2.98 -54.45 -27.93
C VAL A 1256 4.38 -53.88 -27.70
N PHE A 1257 5.08 -53.57 -28.78
CA PHE A 1257 6.42 -52.99 -28.70
C PHE A 1257 6.38 -51.62 -28.05
N TYR A 1258 5.40 -50.82 -28.45
CA TYR A 1258 5.25 -49.46 -27.92
C TYR A 1258 4.74 -49.50 -26.49
N ARG A 1259 3.89 -50.48 -26.19
CA ARG A 1259 3.43 -50.73 -24.83
C ARG A 1259 4.61 -51.00 -23.90
N MET A 1260 5.32 -52.08 -24.16
CA MET A 1260 6.44 -52.52 -23.33
C MET A 1260 7.52 -51.46 -23.20
N GLN A 1261 7.70 -50.66 -24.25
CA GLN A 1261 8.72 -49.61 -24.27
C GLN A 1261 8.48 -48.59 -23.16
N GLN A 1262 7.22 -48.25 -22.93
CA GLN A 1262 6.85 -47.30 -21.89
C GLN A 1262 6.88 -47.94 -20.50
N LEU A 1263 6.48 -49.21 -20.44
CA LEU A 1263 6.44 -49.92 -19.17
C LEU A 1263 7.85 -50.22 -18.67
N ARG A 1264 8.78 -50.37 -19.61
CA ARG A 1264 10.18 -50.59 -19.31
C ARG A 1264 10.77 -49.49 -18.42
N ARG A 1265 10.80 -48.27 -18.95
CA ARG A 1265 11.40 -47.14 -18.27
C ARG A 1265 10.68 -46.77 -16.97
N ALA A 1266 9.39 -47.09 -16.90
CA ALA A 1266 8.58 -46.72 -15.75
C ALA A 1266 8.72 -47.71 -14.61
N LEU A 1267 9.33 -48.86 -14.88
CA LEU A 1267 9.47 -49.92 -13.88
C LEU A 1267 10.39 -49.56 -12.70
N PRO A 1268 11.62 -49.05 -12.97
CA PRO A 1268 12.46 -48.75 -11.80
C PRO A 1268 12.10 -47.42 -11.13
N ASP A 1269 10.82 -47.25 -10.79
CA ASP A 1269 10.33 -46.02 -10.19
C ASP A 1269 9.51 -46.30 -8.93
N VAL A 1270 8.42 -47.04 -9.12
CA VAL A 1270 7.36 -47.21 -8.12
C VAL A 1270 7.83 -47.66 -6.73
N VAL A 1271 7.13 -47.15 -5.72
CA VAL A 1271 7.46 -47.38 -4.32
C VAL A 1271 7.33 -48.83 -3.85
N VAL A 1272 8.41 -49.36 -3.29
CA VAL A 1272 8.40 -50.69 -2.68
C VAL A 1272 7.83 -50.66 -1.26
N LYS A 1273 8.24 -49.65 -0.48
CA LYS A 1273 7.80 -49.51 0.90
C LYS A 1273 7.88 -48.04 1.31
N GLY A 1274 7.42 -47.72 2.52
CA GLY A 1274 7.39 -46.33 2.96
C GLY A 1274 6.19 -45.60 2.41
N LEU A 1275 6.12 -44.29 2.65
CA LEU A 1275 4.99 -43.50 2.21
C LEU A 1275 5.32 -42.71 0.94
N PRO A 1276 4.31 -42.07 0.32
CA PRO A 1276 4.58 -41.09 -0.74
C PRO A 1276 4.61 -39.65 -0.25
N ASP A 1277 5.45 -39.34 0.73
CA ASP A 1277 5.48 -37.99 1.30
C ASP A 1277 6.88 -37.41 1.42
N ILE A 1278 7.69 -38.03 2.27
CA ILE A 1278 8.97 -37.50 2.70
C ILE A 1278 9.91 -37.12 1.54
N SER A 1279 10.46 -35.91 1.61
CA SER A 1279 11.47 -35.45 0.66
C SER A 1279 12.84 -35.98 1.03
N ARG A 1280 13.09 -36.07 2.34
CA ARG A 1280 14.31 -36.65 2.90
C ARG A 1280 14.23 -36.63 4.42
N ALA A 1281 15.07 -37.42 5.08
CA ALA A 1281 15.11 -37.41 6.54
C ALA A 1281 16.55 -37.29 7.04
N VAL A 1282 16.69 -37.16 8.36
CA VAL A 1282 17.99 -36.98 8.99
C VAL A 1282 17.98 -37.58 10.40
N ILE A 1283 19.08 -38.23 10.78
CA ILE A 1283 19.26 -38.66 12.16
C ILE A 1283 20.28 -37.75 12.85
N ASN A 1284 19.83 -37.05 13.88
CA ASN A 1284 20.65 -36.05 14.54
C ASN A 1284 20.81 -36.31 16.04
N ILE A 1285 21.81 -35.68 16.64
CA ILE A 1285 22.03 -35.80 18.08
C ILE A 1285 21.10 -34.86 18.83
N ARG A 1286 20.26 -35.44 19.70
CA ARG A 1286 19.28 -34.65 20.44
C ARG A 1286 19.80 -34.27 21.82
N ASP A 1287 19.57 -33.01 22.18
CA ASP A 1287 20.01 -32.45 23.45
C ASP A 1287 21.49 -32.67 23.71
N ASP A 1288 21.84 -32.95 24.97
CA ASP A 1288 23.24 -33.18 25.33
C ASP A 1288 23.85 -34.40 24.64
N GLY A 1289 23.49 -35.59 25.10
CA GLY A 1289 24.02 -36.83 24.55
C GLY A 1289 23.03 -37.71 23.80
N LYS A 1290 21.77 -37.30 23.78
CA LYS A 1290 20.71 -38.17 23.26
C LYS A 1290 20.64 -38.14 21.73
N ARG A 1291 19.73 -38.94 21.17
CA ARG A 1291 19.56 -39.03 19.73
C ARG A 1291 18.09 -39.04 19.36
N GLU A 1292 17.80 -38.61 18.13
CA GLU A 1292 16.45 -38.55 17.58
C GLU A 1292 16.49 -38.12 16.11
N LEU A 1293 15.34 -38.15 15.45
CA LEU A 1293 15.29 -37.83 14.03
C LEU A 1293 14.31 -36.70 13.72
N LEU A 1294 14.56 -36.01 12.61
CA LEU A 1294 13.64 -34.99 12.11
C LEU A 1294 13.28 -35.31 10.65
N VAL A 1295 12.00 -35.19 10.33
CA VAL A 1295 11.52 -35.60 9.01
C VAL A 1295 10.86 -34.45 8.26
N GLU A 1296 11.17 -34.33 6.97
CA GLU A 1296 10.56 -33.32 6.12
C GLU A 1296 9.46 -33.92 5.26
N GLY A 1297 8.21 -33.55 5.55
CA GLY A 1297 7.08 -34.06 4.80
C GLY A 1297 5.74 -33.62 5.36
N TYR A 1298 4.67 -33.93 4.63
CA TYR A 1298 3.32 -33.59 5.04
C TYR A 1298 2.64 -34.72 5.79
N GLY A 1299 3.39 -35.79 6.04
CA GLY A 1299 2.83 -37.01 6.58
C GLY A 1299 2.15 -36.88 7.94
N LEU A 1300 2.90 -36.41 8.94
CA LEU A 1300 2.38 -36.25 10.30
C LEU A 1300 1.77 -37.56 10.83
N ARG A 1301 0.45 -37.56 11.03
CA ARG A 1301 -0.27 -38.66 11.69
C ARG A 1301 0.14 -40.05 11.20
N ASP A 1302 0.35 -40.19 9.91
CA ASP A 1302 0.73 -41.48 9.33
C ASP A 1302 2.10 -41.94 9.83
N VAL A 1303 3.05 -41.01 9.93
CA VAL A 1303 4.37 -41.35 10.45
C VAL A 1303 4.32 -41.40 11.97
N MET A 1304 3.27 -40.80 12.54
CA MET A 1304 3.00 -40.92 13.97
C MET A 1304 2.33 -42.25 14.24
N CYS A 1305 1.49 -42.68 13.31
CA CYS A 1305 0.84 -43.99 13.36
C CYS A 1305 1.85 -45.08 13.04
N THR A 1306 2.91 -44.71 12.33
CA THR A 1306 3.96 -45.65 11.96
C THR A 1306 4.57 -46.30 13.20
N ASP A 1307 4.59 -47.63 13.19
CA ASP A 1307 5.04 -48.40 14.34
C ASP A 1307 6.54 -48.25 14.59
N GLY A 1308 6.93 -48.36 15.86
CA GLY A 1308 8.32 -48.29 16.24
C GLY A 1308 8.71 -47.01 16.96
N VAL A 1309 7.83 -46.00 16.89
CA VAL A 1309 8.10 -44.72 17.53
C VAL A 1309 6.97 -44.31 18.47
N ILE A 1310 7.33 -43.68 19.58
CA ILE A 1310 6.32 -43.12 20.47
C ILE A 1310 5.86 -41.76 19.94
N GLY A 1311 4.57 -41.65 19.67
CA GLY A 1311 4.02 -40.44 19.07
C GLY A 1311 3.41 -39.50 20.10
N SER A 1312 3.58 -39.82 21.37
CA SER A 1312 2.99 -39.02 22.44
C SER A 1312 3.44 -37.56 22.38
N ARG A 1313 4.75 -37.34 22.42
CA ARG A 1313 5.28 -35.98 22.33
C ARG A 1313 5.96 -35.73 20.98
N THR A 1314 5.33 -34.91 20.15
CA THR A 1314 5.89 -34.56 18.85
C THR A 1314 5.64 -33.10 18.51
N THR A 1315 6.13 -32.66 17.36
CA THR A 1315 5.97 -31.29 16.91
C THR A 1315 5.95 -31.24 15.38
N THR A 1316 5.20 -30.31 14.82
CA THR A 1316 5.10 -30.16 13.37
C THR A 1316 4.85 -28.72 12.96
N ASN A 1317 5.37 -28.34 11.79
CA ASN A 1317 5.20 -27.00 11.25
C ASN A 1317 3.90 -26.87 10.47
N HIS A 1318 3.76 -25.77 9.73
CA HIS A 1318 2.58 -25.46 8.92
C HIS A 1318 1.28 -25.74 9.68
N VAL A 1319 0.99 -24.87 10.65
CA VAL A 1319 -0.11 -25.04 11.60
C VAL A 1319 -1.45 -25.42 10.98
N LEU A 1320 -1.74 -24.88 9.78
CA LEU A 1320 -2.99 -25.16 9.08
C LEU A 1320 -3.29 -26.65 8.96
N GLU A 1321 -2.26 -27.45 8.72
CA GLU A 1321 -2.42 -28.91 8.62
C GLU A 1321 -2.54 -29.55 9.99
N VAL A 1322 -1.96 -28.91 11.00
CA VAL A 1322 -2.09 -29.38 12.38
C VAL A 1322 -3.54 -29.23 12.84
N PHE A 1323 -4.23 -28.27 12.21
CA PHE A 1323 -5.65 -28.07 12.47
C PHE A 1323 -6.48 -29.22 11.91
N SER A 1324 -5.91 -29.93 10.93
CA SER A 1324 -6.61 -31.04 10.29
C SER A 1324 -6.49 -32.33 11.09
N VAL A 1325 -5.68 -32.32 12.14
CA VAL A 1325 -5.49 -33.50 12.98
C VAL A 1325 -5.84 -33.24 14.45
N LEU A 1326 -5.06 -32.41 15.12
CA LEU A 1326 -5.37 -32.03 16.50
C LEU A 1326 -6.47 -30.97 16.53
N GLY A 1327 -6.28 -29.91 15.74
CA GLY A 1327 -7.32 -28.92 15.53
C GLY A 1327 -7.49 -27.89 16.61
N ILE A 1328 -8.01 -26.72 16.22
CA ILE A 1328 -8.43 -25.66 17.14
C ILE A 1328 -7.36 -25.30 18.17
N GLU A 1329 -7.65 -25.57 19.44
CA GLU A 1329 -6.78 -25.22 20.57
C GLU A 1329 -5.31 -25.58 20.36
N ALA A 1330 -5.05 -26.88 20.20
CA ALA A 1330 -3.69 -27.37 20.00
C ALA A 1330 -2.97 -26.66 18.84
N ALA A 1331 -3.72 -26.29 17.82
CA ALA A 1331 -3.17 -25.55 16.69
C ALA A 1331 -2.84 -24.12 17.11
N ARG A 1332 -3.71 -23.53 17.93
CA ARG A 1332 -3.50 -22.18 18.43
C ARG A 1332 -2.30 -22.13 19.37
N TYR A 1333 -2.08 -23.22 20.10
CA TYR A 1333 -0.95 -23.30 21.02
C TYR A 1333 0.35 -23.47 20.23
N SER A 1334 0.25 -24.08 19.05
CA SER A 1334 1.41 -24.32 18.20
C SER A 1334 1.82 -23.08 17.42
N ILE A 1335 0.85 -22.29 16.98
CA ILE A 1335 1.13 -21.12 16.16
C ILE A 1335 1.75 -19.99 17.00
N ILE A 1336 1.41 -19.94 18.28
CA ILE A 1336 1.99 -18.94 19.18
C ILE A 1336 3.35 -19.43 19.68
N ARG A 1337 3.60 -20.71 19.51
CA ARG A 1337 4.87 -21.32 19.90
C ARG A 1337 5.96 -21.03 18.88
N GLU A 1338 5.59 -21.08 17.60
CA GLU A 1338 6.54 -20.84 16.51
C GLU A 1338 6.82 -19.36 16.34
N ILE A 1339 5.78 -18.54 16.47
CA ILE A 1339 5.92 -17.09 16.37
C ILE A 1339 6.89 -16.55 17.42
N ASN A 1340 6.73 -17.03 18.65
CA ASN A 1340 7.58 -16.61 19.75
C ASN A 1340 9.03 -17.07 19.53
N TYR A 1341 9.19 -18.31 19.08
CA TYR A 1341 10.51 -18.91 18.87
C TYR A 1341 11.38 -18.12 17.90
N THR A 1342 10.96 -18.06 16.63
CA THR A 1342 11.76 -17.46 15.58
C THR A 1342 12.01 -15.96 15.79
N MET A 1343 11.15 -15.32 16.57
CA MET A 1343 11.27 -13.89 16.82
C MET A 1343 12.03 -13.60 18.12
N SER A 1344 12.38 -14.66 18.84
CA SER A 1344 13.15 -14.52 20.07
C SER A 1344 14.64 -14.73 19.82
N ASN A 1345 14.98 -15.03 18.57
CA ASN A 1345 16.36 -15.31 18.19
C ASN A 1345 17.08 -14.07 17.67
N HIS A 1346 16.57 -13.53 16.56
CA HIS A 1346 17.21 -12.41 15.87
C HIS A 1346 17.47 -11.20 16.76
N GLY A 1347 16.54 -10.89 17.67
CA GLY A 1347 16.75 -9.77 18.57
C GLY A 1347 15.59 -9.33 19.45
N MET A 1348 15.92 -8.45 20.39
CA MET A 1348 15.00 -7.76 21.31
C MET A 1348 13.99 -8.67 22.00
N SER A 1349 12.77 -8.17 22.21
CA SER A 1349 11.67 -8.97 22.74
C SER A 1349 10.33 -8.42 22.29
N VAL A 1350 9.39 -9.31 21.96
CA VAL A 1350 8.04 -8.89 21.62
C VAL A 1350 7.08 -9.07 22.80
N ASP A 1351 7.60 -9.63 23.89
CA ASP A 1351 6.84 -9.94 25.11
C ASP A 1351 5.80 -11.04 24.87
N PRO A 1352 5.48 -11.81 25.93
CA PRO A 1352 4.52 -12.91 25.82
C PRO A 1352 3.07 -12.48 25.60
N ARG A 1353 2.72 -11.28 26.07
CA ARG A 1353 1.33 -10.83 26.05
C ARG A 1353 0.79 -10.58 24.64
N HIS A 1354 1.53 -9.85 23.83
CA HIS A 1354 1.06 -9.44 22.51
C HIS A 1354 0.93 -10.60 21.53
N ILE A 1355 1.66 -11.67 21.78
CA ILE A 1355 1.65 -12.84 20.89
C ILE A 1355 0.37 -13.65 21.05
N GLN A 1356 -0.02 -13.89 22.30
CA GLN A 1356 -1.17 -14.72 22.60
C GLN A 1356 -2.48 -14.16 22.02
N LEU A 1357 -2.59 -12.84 22.00
CA LEU A 1357 -3.80 -12.19 21.49
C LEU A 1357 -3.88 -12.28 19.97
N LEU A 1358 -2.72 -12.32 19.32
CA LEU A 1358 -2.67 -12.42 17.86
C LEU A 1358 -3.17 -13.77 17.36
N GLY A 1359 -2.78 -14.83 18.07
CA GLY A 1359 -3.18 -16.17 17.70
C GLY A 1359 -4.59 -16.52 18.14
N ASP A 1360 -5.10 -15.78 19.12
CA ASP A 1360 -6.43 -16.03 19.65
C ASP A 1360 -7.51 -15.49 18.73
N VAL A 1361 -7.31 -14.28 18.21
CA VAL A 1361 -8.30 -13.64 17.36
C VAL A 1361 -8.41 -14.34 16.01
N MET A 1362 -7.38 -15.08 15.64
CA MET A 1362 -7.39 -15.88 14.41
C MET A 1362 -8.13 -17.20 14.62
N THR A 1363 -7.85 -17.86 15.74
CA THR A 1363 -8.36 -19.20 16.01
C THR A 1363 -9.79 -19.23 16.57
N TYR A 1364 -10.17 -18.18 17.29
CA TYR A 1364 -11.40 -18.19 18.10
C TYR A 1364 -12.68 -18.58 17.34
N LYS A 1365 -12.69 -18.35 16.03
CA LYS A 1365 -13.84 -18.70 15.21
C LYS A 1365 -13.98 -20.22 15.06
N GLY A 1366 -12.90 -20.94 15.35
CA GLY A 1366 -12.90 -22.38 15.25
C GLY A 1366 -12.13 -22.89 14.05
N GLU A 1367 -11.64 -21.96 13.23
CA GLU A 1367 -10.83 -22.30 12.07
C GLU A 1367 -9.75 -21.25 11.86
N VAL A 1368 -8.54 -21.69 11.50
CA VAL A 1368 -7.44 -20.77 11.32
C VAL A 1368 -7.50 -20.11 9.95
N LEU A 1369 -7.68 -18.79 9.95
CA LEU A 1369 -7.66 -18.00 8.73
C LEU A 1369 -7.45 -16.53 9.07
N GLY A 1370 -6.96 -15.73 8.11
CA GLY A 1370 -6.92 -14.29 8.30
C GLY A 1370 -5.82 -13.53 7.60
N ILE A 1371 -5.86 -12.21 7.76
CA ILE A 1371 -4.82 -11.26 7.33
C ILE A 1371 -4.66 -11.18 5.81
N THR A 1372 -5.27 -12.11 5.08
CA THR A 1372 -5.20 -12.08 3.62
C THR A 1372 -6.57 -11.75 3.03
N ARG A 1373 -6.58 -11.07 1.89
CA ARG A 1373 -7.82 -10.59 1.27
C ARG A 1373 -8.85 -11.69 1.08
N PHE A 1374 -8.39 -12.90 0.79
CA PHE A 1374 -9.28 -14.05 0.65
C PHE A 1374 -9.77 -14.51 2.02
N GLY A 1375 -8.91 -14.36 3.03
CA GLY A 1375 -9.24 -14.80 4.38
C GLY A 1375 -9.63 -13.69 5.32
N LEU A 1376 -9.53 -12.45 4.88
CA LEU A 1376 -9.85 -11.31 5.74
C LEU A 1376 -11.36 -11.20 5.94
N SER A 1377 -12.15 -11.73 5.02
CA SER A 1377 -13.57 -11.76 5.25
C SER A 1377 -13.95 -13.08 5.90
N LYS A 1378 -14.20 -13.00 7.20
CA LYS A 1378 -14.65 -14.13 7.99
C LYS A 1378 -15.78 -13.68 8.91
N MET A 1379 -15.42 -12.79 9.82
CA MET A 1379 -16.31 -12.26 10.84
C MET A 1379 -16.93 -10.93 10.43
N ARG A 1380 -16.09 -9.93 10.21
CA ARG A 1380 -16.53 -8.55 9.97
C ARG A 1380 -17.54 -8.45 8.84
N ASP A 1381 -18.70 -7.86 9.14
CA ASP A 1381 -19.77 -7.70 8.17
C ASP A 1381 -19.75 -6.31 7.55
N SER A 1382 -18.81 -5.48 7.98
CA SER A 1382 -18.74 -4.10 7.49
C SER A 1382 -18.13 -4.06 6.10
N VAL A 1383 -18.88 -3.54 5.14
CA VAL A 1383 -18.46 -3.55 3.74
C VAL A 1383 -17.47 -2.44 3.40
N LEU A 1384 -17.57 -1.31 4.12
CA LEU A 1384 -16.73 -0.16 3.82
C LEU A 1384 -15.27 -0.37 4.21
N GLN A 1385 -15.05 -0.99 5.37
CA GLN A 1385 -13.69 -1.22 5.86
C GLN A 1385 -13.02 -2.36 5.10
N LEU A 1386 -13.82 -3.28 4.57
CA LEU A 1386 -13.29 -4.38 3.77
C LEU A 1386 -12.98 -3.89 2.36
N ALA A 1387 -13.78 -2.96 1.85
CA ALA A 1387 -13.52 -2.33 0.58
C ALA A 1387 -12.42 -1.28 0.73
N SER A 1388 -12.12 -0.95 1.99
CA SER A 1388 -11.06 -0.01 2.29
C SER A 1388 -9.69 -0.66 2.13
N PHE A 1389 -9.41 -1.67 2.95
CA PHE A 1389 -8.11 -2.34 2.92
C PHE A 1389 -7.78 -2.88 1.53
N GLU A 1390 -8.41 -3.99 1.14
CA GLU A 1390 -8.30 -4.44 -0.24
C GLU A 1390 -9.62 -4.94 -0.80
N LYS A 1391 -10.18 -4.17 -1.73
CA LYS A 1391 -11.13 -4.55 -2.78
C LYS A 1391 -11.62 -3.27 -3.43
N THR A 1392 -12.23 -3.36 -4.60
CA THR A 1392 -12.80 -2.17 -5.23
C THR A 1392 -14.24 -2.35 -5.70
N THR A 1393 -14.42 -3.13 -6.76
CA THR A 1393 -15.71 -3.26 -7.42
C THR A 1393 -16.69 -4.21 -6.73
N ASP A 1394 -16.19 -5.39 -6.36
CA ASP A 1394 -17.06 -6.49 -5.95
C ASP A 1394 -17.88 -6.22 -4.69
N HIS A 1395 -17.23 -5.78 -3.62
CA HIS A 1395 -17.88 -5.61 -2.33
C HIS A 1395 -19.03 -4.59 -2.37
N LEU A 1396 -18.91 -3.61 -3.25
CA LEU A 1396 -19.93 -2.58 -3.39
C LEU A 1396 -21.18 -3.14 -4.09
N PHE A 1397 -20.95 -3.90 -5.15
CA PHE A 1397 -22.05 -4.49 -5.92
C PHE A 1397 -22.62 -5.74 -5.23
N ASP A 1398 -21.77 -6.46 -4.52
CA ASP A 1398 -22.20 -7.67 -3.82
C ASP A 1398 -23.15 -7.32 -2.67
N ALA A 1399 -22.82 -6.27 -1.95
CA ALA A 1399 -23.65 -5.82 -0.83
C ALA A 1399 -24.98 -5.25 -1.30
N ALA A 1400 -25.00 -4.76 -2.54
CA ALA A 1400 -26.21 -4.23 -3.13
C ALA A 1400 -27.12 -5.36 -3.60
N PHE A 1401 -26.51 -6.37 -4.20
CA PHE A 1401 -27.23 -7.57 -4.66
C PHE A 1401 -27.97 -8.24 -3.51
N TYR A 1402 -27.22 -8.72 -2.53
CA TYR A 1402 -27.79 -9.44 -1.39
C TYR A 1402 -28.53 -8.50 -0.43
N MET A 1403 -28.48 -7.20 -0.71
CA MET A 1403 -29.18 -6.19 0.07
C MET A 1403 -28.74 -6.21 1.54
N LYS A 1404 -27.44 -6.10 1.75
CA LYS A 1404 -26.88 -6.09 3.11
C LYS A 1404 -27.25 -4.82 3.86
N LYS A 1405 -27.18 -4.88 5.18
CA LYS A 1405 -27.47 -3.73 6.03
C LYS A 1405 -26.32 -3.45 6.99
N ASP A 1406 -26.08 -4.40 7.89
CA ASP A 1406 -25.05 -4.31 8.92
C ASP A 1406 -25.19 -3.04 9.75
N ALA A 1407 -24.06 -2.42 10.09
CA ALA A 1407 -24.06 -1.21 10.91
C ALA A 1407 -22.74 -0.46 10.76
N VAL A 1408 -22.74 0.82 11.15
CA VAL A 1408 -21.51 1.57 11.29
C VAL A 1408 -21.11 1.55 12.77
N GLU A 1409 -20.02 0.84 13.05
CA GLU A 1409 -19.60 0.59 14.43
C GLU A 1409 -18.13 0.91 14.66
N GLY A 1410 -17.26 0.21 13.94
CA GLY A 1410 -15.83 0.25 14.17
C GLY A 1410 -15.16 1.59 13.92
N VAL A 1411 -13.84 1.61 14.12
CA VAL A 1411 -13.06 2.85 14.07
C VAL A 1411 -12.90 3.36 12.63
N SER A 1412 -12.25 2.58 11.77
CA SER A 1412 -12.07 2.95 10.37
C SER A 1412 -13.40 3.21 9.66
N GLU A 1413 -14.47 2.67 10.23
CA GLU A 1413 -15.82 2.87 9.70
C GLU A 1413 -16.35 4.25 10.09
N CYS A 1414 -16.04 4.68 11.31
CA CYS A 1414 -16.53 5.96 11.83
C CYS A 1414 -15.76 7.17 11.30
N ILE A 1415 -14.48 6.97 11.00
CA ILE A 1415 -13.66 8.08 10.51
C ILE A 1415 -14.07 8.51 9.11
N ILE A 1416 -14.87 7.68 8.45
CA ILE A 1416 -15.43 8.02 7.15
C ILE A 1416 -16.56 9.01 7.31
N LEU A 1417 -17.61 8.60 8.01
CA LEU A 1417 -18.78 9.44 8.27
C LEU A 1417 -18.44 10.65 9.16
N GLY A 1418 -17.25 10.64 9.74
CA GLY A 1418 -16.78 11.76 10.55
C GLY A 1418 -17.52 11.95 11.85
N GLN A 1419 -17.57 10.89 12.67
CA GLN A 1419 -18.20 10.97 13.98
C GLN A 1419 -17.24 10.49 15.06
N THR A 1420 -17.75 10.39 16.29
CA THR A 1420 -16.91 10.05 17.44
C THR A 1420 -16.47 8.59 17.43
N MET A 1421 -15.71 8.20 18.45
CA MET A 1421 -15.19 6.84 18.55
C MET A 1421 -15.69 6.17 19.83
N SER A 1422 -15.85 4.84 19.77
CA SER A 1422 -16.41 4.10 20.90
C SER A 1422 -15.34 3.56 21.83
N ILE A 1423 -14.08 3.84 21.52
CA ILE A 1423 -12.97 3.35 22.34
C ILE A 1423 -12.09 4.50 22.82
N GLY A 1424 -11.26 4.24 23.82
CA GLY A 1424 -10.37 5.23 24.38
C GLY A 1424 -11.09 6.31 25.17
N THR A 1425 -10.83 7.56 24.83
CA THR A 1425 -11.39 8.70 25.54
C THR A 1425 -12.92 8.76 25.42
N GLY A 1426 -13.44 8.27 24.30
CA GLY A 1426 -14.86 8.31 24.03
C GLY A 1426 -15.61 7.10 24.54
N SER A 1427 -15.03 6.40 25.51
CA SER A 1427 -15.64 5.19 26.06
C SER A 1427 -16.68 5.52 27.14
N PHE A 1428 -16.74 6.79 27.53
CA PHE A 1428 -17.67 7.21 28.58
C PHE A 1428 -18.35 8.53 28.23
N LYS A 1429 -19.44 8.83 28.94
CA LYS A 1429 -20.17 10.06 28.72
C LYS A 1429 -20.04 11.00 29.92
N VAL A 1430 -19.56 12.21 29.68
CA VAL A 1430 -19.38 13.19 30.74
C VAL A 1430 -20.71 13.82 31.13
N VAL A 1431 -20.98 13.90 32.43
CA VAL A 1431 -22.24 14.46 32.94
C VAL A 1431 -21.98 15.37 34.14
N LYS A 1432 -22.76 16.43 34.22
CA LYS A 1432 -22.92 17.25 35.42
C LYS A 1432 -24.42 17.25 35.77
N GLY A 1433 -24.74 17.07 37.06
CA GLY A 1433 -26.12 16.88 37.46
C GLY A 1433 -26.81 18.03 38.19
N THR A 1434 -27.98 18.41 37.69
CA THR A 1434 -28.79 19.49 38.26
C THR A 1434 -29.30 19.26 39.68
N ASN A 1435 -29.76 18.05 39.97
CA ASN A 1435 -30.31 17.70 41.28
C ASN A 1435 -31.50 18.56 41.75
N ILE A 1436 -32.41 18.86 40.84
CA ILE A 1436 -33.58 19.69 41.14
C ILE A 1436 -34.58 19.05 42.11
N SER A 1437 -35.23 19.89 42.92
CA SER A 1437 -36.19 19.43 43.92
C SER A 1437 -37.48 18.93 43.27
N GLU A 1438 -38.17 18.04 43.97
CA GLU A 1438 -39.42 17.47 43.48
C GLU A 1438 -40.63 18.21 44.03
N LYS A 1439 -40.38 19.27 44.79
CA LYS A 1439 -41.43 20.01 45.47
C LYS A 1439 -42.02 21.13 44.60
N ASP A 1440 -41.17 22.10 44.27
CA ASP A 1440 -41.61 23.31 43.55
C ASP A 1440 -42.14 23.02 42.14
N LEU A 1441 -41.96 21.79 41.66
CA LEU A 1441 -42.35 21.42 40.32
C LEU A 1441 -43.86 21.49 40.07
N VAL A 1442 -44.65 21.24 41.12
CA VAL A 1442 -46.10 21.14 40.95
C VAL A 1442 -46.89 22.28 41.58
N PRO A 1443 -47.46 23.16 40.74
CA PRO A 1443 -48.45 24.14 41.16
C PRO A 1443 -49.85 23.55 41.05
N LYS A 1444 -50.89 24.36 41.28
CA LYS A 1444 -52.25 23.88 41.15
C LYS A 1444 -52.96 24.56 39.97
N ARG A 1445 -53.91 23.85 39.38
CA ARG A 1445 -54.75 24.45 38.36
C ARG A 1445 -55.61 25.53 39.01
N CYS A 1446 -55.54 26.74 38.46
CA CYS A 1446 -56.16 27.89 39.10
C CYS A 1446 -57.56 28.18 38.59
N LEU A 1447 -58.55 27.98 39.46
CA LEU A 1447 -59.95 28.30 39.16
C LEU A 1447 -60.42 27.59 37.90
N PHE A 1448 -60.22 26.28 37.86
CA PHE A 1448 -60.52 25.48 36.68
C PHE A 1448 -61.45 24.31 36.99
N GLU A 1449 -60.97 23.40 37.83
CA GLU A 1449 -61.70 22.17 38.12
C GLU A 1449 -62.82 22.41 39.15
N SER A 1450 -62.91 23.64 39.64
CA SER A 1450 -63.92 23.99 40.63
C SER A 1450 -65.28 24.25 39.98
N LEU A 1451 -65.36 25.29 39.16
CA LEU A 1451 -66.61 25.71 38.56
C LEU A 1451 -67.04 24.79 37.41
N SER A 1452 -66.07 24.34 36.61
CA SER A 1452 -66.34 23.55 35.41
C SER A 1452 -67.12 22.26 35.68
N ASN A 1453 -66.49 21.32 36.38
CA ASN A 1453 -67.08 20.00 36.58
C ASN A 1453 -68.32 20.02 37.47
N GLU A 1454 -68.27 20.84 38.53
CA GLU A 1454 -69.36 20.91 39.48
C GLU A 1454 -70.62 21.55 38.89
N ALA A 1455 -70.49 22.12 37.70
CA ALA A 1455 -71.61 22.77 37.03
C ALA A 1455 -72.56 21.76 36.41
N ALA A 1456 -72.01 20.66 35.88
CA ALA A 1456 -72.83 19.64 35.23
C ALA A 1456 -73.25 18.53 36.18
N LEU A 1457 -72.68 18.52 37.38
CA LEU A 1457 -72.92 17.41 38.32
C LEU A 1457 -74.01 17.67 39.35
N LYS A 1458 -74.60 18.86 39.33
CA LYS A 1458 -75.64 19.20 40.31
C LYS A 1458 -77.04 19.16 39.71
N ALA A 1459 -77.89 18.33 40.32
CA ALA A 1459 -79.31 18.20 39.97
C ALA A 1459 -79.55 17.58 38.59
N ASN A 1460 -78.50 17.45 37.80
CA ASN A 1460 -78.59 16.87 36.46
C ASN A 1460 -77.25 16.31 35.98
N ASP B 36 67.71 12.13 -13.65
CA ASP B 36 67.24 10.85 -13.15
C ASP B 36 67.16 9.81 -14.27
N GLU B 37 67.65 8.61 -14.00
CA GLU B 37 67.64 7.53 -14.97
C GLU B 37 66.23 6.98 -15.17
N ILE B 38 66.00 6.31 -16.29
CA ILE B 38 64.71 5.70 -16.57
C ILE B 38 64.62 4.31 -15.94
N ASN B 39 63.67 4.14 -15.03
CA ASN B 39 63.53 2.91 -14.28
C ASN B 39 62.36 2.05 -14.77
N THR B 40 62.11 0.94 -14.09
CA THR B 40 61.15 -0.06 -14.54
C THR B 40 59.69 0.39 -14.41
N ALA B 41 59.31 0.98 -13.28
CA ALA B 41 57.90 1.33 -13.10
C ALA B 41 57.59 2.62 -13.84
N GLN B 42 57.96 3.76 -13.26
CA GLN B 42 58.19 5.00 -14.01
C GLN B 42 57.14 5.29 -15.09
N ASP B 43 57.63 5.32 -16.33
CA ASP B 43 56.85 5.64 -17.52
C ASP B 43 55.58 4.81 -17.72
N LYS B 44 55.45 3.68 -17.03
CA LYS B 44 54.21 2.91 -17.07
C LYS B 44 53.02 3.78 -16.68
N TRP B 45 53.27 4.74 -15.79
CA TRP B 45 52.27 5.72 -15.41
C TRP B 45 52.14 6.81 -16.48
N HIS B 46 53.23 7.04 -17.22
CA HIS B 46 53.24 8.04 -18.29
C HIS B 46 52.49 7.55 -19.53
N LEU B 47 52.09 6.27 -19.53
CA LEU B 47 51.42 5.68 -20.67
C LEU B 47 49.99 6.21 -20.84
N LEU B 48 49.31 6.46 -19.73
CA LEU B 48 47.94 6.92 -19.77
C LEU B 48 47.80 8.33 -20.37
N PRO B 49 48.67 9.29 -19.96
CA PRO B 49 48.56 10.60 -20.61
C PRO B 49 48.80 10.55 -22.12
N ALA B 50 49.65 9.63 -22.57
CA ALA B 50 49.91 9.47 -23.99
C ALA B 50 48.69 8.87 -24.70
N PHE B 51 47.98 8.01 -23.98
CA PHE B 51 46.79 7.36 -24.52
C PHE B 51 45.57 8.28 -24.50
N LEU B 52 45.43 9.06 -23.42
CA LEU B 52 44.25 9.90 -23.24
C LEU B 52 44.34 11.20 -24.01
N LYS B 53 45.54 11.55 -24.46
CA LYS B 53 45.73 12.78 -25.23
C LYS B 53 45.26 12.60 -26.67
N VAL B 54 45.44 11.40 -27.20
CA VAL B 54 44.99 11.09 -28.56
C VAL B 54 43.47 10.95 -28.60
N LYS B 55 42.98 9.91 -27.92
CA LYS B 55 41.54 9.72 -27.79
C LYS B 55 41.03 10.39 -26.52
N GLY B 56 40.06 11.28 -26.66
CA GLY B 56 39.55 12.04 -25.55
C GLY B 56 38.86 11.21 -24.49
N LEU B 57 38.48 11.83 -23.39
CA LEU B 57 37.85 11.13 -22.28
C LEU B 57 36.54 10.48 -22.73
N VAL B 58 35.77 11.21 -23.54
CA VAL B 58 34.55 10.62 -24.12
C VAL B 58 34.79 10.25 -25.57
N LYS B 59 34.93 8.95 -25.82
CA LYS B 59 35.03 8.39 -27.16
C LYS B 59 33.67 8.13 -27.77
N GLN B 60 32.74 7.70 -26.93
CA GLN B 60 31.45 7.14 -27.35
C GLN B 60 30.69 7.96 -28.38
N HIS B 61 30.21 9.11 -27.97
CA HIS B 61 29.35 9.94 -28.82
C HIS B 61 30.09 10.44 -30.05
N LEU B 62 31.31 10.93 -29.85
CA LEU B 62 32.14 11.48 -30.93
C LEU B 62 32.40 10.46 -32.05
N ASP B 63 33.11 9.39 -31.71
CA ASP B 63 33.53 8.39 -32.69
C ASP B 63 32.37 7.75 -33.45
N SER B 64 31.25 7.55 -32.76
CA SER B 64 30.08 6.92 -33.37
C SER B 64 29.39 7.84 -34.37
N PHE B 65 29.29 9.12 -34.00
CA PHE B 65 28.62 10.11 -34.85
C PHE B 65 29.44 10.38 -36.12
N ASN B 66 30.76 10.27 -36.01
CA ASN B 66 31.64 10.45 -37.15
C ASN B 66 31.53 9.30 -38.13
N TYR B 67 31.42 8.09 -37.60
CA TYR B 67 31.23 6.89 -38.41
C TYR B 67 29.84 6.90 -39.04
N PHE B 68 28.87 7.41 -38.29
CA PHE B 68 27.49 7.53 -38.75
C PHE B 68 27.36 8.36 -40.02
N VAL B 69 27.73 9.64 -39.92
CA VAL B 69 27.53 10.60 -41.00
C VAL B 69 28.27 10.24 -42.30
N ASP B 70 29.22 9.31 -42.21
CA ASP B 70 29.97 8.89 -43.38
C ASP B 70 29.55 7.52 -43.90
N THR B 71 29.85 6.49 -43.12
CA THR B 71 29.57 5.11 -43.53
C THR B 71 28.07 4.82 -43.61
N ASP B 72 27.35 5.09 -42.53
CA ASP B 72 25.92 4.79 -42.46
C ASP B 72 25.10 5.59 -43.46
N LEU B 73 25.44 6.86 -43.63
CA LEU B 73 24.73 7.74 -44.54
C LEU B 73 24.79 7.25 -45.98
N LYS B 74 25.96 6.77 -46.39
CA LYS B 74 26.15 6.28 -47.75
C LYS B 74 25.54 4.90 -47.95
N LYS B 75 25.44 4.14 -46.86
CA LYS B 75 24.88 2.79 -46.92
C LYS B 75 23.35 2.80 -46.94
N ILE B 76 22.75 3.66 -46.13
CA ILE B 76 21.29 3.75 -46.04
C ILE B 76 20.68 4.23 -47.36
N ILE B 77 21.30 5.24 -47.97
CA ILE B 77 20.83 5.76 -49.25
C ILE B 77 21.02 4.74 -50.36
N LYS B 78 21.92 3.79 -50.14
CA LYS B 78 22.20 2.76 -51.13
C LYS B 78 21.14 1.65 -51.06
N ALA B 79 20.45 1.56 -49.94
CA ALA B 79 19.38 0.58 -49.77
C ALA B 79 18.28 0.84 -50.78
N ASN B 80 17.69 2.03 -50.75
CA ASN B 80 16.80 2.46 -51.81
C ASN B 80 17.38 3.66 -52.54
N GLN B 81 17.86 3.43 -53.76
CA GLN B 81 18.37 4.51 -54.59
C GLN B 81 17.34 4.92 -55.63
N LEU B 82 16.20 4.24 -55.64
CA LEU B 82 15.20 4.43 -56.68
C LEU B 82 13.78 4.50 -56.14
N ILE B 83 12.93 5.25 -56.84
CA ILE B 83 11.50 5.24 -56.56
C ILE B 83 10.74 4.97 -57.86
N LEU B 84 9.84 4.00 -57.83
CA LEU B 84 9.11 3.62 -59.03
C LEU B 84 7.60 3.51 -58.77
N SER B 85 6.83 4.34 -59.47
CA SER B 85 5.37 4.29 -59.39
C SER B 85 4.81 3.82 -60.73
N ASP B 86 3.66 3.16 -60.70
CA ASP B 86 3.10 2.62 -61.94
C ASP B 86 1.98 3.47 -62.51
N VAL B 87 2.32 4.18 -63.58
CA VAL B 87 1.44 5.00 -64.42
C VAL B 87 2.41 5.65 -65.39
N ASP B 88 1.93 6.15 -66.54
CA ASP B 88 2.78 6.80 -67.56
C ASP B 88 3.65 5.73 -68.23
N PRO B 89 4.06 5.97 -69.49
CA PRO B 89 4.85 4.92 -70.15
C PRO B 89 6.15 4.56 -69.43
N GLU B 90 6.96 5.55 -69.07
CA GLU B 90 8.15 5.28 -68.25
C GLU B 90 8.47 6.42 -67.29
N PHE B 91 8.73 6.06 -66.03
CA PHE B 91 9.26 7.01 -65.07
C PHE B 91 10.23 6.32 -64.10
N TYR B 92 11.40 6.91 -63.90
CA TYR B 92 12.34 6.40 -62.90
C TYR B 92 13.18 7.53 -62.32
N LEU B 93 13.49 7.42 -61.03
CA LEU B 93 14.20 8.48 -60.33
C LEU B 93 15.33 7.88 -59.47
N LYS B 94 16.54 8.41 -59.62
CA LYS B 94 17.70 7.85 -58.94
C LYS B 94 18.47 8.88 -58.10
N TYR B 95 18.78 8.51 -56.86
CA TYR B 95 19.63 9.32 -56.00
C TYR B 95 21.07 8.84 -56.11
N VAL B 96 21.93 9.66 -56.71
CA VAL B 96 23.32 9.27 -56.93
C VAL B 96 24.19 9.44 -55.67
N ASP B 97 24.03 10.56 -54.98
CA ASP B 97 24.86 10.85 -53.82
C ASP B 97 24.14 11.74 -52.80
N ILE B 98 24.44 11.51 -51.52
CA ILE B 98 23.90 12.33 -50.44
C ILE B 98 25.03 12.78 -49.51
N ARG B 99 25.15 14.09 -49.33
CA ARG B 99 26.21 14.65 -48.50
C ARG B 99 25.65 15.66 -47.48
N VAL B 100 26.45 16.02 -46.49
CA VAL B 100 26.02 16.96 -45.47
C VAL B 100 26.67 18.33 -45.62
N GLY B 101 25.89 19.32 -46.03
CA GLY B 101 26.30 20.70 -46.09
C GLY B 101 27.60 20.99 -46.83
N LYS B 102 27.95 20.17 -47.81
CA LYS B 102 29.19 20.36 -48.54
C LYS B 102 29.04 20.15 -50.04
N LYS B 103 29.40 21.17 -50.81
CA LYS B 103 29.44 21.08 -52.27
C LYS B 103 30.16 22.28 -52.86
N SER B 104 30.31 22.28 -54.18
CA SER B 104 30.95 23.38 -54.93
C SER B 104 32.32 23.76 -54.39
N SER B 105 32.59 25.06 -54.34
CA SER B 105 33.87 25.55 -53.83
C SER B 105 33.78 25.96 -52.37
N SER B 106 32.57 25.85 -51.81
CA SER B 106 32.34 26.22 -50.42
C SER B 106 32.76 25.10 -49.48
N SER B 107 33.66 25.40 -48.56
CA SER B 107 34.13 24.43 -47.57
C SER B 107 32.99 24.03 -46.64
N THR B 108 32.12 24.99 -46.36
CA THR B 108 30.97 24.76 -45.49
C THR B 108 29.93 25.86 -45.68
N LYS B 109 28.91 25.86 -44.83
CA LYS B 109 27.92 26.92 -44.81
C LYS B 109 28.62 28.25 -44.56
N ASP B 110 28.09 29.34 -45.12
CA ASP B 110 28.71 30.66 -44.99
C ASP B 110 29.00 30.98 -43.52
N TYR B 111 27.95 31.09 -42.72
CA TYR B 111 28.12 31.14 -41.27
C TYR B 111 27.12 30.22 -40.59
N LEU B 112 27.63 29.20 -39.92
CA LEU B 112 26.78 28.29 -39.17
C LEU B 112 26.70 28.76 -37.71
N THR B 113 25.48 28.83 -37.18
CA THR B 113 25.26 29.32 -35.82
C THR B 113 26.08 28.57 -34.79
N PRO B 114 26.86 29.31 -33.97
CA PRO B 114 27.71 28.71 -32.93
C PRO B 114 26.88 28.01 -31.85
N PRO B 115 27.53 27.32 -30.90
CA PRO B 115 26.76 26.71 -29.81
C PRO B 115 26.10 27.75 -28.90
N HIS B 116 26.84 28.82 -28.59
CA HIS B 116 26.34 29.87 -27.72
C HIS B 116 25.07 30.52 -28.26
N GLU B 117 25.19 31.19 -29.40
CA GLU B 117 24.08 31.93 -30.01
C GLU B 117 22.86 31.03 -30.26
N CYS B 118 23.12 29.76 -30.56
CA CYS B 118 22.06 28.79 -30.76
C CYS B 118 21.25 28.56 -29.48
N ARG B 119 21.94 28.66 -28.34
CA ARG B 119 21.31 28.41 -27.04
C ARG B 119 20.49 29.60 -26.57
N LEU B 120 20.92 30.81 -26.95
CA LEU B 120 20.26 32.03 -26.51
C LEU B 120 18.96 32.32 -27.27
N ARG B 121 18.94 31.98 -28.55
CA ARG B 121 17.80 32.27 -29.40
C ARG B 121 16.78 31.13 -29.42
N ASP B 122 17.05 30.09 -28.63
CA ASP B 122 16.18 28.92 -28.51
C ASP B 122 16.13 28.09 -29.79
N MET B 123 16.79 28.58 -30.84
CA MET B 123 16.87 27.88 -32.12
C MET B 123 17.64 26.57 -31.96
N THR B 124 17.41 25.63 -32.87
CA THR B 124 18.11 24.35 -32.84
C THR B 124 19.51 24.47 -33.44
N TYR B 125 20.25 23.37 -33.38
CA TYR B 125 21.58 23.30 -33.98
C TYR B 125 21.56 22.29 -35.11
N SER B 126 21.68 22.77 -36.34
CA SER B 126 21.53 21.89 -37.50
C SER B 126 22.30 22.34 -38.74
N ALA B 127 22.55 21.39 -39.63
CA ALA B 127 23.18 21.66 -40.91
C ALA B 127 22.35 21.05 -42.03
N PRO B 128 22.27 21.74 -43.18
CA PRO B 128 21.45 21.28 -44.30
C PRO B 128 21.93 19.98 -44.92
N ILE B 129 21.01 19.20 -45.46
CA ILE B 129 21.34 17.94 -46.12
C ILE B 129 21.31 18.08 -47.63
N TYR B 130 22.49 17.94 -48.25
CA TYR B 130 22.59 18.06 -49.70
C TYR B 130 22.38 16.72 -50.40
N VAL B 131 21.45 16.69 -51.34
CA VAL B 131 21.17 15.48 -52.11
C VAL B 131 21.28 15.75 -53.61
N ASP B 132 21.59 14.69 -54.36
CA ASP B 132 21.72 14.79 -55.81
C ASP B 132 20.83 13.73 -56.49
N ILE B 133 19.89 14.18 -57.30
CA ILE B 133 18.92 13.28 -57.92
C ILE B 133 18.90 13.44 -59.45
N GLU B 134 18.59 12.36 -60.15
CA GLU B 134 18.49 12.37 -61.61
C GLU B 134 17.05 12.20 -62.07
N TYR B 135 16.49 13.24 -62.70
CA TYR B 135 15.09 13.24 -63.09
C TYR B 135 14.90 12.86 -64.56
N THR B 136 13.84 12.08 -64.83
CA THR B 136 13.52 11.64 -66.19
C THR B 136 12.03 11.79 -66.49
N ARG B 137 11.72 12.48 -67.57
CA ARG B 137 10.34 12.71 -68.00
C ARG B 137 10.01 11.83 -69.21
N GLY B 138 8.77 11.96 -69.72
CA GLY B 138 8.38 11.33 -70.95
C GLY B 138 8.86 12.15 -72.15
N ARG B 139 9.60 13.21 -71.84
CA ARG B 139 10.24 14.06 -72.84
C ARG B 139 11.63 13.51 -73.13
N ASN B 140 11.90 12.33 -72.57
CA ASN B 140 13.18 11.61 -72.67
C ASN B 140 14.39 12.49 -72.38
N ILE B 141 14.51 12.89 -71.12
CA ILE B 141 15.64 13.70 -70.66
C ILE B 141 16.37 13.01 -69.51
N ILE B 142 17.68 13.19 -69.46
CA ILE B 142 18.46 12.76 -68.31
C ILE B 142 19.29 13.94 -67.79
N MET B 143 18.96 14.41 -66.60
CA MET B 143 19.62 15.58 -66.03
C MET B 143 19.85 15.41 -64.53
N HIS B 144 20.47 16.40 -63.91
CA HIS B 144 20.76 16.35 -62.48
C HIS B 144 20.55 17.70 -61.81
N LYS B 145 20.73 17.73 -60.49
CA LYS B 145 20.61 18.96 -59.71
C LYS B 145 21.11 18.76 -58.29
N ASP B 146 21.05 19.82 -57.49
CA ASP B 146 21.40 19.76 -56.08
C ASP B 146 20.29 20.37 -55.23
N VAL B 147 19.63 19.53 -54.42
CA VAL B 147 18.49 19.97 -53.63
C VAL B 147 18.72 19.69 -52.14
N GLU B 148 17.94 20.34 -51.28
CA GLU B 148 17.99 20.10 -49.85
C GLU B 148 16.69 19.47 -49.37
N ILE B 149 16.77 18.21 -48.94
CA ILE B 149 15.58 17.47 -48.52
C ILE B 149 15.11 17.90 -47.13
N GLY B 150 16.01 18.49 -46.36
CA GLY B 150 15.69 18.94 -45.01
C GLY B 150 16.89 19.12 -44.13
N ARG B 151 16.64 19.43 -42.86
CA ARG B 151 17.72 19.66 -41.90
C ARG B 151 18.10 18.39 -41.15
N MET B 152 18.95 18.55 -40.14
CA MET B 152 19.45 17.45 -39.32
C MET B 152 20.35 17.99 -38.22
N PRO B 153 20.18 17.48 -36.98
CA PRO B 153 20.98 17.94 -35.85
C PRO B 153 22.43 17.48 -35.93
N ILE B 154 23.36 18.38 -35.58
CA ILE B 154 24.77 18.04 -35.56
C ILE B 154 25.29 18.13 -34.12
N MET B 155 26.00 17.09 -33.69
CA MET B 155 26.52 17.02 -32.33
C MET B 155 27.76 17.88 -32.18
N LEU B 156 27.96 18.42 -30.98
CA LEU B 156 29.15 19.23 -30.69
C LEU B 156 30.42 18.40 -30.74
N ARG B 157 31.54 19.06 -31.00
CA ARG B 157 32.85 18.41 -31.12
C ARG B 157 32.83 17.31 -32.17
N SER B 158 32.34 17.64 -33.35
CA SER B 158 32.29 16.69 -34.46
C SER B 158 33.02 17.24 -35.68
N ASN B 159 33.33 16.36 -36.63
CA ASN B 159 34.06 16.74 -37.84
C ASN B 159 33.32 17.80 -38.65
N LYS B 160 32.00 17.79 -38.57
CA LYS B 160 31.18 18.73 -39.33
C LYS B 160 30.84 19.98 -38.53
N CYS B 161 31.29 20.04 -37.28
CA CYS B 161 31.02 21.19 -36.43
C CYS B 161 32.06 22.29 -36.65
N ILE B 162 31.86 23.42 -35.98
CA ILE B 162 32.77 24.55 -36.09
C ILE B 162 33.83 24.51 -34.98
N LEU B 163 33.61 23.63 -34.00
CA LEU B 163 34.49 23.57 -32.84
C LEU B 163 35.59 22.52 -32.99
N TYR B 164 35.61 21.84 -34.13
CA TYR B 164 36.62 20.80 -34.37
C TYR B 164 37.98 21.42 -34.64
N ASP B 165 38.98 21.00 -33.85
CA ASP B 165 40.34 21.50 -33.96
C ASP B 165 40.42 23.03 -33.87
N ALA B 166 40.06 23.56 -32.72
CA ALA B 166 40.13 25.00 -32.47
C ALA B 166 40.87 25.27 -31.17
N ASP B 167 41.57 26.39 -31.10
CA ASP B 167 42.39 26.70 -29.93
C ASP B 167 42.38 28.17 -29.55
N GLU B 168 42.27 28.43 -28.25
CA GLU B 168 42.41 29.77 -27.68
C GLU B 168 41.47 30.82 -28.29
N SER B 169 42.05 31.83 -28.93
CA SER B 169 41.33 32.99 -29.44
C SER B 169 40.13 32.63 -30.32
N LYS B 170 40.19 31.48 -30.97
CA LYS B 170 39.07 31.00 -31.78
C LYS B 170 37.83 30.80 -30.92
N MET B 171 38.05 30.36 -29.68
CA MET B 171 36.95 30.17 -28.74
C MET B 171 36.50 31.50 -28.14
N ALA B 172 37.45 32.41 -27.94
CA ALA B 172 37.17 33.72 -27.39
C ALA B 172 36.30 34.54 -28.34
N LYS B 173 36.53 34.37 -29.64
CA LYS B 173 35.76 35.05 -30.66
C LYS B 173 34.38 34.42 -30.80
N LEU B 174 34.31 33.10 -30.60
CA LEU B 174 33.06 32.37 -30.72
C LEU B 174 32.28 32.37 -29.41
N ASN B 175 32.87 32.97 -28.38
CA ASN B 175 32.20 33.14 -27.09
C ASN B 175 31.74 31.82 -26.46
N GLU B 176 32.70 31.05 -25.96
CA GLU B 176 32.44 29.71 -25.43
C GLU B 176 33.70 29.13 -24.79
N CYS B 177 33.53 28.12 -23.95
CA CYS B 177 34.63 27.57 -23.16
C CYS B 177 35.34 26.42 -23.87
N PRO B 178 36.68 26.46 -23.90
CA PRO B 178 37.51 25.42 -24.51
C PRO B 178 37.50 24.11 -23.74
N LEU B 179 37.16 24.17 -22.46
CA LEU B 179 37.24 23.00 -21.59
C LEU B 179 35.95 22.18 -21.56
N ASP B 180 34.97 22.58 -22.36
CA ASP B 180 33.70 21.86 -22.43
C ASP B 180 33.90 20.45 -22.97
N PRO B 181 33.28 19.45 -22.32
CA PRO B 181 33.40 18.05 -22.71
C PRO B 181 32.89 17.78 -24.12
N GLY B 182 31.75 18.36 -24.47
CA GLY B 182 31.17 18.17 -25.79
C GLY B 182 30.52 16.80 -25.95
N GLY B 183 29.98 16.55 -27.13
CA GLY B 183 29.36 15.26 -27.42
C GLY B 183 27.88 15.22 -27.10
N TYR B 184 27.24 16.39 -27.07
CA TYR B 184 25.82 16.47 -26.76
C TYR B 184 25.03 17.20 -27.86
N PHE B 185 23.72 16.97 -27.88
CA PHE B 185 22.85 17.59 -28.88
C PHE B 185 22.03 18.72 -28.28
N ILE B 186 22.18 19.93 -28.83
CA ILE B 186 21.43 21.08 -28.37
C ILE B 186 20.31 21.44 -29.35
N VAL B 187 19.08 21.29 -28.91
CA VAL B 187 17.91 21.56 -29.74
C VAL B 187 16.79 22.21 -28.94
N ASN B 188 16.10 23.17 -29.56
CA ASN B 188 14.91 23.78 -28.96
C ASN B 188 15.14 24.34 -27.56
N GLY B 189 15.84 25.47 -27.46
CA GLY B 189 16.24 25.99 -26.17
C GLY B 189 17.33 25.16 -25.55
N THR B 190 17.08 24.60 -24.36
CA THR B 190 18.13 23.93 -23.60
C THR B 190 18.56 22.62 -24.28
N GLU B 191 19.52 21.94 -23.66
CA GLU B 191 20.22 20.84 -24.31
C GLU B 191 20.01 19.50 -23.61
N LYS B 192 19.88 18.44 -24.40
CA LYS B 192 19.70 17.09 -23.88
C LYS B 192 20.79 16.15 -24.39
N VAL B 193 21.00 15.05 -23.67
CA VAL B 193 22.03 14.08 -24.03
C VAL B 193 21.45 12.69 -24.26
N ILE B 194 21.91 12.03 -25.32
CA ILE B 194 21.54 10.64 -25.56
C ILE B 194 22.39 9.73 -24.69
N LEU B 195 21.74 8.95 -23.83
CA LEU B 195 22.44 8.10 -22.87
C LEU B 195 22.77 6.73 -23.46
N VAL B 196 23.94 6.21 -23.12
CA VAL B 196 24.36 4.88 -23.59
C VAL B 196 23.46 3.81 -23.01
N GLN B 197 22.93 2.95 -23.88
CA GLN B 197 21.97 1.92 -23.46
C GLN B 197 22.52 0.52 -23.64
N GLU B 198 22.43 -0.28 -22.58
CA GLU B 198 22.89 -1.66 -22.61
C GLU B 198 21.85 -2.57 -23.26
N GLN B 199 22.31 -3.61 -23.95
CA GLN B 199 21.43 -4.53 -24.63
C GLN B 199 21.87 -5.98 -24.41
N LEU B 200 20.91 -6.90 -24.42
CA LEU B 200 21.22 -8.33 -24.28
C LEU B 200 21.95 -8.82 -25.52
N SER B 201 22.67 -9.93 -25.39
CA SER B 201 23.43 -10.51 -26.49
C SER B 201 22.56 -10.79 -27.71
N LYS B 202 22.99 -10.30 -28.86
CA LYS B 202 22.22 -10.43 -30.09
C LYS B 202 22.78 -11.53 -30.98
N ASN B 203 21.89 -12.33 -31.55
CA ASN B 203 22.25 -13.43 -32.44
C ASN B 203 23.23 -14.41 -31.78
N ARG B 204 22.88 -14.88 -30.59
CA ARG B 204 23.72 -15.82 -29.86
C ARG B 204 22.88 -16.72 -28.96
N ILE B 205 23.32 -17.96 -28.78
CA ILE B 205 22.58 -18.94 -28.00
C ILE B 205 22.82 -18.78 -26.49
N ILE B 206 21.73 -18.66 -25.74
CA ILE B 206 21.80 -18.59 -24.29
C ILE B 206 20.92 -19.69 -23.68
N VAL B 207 21.48 -20.42 -22.72
CA VAL B 207 20.78 -21.56 -22.13
C VAL B 207 20.59 -21.42 -20.62
N GLU B 208 19.34 -21.43 -20.18
CA GLU B 208 19.03 -21.32 -18.76
C GLU B 208 18.32 -22.58 -18.25
N ALA B 209 18.53 -22.89 -16.98
CA ALA B 209 17.91 -24.07 -16.36
C ALA B 209 16.89 -23.64 -15.32
N ASP B 210 15.87 -24.47 -15.13
CA ASP B 210 14.78 -24.12 -14.21
C ASP B 210 14.28 -25.34 -13.43
N GLU B 211 13.74 -25.07 -12.24
CA GLU B 211 13.09 -26.08 -11.42
C GLU B 211 11.79 -26.52 -12.10
N LYS B 212 11.24 -27.65 -11.66
CA LYS B 212 10.03 -28.22 -12.24
C LYS B 212 10.19 -28.54 -13.74
N LYS B 213 9.44 -27.83 -14.57
CA LYS B 213 9.22 -28.19 -15.98
C LYS B 213 10.47 -28.61 -16.75
N GLY B 214 11.54 -27.80 -16.68
CA GLY B 214 12.77 -28.19 -17.34
C GLY B 214 13.69 -27.08 -17.78
N ILE B 215 14.55 -27.40 -18.76
CA ILE B 215 15.56 -26.48 -19.25
C ILE B 215 15.08 -25.75 -20.52
N VAL B 216 15.39 -24.46 -20.60
CA VAL B 216 14.97 -23.62 -21.72
C VAL B 216 16.12 -22.80 -22.29
N GLN B 217 16.25 -22.77 -23.60
CA GLN B 217 17.22 -21.89 -24.26
C GLN B 217 16.52 -20.91 -25.18
N ALA B 218 17.06 -19.70 -25.27
CA ALA B 218 16.44 -18.66 -26.09
C ALA B 218 17.38 -18.18 -27.20
N SER B 219 16.80 -17.87 -28.35
CA SER B 219 17.57 -17.37 -29.49
C SER B 219 16.88 -16.15 -30.10
N VAL B 220 17.57 -15.01 -30.09
CA VAL B 220 17.02 -13.78 -30.64
C VAL B 220 18.00 -13.09 -31.58
N THR B 221 17.46 -12.49 -32.65
CA THR B 221 18.26 -11.72 -33.59
C THR B 221 17.37 -10.84 -34.44
N SER B 222 17.98 -10.05 -35.32
CA SER B 222 17.22 -9.20 -36.24
C SER B 222 17.87 -9.18 -37.62
N SER B 223 17.08 -9.50 -38.64
CA SER B 223 17.56 -9.41 -40.00
C SER B 223 16.78 -8.33 -40.75
N THR B 224 17.46 -7.23 -41.05
CA THR B 224 16.86 -6.10 -41.77
C THR B 224 15.56 -5.62 -41.13
N HIS B 225 14.47 -5.74 -41.86
CA HIS B 225 13.18 -5.17 -41.48
C HIS B 225 12.58 -5.72 -40.19
N GLU B 226 12.74 -7.01 -39.93
CA GLU B 226 12.01 -7.63 -38.82
C GLU B 226 12.91 -8.23 -37.73
N ARG B 227 12.34 -8.38 -36.54
CA ARG B 227 13.01 -9.02 -35.42
C ARG B 227 12.11 -10.15 -34.88
N LYS B 228 12.68 -11.34 -34.76
CA LYS B 228 11.91 -12.51 -34.33
C LYS B 228 12.66 -13.32 -33.28
N SER B 229 11.91 -14.03 -32.45
CA SER B 229 12.49 -14.80 -31.36
C SER B 229 12.03 -16.26 -31.37
N LYS B 230 12.99 -17.18 -31.31
CA LYS B 230 12.69 -18.60 -31.25
C LYS B 230 12.93 -19.14 -29.85
N THR B 231 12.00 -19.94 -29.35
CA THR B 231 12.11 -20.50 -28.00
C THR B 231 12.04 -22.03 -28.00
N TYR B 232 13.06 -22.64 -27.43
CA TYR B 232 13.12 -24.10 -27.29
C TYR B 232 12.71 -24.50 -25.88
N VAL B 233 11.90 -25.56 -25.77
CA VAL B 233 11.37 -25.96 -24.47
C VAL B 233 11.16 -27.48 -24.38
N ILE B 234 11.39 -28.03 -23.20
CA ILE B 234 11.08 -29.43 -22.92
C ILE B 234 9.96 -29.50 -21.87
N THR B 235 8.78 -29.93 -22.30
CA THR B 235 7.64 -29.98 -21.40
C THR B 235 7.66 -31.21 -20.49
N LYS B 236 7.85 -32.39 -21.07
CA LYS B 236 7.73 -33.65 -20.35
C LYS B 236 8.48 -34.80 -21.02
N ASN B 237 8.70 -35.87 -20.25
CA ASN B 237 9.17 -37.16 -20.78
C ASN B 237 10.60 -37.15 -21.32
N GLY B 238 11.21 -35.97 -21.38
CA GLY B 238 12.53 -35.84 -21.98
C GLY B 238 12.38 -35.52 -23.46
N LYS B 239 11.22 -35.84 -24.01
CA LYS B 239 10.88 -35.46 -25.37
C LYS B 239 10.72 -33.95 -25.43
N ILE B 240 11.40 -33.34 -26.40
CA ILE B 240 11.53 -31.88 -26.43
C ILE B 240 10.74 -31.24 -27.58
N TYR B 241 10.30 -30.00 -27.36
CA TYR B 241 9.44 -29.30 -28.31
C TYR B 241 10.05 -28.01 -28.80
N LEU B 242 9.53 -27.51 -29.93
CA LEU B 242 9.93 -26.21 -30.46
C LEU B 242 8.74 -25.26 -30.51
N LYS B 243 8.81 -24.20 -29.72
CA LYS B 243 7.75 -23.19 -29.70
C LYS B 243 8.15 -21.96 -30.51
N HIS B 244 7.18 -21.39 -31.23
CA HIS B 244 7.42 -20.19 -32.01
C HIS B 244 6.11 -19.45 -32.25
N ASN B 245 6.20 -18.17 -32.61
CA ASN B 245 5.01 -17.37 -32.91
C ASN B 245 4.52 -17.65 -34.33
N SER B 246 5.38 -18.25 -35.14
CA SER B 246 5.02 -18.61 -36.50
C SER B 246 4.21 -19.90 -36.54
N ILE B 247 4.84 -21.00 -36.13
CA ILE B 247 4.17 -22.29 -36.06
C ILE B 247 3.28 -22.36 -34.82
N ALA B 248 2.08 -22.93 -34.99
CA ALA B 248 1.08 -22.95 -33.92
C ALA B 248 1.55 -23.64 -32.64
N GLU B 249 1.67 -24.96 -32.66
CA GLU B 249 1.91 -25.70 -31.43
C GLU B 249 3.06 -26.71 -31.47
N GLU B 250 4.12 -26.41 -30.72
CA GLU B 250 5.06 -27.40 -30.16
C GLU B 250 5.40 -28.61 -31.04
N ILE B 251 6.15 -28.38 -32.11
CA ILE B 251 6.49 -29.46 -33.04
C ILE B 251 7.46 -30.46 -32.41
N PRO B 252 7.31 -31.75 -32.76
CA PRO B 252 8.24 -32.84 -32.41
C PRO B 252 9.54 -32.76 -33.20
N ILE B 253 10.52 -32.02 -32.68
CA ILE B 253 11.75 -31.66 -33.38
C ILE B 253 12.39 -32.81 -34.17
N ALA B 254 12.32 -34.02 -33.65
CA ALA B 254 12.79 -35.20 -34.38
C ALA B 254 12.17 -35.28 -35.77
N ILE B 255 10.95 -34.74 -35.92
CA ILE B 255 10.32 -34.58 -37.22
C ILE B 255 10.86 -33.36 -37.95
N VAL B 256 11.09 -32.28 -37.20
CA VAL B 256 11.63 -31.05 -37.77
C VAL B 256 13.01 -31.29 -38.39
N LEU B 257 13.82 -32.08 -37.71
CA LEU B 257 15.16 -32.39 -38.20
C LEU B 257 15.09 -33.22 -39.47
N LYS B 258 14.01 -33.97 -39.63
CA LYS B 258 13.75 -34.68 -40.87
C LYS B 258 13.49 -33.67 -41.97
N ALA B 259 12.80 -32.59 -41.62
CA ALA B 259 12.55 -31.50 -42.56
C ALA B 259 13.82 -30.68 -42.77
N CYS B 260 14.84 -30.97 -41.97
CA CYS B 260 16.13 -30.31 -42.10
C CYS B 260 17.07 -31.09 -43.04
N GLY B 261 16.56 -32.18 -43.59
CA GLY B 261 17.26 -32.88 -44.65
C GLY B 261 17.98 -34.18 -44.31
N ILE B 262 17.85 -34.64 -43.06
CA ILE B 262 18.53 -35.87 -42.66
C ILE B 262 17.53 -37.01 -42.40
N LEU B 263 17.57 -38.02 -43.26
CA LEU B 263 16.65 -39.15 -43.20
C LEU B 263 17.24 -40.36 -42.48
N SER B 264 18.51 -40.27 -42.09
CA SER B 264 19.27 -41.46 -41.75
C SER B 264 19.15 -41.92 -40.30
N ASP B 265 18.30 -41.25 -39.52
CA ASP B 265 18.07 -41.63 -38.12
C ASP B 265 19.37 -41.62 -37.33
N LEU B 266 19.85 -42.81 -36.97
CA LEU B 266 20.95 -43.00 -36.01
C LEU B 266 22.12 -42.05 -36.21
N GLU B 267 22.38 -41.64 -37.45
CA GLU B 267 23.33 -40.57 -37.71
C GLU B 267 23.02 -39.32 -36.88
N ILE B 268 21.73 -39.06 -36.67
CA ILE B 268 21.31 -37.97 -35.79
C ILE B 268 21.68 -38.28 -34.35
N MET B 269 21.39 -39.50 -33.91
CA MET B 269 21.73 -39.94 -32.56
C MET B 269 23.23 -39.86 -32.32
N GLN B 270 24.01 -40.28 -33.32
CA GLN B 270 25.46 -40.26 -33.22
C GLN B 270 26.00 -38.82 -33.28
N LEU B 271 25.10 -37.89 -33.56
CA LEU B 271 25.46 -36.47 -33.65
C LEU B 271 25.15 -35.74 -32.34
N VAL B 272 23.87 -35.67 -31.98
CA VAL B 272 23.44 -34.93 -30.80
C VAL B 272 23.82 -35.61 -29.49
N CYS B 273 24.03 -36.92 -29.53
CA CYS B 273 24.39 -37.69 -28.35
C CYS B 273 25.88 -38.03 -28.34
N GLY B 274 26.31 -38.75 -29.36
CA GLY B 274 27.69 -39.20 -29.45
C GLY B 274 27.90 -40.64 -29.05
N ASN B 275 29.15 -40.98 -28.76
CA ASN B 275 29.57 -42.38 -28.66
C ASN B 275 29.15 -43.14 -27.41
N ASP B 276 29.12 -42.47 -26.25
CA ASP B 276 29.03 -43.21 -24.99
C ASP B 276 28.23 -42.53 -23.87
N SER B 277 28.38 -43.11 -22.68
CA SER B 277 27.71 -42.69 -21.44
C SER B 277 26.18 -42.69 -21.50
N SER B 278 25.59 -41.70 -20.85
CA SER B 278 24.14 -41.69 -20.59
C SER B 278 23.34 -40.84 -21.58
N TYR B 279 24.02 -40.23 -22.53
CA TYR B 279 23.37 -39.29 -23.45
C TYR B 279 22.47 -40.00 -24.47
N GLN B 280 22.51 -41.33 -24.47
CA GLN B 280 21.74 -42.12 -25.42
C GLN B 280 20.25 -42.22 -25.07
N ASP B 281 19.96 -42.86 -23.95
CA ASP B 281 18.58 -43.19 -23.57
C ASP B 281 17.64 -41.99 -23.46
N ILE B 282 18.19 -40.83 -23.09
CA ILE B 282 17.39 -39.63 -22.92
C ILE B 282 16.77 -39.16 -24.25
N PHE B 283 17.62 -39.00 -25.26
CA PHE B 283 17.15 -38.56 -26.57
C PHE B 283 16.51 -39.70 -27.35
N ALA B 284 16.77 -40.93 -26.91
CA ALA B 284 16.22 -42.11 -27.56
C ALA B 284 14.70 -42.20 -27.36
N VAL B 285 14.21 -41.57 -26.30
CA VAL B 285 12.78 -41.56 -26.02
C VAL B 285 12.01 -40.81 -27.11
N ASN B 286 12.47 -39.60 -27.41
CA ASN B 286 11.85 -38.79 -28.45
C ASN B 286 12.00 -39.43 -29.82
N LEU B 287 13.16 -40.04 -30.05
CA LEU B 287 13.46 -40.70 -31.32
C LEU B 287 12.49 -41.87 -31.54
N GLU B 288 12.18 -42.59 -30.48
CA GLU B 288 11.25 -43.71 -30.52
C GLU B 288 9.86 -43.31 -31.01
N GLU B 289 9.17 -42.50 -30.22
CA GLU B 289 7.76 -42.21 -30.47
C GLU B 289 7.53 -41.22 -31.61
N SER B 290 8.61 -40.61 -32.10
CA SER B 290 8.50 -39.77 -33.29
C SER B 290 8.53 -40.65 -34.54
N SER B 291 9.17 -41.80 -34.42
CA SER B 291 9.35 -42.70 -35.55
C SER B 291 8.26 -43.76 -35.66
N LYS B 292 7.39 -43.83 -34.66
CA LYS B 292 6.35 -44.87 -34.66
C LYS B 292 5.18 -44.51 -35.56
N LEU B 293 4.82 -43.22 -35.59
CA LEU B 293 3.67 -42.77 -36.36
C LEU B 293 4.07 -42.34 -37.77
N ASP B 294 4.76 -41.21 -37.85
CA ASP B 294 5.18 -40.68 -39.15
C ASP B 294 6.67 -40.36 -39.16
N ILE B 295 7.44 -41.10 -39.95
CA ILE B 295 8.87 -40.85 -40.06
C ILE B 295 9.41 -40.92 -41.50
N TYR B 296 9.95 -39.78 -41.96
CA TYR B 296 10.74 -39.64 -43.18
C TYR B 296 11.11 -38.18 -43.37
N THR B 297 12.07 -37.91 -44.25
CA THR B 297 12.61 -36.56 -44.39
C THR B 297 11.88 -35.71 -45.41
N GLN B 298 10.93 -36.30 -46.13
CA GLN B 298 10.26 -35.59 -47.22
C GLN B 298 8.75 -35.45 -47.02
N GLN B 299 8.04 -36.57 -47.06
CA GLN B 299 6.58 -36.57 -47.09
C GLN B 299 5.92 -35.84 -45.90
N GLN B 300 6.03 -36.41 -44.71
CA GLN B 300 5.33 -35.89 -43.55
C GLN B 300 6.12 -34.78 -42.87
N ALA B 301 7.40 -34.67 -43.23
CA ALA B 301 8.27 -33.65 -42.65
C ALA B 301 7.71 -32.26 -42.86
N LEU B 302 7.63 -31.86 -44.12
CA LEU B 302 7.08 -30.55 -44.47
C LEU B 302 5.57 -30.47 -44.21
N GLU B 303 4.83 -31.41 -44.80
CA GLU B 303 3.36 -31.36 -44.79
C GLU B 303 2.75 -31.18 -43.40
N TYR B 304 3.40 -31.76 -42.39
CA TYR B 304 3.01 -31.56 -41.00
C TYR B 304 3.03 -30.07 -40.64
N ILE B 305 4.21 -29.47 -40.74
CA ILE B 305 4.41 -28.05 -40.42
C ILE B 305 3.44 -27.12 -41.15
N GLY B 306 3.30 -27.33 -42.45
CA GLY B 306 2.48 -26.46 -43.28
C GLY B 306 1.00 -26.47 -42.95
N ALA B 307 0.49 -27.63 -42.56
CA ALA B 307 -0.92 -27.77 -42.23
C ALA B 307 -1.21 -27.20 -40.84
N LYS B 308 -0.21 -27.22 -39.98
CA LYS B 308 -0.36 -26.75 -38.61
C LYS B 308 0.07 -25.29 -38.46
N VAL B 309 0.44 -24.66 -39.57
CA VAL B 309 0.97 -23.30 -39.55
C VAL B 309 -0.12 -22.26 -39.26
N LYS B 310 0.30 -21.09 -38.79
CA LYS B 310 -0.59 -19.99 -38.44
C LYS B 310 -0.94 -19.11 -39.64
N THR B 311 -1.49 -17.93 -39.34
CA THR B 311 -2.08 -17.04 -40.36
C THR B 311 -1.17 -16.76 -41.55
N MET B 312 -1.80 -16.68 -42.72
CA MET B 312 -1.10 -16.73 -44.00
C MET B 312 -0.81 -15.36 -44.65
N ARG B 313 -1.18 -14.28 -43.97
CA ARG B 313 -0.93 -12.91 -44.43
C ARG B 313 -1.75 -12.52 -45.68
N ARG B 314 -2.49 -13.48 -46.22
CA ARG B 314 -3.57 -13.22 -47.18
C ARG B 314 -3.18 -12.75 -48.59
N GLN B 315 -1.93 -12.38 -48.82
CA GLN B 315 -1.55 -11.86 -50.13
C GLN B 315 -0.49 -12.69 -50.85
N LYS B 316 -0.71 -12.94 -52.13
CA LYS B 316 0.15 -13.79 -52.95
C LYS B 316 0.41 -15.11 -52.25
N LEU B 317 -0.65 -15.60 -51.62
CA LEU B 317 -0.66 -16.82 -50.81
C LEU B 317 -0.39 -18.12 -51.55
N THR B 318 -0.90 -18.24 -52.78
CA THR B 318 -1.01 -19.54 -53.42
C THR B 318 0.28 -20.04 -54.04
N ILE B 319 1.21 -20.39 -53.16
CA ILE B 319 2.42 -21.13 -53.49
C ILE B 319 2.29 -22.55 -52.96
N LEU B 320 1.05 -22.94 -52.62
CA LEU B 320 0.77 -24.12 -51.82
C LEU B 320 1.25 -25.43 -52.44
N GLN B 321 1.78 -26.28 -51.57
CA GLN B 321 2.37 -27.57 -51.91
C GLN B 321 3.40 -27.82 -50.82
N GLU B 322 4.15 -28.91 -50.90
CA GLU B 322 5.20 -29.10 -49.91
C GLU B 322 5.97 -27.79 -49.80
N GLY B 323 6.12 -27.12 -50.93
CA GLY B 323 7.01 -25.97 -51.06
C GLY B 323 6.63 -24.75 -50.24
N ILE B 324 5.53 -24.83 -49.49
CA ILE B 324 5.16 -23.73 -48.60
C ILE B 324 6.02 -23.81 -47.35
N GLU B 325 6.43 -25.03 -46.99
CA GLU B 325 7.35 -25.22 -45.88
C GLU B 325 8.78 -24.94 -46.33
N ALA B 326 9.01 -25.05 -47.63
CA ALA B 326 10.28 -24.66 -48.23
C ALA B 326 10.58 -23.21 -47.86
N ILE B 327 9.71 -22.31 -48.28
CA ILE B 327 9.77 -20.91 -47.87
C ILE B 327 9.89 -20.80 -46.36
N ALA B 328 9.03 -21.51 -45.64
CA ALA B 328 9.04 -21.51 -44.18
C ALA B 328 10.41 -21.90 -43.62
N THR B 329 10.83 -23.13 -43.88
CA THR B 329 12.10 -23.65 -43.38
C THR B 329 13.27 -22.73 -43.74
N THR B 330 13.16 -22.03 -44.86
CA THR B 330 14.16 -21.06 -45.27
C THR B 330 13.97 -19.74 -44.53
N VAL B 331 12.82 -19.10 -44.70
CA VAL B 331 12.54 -17.82 -44.04
C VAL B 331 12.69 -17.87 -42.52
N ILE B 332 12.06 -18.87 -41.89
CA ILE B 332 12.19 -19.05 -40.44
C ILE B 332 13.66 -19.24 -40.07
N ALA B 333 14.32 -20.16 -40.77
CA ALA B 333 15.78 -20.25 -40.81
C ALA B 333 16.46 -20.67 -39.51
N HIS B 334 15.70 -20.72 -38.41
CA HIS B 334 16.26 -20.78 -37.05
C HIS B 334 16.92 -19.43 -36.75
N LEU B 335 16.87 -18.55 -37.76
CA LEU B 335 17.27 -17.14 -37.70
C LEU B 335 18.78 -16.90 -37.73
N THR B 336 19.57 -17.92 -37.46
CA THR B 336 21.03 -17.75 -37.45
C THR B 336 21.76 -18.21 -38.71
N VAL B 337 21.08 -18.87 -39.64
CA VAL B 337 21.78 -19.46 -40.79
C VAL B 337 21.16 -19.19 -42.16
N GLU B 338 19.99 -19.79 -42.41
CA GLU B 338 19.29 -19.68 -43.69
C GLU B 338 20.14 -20.15 -44.88
N ALA B 339 20.44 -19.19 -45.77
CA ALA B 339 21.05 -19.42 -47.08
C ALA B 339 20.28 -20.42 -47.94
N LEU B 340 20.99 -21.20 -48.75
CA LEU B 340 20.32 -22.08 -49.71
C LEU B 340 20.25 -23.57 -49.39
N ASP B 341 20.95 -24.03 -48.35
CA ASP B 341 20.97 -25.48 -48.10
C ASP B 341 20.17 -25.89 -46.88
N PHE B 342 20.02 -27.20 -46.69
CA PHE B 342 19.43 -27.75 -45.47
C PHE B 342 20.48 -28.29 -44.50
N ARG B 343 21.74 -28.33 -44.93
CA ARG B 343 22.77 -28.98 -44.12
C ARG B 343 23.29 -28.10 -43.00
N GLU B 344 23.52 -26.83 -43.33
CA GLU B 344 23.98 -25.85 -42.35
C GLU B 344 23.03 -25.76 -41.16
N LYS B 345 21.80 -25.36 -41.46
CA LYS B 345 20.75 -25.20 -40.46
C LYS B 345 20.53 -26.45 -39.61
N ALA B 346 20.56 -27.62 -40.26
CA ALA B 346 20.32 -28.90 -39.59
C ALA B 346 21.28 -29.11 -38.41
N LEU B 347 22.57 -29.19 -38.71
CA LEU B 347 23.59 -29.46 -37.71
C LEU B 347 23.58 -28.42 -36.58
N TYR B 348 23.24 -27.18 -36.93
CA TYR B 348 23.20 -26.11 -35.93
C TYR B 348 22.10 -26.38 -34.90
N ILE B 349 20.92 -26.73 -35.37
CA ILE B 349 19.81 -27.09 -34.50
C ILE B 349 20.16 -28.33 -33.70
N ALA B 350 20.88 -29.24 -34.34
CA ALA B 350 21.36 -30.46 -33.68
C ALA B 350 22.35 -30.13 -32.57
N MET B 351 23.26 -29.20 -32.86
CA MET B 351 24.23 -28.76 -31.86
C MET B 351 23.56 -27.90 -30.80
N MET B 352 22.44 -27.28 -31.16
CA MET B 352 21.64 -26.52 -30.22
C MET B 352 20.93 -27.49 -29.28
N THR B 353 20.61 -28.67 -29.80
CA THR B 353 20.00 -29.74 -29.02
C THR B 353 21.07 -30.44 -28.19
N ARG B 354 22.31 -30.40 -28.67
CA ARG B 354 23.43 -31.06 -28.00
C ARG B 354 23.67 -30.55 -26.58
N ARG B 355 23.66 -29.23 -26.41
CA ARG B 355 24.03 -28.65 -25.12
C ARG B 355 22.95 -28.81 -24.06
N VAL B 356 21.69 -28.67 -24.46
CA VAL B 356 20.58 -28.72 -23.51
C VAL B 356 20.34 -30.12 -22.95
N VAL B 357 20.73 -31.14 -23.70
CA VAL B 357 20.56 -32.52 -23.25
C VAL B 357 21.67 -32.89 -22.27
N MET B 358 22.74 -32.10 -22.28
CA MET B 358 23.86 -32.31 -21.37
C MET B 358 23.52 -31.77 -19.98
N ALA B 359 22.83 -30.64 -19.95
CA ALA B 359 22.42 -30.03 -18.69
C ALA B 359 21.14 -30.67 -18.17
N MET B 360 20.50 -31.46 -19.02
CA MET B 360 19.31 -32.21 -18.62
C MET B 360 19.73 -33.40 -17.77
N TYR B 361 20.88 -33.97 -18.11
CA TYR B 361 21.47 -35.06 -17.35
C TYR B 361 21.72 -34.68 -15.89
N ASN B 362 22.62 -33.72 -15.69
CA ASN B 362 22.97 -33.25 -14.35
C ASN B 362 22.84 -31.74 -14.23
N PRO B 363 22.69 -31.23 -12.99
CA PRO B 363 22.63 -29.78 -12.75
C PRO B 363 23.91 -29.04 -13.16
N LYS B 364 23.93 -27.74 -12.91
CA LYS B 364 25.03 -26.87 -13.35
C LYS B 364 25.20 -26.98 -14.86
N MET B 365 26.45 -26.99 -15.33
CA MET B 365 26.78 -27.12 -16.75
C MET B 365 25.95 -26.22 -17.66
N ILE B 366 25.70 -24.99 -17.21
CA ILE B 366 24.88 -24.05 -17.97
C ILE B 366 25.52 -22.67 -18.05
N ASP B 367 24.85 -21.76 -18.76
CA ASP B 367 25.30 -20.38 -18.82
C ASP B 367 24.22 -19.44 -18.28
N ASP B 368 24.49 -18.85 -17.12
CA ASP B 368 23.59 -17.88 -16.54
C ASP B 368 23.76 -16.53 -17.23
N ARG B 369 22.72 -15.70 -17.23
CA ARG B 369 22.87 -14.37 -17.78
C ARG B 369 23.02 -13.36 -16.65
N ASP B 370 24.27 -12.95 -16.41
CA ASP B 370 24.57 -11.90 -15.46
C ASP B 370 25.63 -10.95 -15.98
N TYR B 371 26.83 -11.50 -16.13
CA TYR B 371 28.06 -10.73 -16.33
C TYR B 371 28.21 -10.12 -17.72
N VAL B 372 29.09 -9.14 -17.81
CA VAL B 372 29.36 -8.38 -19.02
C VAL B 372 29.73 -9.25 -20.22
N GLY B 373 30.30 -10.43 -19.95
CA GLY B 373 30.69 -11.36 -20.99
C GLY B 373 29.55 -11.72 -21.93
N ASN B 374 28.35 -11.84 -21.38
CA ASN B 374 27.18 -12.15 -22.18
C ASN B 374 26.42 -10.89 -22.58
N LYS B 375 26.92 -9.74 -22.17
CA LYS B 375 26.25 -8.47 -22.44
C LYS B 375 27.03 -7.59 -23.41
N ARG B 376 26.30 -6.80 -24.19
CA ARG B 376 26.90 -5.89 -25.16
C ARG B 376 26.18 -4.56 -25.18
N LEU B 377 26.94 -3.47 -25.18
CA LEU B 377 26.35 -2.13 -25.18
C LEU B 377 26.36 -1.52 -26.58
N GLU B 378 25.31 -0.77 -26.90
CA GLU B 378 25.17 -0.16 -28.21
C GLU B 378 25.16 1.36 -28.12
N LEU B 379 26.13 1.98 -28.78
CA LEU B 379 26.24 3.44 -28.79
C LEU B 379 25.18 4.10 -29.67
N ALA B 380 24.95 5.38 -29.43
CA ALA B 380 23.89 6.13 -30.11
C ALA B 380 24.05 6.17 -31.63
N GLY B 381 25.25 5.86 -32.11
CA GLY B 381 25.53 5.87 -33.54
C GLY B 381 24.59 5.00 -34.35
N GLN B 382 24.28 3.82 -33.83
CA GLN B 382 23.35 2.91 -34.50
C GLN B 382 21.91 3.32 -34.25
N LEU B 383 21.66 3.93 -33.10
CA LEU B 383 20.31 4.31 -32.70
C LEU B 383 19.75 5.43 -33.57
N ILE B 384 20.58 6.41 -33.89
CA ILE B 384 20.17 7.52 -34.74
C ILE B 384 19.87 7.03 -36.16
N SER B 385 20.65 6.05 -36.61
CA SER B 385 20.48 5.50 -37.95
C SER B 385 19.13 4.80 -38.11
N LEU B 386 18.68 4.15 -37.04
CA LEU B 386 17.39 3.46 -37.06
C LEU B 386 16.23 4.43 -37.11
N LEU B 387 16.40 5.57 -36.44
CA LEU B 387 15.34 6.58 -36.38
C LEU B 387 15.30 7.42 -37.67
N PHE B 388 16.46 7.62 -38.28
CA PHE B 388 16.56 8.43 -39.49
C PHE B 388 16.02 7.69 -40.71
N GLU B 389 16.23 6.39 -40.75
CA GLU B 389 15.81 5.58 -41.90
C GLU B 389 14.30 5.38 -41.94
N ASP B 390 13.66 5.50 -40.78
CA ASP B 390 12.21 5.33 -40.69
C ASP B 390 11.47 6.53 -41.28
N LEU B 391 11.96 7.73 -40.98
CA LEU B 391 11.34 8.95 -41.48
C LEU B 391 11.60 9.11 -42.99
N PHE B 392 12.68 8.48 -43.46
CA PHE B 392 13.01 8.52 -44.88
C PHE B 392 12.09 7.60 -45.67
N LYS B 393 11.77 6.45 -45.07
CA LYS B 393 10.86 5.49 -45.69
C LYS B 393 9.44 6.05 -45.77
N LYS B 394 9.06 6.82 -44.75
CA LYS B 394 7.74 7.44 -44.70
C LYS B 394 7.61 8.49 -45.80
N PHE B 395 8.71 9.16 -46.10
CA PHE B 395 8.72 10.20 -47.12
C PHE B 395 8.56 9.59 -48.51
N ASN B 396 9.15 8.43 -48.71
CA ASN B 396 9.13 7.75 -50.01
C ASN B 396 7.72 7.53 -50.55
N ASN B 397 6.93 6.72 -49.85
CA ASN B 397 5.57 6.39 -50.28
C ASN B 397 4.70 7.64 -50.47
N ASP B 398 4.93 8.64 -49.63
CA ASP B 398 4.21 9.91 -49.75
C ASP B 398 4.68 10.68 -50.98
N PHE B 399 5.98 10.60 -51.26
CA PHE B 399 6.55 11.26 -52.42
C PHE B 399 6.17 10.55 -53.72
N LYS B 400 6.07 9.23 -53.65
CA LYS B 400 5.64 8.44 -54.80
C LYS B 400 4.19 8.75 -55.15
N LEU B 401 3.36 8.90 -54.13
CA LEU B 401 1.95 9.19 -54.31
C LEU B 401 1.73 10.66 -54.65
N SER B 402 2.71 11.49 -54.30
CA SER B 402 2.64 12.93 -54.56
C SER B 402 2.56 13.23 -56.06
N ILE B 403 3.37 12.51 -56.84
CA ILE B 403 3.39 12.70 -58.27
C ILE B 403 2.21 11.97 -58.92
N ASP B 404 1.65 11.00 -58.21
CA ASP B 404 0.54 10.19 -58.73
C ASP B 404 -0.71 11.03 -58.99
N LYS B 405 -0.80 12.17 -58.31
CA LYS B 405 -1.91 13.09 -58.51
C LYS B 405 -2.01 13.55 -59.96
N VAL B 406 -0.99 14.27 -60.41
CA VAL B 406 -0.95 14.76 -61.79
C VAL B 406 -0.81 13.60 -62.77
N LEU B 407 -0.21 12.50 -62.30
CA LEU B 407 -0.03 11.30 -63.11
C LEU B 407 -1.38 10.71 -63.54
N LYS B 408 -2.38 10.85 -62.69
CA LYS B 408 -3.73 10.38 -63.02
C LYS B 408 -4.53 11.47 -63.72
N LYS B 409 -3.95 12.65 -63.82
CA LYS B 409 -4.60 13.76 -64.53
C LYS B 409 -4.34 13.63 -66.03
N PRO B 410 -5.36 13.92 -66.84
CA PRO B 410 -5.41 13.63 -68.29
C PRO B 410 -4.25 14.20 -69.11
N ASN B 411 -3.88 15.46 -68.91
CA ASN B 411 -2.94 16.11 -69.82
C ASN B 411 -1.72 16.72 -69.15
N ARG B 412 -0.90 17.38 -69.98
CA ARG B 412 0.31 18.13 -69.57
C ARG B 412 1.16 17.41 -68.51
N ALA B 413 1.84 16.35 -68.94
CA ALA B 413 2.77 15.63 -68.07
C ALA B 413 3.80 16.59 -67.48
N MET B 414 4.15 16.37 -66.22
CA MET B 414 4.90 17.36 -65.46
C MET B 414 6.38 17.00 -65.29
N GLU B 415 7.25 17.94 -65.67
CA GLU B 415 8.69 17.77 -65.53
C GLU B 415 9.15 18.02 -64.10
N TYR B 416 8.58 19.06 -63.49
CA TYR B 416 8.98 19.50 -62.16
C TYR B 416 7.79 19.54 -61.22
N ASP B 417 8.00 20.15 -60.05
CA ASP B 417 7.11 20.11 -58.87
C ASP B 417 7.41 18.83 -58.09
N ALA B 418 8.33 18.03 -58.63
CA ALA B 418 8.97 16.98 -57.85
C ALA B 418 10.16 17.62 -57.13
N LEU B 419 10.29 18.92 -57.32
CA LEU B 419 11.33 19.72 -56.67
C LEU B 419 10.73 20.71 -55.67
N LEU B 420 9.96 21.67 -56.19
CA LEU B 420 9.45 22.76 -55.37
C LEU B 420 8.29 22.34 -54.48
N SER B 421 7.44 21.43 -54.96
CA SER B 421 6.29 20.99 -54.19
C SER B 421 6.69 19.98 -53.10
N ILE B 422 7.80 19.29 -53.31
CA ILE B 422 8.31 18.35 -52.33
C ILE B 422 9.17 19.08 -51.30
N ASN B 423 9.55 20.31 -51.63
CA ASN B 423 10.31 21.14 -50.70
C ASN B 423 9.41 21.68 -49.59
N VAL B 424 8.18 22.03 -49.95
CA VAL B 424 7.19 22.47 -48.96
C VAL B 424 6.58 21.23 -48.31
N HIS B 425 6.71 20.09 -48.97
CA HIS B 425 6.25 18.82 -48.43
C HIS B 425 7.33 18.23 -47.53
N SER B 426 8.52 18.81 -47.60
CA SER B 426 9.66 18.38 -46.79
C SER B 426 9.53 18.89 -45.36
N ASN B 427 10.62 18.74 -44.60
CA ASN B 427 10.73 19.17 -43.21
C ASN B 427 9.97 18.24 -42.26
N ASN B 428 9.29 17.24 -42.82
CA ASN B 428 8.71 16.18 -42.02
C ASN B 428 9.80 15.41 -41.30
N ILE B 429 10.97 15.32 -41.95
CA ILE B 429 12.14 14.72 -41.35
C ILE B 429 12.72 15.66 -40.29
N THR B 430 12.71 16.96 -40.58
CA THR B 430 13.19 17.97 -39.65
C THR B 430 12.43 17.94 -38.33
N SER B 431 11.14 18.27 -38.38
CA SER B 431 10.30 18.32 -37.19
C SER B 431 10.16 16.94 -36.56
N GLY B 432 10.07 15.91 -37.40
CA GLY B 432 9.91 14.55 -36.94
C GLY B 432 11.08 14.07 -36.09
N LEU B 433 12.29 14.43 -36.52
CA LEU B 433 13.50 14.04 -35.80
C LEU B 433 13.73 14.94 -34.58
N ASN B 434 13.37 16.21 -34.72
CA ASN B 434 13.51 17.18 -33.64
C ASN B 434 12.56 16.89 -32.48
N ARG B 435 11.34 16.47 -32.80
CA ARG B 435 10.36 16.12 -31.78
C ARG B 435 10.74 14.81 -31.10
N ALA B 436 11.31 13.89 -31.88
CA ALA B 436 11.70 12.59 -31.35
C ALA B 436 12.87 12.68 -30.39
N ILE B 437 13.82 13.56 -30.71
CA ILE B 437 15.02 13.71 -29.88
C ILE B 437 14.73 14.56 -28.64
N SER B 438 13.74 15.44 -28.74
CA SER B 438 13.36 16.29 -27.62
C SER B 438 12.47 15.55 -26.62
N THR B 439 11.56 14.73 -27.16
CA THR B 439 10.62 13.97 -26.33
C THR B 439 11.31 12.78 -25.68
N GLY B 440 11.82 11.87 -26.51
CA GLY B 440 12.42 10.64 -26.03
C GLY B 440 11.55 9.44 -26.34
N ASN B 441 10.43 9.68 -27.00
CA ASN B 441 9.57 8.61 -27.48
C ASN B 441 9.76 8.40 -28.98
N TRP B 442 10.35 7.26 -29.34
CA TRP B 442 10.65 6.98 -30.74
C TRP B 442 9.61 6.03 -31.35
N SER B 443 9.01 6.46 -32.46
CA SER B 443 8.00 5.65 -33.14
C SER B 443 8.57 5.01 -34.41
N LEU B 444 8.63 3.68 -34.41
CA LEU B 444 9.14 2.94 -35.56
C LEU B 444 8.03 2.14 -36.22
N LYS B 445 7.97 2.19 -37.55
CA LYS B 445 6.99 1.41 -38.31
C LYS B 445 7.60 0.13 -38.85
N ARG B 446 8.89 -0.08 -38.60
CA ARG B 446 9.59 -1.25 -39.13
C ARG B 446 9.72 -2.34 -38.06
N PHE B 447 10.55 -2.09 -37.06
CA PHE B 447 10.67 -3.00 -35.93
C PHE B 447 9.46 -2.86 -35.01
N LYS B 448 8.80 -1.71 -35.11
CA LYS B 448 7.69 -1.33 -34.24
C LYS B 448 8.08 -1.48 -32.77
N MET B 449 9.05 -0.69 -32.36
CA MET B 449 9.51 -0.67 -30.98
C MET B 449 9.49 0.76 -30.44
N GLU B 450 8.63 1.01 -29.46
CA GLU B 450 8.52 2.35 -28.89
C GLU B 450 9.29 2.41 -27.58
N ARG B 451 10.40 3.15 -27.58
CA ARG B 451 11.29 3.20 -26.43
C ARG B 451 11.21 4.55 -25.72
N ALA B 452 11.06 4.51 -24.40
CA ALA B 452 10.96 5.73 -23.61
C ALA B 452 12.12 5.85 -22.62
N GLY B 453 12.42 7.09 -22.24
CA GLY B 453 13.49 7.34 -21.29
C GLY B 453 14.87 7.15 -21.89
N VAL B 454 15.06 7.66 -23.11
CA VAL B 454 16.34 7.54 -23.79
C VAL B 454 17.18 8.80 -23.59
N THR B 455 16.70 9.92 -24.12
CA THR B 455 17.41 11.19 -24.02
C THR B 455 17.23 11.83 -22.65
N HIS B 456 18.32 12.32 -22.08
CA HIS B 456 18.29 13.00 -20.79
C HIS B 456 18.92 14.37 -20.86
N VAL B 457 18.33 15.33 -20.17
CA VAL B 457 18.87 16.69 -20.13
C VAL B 457 20.13 16.73 -19.26
N LEU B 458 21.19 17.32 -19.80
CA LEU B 458 22.45 17.41 -19.07
C LEU B 458 22.31 18.38 -17.90
N SER B 459 22.61 17.91 -16.71
CA SER B 459 22.49 18.73 -15.51
C SER B 459 23.80 19.46 -15.22
N ARG B 460 23.75 20.78 -15.22
CA ARG B 460 24.93 21.58 -14.98
C ARG B 460 24.92 22.23 -13.59
N LEU B 461 25.78 21.73 -12.72
CA LEU B 461 25.98 22.29 -11.40
C LEU B 461 27.46 22.57 -11.19
N SER B 462 28.25 21.50 -11.18
CA SER B 462 29.70 21.61 -11.13
C SER B 462 30.31 21.09 -12.42
N TYR B 463 31.63 21.10 -12.50
CA TYR B 463 32.33 20.60 -13.69
C TYR B 463 32.25 19.08 -13.76
N ILE B 464 32.11 18.44 -12.60
CA ILE B 464 32.06 16.98 -12.52
C ILE B 464 30.72 16.45 -13.04
N SER B 465 29.63 17.11 -12.66
CA SER B 465 28.28 16.67 -13.03
C SER B 465 28.09 16.58 -14.55
N ALA B 466 28.74 17.47 -15.28
CA ALA B 466 28.65 17.46 -16.73
C ALA B 466 29.39 16.26 -17.31
N LEU B 467 30.60 16.04 -16.83
CA LEU B 467 31.43 14.93 -17.29
C LEU B 467 30.99 13.61 -16.65
N GLY B 468 30.32 13.71 -15.51
CA GLY B 468 29.90 12.54 -14.75
C GLY B 468 28.69 11.84 -15.33
N MET B 469 27.74 12.62 -15.85
CA MET B 469 26.53 12.04 -16.42
C MET B 469 26.85 11.30 -17.71
N MET B 470 27.78 11.84 -18.49
CA MET B 470 28.30 11.16 -19.66
C MET B 470 29.25 10.04 -19.22
N THR B 471 29.50 9.10 -20.13
CA THR B 471 30.27 7.90 -19.84
C THR B 471 29.59 7.11 -18.72
N ARG B 472 28.29 6.93 -18.88
CA ARG B 472 27.47 6.21 -17.91
C ARG B 472 26.61 5.16 -18.61
N ILE B 473 26.63 3.94 -18.09
CA ILE B 473 25.91 2.83 -18.71
C ILE B 473 24.50 2.68 -18.13
N SER B 474 23.50 2.85 -18.98
CA SER B 474 22.11 2.65 -18.56
C SER B 474 21.68 1.21 -18.86
N SER B 475 20.39 0.93 -18.64
CA SER B 475 19.86 -0.41 -18.88
C SER B 475 18.37 -0.37 -19.19
N GLN B 476 17.89 -1.42 -19.85
CA GLN B 476 16.47 -1.52 -20.20
C GLN B 476 15.91 -2.88 -19.81
N PHE B 477 14.59 -2.92 -19.61
CA PHE B 477 13.87 -4.15 -19.31
C PHE B 477 14.43 -4.86 -18.07
N GLU B 478 14.86 -6.11 -18.26
CA GLU B 478 15.43 -6.93 -17.20
C GLU B 478 14.46 -7.13 -16.03
N LYS B 479 13.16 -7.13 -16.35
CA LYS B 479 12.09 -7.52 -15.43
C LYS B 479 12.01 -6.76 -14.11
N SER B 480 11.76 -7.51 -13.04
CA SER B 480 11.32 -6.97 -11.77
C SER B 480 12.38 -6.26 -10.93
N ARG B 481 11.92 -5.42 -10.01
CA ARG B 481 12.76 -4.76 -9.03
C ARG B 481 13.08 -5.71 -7.87
N LYS B 482 12.28 -6.76 -7.74
CA LYS B 482 12.39 -7.70 -6.64
C LYS B 482 13.61 -8.61 -6.77
N VAL B 483 13.91 -9.02 -7.99
CA VAL B 483 15.02 -9.92 -8.25
C VAL B 483 16.36 -9.27 -7.91
N SER B 484 17.15 -9.94 -7.08
CA SER B 484 18.44 -9.42 -6.66
C SER B 484 19.57 -9.94 -7.53
N GLY B 485 19.22 -10.70 -8.56
CA GLY B 485 20.21 -11.27 -9.46
C GLY B 485 20.99 -10.25 -10.26
N PRO B 486 20.28 -9.42 -11.05
CA PRO B 486 20.98 -8.34 -11.77
C PRO B 486 21.11 -7.08 -10.92
N ARG B 487 21.62 -7.22 -9.71
CA ARG B 487 21.80 -6.10 -8.79
C ARG B 487 23.22 -6.06 -8.25
N ALA B 488 23.58 -7.10 -7.49
CA ALA B 488 24.89 -7.20 -6.87
C ALA B 488 26.01 -7.23 -7.91
N LEU B 489 27.16 -6.70 -7.54
CA LEU B 489 28.30 -6.61 -8.43
C LEU B 489 28.93 -7.98 -8.67
N GLN B 490 29.55 -8.16 -9.83
CA GLN B 490 30.19 -9.43 -10.18
C GLN B 490 31.68 -9.21 -10.47
N PRO B 491 32.52 -10.20 -10.10
CA PRO B 491 33.97 -10.12 -10.25
C PRO B 491 34.46 -9.81 -11.67
N SER B 492 33.68 -10.18 -12.68
CA SER B 492 34.06 -9.96 -14.06
C SER B 492 34.00 -8.48 -14.45
N GLN B 493 33.29 -7.69 -13.64
CA GLN B 493 33.12 -6.27 -13.90
C GLN B 493 34.44 -5.51 -13.72
N PHE B 494 35.40 -6.14 -13.05
CA PHE B 494 36.68 -5.51 -12.73
C PHE B 494 37.43 -4.99 -13.96
N GLY B 495 37.75 -3.70 -13.92
CA GLY B 495 38.57 -3.07 -14.94
C GLY B 495 37.82 -2.64 -16.18
N MET B 496 36.66 -3.24 -16.42
CA MET B 496 35.83 -2.86 -17.57
C MET B 496 34.78 -1.82 -17.18
N LEU B 497 34.63 -1.60 -15.87
CA LEU B 497 33.61 -0.70 -15.34
C LEU B 497 34.03 -0.15 -13.98
N CYS B 498 33.37 0.92 -13.56
CA CYS B 498 33.63 1.50 -12.24
C CYS B 498 32.97 0.68 -11.15
N THR B 499 33.76 0.28 -10.16
CA THR B 499 33.26 -0.52 -9.05
C THR B 499 32.86 0.33 -7.86
N ALA B 500 32.95 1.64 -8.03
CA ALA B 500 32.66 2.58 -6.94
C ALA B 500 31.38 3.36 -7.18
N ASP B 501 31.37 4.17 -8.23
CA ASP B 501 30.24 5.06 -8.54
C ASP B 501 28.93 4.29 -8.70
N THR B 502 27.85 4.86 -8.17
CA THR B 502 26.52 4.29 -8.24
C THR B 502 25.51 5.25 -7.61
N PRO B 503 24.36 5.46 -8.27
CA PRO B 503 23.27 6.31 -7.80
C PRO B 503 22.42 5.66 -6.71
N GLU B 504 22.87 5.74 -5.46
CA GLU B 504 22.11 5.21 -4.33
C GLU B 504 20.68 5.74 -4.31
N GLY B 505 19.72 4.82 -4.19
CA GLY B 505 18.31 5.18 -4.26
C GLY B 505 17.47 3.99 -4.69
N GLU B 506 16.31 4.28 -5.28
CA GLU B 506 15.41 3.24 -5.77
C GLU B 506 16.10 2.32 -6.78
N ALA B 507 16.86 2.91 -7.69
CA ALA B 507 17.62 2.14 -8.67
C ALA B 507 19.05 1.94 -8.20
N CYS B 508 19.40 0.69 -7.91
CA CYS B 508 20.74 0.37 -7.42
C CYS B 508 21.39 -0.74 -8.23
N GLY B 509 22.51 -0.42 -8.87
CA GLY B 509 23.25 -1.39 -9.65
C GLY B 509 22.75 -1.54 -11.06
N LEU B 510 21.63 -0.89 -11.36
CA LEU B 510 21.04 -0.96 -12.69
C LEU B 510 21.74 -0.02 -13.66
N VAL B 511 22.50 0.92 -13.11
CA VAL B 511 23.26 1.87 -13.91
C VAL B 511 24.71 1.95 -13.43
N LYS B 512 25.64 1.76 -14.36
CA LYS B 512 27.06 1.72 -14.03
C LYS B 512 27.85 2.77 -14.82
N ASN B 513 29.16 2.79 -14.61
CA ASN B 513 30.03 3.74 -15.29
C ASN B 513 31.31 3.09 -15.80
N LEU B 514 31.83 3.61 -16.91
CA LEU B 514 33.06 3.09 -17.49
C LEU B 514 34.30 3.58 -16.74
N ALA B 515 35.38 2.81 -16.83
CA ALA B 515 36.63 3.18 -16.18
C ALA B 515 37.38 4.24 -16.98
N LEU B 516 38.59 4.56 -16.56
CA LEU B 516 39.41 5.56 -17.23
C LEU B 516 39.88 5.08 -18.61
N MET B 517 40.47 3.89 -18.65
CA MET B 517 40.94 3.33 -19.91
C MET B 517 40.06 2.20 -20.40
N THR B 518 39.30 2.48 -21.45
CA THR B 518 38.40 1.50 -22.06
C THR B 518 38.24 1.81 -23.55
N HIS B 519 37.82 0.81 -24.32
CA HIS B 519 37.53 1.02 -25.73
C HIS B 519 36.30 0.23 -26.17
N ILE B 520 35.39 0.90 -26.87
CA ILE B 520 34.18 0.24 -27.35
C ILE B 520 34.37 -0.26 -28.78
N THR B 521 34.09 -1.54 -28.98
CA THR B 521 34.39 -2.21 -30.24
C THR B 521 33.40 -1.87 -31.36
N THR B 522 33.94 -1.57 -32.54
CA THR B 522 33.13 -1.35 -33.73
C THR B 522 32.98 -2.65 -34.52
N ASP B 523 32.40 -2.56 -35.71
CA ASP B 523 32.24 -3.73 -36.57
C ASP B 523 33.14 -3.61 -37.80
N ASP B 524 33.79 -4.71 -38.16
CA ASP B 524 34.74 -4.70 -39.28
C ASP B 524 34.15 -5.30 -40.56
N GLU B 525 34.03 -6.62 -40.59
CA GLU B 525 33.59 -7.34 -41.79
C GLU B 525 33.48 -8.84 -41.50
N GLU B 526 32.80 -9.56 -42.39
CA GLU B 526 32.59 -10.99 -42.20
C GLU B 526 33.44 -11.83 -43.14
N GLU B 527 33.22 -11.69 -44.44
CA GLU B 527 33.83 -12.54 -45.47
C GLU B 527 35.34 -12.81 -45.32
N PRO B 528 36.17 -11.79 -45.04
CA PRO B 528 37.60 -12.12 -45.00
C PRO B 528 38.08 -12.78 -43.70
N ILE B 529 37.41 -13.85 -43.27
CA ILE B 529 37.91 -14.67 -42.16
C ILE B 529 37.92 -16.15 -42.58
N LYS B 530 36.75 -16.67 -42.94
CA LYS B 530 36.56 -18.05 -43.37
C LYS B 530 37.61 -18.50 -44.39
N LYS B 531 37.63 -17.83 -45.54
CA LYS B 531 38.61 -18.11 -46.60
C LYS B 531 40.04 -18.13 -46.05
N LEU B 532 40.35 -17.23 -45.14
CA LEU B 532 41.66 -17.20 -44.50
C LEU B 532 41.79 -18.34 -43.49
N CYS B 533 40.69 -18.66 -42.83
CA CYS B 533 40.67 -19.75 -41.87
C CYS B 533 40.84 -21.09 -42.58
N TYR B 534 40.29 -21.19 -43.79
CA TYR B 534 40.44 -22.39 -44.61
C TYR B 534 41.89 -22.63 -44.99
N VAL B 535 42.64 -21.54 -45.15
CA VAL B 535 44.07 -21.61 -45.45
C VAL B 535 44.82 -22.23 -44.28
N LEU B 536 44.34 -21.98 -43.07
CA LEU B 536 45.00 -22.43 -41.86
C LEU B 536 44.83 -23.94 -41.70
N GLY B 537 44.05 -24.55 -42.59
CA GLY B 537 43.90 -25.99 -42.61
C GLY B 537 42.55 -26.50 -42.13
N VAL B 538 41.65 -25.60 -41.78
CA VAL B 538 40.29 -25.99 -41.45
C VAL B 538 39.55 -26.30 -42.75
N GLU B 539 38.50 -27.10 -42.68
CA GLU B 539 37.80 -27.54 -43.87
C GLU B 539 36.30 -27.26 -43.79
N ASP B 540 35.65 -27.25 -44.95
CA ASP B 540 34.22 -26.99 -45.03
C ASP B 540 33.40 -28.08 -44.36
N ILE B 541 32.34 -27.68 -43.68
CA ILE B 541 31.50 -28.61 -42.94
C ILE B 541 30.73 -29.56 -43.86
N THR B 542 30.58 -29.15 -45.12
CA THR B 542 29.83 -29.93 -46.10
C THR B 542 30.53 -31.25 -46.43
N LEU B 543 31.82 -31.19 -46.75
CA LEU B 543 32.59 -32.38 -47.05
C LEU B 543 32.75 -33.26 -45.82
N ILE B 544 32.75 -32.65 -44.64
CA ILE B 544 32.86 -33.40 -43.41
C ILE B 544 31.63 -34.26 -43.18
N ASP B 545 31.86 -35.55 -42.97
CA ASP B 545 30.82 -36.43 -42.47
C ASP B 545 30.79 -36.28 -40.96
N SER B 546 29.61 -36.03 -40.39
CA SER B 546 29.56 -35.90 -38.95
C SER B 546 29.04 -37.17 -38.33
N ALA B 547 29.95 -37.99 -37.82
CA ALA B 547 29.60 -39.11 -36.96
C ALA B 547 29.93 -38.82 -35.51
N SER B 548 30.59 -37.70 -35.25
CA SER B 548 31.29 -37.57 -33.98
C SER B 548 31.47 -36.16 -33.43
N LEU B 549 31.47 -36.08 -32.10
CA LEU B 549 32.01 -34.94 -31.37
C LEU B 549 33.44 -35.29 -30.98
N HIS B 550 33.87 -36.46 -31.44
CA HIS B 550 35.10 -37.11 -31.00
C HIS B 550 36.38 -36.30 -31.20
N LEU B 551 36.47 -35.55 -32.29
CA LEU B 551 37.75 -34.94 -32.62
C LEU B 551 37.90 -33.54 -32.04
N ASN B 552 38.75 -33.43 -31.03
CA ASN B 552 39.25 -32.17 -30.49
C ASN B 552 38.19 -31.08 -30.30
N TYR B 553 38.52 -29.88 -30.75
CA TYR B 553 37.61 -28.74 -30.73
C TYR B 553 37.11 -28.44 -32.14
N GLY B 554 36.36 -27.34 -32.27
CA GLY B 554 35.94 -26.86 -33.57
C GLY B 554 35.77 -25.35 -33.55
N VAL B 555 35.89 -24.71 -34.70
CA VAL B 555 35.90 -23.26 -34.77
C VAL B 555 34.50 -22.68 -35.00
N TYR B 556 34.07 -21.82 -34.07
CA TYR B 556 32.78 -21.17 -34.18
C TYR B 556 32.94 -19.73 -34.65
N LEU B 557 32.25 -19.38 -35.72
CA LEU B 557 32.23 -18.00 -36.19
C LEU B 557 30.91 -17.35 -35.80
N ASN B 558 30.98 -16.43 -34.84
CA ASN B 558 29.80 -15.76 -34.28
C ASN B 558 28.75 -16.77 -33.81
N GLY B 559 29.21 -17.92 -33.32
CA GLY B 559 28.32 -18.94 -32.80
C GLY B 559 28.04 -20.06 -33.79
N THR B 560 28.51 -19.90 -35.02
CA THR B 560 28.24 -20.87 -36.08
C THR B 560 29.41 -21.83 -36.30
N LEU B 561 29.13 -23.13 -36.24
CA LEU B 561 30.15 -24.15 -36.45
C LEU B 561 30.52 -24.23 -37.93
N ILE B 562 31.82 -24.10 -38.23
CA ILE B 562 32.27 -24.13 -39.62
C ILE B 562 33.34 -25.21 -39.86
N GLY B 563 34.56 -24.95 -39.40
CA GLY B 563 35.69 -25.78 -39.75
C GLY B 563 35.83 -27.12 -39.06
N SER B 564 35.71 -27.13 -37.73
CA SER B 564 35.94 -28.33 -36.92
C SER B 564 37.31 -28.94 -37.21
N ILE B 565 38.36 -28.24 -36.78
CA ILE B 565 39.73 -28.63 -37.11
C ILE B 565 40.49 -29.20 -35.91
N ARG B 566 41.39 -30.14 -36.19
CA ARG B 566 42.31 -30.69 -35.20
C ARG B 566 43.44 -29.69 -34.93
N PHE B 567 44.34 -30.03 -34.00
CA PHE B 567 45.52 -29.21 -33.70
C PHE B 567 45.17 -27.76 -33.35
N PRO B 568 44.61 -27.55 -32.16
CA PRO B 568 44.16 -26.22 -31.71
C PRO B 568 45.32 -25.28 -31.40
N THR B 569 46.44 -25.85 -30.96
CA THR B 569 47.61 -25.08 -30.58
C THR B 569 48.11 -24.18 -31.71
N LYS B 570 48.54 -24.80 -32.80
CA LYS B 570 49.04 -24.06 -33.95
C LYS B 570 47.95 -23.18 -34.56
N PHE B 571 46.69 -23.57 -34.37
CA PHE B 571 45.57 -22.78 -34.85
C PHE B 571 45.48 -21.44 -34.09
N VAL B 572 45.41 -21.52 -32.77
CA VAL B 572 45.36 -20.35 -31.91
C VAL B 572 46.56 -19.42 -32.09
N THR B 573 47.75 -19.94 -31.76
CA THR B 573 48.98 -19.16 -31.74
C THR B 573 49.26 -18.40 -33.04
N GLN B 574 49.17 -19.09 -34.17
CA GLN B 574 49.45 -18.48 -35.46
C GLN B 574 48.41 -17.42 -35.82
N PHE B 575 47.17 -17.65 -35.42
CA PHE B 575 46.09 -16.71 -35.70
C PHE B 575 46.28 -15.42 -34.89
N ARG B 576 46.70 -15.58 -33.64
CA ARG B 576 46.95 -14.42 -32.78
C ARG B 576 48.19 -13.67 -33.25
N HIS B 577 49.11 -14.39 -33.88
CA HIS B 577 50.32 -13.78 -34.42
C HIS B 577 50.00 -12.88 -35.62
N LEU B 578 49.08 -13.34 -36.45
CA LEU B 578 48.64 -12.56 -37.60
C LEU B 578 47.82 -11.35 -37.16
N ARG B 579 47.29 -11.44 -35.95
CA ARG B 579 46.51 -10.35 -35.37
C ARG B 579 47.41 -9.26 -34.79
N ARG B 580 48.21 -9.64 -33.80
CA ARG B 580 49.09 -8.73 -33.10
C ARG B 580 50.07 -7.97 -34.00
N THR B 581 50.42 -8.55 -35.14
CA THR B 581 51.49 -7.98 -35.96
C THR B 581 51.03 -7.23 -37.20
N GLY B 582 50.61 -7.95 -38.23
CA GLY B 582 50.40 -7.35 -39.54
C GLY B 582 48.98 -7.11 -40.03
N LYS B 583 47.99 -7.65 -39.33
CA LYS B 583 46.61 -7.57 -39.82
C LYS B 583 45.58 -7.66 -38.70
N VAL B 584 44.37 -7.16 -38.99
CA VAL B 584 43.20 -7.22 -38.11
C VAL B 584 43.50 -7.01 -36.63
N SER B 585 43.92 -5.80 -36.28
CA SER B 585 44.22 -5.46 -34.90
C SER B 585 42.94 -5.33 -34.07
N GLU B 586 43.09 -4.95 -32.81
CA GLU B 586 41.96 -4.77 -31.90
C GLU B 586 41.13 -6.07 -31.78
N PHE B 587 39.89 -6.02 -32.26
CA PHE B 587 38.95 -7.11 -32.07
C PHE B 587 39.24 -8.31 -32.98
N ILE B 588 38.29 -9.23 -33.04
CA ILE B 588 38.47 -10.56 -33.64
C ILE B 588 39.53 -11.31 -32.85
N SER B 589 39.19 -11.64 -31.61
CA SER B 589 40.09 -12.36 -30.71
C SER B 589 39.65 -13.81 -30.55
N ILE B 590 40.62 -14.69 -30.35
CA ILE B 590 40.35 -16.13 -30.29
C ILE B 590 40.65 -16.71 -28.90
N TYR B 591 39.73 -17.53 -28.39
CA TYR B 591 39.92 -18.17 -27.09
C TYR B 591 39.44 -19.62 -27.09
N SER B 592 40.20 -20.47 -26.41
CA SER B 592 39.89 -21.89 -26.32
C SER B 592 38.88 -22.21 -25.21
N ASN B 593 38.05 -23.22 -25.44
CA ASN B 593 37.09 -23.68 -24.45
C ASN B 593 37.43 -25.11 -24.01
N SER B 594 37.81 -25.27 -22.75
CA SER B 594 38.32 -26.54 -22.24
C SER B 594 37.26 -27.64 -22.12
N HIS B 595 36.19 -27.36 -21.39
CA HIS B 595 35.17 -28.38 -21.13
C HIS B 595 34.27 -28.58 -22.35
N GLN B 596 33.45 -27.57 -22.66
CA GLN B 596 32.72 -27.57 -23.91
C GLN B 596 33.75 -27.52 -25.04
N MET B 597 33.68 -28.46 -25.97
CA MET B 597 34.75 -28.60 -26.94
C MET B 597 34.49 -27.78 -28.19
N ALA B 598 35.28 -26.72 -28.35
CA ALA B 598 35.17 -25.77 -29.45
C ALA B 598 36.21 -24.66 -29.27
N VAL B 599 36.46 -23.93 -30.34
CA VAL B 599 37.31 -22.74 -30.26
C VAL B 599 36.59 -21.56 -30.91
N HIS B 600 36.34 -20.52 -30.12
CA HIS B 600 35.48 -19.43 -30.55
C HIS B 600 36.24 -18.26 -31.18
N ILE B 601 35.72 -17.78 -32.31
CA ILE B 601 36.22 -16.56 -32.94
C ILE B 601 35.05 -15.62 -33.19
N ALA B 602 35.05 -14.49 -32.50
CA ALA B 602 33.93 -13.55 -32.58
C ALA B 602 34.35 -12.21 -33.16
N THR B 603 33.77 -11.85 -34.30
CA THR B 603 34.04 -10.57 -34.94
C THR B 603 32.97 -9.53 -34.62
N ASP B 604 31.97 -9.93 -33.85
CA ASP B 604 30.84 -9.04 -33.56
C ASP B 604 31.20 -7.98 -32.52
N GLY B 605 31.08 -6.71 -32.90
CA GLY B 605 31.50 -5.61 -32.06
C GLY B 605 30.48 -5.15 -31.05
N GLY B 606 30.58 -3.89 -30.66
CA GLY B 606 29.70 -3.32 -29.66
C GLY B 606 30.00 -3.83 -28.26
N ARG B 607 31.27 -3.79 -27.89
CA ARG B 607 31.69 -4.30 -26.59
C ARG B 607 32.94 -3.57 -26.07
N ILE B 608 33.11 -3.57 -24.75
CA ILE B 608 34.22 -2.88 -24.09
C ILE B 608 35.56 -3.62 -24.27
N CYS B 609 36.63 -2.85 -24.47
CA CYS B 609 37.97 -3.43 -24.59
C CYS B 609 38.93 -2.71 -23.64
N ARG B 610 39.90 -3.44 -23.08
CA ARG B 610 40.87 -2.85 -22.18
C ARG B 610 42.31 -3.12 -22.63
N PRO B 611 43.18 -2.12 -22.49
CA PRO B 611 44.60 -2.20 -22.85
C PRO B 611 45.45 -2.91 -21.79
N LEU B 612 46.54 -3.55 -22.23
CA LEU B 612 47.53 -4.16 -21.34
C LEU B 612 48.80 -4.51 -22.11
N ILE B 613 49.78 -5.08 -21.42
CA ILE B 613 51.09 -5.36 -22.02
C ILE B 613 51.38 -6.86 -22.12
N ILE B 614 51.91 -7.27 -23.27
CA ILE B 614 52.31 -8.66 -23.48
C ILE B 614 53.69 -8.95 -22.90
N VAL B 615 53.78 -10.01 -22.11
CA VAL B 615 55.08 -10.48 -21.62
C VAL B 615 55.52 -11.73 -22.38
N SER B 616 56.57 -11.59 -23.18
CA SER B 616 57.12 -12.71 -23.94
C SER B 616 58.18 -13.42 -23.12
N ASP B 617 58.12 -14.75 -23.13
CA ASP B 617 59.03 -15.58 -22.34
C ASP B 617 58.95 -15.20 -20.86
N GLY B 618 60.06 -14.74 -20.30
CA GLY B 618 60.11 -14.40 -18.89
C GLY B 618 60.09 -12.92 -18.57
N GLN B 619 60.14 -12.08 -19.61
CA GLN B 619 60.22 -10.64 -19.41
C GLN B 619 59.23 -9.85 -20.27
N SER B 620 59.08 -8.57 -19.96
CA SER B 620 58.15 -7.70 -20.67
C SER B 620 58.65 -7.34 -22.07
N ARG B 621 57.72 -6.94 -22.93
CA ARG B 621 58.04 -6.55 -24.30
C ARG B 621 58.43 -5.07 -24.37
N VAL B 622 58.26 -4.37 -23.25
CA VAL B 622 58.53 -2.94 -23.19
C VAL B 622 60.03 -2.67 -23.17
N LYS B 623 60.70 -3.10 -22.10
CA LYS B 623 62.15 -3.06 -21.99
C LYS B 623 62.79 -1.68 -22.10
N ASP B 624 62.63 -0.85 -21.07
CA ASP B 624 63.47 0.33 -20.89
C ASP B 624 63.44 1.32 -22.05
N ILE B 625 64.56 1.39 -22.77
CA ILE B 625 64.89 2.47 -23.70
C ILE B 625 63.81 2.81 -24.73
N HIS B 626 62.83 1.91 -24.89
CA HIS B 626 61.75 2.13 -25.83
C HIS B 626 60.84 3.26 -25.34
N LEU B 627 60.22 3.07 -24.18
CA LEU B 627 59.37 4.10 -23.59
C LEU B 627 60.08 5.43 -23.35
N ARG B 628 61.41 5.40 -23.24
CA ARG B 628 62.18 6.63 -23.07
C ARG B 628 62.21 7.40 -24.38
N LYS B 629 62.24 6.68 -25.49
CA LYS B 629 62.17 7.27 -26.81
C LYS B 629 60.80 7.91 -27.03
N LEU B 630 59.81 7.44 -26.27
CA LEU B 630 58.45 7.93 -26.35
C LEU B 630 58.32 9.30 -25.68
N LEU B 631 58.54 9.35 -24.37
CA LEU B 631 58.25 10.54 -23.59
C LEU B 631 59.00 11.78 -24.08
N ASP B 632 60.27 11.64 -24.40
CA ASP B 632 61.07 12.78 -24.80
C ASP B 632 60.57 13.54 -26.03
N GLY B 633 60.83 12.99 -27.22
CA GLY B 633 60.46 13.67 -28.45
C GLY B 633 59.40 13.13 -29.40
N GLU B 634 59.00 11.87 -29.25
CA GLU B 634 58.28 11.22 -30.36
C GLU B 634 57.54 9.92 -30.02
N LEU B 635 57.11 9.26 -31.09
CA LEU B 635 56.58 7.89 -31.09
C LEU B 635 55.13 7.78 -30.61
N ASP B 636 54.64 8.81 -29.94
CA ASP B 636 53.22 8.98 -29.59
C ASP B 636 52.54 7.69 -29.09
N PHE B 637 51.37 7.39 -29.63
CA PHE B 637 50.64 6.19 -29.25
C PHE B 637 50.16 5.44 -30.48
N ASP B 638 49.67 4.22 -30.28
CA ASP B 638 49.18 3.32 -31.33
C ASP B 638 50.33 2.75 -32.17
N ASP B 639 51.54 3.21 -31.91
CA ASP B 639 52.72 2.68 -32.57
C ASP B 639 53.14 1.36 -31.93
N PHE B 640 52.83 1.21 -30.64
CA PHE B 640 53.16 0.00 -29.90
C PHE B 640 52.34 -1.18 -30.40
N LEU B 641 51.15 -0.90 -30.93
CA LEU B 641 50.30 -1.92 -31.51
C LEU B 641 50.92 -2.46 -32.79
N LYS B 642 51.64 -1.60 -33.50
CA LYS B 642 52.33 -1.98 -34.73
C LYS B 642 53.56 -2.82 -34.41
N LEU B 643 54.18 -2.55 -33.26
CA LEU B 643 55.35 -3.28 -32.83
C LEU B 643 54.98 -4.47 -31.97
N GLY B 644 53.68 -4.61 -31.69
CA GLY B 644 53.16 -5.71 -30.90
C GLY B 644 53.55 -5.64 -29.44
N LEU B 645 53.34 -4.48 -28.83
CA LEU B 645 53.63 -4.29 -27.41
C LEU B 645 52.35 -4.32 -26.59
N VAL B 646 51.49 -3.32 -26.79
CA VAL B 646 50.22 -3.25 -26.08
C VAL B 646 49.06 -3.58 -27.01
N GLU B 647 48.02 -4.20 -26.46
CA GLU B 647 46.84 -4.59 -27.23
C GLU B 647 45.61 -4.65 -26.34
N TYR B 648 44.50 -5.10 -26.92
CA TYR B 648 43.24 -5.16 -26.19
C TYR B 648 42.70 -6.58 -26.08
N LEU B 649 42.46 -7.04 -24.85
CA LEU B 649 41.73 -8.28 -24.65
C LEU B 649 40.25 -7.96 -24.74
N ASP B 650 39.40 -8.99 -24.65
CA ASP B 650 37.97 -8.83 -24.84
C ASP B 650 37.19 -10.13 -24.62
N VAL B 651 35.86 -10.02 -24.70
CA VAL B 651 34.90 -11.12 -24.64
C VAL B 651 35.23 -12.15 -23.55
N ASN B 652 35.16 -13.43 -23.90
CA ASN B 652 35.48 -14.50 -22.97
C ASN B 652 36.96 -14.87 -23.04
N GLU B 653 37.70 -14.14 -23.87
CA GLU B 653 39.13 -14.38 -24.05
C GLU B 653 39.90 -13.89 -22.82
N GLU B 654 39.33 -12.92 -22.12
CA GLU B 654 39.94 -12.40 -20.90
C GLU B 654 39.95 -13.45 -19.80
N ASN B 655 39.08 -14.45 -19.94
CA ASN B 655 39.01 -15.56 -19.00
C ASN B 655 40.14 -16.55 -19.23
N ASP B 656 40.47 -16.79 -20.50
CA ASP B 656 41.49 -17.76 -20.87
C ASP B 656 42.90 -17.26 -20.57
N SER B 657 43.09 -15.95 -20.72
CA SER B 657 44.41 -15.35 -20.52
C SER B 657 44.79 -15.27 -19.04
N TYR B 658 45.99 -14.76 -18.78
CA TYR B 658 46.48 -14.62 -17.42
C TYR B 658 47.10 -13.24 -17.23
N ILE B 659 46.54 -12.46 -16.30
CA ILE B 659 47.00 -11.09 -16.09
C ILE B 659 47.75 -10.95 -14.78
N ALA B 660 48.88 -10.23 -14.81
CA ALA B 660 49.69 -10.02 -13.62
C ALA B 660 49.26 -8.77 -12.87
N LEU B 661 50.04 -8.38 -11.87
CA LEU B 661 49.78 -7.18 -11.09
C LEU B 661 50.92 -6.17 -11.25
N TYR B 662 52.09 -6.54 -10.74
CA TYR B 662 53.27 -5.69 -10.81
C TYR B 662 54.39 -6.38 -11.57
N GLU B 663 55.34 -5.59 -12.06
CA GLU B 663 56.48 -6.14 -12.81
C GLU B 663 57.37 -6.98 -11.89
N LYS B 664 57.29 -6.72 -10.59
CA LYS B 664 58.06 -7.46 -9.61
C LYS B 664 57.46 -8.86 -9.37
N ASP B 665 56.16 -8.95 -9.52
CA ASP B 665 55.41 -10.15 -9.18
C ASP B 665 55.49 -11.24 -10.25
N ILE B 666 56.11 -10.93 -11.39
CA ILE B 666 56.06 -11.82 -12.55
C ILE B 666 56.68 -13.20 -12.31
N VAL B 667 55.88 -14.23 -12.55
CA VAL B 667 56.34 -15.60 -12.66
C VAL B 667 56.10 -16.02 -14.11
N PRO B 668 57.16 -16.44 -14.82
CA PRO B 668 56.97 -16.54 -16.28
C PRO B 668 56.09 -17.69 -16.74
N SER B 669 54.93 -17.85 -16.11
CA SER B 669 53.82 -18.60 -16.67
C SER B 669 52.79 -17.64 -17.26
N MET B 670 53.08 -16.35 -17.11
CA MET B 670 52.10 -15.30 -17.38
C MET B 670 52.04 -14.87 -18.84
N THR B 671 50.82 -14.71 -19.35
CA THR B 671 50.59 -14.23 -20.70
C THR B 671 50.69 -12.71 -20.80
N HIS B 672 50.12 -12.01 -19.82
CA HIS B 672 50.08 -10.55 -19.84
C HIS B 672 50.22 -9.95 -18.44
N LEU B 673 50.75 -8.72 -18.38
CA LEU B 673 50.72 -7.93 -17.14
C LEU B 673 49.70 -6.81 -17.26
N GLU B 674 49.58 -5.99 -16.22
CA GLU B 674 48.71 -4.83 -16.27
C GLU B 674 49.51 -3.53 -16.09
N ILE B 675 49.04 -2.46 -16.72
CA ILE B 675 49.77 -1.20 -16.71
C ILE B 675 49.57 -0.41 -15.43
N GLU B 676 48.37 0.11 -15.23
CA GLU B 676 48.07 0.98 -14.09
C GLU B 676 46.85 0.48 -13.33
N PRO B 677 47.08 -0.34 -12.29
CA PRO B 677 46.02 -1.03 -11.52
C PRO B 677 45.03 -0.09 -10.84
N PHE B 678 45.36 1.19 -10.73
CA PHE B 678 44.48 2.14 -10.03
C PHE B 678 43.41 2.70 -10.97
N THR B 679 43.39 2.21 -12.20
CA THR B 679 42.40 2.66 -13.19
C THR B 679 41.07 1.95 -13.01
N ILE B 680 41.02 1.04 -12.04
CA ILE B 680 39.81 0.27 -11.76
C ILE B 680 38.63 1.18 -11.40
N LEU B 681 38.90 2.20 -10.60
CA LEU B 681 37.87 3.18 -10.23
C LEU B 681 37.53 4.08 -11.41
N GLY B 682 36.34 4.68 -11.38
CA GLY B 682 35.90 5.56 -12.44
C GLY B 682 36.54 6.93 -12.36
N ALA B 683 36.13 7.83 -13.25
CA ALA B 683 36.66 9.18 -13.30
C ALA B 683 36.09 10.03 -12.17
N VAL B 684 34.83 9.79 -11.83
CA VAL B 684 34.15 10.54 -10.78
C VAL B 684 34.66 10.12 -9.40
N ALA B 685 35.03 8.85 -9.28
CA ALA B 685 35.48 8.31 -7.99
C ALA B 685 36.96 8.55 -7.75
N GLY B 686 37.61 9.21 -8.70
CA GLY B 686 39.04 9.50 -8.59
C GLY B 686 39.33 10.73 -7.76
N LEU B 687 38.27 11.35 -7.23
CA LEU B 687 38.41 12.56 -6.43
C LEU B 687 38.85 12.25 -5.00
N ILE B 688 38.35 11.14 -4.46
CA ILE B 688 38.61 10.77 -3.07
C ILE B 688 40.08 10.42 -2.83
N PRO B 689 40.73 11.14 -1.91
CA PRO B 689 42.10 10.82 -1.52
C PRO B 689 42.17 9.54 -0.68
N TYR B 690 43.15 8.70 -0.97
CA TYR B 690 43.31 7.41 -0.30
C TYR B 690 42.00 6.60 -0.24
N PRO B 691 41.50 6.17 -1.40
CA PRO B 691 40.23 5.43 -1.47
C PRO B 691 40.29 4.05 -0.81
N HIS B 692 41.43 3.37 -0.94
CA HIS B 692 41.56 2.00 -0.47
C HIS B 692 41.54 1.92 1.06
N HIS B 693 41.94 3.00 1.73
CA HIS B 693 41.93 3.03 3.19
C HIS B 693 40.51 2.94 3.74
N ASN B 694 39.54 3.38 2.95
CA ASN B 694 38.15 3.41 3.36
C ASN B 694 37.39 2.13 2.99
N GLN B 695 36.07 2.17 3.20
CA GLN B 695 35.21 1.06 2.82
C GLN B 695 34.29 1.46 1.67
N SER B 696 33.88 0.47 0.88
CA SER B 696 33.03 0.69 -0.30
C SER B 696 31.74 1.51 -0.06
N PRO B 697 31.04 1.30 1.07
CA PRO B 697 29.85 2.14 1.26
C PRO B 697 30.17 3.63 1.39
N ARG B 698 31.34 3.96 1.91
CA ARG B 698 31.73 5.35 2.08
C ARG B 698 32.11 6.01 0.76
N ASN B 699 32.78 5.25 -0.11
CA ASN B 699 33.18 5.75 -1.41
C ASN B 699 31.98 5.92 -2.35
N THR B 700 30.94 5.13 -2.10
CA THR B 700 29.74 5.17 -2.93
C THR B 700 28.95 6.46 -2.69
N TYR B 701 28.83 6.85 -1.42
CA TYR B 701 28.08 8.04 -1.04
C TYR B 701 28.72 9.32 -1.60
N GLN B 702 30.05 9.34 -1.67
CA GLN B 702 30.76 10.50 -2.15
C GLN B 702 30.56 10.73 -3.65
N CYS B 703 30.43 9.63 -4.38
CA CYS B 703 30.21 9.72 -5.83
C CYS B 703 28.89 10.41 -6.15
N ALA B 704 27.89 10.20 -5.28
CA ALA B 704 26.60 10.84 -5.45
C ALA B 704 26.61 12.28 -4.99
N MET B 705 27.27 12.53 -3.86
CA MET B 705 27.34 13.88 -3.29
C MET B 705 28.38 14.75 -3.99
N GLY B 706 29.41 14.12 -4.56
CA GLY B 706 30.48 14.84 -5.21
C GLY B 706 30.05 15.62 -6.43
N LYS B 707 28.99 15.14 -7.10
CA LYS B 707 28.49 15.80 -8.29
C LYS B 707 27.45 16.87 -7.91
N GLN B 708 27.08 16.90 -6.64
CA GLN B 708 26.14 17.90 -6.15
C GLN B 708 26.87 19.11 -5.59
N ALA B 709 28.20 19.07 -5.66
CA ALA B 709 29.03 20.19 -5.22
C ALA B 709 28.86 21.38 -6.16
N ILE B 710 29.19 22.57 -5.67
CA ILE B 710 29.04 23.78 -6.46
C ILE B 710 30.39 24.36 -6.90
N GLY B 711 30.62 24.35 -8.22
CA GLY B 711 31.86 24.86 -8.77
C GLY B 711 31.70 26.17 -9.51
N ALA B 712 32.74 26.56 -10.24
CA ALA B 712 32.69 27.76 -11.08
C ALA B 712 32.32 27.38 -12.50
N ILE B 713 32.07 26.08 -12.72
CA ILE B 713 31.73 25.53 -14.02
C ILE B 713 32.75 25.94 -15.09
N ALA B 714 32.31 26.67 -16.11
CA ALA B 714 33.19 27.02 -17.22
C ALA B 714 33.61 28.49 -17.19
N TYR B 715 34.39 28.89 -18.20
CA TYR B 715 34.88 30.25 -18.31
C TYR B 715 33.81 31.21 -18.87
N ASN B 716 33.01 30.70 -19.80
CA ASN B 716 31.94 31.49 -20.43
C ASN B 716 30.76 31.71 -19.49
N GLN B 717 30.85 31.13 -18.30
CA GLN B 717 29.79 31.13 -17.30
C GLN B 717 29.14 32.50 -17.07
N PHE B 718 29.94 33.55 -17.00
CA PHE B 718 29.40 34.89 -16.77
C PHE B 718 28.64 35.41 -17.99
N LYS B 719 28.99 34.91 -19.17
CA LYS B 719 28.31 35.29 -20.39
C LYS B 719 27.19 34.31 -20.74
N ARG B 720 26.99 33.34 -19.85
CA ARG B 720 26.00 32.29 -20.06
C ARG B 720 24.76 32.49 -19.17
N ILE B 721 23.59 32.34 -19.78
CA ILE B 721 22.33 32.44 -19.05
C ILE B 721 21.67 31.06 -18.91
N ASP B 722 21.66 30.53 -17.69
CA ASP B 722 21.05 29.23 -17.44
C ASP B 722 19.70 29.39 -16.76
N THR B 723 18.99 28.27 -16.56
CA THR B 723 17.72 28.29 -15.85
C THR B 723 17.93 28.32 -14.32
N LEU B 724 18.81 27.45 -13.84
CA LEU B 724 19.16 27.43 -12.41
C LEU B 724 20.65 27.14 -12.25
N LEU B 725 21.34 27.99 -11.50
CA LEU B 725 22.77 27.80 -11.31
C LEU B 725 23.24 28.34 -9.96
N TYR B 726 24.21 27.65 -9.36
CA TYR B 726 24.83 28.10 -8.12
C TYR B 726 26.30 28.41 -8.37
N LEU B 727 26.79 29.48 -7.73
CA LEU B 727 28.15 29.94 -7.99
C LEU B 727 29.00 29.93 -6.73
N MET B 728 30.32 29.95 -6.91
CA MET B 728 31.25 30.03 -5.80
C MET B 728 32.16 31.24 -5.95
N THR B 729 32.42 31.93 -4.84
CA THR B 729 33.19 33.17 -4.86
C THR B 729 34.69 32.94 -4.98
N TYR B 730 35.28 32.32 -3.95
CA TYR B 730 36.71 32.10 -3.92
C TYR B 730 37.06 30.60 -3.86
N PRO B 731 37.07 29.93 -5.01
CA PRO B 731 37.36 28.50 -5.08
C PRO B 731 38.85 28.19 -4.90
N GLN B 732 39.15 27.03 -4.33
CA GLN B 732 40.52 26.61 -4.13
C GLN B 732 40.68 25.11 -4.39
N GLN B 733 41.88 24.70 -4.82
CA GLN B 733 42.17 23.29 -5.05
C GLN B 733 42.30 22.55 -3.73
N PRO B 734 42.08 21.22 -3.75
CA PRO B 734 42.35 20.41 -2.56
C PRO B 734 43.85 20.37 -2.25
N MET B 735 44.20 20.38 -0.97
CA MET B 735 45.60 20.36 -0.55
C MET B 735 46.26 19.07 -1.00
N VAL B 736 45.49 17.99 -0.99
CA VAL B 736 45.97 16.70 -1.49
C VAL B 736 45.30 16.37 -2.82
N LYS B 737 46.09 16.22 -3.87
CA LYS B 737 45.56 15.96 -5.20
C LYS B 737 45.63 14.48 -5.56
N THR B 738 45.19 14.15 -6.77
CA THR B 738 45.20 12.78 -7.26
C THR B 738 45.75 12.76 -8.67
N LYS B 739 46.28 11.61 -9.11
CA LYS B 739 46.80 11.46 -10.45
C LYS B 739 45.68 11.54 -11.49
N THR B 740 44.46 11.23 -11.07
CA THR B 740 43.32 11.23 -11.96
C THR B 740 42.76 12.64 -12.21
N ILE B 741 42.79 13.48 -11.19
CA ILE B 741 42.16 14.80 -11.27
C ILE B 741 42.94 15.76 -12.17
N GLU B 742 44.21 15.46 -12.39
CA GLU B 742 45.04 16.29 -13.26
C GLU B 742 44.78 16.00 -14.73
N LEU B 743 44.53 14.73 -15.03
CA LEU B 743 44.30 14.29 -16.41
C LEU B 743 42.90 14.67 -16.89
N ILE B 744 41.96 14.78 -15.96
CA ILE B 744 40.59 15.13 -16.30
C ILE B 744 40.37 16.64 -16.18
N ASP B 745 41.44 17.37 -15.86
CA ASP B 745 41.39 18.81 -15.66
C ASP B 745 40.37 19.21 -14.60
N TYR B 746 40.65 18.81 -13.36
CA TYR B 746 39.77 19.11 -12.23
C TYR B 746 40.23 20.36 -11.51
N ASP B 747 41.45 20.31 -10.97
CA ASP B 747 42.00 21.37 -10.15
C ASP B 747 42.06 22.73 -10.85
N LYS B 748 41.93 22.73 -12.17
CA LYS B 748 41.84 23.96 -12.94
C LYS B 748 40.50 24.64 -12.66
N LEU B 749 39.50 23.83 -12.36
CA LEU B 749 38.16 24.33 -12.01
C LEU B 749 37.61 23.59 -10.79
N PRO B 750 38.20 23.83 -9.62
CA PRO B 750 37.84 23.10 -8.40
C PRO B 750 36.53 23.56 -7.78
N ALA B 751 35.89 22.70 -7.00
CA ALA B 751 34.68 23.05 -6.27
C ALA B 751 34.83 22.74 -4.79
N GLY B 752 34.90 23.78 -3.97
CA GLY B 752 35.03 23.60 -2.54
C GLY B 752 35.78 24.75 -1.89
N GLN B 753 35.93 24.68 -0.58
CA GLN B 753 36.70 25.68 0.16
C GLN B 753 37.74 25.01 1.06
N ASN B 754 39.00 25.24 0.77
CA ASN B 754 40.08 24.70 1.60
C ASN B 754 40.22 25.52 2.88
N ALA B 755 40.11 24.85 4.02
CA ALA B 755 40.16 25.53 5.30
C ALA B 755 40.67 24.60 6.40
N THR B 756 41.06 25.20 7.52
CA THR B 756 41.52 24.44 8.67
C THR B 756 40.35 23.78 9.38
N VAL B 757 40.64 23.09 10.48
CA VAL B 757 39.64 22.34 11.23
C VAL B 757 40.29 21.78 12.49
N ALA B 758 39.45 21.30 13.41
CA ALA B 758 39.95 20.68 14.64
C ALA B 758 39.04 19.54 15.06
N VAL B 759 39.64 18.45 15.54
CA VAL B 759 38.86 17.34 16.04
C VAL B 759 38.83 17.40 17.57
N MET B 760 37.67 17.75 18.10
CA MET B 760 37.52 17.92 19.54
C MET B 760 36.04 17.79 19.91
N SER B 761 35.77 17.48 21.17
CA SER B 761 34.41 17.55 21.68
C SER B 761 34.19 18.93 22.28
N TYR B 762 33.35 19.72 21.62
CA TYR B 762 33.07 21.09 22.00
C TYR B 762 31.57 21.30 21.81
N SER B 763 31.11 22.55 21.91
CA SER B 763 29.73 22.85 21.60
C SER B 763 28.78 22.04 22.48
N GLY B 764 28.11 21.07 21.86
CA GLY B 764 26.97 20.40 22.44
C GLY B 764 25.76 20.75 21.61
N TYR B 765 25.97 21.68 20.68
CA TYR B 765 25.05 21.88 19.56
C TYR B 765 25.55 20.99 18.42
N ASP B 766 26.66 20.29 18.68
CA ASP B 766 27.29 19.42 17.71
C ASP B 766 26.69 18.01 17.76
N ILE B 767 27.06 17.26 18.80
CA ILE B 767 26.54 15.92 19.05
C ILE B 767 26.62 15.02 17.82
N GLU B 768 25.47 14.60 17.31
CA GLU B 768 25.40 13.63 16.22
C GLU B 768 25.21 14.27 14.84
N ASP B 769 26.21 14.08 13.99
CA ASP B 769 26.15 14.49 12.59
C ASP B 769 25.80 15.97 12.40
N ALA B 770 26.37 16.82 13.24
CA ALA B 770 26.18 18.26 13.11
C ALA B 770 27.48 19.01 13.39
N LEU B 771 27.82 19.94 12.53
CA LEU B 771 29.09 20.68 12.65
C LEU B 771 28.90 22.01 13.36
N VAL B 772 30.02 22.72 13.55
CA VAL B 772 30.00 24.04 14.15
C VAL B 772 30.97 24.98 13.42
N LEU B 773 30.47 26.14 13.01
CA LEU B 773 31.29 27.10 12.28
C LEU B 773 31.84 28.19 13.21
N ASN B 774 32.61 29.10 12.64
CA ASN B 774 33.21 30.19 13.40
C ASN B 774 32.99 31.54 12.74
N LYS B 775 32.40 32.47 13.49
CA LYS B 775 32.17 33.82 12.98
C LYS B 775 33.49 34.57 12.87
N SER B 776 33.47 35.65 12.08
CA SER B 776 34.63 36.49 11.78
C SER B 776 35.63 35.76 10.87
N SER B 777 35.51 34.45 10.79
CA SER B 777 36.07 33.69 9.69
C SER B 777 35.08 33.76 8.55
N ILE B 778 33.80 33.70 8.92
CA ILE B 778 32.69 33.75 7.98
C ILE B 778 32.30 35.18 7.66
N ASP B 779 32.78 36.13 8.46
CA ASP B 779 32.49 37.53 8.23
C ASP B 779 33.49 38.13 7.24
N ARG B 780 34.60 37.43 7.04
CA ARG B 780 35.51 37.71 5.95
C ARG B 780 35.04 36.88 4.77
N GLY B 781 34.04 36.06 5.06
CA GLY B 781 33.37 35.20 4.10
C GLY B 781 33.95 33.80 4.09
N PHE B 782 33.05 32.82 3.93
CA PHE B 782 33.45 31.44 3.70
C PHE B 782 32.41 30.79 2.80
N GLY B 783 32.86 30.10 1.76
CA GLY B 783 31.96 29.43 0.84
C GLY B 783 30.83 30.33 0.34
N ARG B 784 31.15 31.58 0.03
CA ARG B 784 30.13 32.54 -0.37
C ARG B 784 29.57 32.16 -1.75
N CYS B 785 28.25 32.00 -1.81
CA CYS B 785 27.61 31.55 -3.03
C CYS B 785 26.85 32.66 -3.76
N GLU B 786 26.31 32.30 -4.92
CA GLU B 786 25.43 33.18 -5.69
C GLU B 786 24.40 32.32 -6.41
N THR B 787 23.16 32.79 -6.47
CA THR B 787 22.08 32.04 -7.09
C THR B 787 21.54 32.75 -8.32
N ARG B 788 21.70 32.13 -9.48
CA ARG B 788 21.22 32.70 -10.73
C ARG B 788 20.09 31.90 -11.35
N ARG B 789 18.91 32.52 -11.41
CA ARG B 789 17.76 31.94 -12.10
C ARG B 789 17.40 32.82 -13.30
N LYS B 790 16.35 32.46 -14.02
CA LYS B 790 15.93 33.26 -15.15
C LYS B 790 14.42 33.25 -15.35
N THR B 791 13.96 34.01 -16.33
CA THR B 791 12.54 34.07 -16.69
C THR B 791 12.41 34.33 -18.19
N THR B 792 11.44 33.66 -18.82
CA THR B 792 11.24 33.84 -20.26
C THR B 792 9.79 34.21 -20.58
N THR B 793 9.64 35.23 -21.42
CA THR B 793 8.32 35.67 -21.88
C THR B 793 8.32 35.82 -23.40
N VAL B 794 7.14 35.67 -24.00
CA VAL B 794 7.02 35.74 -25.45
C VAL B 794 5.81 36.58 -25.86
N LEU B 795 6.02 37.49 -26.80
CA LEU B 795 4.93 38.31 -27.33
C LEU B 795 4.49 37.74 -28.68
N LYS B 796 3.29 37.15 -28.71
CA LYS B 796 2.82 36.45 -29.89
C LYS B 796 1.85 37.28 -30.73
N ARG B 797 1.40 36.70 -31.83
CA ARG B 797 0.44 37.35 -32.72
C ARG B 797 -0.62 36.35 -33.16
N TYR B 798 -1.88 36.70 -32.93
CA TYR B 798 -3.00 35.80 -33.22
C TYR B 798 -3.39 35.85 -34.70
N ALA B 799 -4.47 35.16 -35.04
CA ALA B 799 -4.99 35.17 -36.40
C ALA B 799 -5.69 36.49 -36.68
N ASN B 800 -5.99 37.23 -35.62
CA ASN B 800 -6.60 38.55 -35.72
C ASN B 800 -5.59 39.60 -36.14
N HIS B 801 -4.32 39.20 -36.21
CA HIS B 801 -3.21 40.09 -36.54
C HIS B 801 -3.08 41.21 -35.52
N THR B 802 -3.34 40.89 -34.26
CA THR B 802 -3.19 41.85 -33.17
C THR B 802 -2.10 41.39 -32.22
N GLN B 803 -1.09 42.24 -32.02
CA GLN B 803 0.05 41.88 -31.18
C GLN B 803 -0.17 42.30 -29.73
N ASP B 804 0.79 42.00 -28.87
CA ASP B 804 0.72 42.37 -27.47
C ASP B 804 1.89 43.30 -27.11
N ILE B 805 1.58 44.39 -26.41
CA ILE B 805 2.58 45.41 -26.12
C ILE B 805 3.01 45.36 -24.66
N ILE B 806 4.28 45.69 -24.41
CA ILE B 806 4.86 45.64 -23.08
C ILE B 806 4.71 46.94 -22.31
N GLY B 807 3.95 47.88 -22.87
CA GLY B 807 3.75 49.19 -22.30
C GLY B 807 3.33 49.20 -20.84
N GLY B 808 3.75 50.24 -20.11
CA GLY B 808 3.58 50.30 -18.67
C GLY B 808 4.04 51.63 -18.10
N MET B 809 4.38 51.61 -16.81
CA MET B 809 4.81 52.83 -16.08
C MET B 809 3.73 53.90 -16.09
N ARG B 810 2.70 53.67 -15.28
CA ARG B 810 1.52 54.54 -15.23
C ARG B 810 1.75 55.92 -14.61
N VAL B 811 2.98 56.21 -14.18
CA VAL B 811 3.29 57.48 -13.50
C VAL B 811 2.48 57.57 -12.21
N ASP B 812 1.48 58.46 -12.19
CA ASP B 812 0.62 58.81 -11.03
C ASP B 812 1.14 59.98 -10.19
N GLU B 813 2.25 60.58 -10.60
CA GLU B 813 2.55 61.96 -10.16
C GLU B 813 2.74 62.19 -8.66
N ASN B 814 3.98 61.97 -8.20
CA ASN B 814 4.46 62.11 -6.81
C ASN B 814 4.40 60.84 -5.97
N GLY B 815 3.88 59.76 -6.55
CA GLY B 815 4.16 58.44 -6.01
C GLY B 815 5.59 58.11 -6.39
N ASP B 816 6.04 58.77 -7.47
CA ASP B 816 7.41 58.69 -7.98
C ASP B 816 7.94 57.29 -8.34
N PRO B 817 7.40 56.67 -9.40
CA PRO B 817 6.08 56.93 -10.01
C PRO B 817 4.98 56.47 -9.05
N ILE B 818 5.21 55.29 -8.47
CA ILE B 818 4.43 54.75 -7.37
C ILE B 818 5.29 53.72 -6.66
N TRP B 819 4.93 53.34 -5.44
CA TRP B 819 5.74 52.38 -4.68
C TRP B 819 5.64 50.97 -5.26
N GLN B 820 4.45 50.60 -5.73
CA GLN B 820 4.21 49.25 -6.22
C GLN B 820 4.86 48.99 -7.58
N HIS B 821 4.60 49.88 -8.54
CA HIS B 821 5.18 49.75 -9.88
C HIS B 821 6.63 50.20 -9.88
N GLN B 822 6.86 51.47 -9.57
CA GLN B 822 8.20 52.03 -9.42
C GLN B 822 9.08 51.94 -10.67
N SER B 823 10.15 51.16 -10.57
CA SER B 823 11.37 51.37 -11.36
C SER B 823 11.43 50.75 -12.76
N LEU B 824 10.32 50.21 -13.25
CA LEU B 824 10.28 49.58 -14.58
C LEU B 824 10.97 50.42 -15.66
N GLY B 825 10.62 51.70 -15.72
CA GLY B 825 11.27 52.61 -16.66
C GLY B 825 10.42 52.96 -17.86
N PRO B 826 10.85 53.98 -18.62
CA PRO B 826 10.14 54.49 -19.80
C PRO B 826 9.96 53.44 -20.89
N ASP B 827 10.93 52.54 -21.04
CA ASP B 827 10.87 51.51 -22.07
C ASP B 827 9.81 50.45 -21.75
N GLY B 828 9.49 50.32 -20.47
CA GLY B 828 8.52 49.33 -20.03
C GLY B 828 9.18 48.06 -19.53
N LEU B 829 10.43 47.85 -19.95
CA LEU B 829 11.20 46.69 -19.51
C LEU B 829 12.14 47.10 -18.37
N GLY B 830 12.31 46.21 -17.41
CA GLY B 830 13.08 46.49 -16.21
C GLY B 830 14.51 46.93 -16.46
N GLU B 831 15.05 47.71 -15.53
CA GLU B 831 16.39 48.26 -15.64
C GLU B 831 17.45 47.22 -15.27
N VAL B 832 18.69 47.67 -15.19
CA VAL B 832 19.81 46.79 -14.84
C VAL B 832 20.51 47.26 -13.57
N GLY B 833 20.70 46.34 -12.63
CA GLY B 833 21.46 46.63 -11.43
C GLY B 833 20.70 47.32 -10.33
N MET B 834 19.40 47.05 -10.22
CA MET B 834 18.58 47.65 -9.18
C MET B 834 17.90 46.60 -8.31
N LYS B 835 17.66 46.93 -7.05
CA LYS B 835 17.09 46.01 -6.08
C LYS B 835 15.57 45.93 -6.19
N VAL B 836 15.03 44.73 -5.98
CA VAL B 836 13.59 44.53 -5.99
C VAL B 836 13.13 43.66 -4.82
N GLN B 837 12.29 44.22 -3.95
CA GLN B 837 11.78 43.48 -2.80
C GLN B 837 10.33 43.06 -3.05
N SER B 838 10.13 41.77 -3.32
CA SER B 838 8.85 41.23 -3.74
C SER B 838 8.27 42.11 -4.85
N GLY B 839 6.95 42.29 -4.84
CA GLY B 839 6.30 43.40 -5.52
C GLY B 839 6.79 43.68 -6.93
N GLN B 840 6.83 44.96 -7.26
CA GLN B 840 7.74 45.52 -8.27
C GLN B 840 7.92 44.67 -9.52
N ILE B 841 6.88 44.57 -10.35
CA ILE B 841 6.95 43.78 -11.56
C ILE B 841 8.13 44.24 -12.43
N TYR B 842 9.01 43.30 -12.78
CA TYR B 842 10.21 43.65 -13.53
C TYR B 842 9.94 43.79 -15.02
N ILE B 843 8.85 43.18 -15.49
CA ILE B 843 8.43 43.36 -16.87
C ILE B 843 6.90 43.46 -16.96
N ASN B 844 6.42 44.52 -17.59
CA ASN B 844 4.99 44.71 -17.77
C ASN B 844 4.52 44.05 -19.06
N LYS B 845 3.53 43.17 -18.95
CA LYS B 845 3.02 42.46 -20.12
C LYS B 845 1.51 42.65 -20.26
N SER B 846 1.10 43.31 -21.34
CA SER B 846 -0.32 43.49 -21.63
C SER B 846 -0.74 42.51 -22.71
N VAL B 847 -1.91 41.90 -22.51
CA VAL B 847 -2.41 40.89 -23.45
C VAL B 847 -3.73 41.30 -24.07
N PRO B 848 -3.93 40.93 -25.35
CA PRO B 848 -5.18 41.23 -26.08
C PRO B 848 -6.40 40.60 -25.41
N THR B 849 -7.52 41.31 -25.45
CA THR B 849 -8.76 40.83 -24.85
C THR B 849 -9.89 40.71 -25.89
N ASN B 850 -10.27 41.84 -26.48
CA ASN B 850 -11.33 41.87 -27.48
C ASN B 850 -10.96 41.10 -28.74
N SER B 851 -9.68 41.15 -29.10
CA SER B 851 -9.18 40.49 -30.31
C SER B 851 -8.64 39.10 -30.02
N ALA B 852 -8.75 38.67 -28.77
CA ALA B 852 -8.21 37.38 -28.36
C ALA B 852 -9.00 36.20 -28.92
N ASP B 853 -10.18 36.48 -29.47
CA ASP B 853 -11.05 35.43 -29.98
C ASP B 853 -10.81 35.12 -31.46
N ALA B 854 -11.54 34.13 -31.96
CA ALA B 854 -11.42 33.67 -33.34
C ALA B 854 -11.91 34.64 -34.44
N PRO B 855 -13.11 35.24 -34.29
CA PRO B 855 -13.68 36.00 -35.42
C PRO B 855 -12.75 37.06 -36.02
N ASN B 856 -12.83 37.21 -37.34
CA ASN B 856 -12.00 38.17 -38.07
C ASN B 856 -12.17 39.59 -37.56
N PRO B 857 -11.07 40.35 -37.47
CA PRO B 857 -11.07 41.70 -36.92
C PRO B 857 -11.94 42.68 -37.72
N ASN B 858 -12.80 43.42 -37.01
CA ASN B 858 -13.61 44.45 -37.63
C ASN B 858 -12.76 45.69 -37.92
N ASN B 859 -13.19 46.50 -38.87
CA ASN B 859 -12.39 47.65 -39.29
C ASN B 859 -12.74 48.95 -38.55
N VAL B 860 -13.65 48.87 -37.59
CA VAL B 860 -14.04 50.06 -36.85
C VAL B 860 -12.98 50.43 -35.79
N ASN B 861 -12.87 49.64 -34.72
CA ASN B 861 -11.79 49.82 -33.75
C ASN B 861 -11.31 48.48 -33.21
N VAL B 862 -10.01 48.26 -33.26
CA VAL B 862 -9.42 47.02 -32.74
C VAL B 862 -8.21 47.29 -31.85
N GLN B 863 -7.17 47.89 -32.43
CA GLN B 863 -5.83 47.92 -31.86
C GLN B 863 -5.75 48.32 -30.39
N THR B 864 -6.43 49.38 -29.98
CA THR B 864 -6.33 49.74 -28.58
C THR B 864 -7.55 49.34 -27.75
N GLN B 865 -7.38 48.23 -27.05
CA GLN B 865 -8.12 47.87 -25.85
C GLN B 865 -7.21 46.85 -25.18
N TYR B 866 -7.15 46.80 -23.86
CA TYR B 866 -6.20 45.87 -23.25
C TYR B 866 -6.60 45.33 -21.88
N ARG B 867 -5.77 44.41 -21.40
CA ARG B 867 -5.88 43.83 -20.07
C ARG B 867 -4.48 43.57 -19.55
N GLU B 868 -4.21 43.92 -18.30
CA GLU B 868 -2.87 43.74 -17.74
C GLU B 868 -2.65 42.31 -17.25
N ALA B 869 -1.54 41.72 -17.66
CA ALA B 869 -1.16 40.39 -17.20
C ALA B 869 0.31 40.35 -16.81
N PRO B 870 0.69 41.09 -15.74
CA PRO B 870 2.08 41.15 -15.32
C PRO B 870 2.52 39.88 -14.58
N VAL B 871 3.80 39.54 -14.69
CA VAL B 871 4.34 38.41 -13.95
C VAL B 871 4.96 38.89 -12.64
N ILE B 872 4.35 38.49 -11.53
CA ILE B 872 4.77 38.99 -10.22
C ILE B 872 5.85 38.11 -9.61
N TYR B 873 6.93 38.75 -9.17
CA TYR B 873 7.99 38.04 -8.47
C TYR B 873 7.80 38.12 -6.96
N ARG B 874 7.46 37.00 -6.36
CA ARG B 874 7.35 36.92 -4.91
C ARG B 874 8.38 35.95 -4.33
N GLY B 875 9.40 36.49 -3.68
CA GLY B 875 10.40 35.67 -3.02
C GLY B 875 10.31 35.74 -1.52
N PRO B 876 11.10 34.91 -0.83
CA PRO B 876 11.27 35.01 0.62
C PRO B 876 12.11 36.24 0.99
N GLU B 877 12.99 36.64 0.07
CA GLU B 877 13.88 37.77 0.27
C GLU B 877 14.04 38.52 -1.05
N PRO B 878 14.76 39.67 -1.05
CA PRO B 878 14.88 40.34 -2.36
C PRO B 878 16.09 39.89 -3.17
N SER B 879 16.22 40.44 -4.38
CA SER B 879 17.31 40.09 -5.28
C SER B 879 17.65 41.27 -6.18
N HIS B 880 18.49 41.02 -7.19
CA HIS B 880 18.93 42.07 -8.10
C HIS B 880 18.88 41.65 -9.56
N ILE B 881 18.42 42.55 -10.42
CA ILE B 881 18.38 42.30 -11.85
C ILE B 881 19.71 42.73 -12.49
N ASP B 882 20.24 41.88 -13.37
CA ASP B 882 21.53 42.16 -13.98
C ASP B 882 21.50 42.10 -15.51
N GLN B 883 21.26 40.93 -16.07
CA GLN B 883 21.31 40.75 -17.51
C GLN B 883 19.97 40.36 -18.10
N VAL B 884 19.49 41.17 -19.05
CA VAL B 884 18.25 40.89 -19.76
C VAL B 884 18.53 40.82 -21.25
N MET B 885 17.62 40.19 -22.00
CA MET B 885 17.83 40.00 -23.43
C MET B 885 16.54 40.10 -24.25
N MET B 886 16.64 40.73 -25.41
CA MET B 886 15.52 40.79 -26.35
C MET B 886 15.97 40.23 -27.70
N SER B 887 15.10 39.42 -28.32
CA SER B 887 15.45 38.76 -29.57
C SER B 887 14.27 38.62 -30.51
N VAL B 888 14.47 37.88 -31.61
CA VAL B 888 13.44 37.70 -32.62
C VAL B 888 13.32 36.21 -32.98
N SER B 889 12.24 35.85 -33.65
CA SER B 889 11.99 34.45 -34.02
C SER B 889 11.72 34.30 -35.52
N ASP B 890 11.36 33.09 -35.92
CA ASP B 890 11.01 32.80 -37.31
C ASP B 890 9.76 33.56 -37.74
N ASN B 891 8.78 33.62 -36.85
CA ASN B 891 7.55 34.37 -37.10
C ASN B 891 7.66 35.79 -36.57
N ASP B 892 8.85 36.12 -36.07
CA ASP B 892 9.17 37.44 -35.54
C ASP B 892 8.32 37.78 -34.31
N GLN B 893 8.18 36.83 -33.41
CA GLN B 893 7.54 37.09 -32.12
C GLN B 893 8.59 37.51 -31.11
N ALA B 894 8.29 38.54 -30.33
CA ALA B 894 9.26 39.11 -29.39
C ALA B 894 9.59 38.14 -28.26
N LEU B 895 10.88 37.91 -28.05
CA LEU B 895 11.35 37.05 -26.98
C LEU B 895 12.14 37.83 -25.94
N ILE B 896 11.60 37.91 -24.73
CA ILE B 896 12.26 38.64 -23.65
C ILE B 896 12.73 37.71 -22.55
N LYS B 897 14.05 37.62 -22.39
CA LYS B 897 14.64 36.75 -21.38
C LYS B 897 15.42 37.55 -20.35
N VAL B 898 15.00 37.44 -19.09
CA VAL B 898 15.66 38.13 -17.99
C VAL B 898 16.19 37.12 -16.97
N LEU B 899 17.17 37.54 -16.18
CA LEU B 899 17.72 36.66 -15.15
C LEU B 899 17.99 37.46 -13.88
N LEU B 900 17.91 36.78 -12.73
CA LEU B 900 18.09 37.44 -11.44
C LEU B 900 19.18 36.78 -10.62
N ARG B 901 19.84 37.55 -9.77
CA ARG B 901 20.89 37.03 -8.91
C ARG B 901 20.74 37.55 -7.48
N GLN B 902 21.18 36.73 -6.51
CA GLN B 902 21.13 37.12 -5.11
C GLN B 902 22.26 36.46 -4.32
N ASN B 903 22.74 37.15 -3.30
CA ASN B 903 23.81 36.62 -2.46
C ASN B 903 23.25 35.81 -1.31
N ARG B 904 23.77 34.60 -1.12
CA ARG B 904 23.32 33.73 -0.03
C ARG B 904 24.45 33.43 0.94
N ARG B 905 24.32 33.94 2.15
CA ARG B 905 25.29 33.68 3.21
C ARG B 905 25.08 32.27 3.75
N PRO B 906 26.18 31.57 4.09
CA PRO B 906 26.08 30.23 4.68
C PRO B 906 25.40 30.28 6.05
N GLU B 907 24.11 30.55 6.03
CA GLU B 907 23.31 30.70 7.24
C GLU B 907 23.20 29.40 8.04
N LEU B 908 22.89 29.52 9.32
CA LEU B 908 22.67 28.38 10.20
C LEU B 908 21.65 27.41 9.61
N GLY B 909 22.01 26.13 9.57
CA GLY B 909 21.14 25.11 9.02
C GLY B 909 21.61 24.58 7.68
N ASP B 910 22.64 25.21 7.12
CA ASP B 910 23.18 24.78 5.83
C ASP B 910 23.94 23.46 5.94
N LYS B 911 24.10 22.78 4.82
CA LYS B 911 24.72 21.46 4.80
C LYS B 911 26.06 21.47 4.07
N PHE B 912 27.12 21.05 4.77
CA PHE B 912 28.44 20.95 4.18
C PHE B 912 28.83 19.50 3.91
N SER B 913 30.03 19.30 3.38
CA SER B 913 30.56 17.96 3.14
C SER B 913 32.07 17.95 3.27
N SER B 914 32.62 16.84 3.74
CA SER B 914 34.05 16.72 3.99
C SER B 914 34.81 16.13 2.80
N ARG B 915 34.10 15.90 1.70
CA ARG B 915 34.66 15.37 0.45
C ARG B 915 35.08 13.90 0.61
N HIS B 916 35.11 13.41 1.83
CA HIS B 916 35.50 12.04 2.11
C HIS B 916 34.28 11.12 2.20
N GLY B 917 33.10 11.70 1.96
CA GLY B 917 31.86 10.97 2.04
C GLY B 917 31.07 11.31 3.29
N GLN B 918 31.62 12.18 4.12
CA GLN B 918 30.94 12.63 5.33
C GLN B 918 29.82 13.60 5.01
N LYS B 919 28.85 13.72 5.92
CA LYS B 919 27.71 14.59 5.73
C LYS B 919 27.30 15.22 7.07
N GLY B 920 26.96 16.50 7.05
CA GLY B 920 26.60 17.19 8.28
C GLY B 920 25.99 18.56 8.09
N VAL B 921 25.48 19.13 9.19
CA VAL B 921 24.83 20.43 9.17
C VAL B 921 25.34 21.30 10.32
N CYS B 922 25.67 22.56 10.04
CA CYS B 922 26.16 23.47 11.07
C CYS B 922 25.07 23.80 12.08
N GLY B 923 25.35 23.55 13.36
CA GLY B 923 24.36 23.78 14.40
C GLY B 923 24.49 25.07 15.20
N ILE B 924 25.66 25.69 15.17
CA ILE B 924 25.87 26.92 15.93
C ILE B 924 27.05 27.72 15.38
N ILE B 925 27.10 29.01 15.72
CA ILE B 925 28.19 29.88 15.31
C ILE B 925 28.77 30.65 16.49
N VAL B 926 30.08 30.55 16.70
CA VAL B 926 30.75 31.25 17.79
C VAL B 926 31.52 32.45 17.26
N LYS B 927 31.33 33.61 17.89
CA LYS B 927 31.83 34.88 17.35
C LYS B 927 33.33 34.94 17.11
N GLN B 928 34.10 35.17 18.16
CA GLN B 928 35.56 35.23 18.04
C GLN B 928 36.30 34.52 19.17
N GLU B 929 36.18 35.11 20.35
CA GLU B 929 37.04 34.85 21.50
C GLU B 929 37.19 33.38 21.91
N ASP B 930 36.13 32.61 21.73
CA ASP B 930 36.16 31.20 22.10
C ASP B 930 36.98 30.39 21.09
N MET B 931 36.98 29.07 21.28
CA MET B 931 37.73 28.13 20.44
C MET B 931 39.25 28.27 20.65
N PRO B 932 40.00 27.17 20.40
CA PRO B 932 41.45 27.15 20.62
C PRO B 932 42.24 28.19 19.84
N PHE B 933 43.34 28.64 20.43
CA PHE B 933 44.24 29.62 19.83
C PHE B 933 45.69 29.10 19.87
N ASN B 934 46.15 28.79 21.09
CA ASN B 934 47.47 28.26 21.42
C ASN B 934 48.67 29.10 20.95
N ASP B 935 49.74 28.44 20.50
CA ASP B 935 51.02 29.09 20.29
C ASP B 935 51.05 29.97 19.06
N GLN B 936 50.61 29.41 17.92
CA GLN B 936 50.65 30.14 16.66
C GLN B 936 49.56 31.21 16.62
N GLY B 937 48.60 31.12 17.54
CA GLY B 937 47.51 32.07 17.59
C GLY B 937 46.43 31.74 16.58
N ILE B 938 46.59 30.60 15.91
CA ILE B 938 45.65 30.16 14.89
C ILE B 938 44.36 29.67 15.51
N VAL B 939 43.24 30.06 14.91
CA VAL B 939 41.92 29.64 15.38
C VAL B 939 41.22 28.77 14.35
N PRO B 940 40.94 27.51 14.70
CA PRO B 940 40.28 26.57 13.80
C PRO B 940 38.88 27.04 13.40
N ASP B 941 38.60 27.00 12.10
CA ASP B 941 37.33 27.48 11.57
C ASP B 941 36.19 26.53 11.92
N ILE B 942 36.42 25.23 11.72
CA ILE B 942 35.39 24.23 11.98
C ILE B 942 35.87 23.23 13.03
N ILE B 943 34.93 22.70 13.81
CA ILE B 943 35.24 21.68 14.81
C ILE B 943 34.38 20.44 14.60
N MET B 944 35.01 19.33 14.25
CA MET B 944 34.29 18.09 13.97
C MET B 944 33.96 17.31 15.24
N ASN B 945 33.49 16.08 15.06
CA ASN B 945 33.14 15.23 16.18
C ASN B 945 33.90 13.90 16.15
N PRO B 946 34.35 13.43 17.31
CA PRO B 946 35.13 12.19 17.43
C PRO B 946 34.34 10.91 17.16
N HIS B 947 33.03 10.95 17.38
CA HIS B 947 32.22 9.73 17.32
C HIS B 947 31.85 9.33 15.89
N GLY B 948 32.21 10.15 14.92
CA GLY B 948 31.91 9.86 13.53
C GLY B 948 32.79 8.78 12.95
N PHE B 949 34.04 8.76 13.38
CA PHE B 949 35.03 7.82 12.84
C PHE B 949 34.81 6.33 13.15
N PRO B 950 34.59 5.96 14.43
CA PRO B 950 34.61 4.53 14.76
C PRO B 950 33.60 3.65 14.04
N SER B 951 32.34 4.07 13.97
CA SER B 951 31.30 3.24 13.36
C SER B 951 31.33 3.31 11.84
N ARG B 952 31.53 4.50 11.30
CA ARG B 952 31.57 4.68 9.86
C ARG B 952 32.85 4.08 9.28
N MET B 953 33.87 3.97 10.13
CA MET B 953 35.10 3.26 9.81
C MET B 953 35.80 3.76 8.55
N THR B 954 36.36 4.97 8.63
CA THR B 954 37.21 5.48 7.57
C THR B 954 38.50 6.08 8.12
N VAL B 955 39.62 5.44 7.80
CA VAL B 955 40.93 5.91 8.25
C VAL B 955 41.61 6.79 7.20
N GLY B 956 41.01 6.84 6.01
CA GLY B 956 41.60 7.59 4.91
C GLY B 956 41.56 9.10 5.12
N LYS B 957 40.55 9.55 5.85
CA LYS B 957 40.38 10.97 6.11
C LYS B 957 41.38 11.47 7.16
N MET B 958 41.62 10.65 8.17
CA MET B 958 42.50 11.04 9.28
C MET B 958 43.95 11.19 8.83
N ILE B 959 44.32 10.47 7.78
CA ILE B 959 45.67 10.56 7.22
C ILE B 959 45.82 11.82 6.38
N GLU B 960 44.70 12.27 5.79
CA GLU B 960 44.69 13.41 4.89
C GLU B 960 45.21 14.70 5.55
N LEU B 961 44.94 14.85 6.85
CA LEU B 961 45.35 16.05 7.57
C LEU B 961 46.87 16.16 7.66
N ILE B 962 47.52 15.03 7.95
CA ILE B 962 48.98 15.00 8.06
C ILE B 962 49.64 15.27 6.71
N SER B 963 49.18 14.56 5.68
CA SER B 963 49.71 14.74 4.34
C SER B 963 49.42 16.14 3.82
N GLY B 964 48.31 16.70 4.26
CA GLY B 964 47.94 18.06 3.90
C GLY B 964 48.78 19.11 4.61
N LYS B 965 48.98 18.91 5.90
CA LYS B 965 49.76 19.83 6.71
C LYS B 965 51.23 19.85 6.29
N ALA B 966 51.76 18.69 5.95
CA ALA B 966 53.14 18.57 5.52
C ALA B 966 53.37 19.26 4.18
N GLY B 967 52.33 19.28 3.34
CA GLY B 967 52.42 19.89 2.04
C GLY B 967 52.52 21.41 2.10
N VAL B 968 51.83 22.00 3.07
CA VAL B 968 51.83 23.45 3.22
C VAL B 968 53.19 23.94 3.72
N LEU B 969 53.79 23.17 4.62
CA LEU B 969 55.09 23.53 5.19
C LEU B 969 56.20 23.52 4.15
N ASN B 970 56.07 22.63 3.17
CA ASN B 970 57.06 22.54 2.09
C ASN B 970 56.66 23.40 0.89
N GLY B 971 55.46 23.99 0.96
CA GLY B 971 54.98 24.85 -0.09
C GLY B 971 54.68 24.10 -1.38
N THR B 972 54.37 22.81 -1.26
CA THR B 972 54.08 21.97 -2.42
C THR B 972 52.79 21.19 -2.24
N LEU B 973 52.05 21.02 -3.34
CA LEU B 973 50.83 20.21 -3.31
C LEU B 973 51.20 18.74 -3.17
N GLU B 974 50.62 18.08 -2.17
CA GLU B 974 50.97 16.70 -1.87
C GLU B 974 50.10 15.72 -2.65
N TYR B 975 50.75 14.79 -3.34
CA TYR B 975 50.05 13.80 -4.15
C TYR B 975 49.49 12.65 -3.31
N GLY B 976 48.41 12.06 -3.79
CA GLY B 976 47.87 10.85 -3.21
C GLY B 976 47.08 10.06 -4.23
N THR B 977 47.00 8.75 -4.04
CA THR B 977 46.29 7.88 -4.98
C THR B 977 45.92 6.56 -4.32
N CYS B 978 45.01 5.82 -4.96
CA CYS B 978 44.66 4.49 -4.49
C CYS B 978 45.81 3.51 -4.74
N PHE B 979 45.95 2.52 -3.86
CA PHE B 979 46.92 1.43 -4.00
C PHE B 979 48.39 1.89 -3.86
N GLY B 980 48.61 3.19 -3.67
CA GLY B 980 49.96 3.73 -3.63
C GLY B 980 49.99 5.21 -3.33
N GLY B 981 51.08 5.87 -3.71
CA GLY B 981 51.22 7.30 -3.48
C GLY B 981 52.15 7.65 -2.34
N SER B 982 52.13 8.92 -1.94
CA SER B 982 53.02 9.45 -0.90
C SER B 982 52.91 8.67 0.41
N LYS B 983 54.07 8.36 0.99
CA LYS B 983 54.13 7.61 2.23
C LYS B 983 53.80 8.49 3.43
N LEU B 984 53.20 7.89 4.46
CA LEU B 984 52.84 8.61 5.67
C LEU B 984 54.06 8.84 6.58
N GLU B 985 55.01 7.91 6.52
CA GLU B 985 56.17 7.95 7.40
C GLU B 985 57.07 9.15 7.13
N ASP B 986 57.28 9.48 5.86
CA ASP B 986 58.17 10.58 5.50
C ASP B 986 57.58 11.92 5.91
N MET B 987 56.26 11.97 6.06
CA MET B 987 55.57 13.18 6.49
C MET B 987 55.89 13.50 7.94
N SER B 988 56.17 12.47 8.73
CA SER B 988 56.46 12.63 10.14
C SER B 988 57.79 13.33 10.37
N LYS B 989 58.79 12.99 9.56
CA LYS B 989 60.12 13.58 9.70
C LYS B 989 60.16 14.99 9.13
N ILE B 990 59.24 15.30 8.22
CA ILE B 990 59.10 16.65 7.68
C ILE B 990 58.49 17.56 8.73
N LEU B 991 57.63 16.99 9.56
CA LEU B 991 56.99 17.72 10.65
C LEU B 991 57.95 17.92 11.82
N VAL B 992 58.41 16.81 12.40
CA VAL B 992 59.16 16.80 13.65
C VAL B 992 60.40 17.72 13.65
N ASP B 993 60.97 17.99 12.48
CA ASP B 993 62.16 18.83 12.42
C ASP B 993 61.82 20.32 12.52
N GLN B 994 60.56 20.65 12.25
CA GLN B 994 60.11 22.04 12.31
C GLN B 994 59.47 22.38 13.66
N GLY B 995 59.44 21.41 14.57
CA GLY B 995 58.94 21.64 15.90
C GLY B 995 57.51 21.17 16.14
N PHE B 996 56.98 20.37 15.22
CA PHE B 996 55.63 19.83 15.36
C PHE B 996 55.68 18.35 15.73
N ASN B 997 54.69 17.91 16.51
CA ASN B 997 54.57 16.50 16.85
C ASN B 997 54.43 15.66 15.59
N TYR B 998 54.95 14.44 15.60
CA TYR B 998 55.09 13.67 14.36
C TYR B 998 53.74 13.39 13.69
N SER B 999 52.78 12.86 14.43
CA SER B 999 51.44 12.73 13.87
C SER B 999 50.39 13.58 14.59
N GLY B 1000 50.02 14.69 13.98
CA GLY B 1000 48.77 15.39 14.26
C GLY B 1000 48.60 16.04 15.62
N LYS B 1001 49.49 15.74 16.56
CA LYS B 1001 49.31 16.19 17.95
C LYS B 1001 49.79 17.61 18.20
N ASP B 1002 49.18 18.25 19.20
CA ASP B 1002 49.59 19.58 19.64
C ASP B 1002 48.95 19.89 21.00
N MET B 1003 49.25 21.05 21.56
CA MET B 1003 48.66 21.47 22.82
C MET B 1003 47.95 22.81 22.65
N LEU B 1004 46.65 22.82 22.92
CA LEU B 1004 45.85 24.02 22.73
C LEU B 1004 45.29 24.53 24.05
N TYR B 1005 44.57 25.65 24.00
CA TYR B 1005 43.97 26.23 25.21
C TYR B 1005 42.48 26.50 25.01
N SER B 1006 41.76 26.57 26.11
CA SER B 1006 40.32 26.83 26.06
C SER B 1006 40.04 28.28 25.69
N GLY B 1007 38.89 28.53 25.08
CA GLY B 1007 38.53 29.85 24.62
C GLY B 1007 37.76 30.67 25.64
N ILE B 1008 37.49 30.07 26.79
CA ILE B 1008 36.75 30.76 27.84
C ILE B 1008 37.60 30.99 29.09
N THR B 1009 38.02 29.90 29.74
CA THR B 1009 38.84 29.99 30.94
C THR B 1009 40.29 30.31 30.58
N GLY B 1010 40.68 29.97 29.36
CA GLY B 1010 42.03 30.27 28.88
C GLY B 1010 43.13 29.53 29.58
N GLU B 1011 43.03 28.20 29.62
CA GLU B 1011 44.08 27.37 30.22
C GLU B 1011 44.30 26.11 29.40
N CYS B 1012 45.25 25.28 29.83
CA CYS B 1012 45.61 24.08 29.10
C CYS B 1012 44.51 23.04 29.14
N LEU B 1013 44.16 22.51 27.97
CA LEU B 1013 43.18 21.43 27.88
C LEU B 1013 43.80 20.14 28.39
N GLN B 1014 43.04 19.38 29.18
CA GLN B 1014 43.57 18.20 29.86
C GLN B 1014 44.05 17.11 28.90
N ALA B 1015 43.58 17.15 27.66
CA ALA B 1015 44.02 16.21 26.64
C ALA B 1015 44.60 16.96 25.44
N TYR B 1016 45.08 16.19 24.45
CA TYR B 1016 45.62 16.80 23.24
C TYR B 1016 44.56 16.86 22.15
N ILE B 1017 44.91 17.45 21.01
CA ILE B 1017 43.97 17.62 19.91
C ILE B 1017 44.63 17.38 18.55
N PHE B 1018 44.02 16.52 17.76
CA PHE B 1018 44.47 16.26 16.40
C PHE B 1018 43.76 17.17 15.41
N PHE B 1019 44.52 18.00 14.70
CA PHE B 1019 43.94 18.94 13.76
C PHE B 1019 44.86 19.22 12.57
N GLY B 1020 44.28 19.74 11.50
CA GLY B 1020 45.02 20.05 10.29
C GLY B 1020 44.07 20.39 9.16
N PRO B 1021 44.60 21.01 8.08
CA PRO B 1021 43.79 21.44 6.95
C PRO B 1021 43.17 20.27 6.17
N ILE B 1022 41.88 20.35 5.90
CA ILE B 1022 41.19 19.39 5.04
C ILE B 1022 40.45 20.15 3.95
N TYR B 1023 39.75 19.43 3.09
CA TYR B 1023 39.02 20.05 1.98
C TYR B 1023 37.50 19.90 2.17
N TYR B 1024 36.84 21.02 2.42
CA TYR B 1024 35.39 21.02 2.60
C TYR B 1024 34.69 21.68 1.43
N GLN B 1025 33.54 21.14 1.05
CA GLN B 1025 32.76 21.69 -0.06
C GLN B 1025 31.31 21.88 0.32
N LYS B 1026 30.77 23.07 0.02
CA LYS B 1026 29.38 23.37 0.32
C LYS B 1026 28.45 22.72 -0.70
N LEU B 1027 27.42 22.04 -0.22
CA LEU B 1027 26.53 21.29 -1.09
C LEU B 1027 25.22 22.05 -1.39
N LYS B 1028 24.33 21.39 -2.11
CA LYS B 1028 23.04 21.96 -2.49
C LYS B 1028 22.04 21.81 -1.34
N HIS B 1029 20.77 22.05 -1.64
CA HIS B 1029 19.69 21.94 -0.67
C HIS B 1029 19.89 22.87 0.52
N MET B 1030 19.73 24.17 0.28
CA MET B 1030 19.90 25.16 1.33
C MET B 1030 18.73 25.16 2.30
N VAL B 1031 18.81 25.98 3.34
CA VAL B 1031 17.73 26.07 4.32
C VAL B 1031 16.77 27.20 3.94
N LEU B 1032 17.15 28.00 2.96
CA LEU B 1032 16.36 29.15 2.55
C LEU B 1032 15.13 28.73 1.76
N ASP B 1033 15.34 27.91 0.74
CA ASP B 1033 14.26 27.46 -0.12
C ASP B 1033 13.45 26.32 0.49
N LYS B 1034 14.09 25.57 1.39
CA LYS B 1034 13.49 24.37 1.96
C LYS B 1034 12.45 24.69 3.03
N MET B 1035 12.53 25.88 3.62
CA MET B 1035 11.60 26.29 4.66
C MET B 1035 10.18 26.44 4.10
N HIS B 1036 9.20 25.93 4.84
CA HIS B 1036 7.81 25.96 4.38
C HIS B 1036 6.82 26.08 5.54
N ALA B 1037 5.72 26.79 5.30
CA ALA B 1037 4.68 26.95 6.30
C ALA B 1037 3.30 27.10 5.63
N ARG B 1038 2.26 26.69 6.35
CA ARG B 1038 0.90 26.72 5.81
C ARG B 1038 -0.12 27.20 6.83
N ALA B 1039 -0.94 28.18 6.43
CA ALA B 1039 -2.03 28.67 7.28
C ALA B 1039 -3.37 28.31 6.65
N ARG B 1040 -3.73 29.03 5.60
CA ARG B 1040 -4.93 28.73 4.82
C ARG B 1040 -4.80 29.30 3.42
N GLY B 1041 -5.59 28.80 2.49
CA GLY B 1041 -5.51 29.25 1.11
C GLY B 1041 -6.38 28.47 0.14
N PRO B 1042 -6.05 28.54 -1.15
CA PRO B 1042 -6.79 27.92 -2.25
C PRO B 1042 -6.98 26.41 -2.08
N ARG B 1043 -8.10 25.90 -2.57
CA ARG B 1043 -8.38 24.47 -2.53
C ARG B 1043 -8.81 23.97 -3.92
N ALA B 1044 -8.80 22.66 -4.10
CA ALA B 1044 -9.16 22.07 -5.39
C ALA B 1044 -10.65 22.26 -5.70
N VAL B 1045 -11.00 22.20 -6.97
CA VAL B 1045 -12.37 22.43 -7.41
C VAL B 1045 -13.28 21.22 -7.21
N LEU B 1046 -12.76 20.03 -7.50
CA LEU B 1046 -13.55 18.80 -7.39
C LEU B 1046 -13.39 18.18 -6.01
N THR B 1047 -12.63 18.86 -5.17
CA THR B 1047 -12.25 18.33 -3.85
C THR B 1047 -12.59 19.31 -2.74
N ARG B 1048 -12.04 20.52 -2.85
CA ARG B 1048 -12.08 21.54 -1.80
C ARG B 1048 -11.24 21.11 -0.62
N GLN B 1049 -10.05 20.59 -0.92
CA GLN B 1049 -9.05 20.26 0.09
C GLN B 1049 -7.78 21.05 -0.21
N PRO B 1050 -6.93 21.27 0.80
CA PRO B 1050 -5.64 21.94 0.58
C PRO B 1050 -4.78 21.23 -0.46
N THR B 1051 -4.14 22.00 -1.33
CA THR B 1051 -3.35 21.42 -2.41
C THR B 1051 -1.96 21.01 -1.94
N GLU B 1052 -1.12 20.61 -2.89
CA GLU B 1052 0.23 20.14 -2.57
C GLU B 1052 1.29 20.88 -3.37
N GLY B 1053 2.54 20.78 -2.91
CA GLY B 1053 3.66 21.36 -3.63
C GLY B 1053 3.90 22.83 -3.32
N ARG B 1054 4.43 23.54 -4.30
CA ARG B 1054 4.77 24.96 -4.14
C ARG B 1054 4.23 25.75 -5.33
N SER B 1055 4.29 27.08 -5.21
CA SER B 1055 3.80 28.04 -6.21
C SER B 1055 2.28 28.12 -6.23
N ARG B 1056 1.63 27.21 -5.51
CA ARG B 1056 0.20 27.31 -5.26
C ARG B 1056 -0.03 27.58 -3.79
N ASP B 1057 0.19 26.56 -2.97
CA ASP B 1057 0.11 26.63 -1.52
C ASP B 1057 0.49 25.27 -0.94
N GLY B 1058 0.78 25.21 0.35
CA GLY B 1058 1.30 24.00 0.94
C GLY B 1058 0.35 23.23 1.84
N GLY B 1059 0.94 22.39 2.68
CA GLY B 1059 0.19 21.51 3.57
C GLY B 1059 1.11 20.38 4.02
N LEU B 1060 0.55 19.36 4.65
CA LEU B 1060 1.34 18.22 5.10
C LEU B 1060 0.62 16.89 4.88
N ARG B 1061 1.21 15.82 5.42
CA ARG B 1061 0.77 14.47 5.12
C ARG B 1061 0.47 13.63 6.36
N LEU B 1062 -0.75 13.10 6.44
CA LEU B 1062 -1.09 12.09 7.43
C LEU B 1062 -1.40 10.77 6.73
N GLY B 1063 -0.52 9.79 6.91
CA GLY B 1063 -0.67 8.51 6.26
C GLY B 1063 -1.39 7.49 7.13
N GLU B 1064 -1.88 6.43 6.50
CA GLU B 1064 -2.55 5.36 7.23
C GLU B 1064 -1.55 4.66 8.15
N MET B 1065 -0.29 4.62 7.73
CA MET B 1065 0.79 4.10 8.56
C MET B 1065 0.91 4.95 9.81
N GLU B 1066 0.78 6.25 9.65
CA GLU B 1066 0.81 7.20 10.77
C GLU B 1066 -0.54 7.24 11.48
N ARG B 1067 -1.60 6.97 10.74
CA ARG B 1067 -2.96 7.05 11.29
C ARG B 1067 -3.19 6.09 12.45
N ASP B 1068 -2.52 4.94 12.41
CA ASP B 1068 -2.67 3.95 13.46
C ASP B 1068 -2.01 4.40 14.77
N CYS B 1069 -1.04 5.31 14.66
CA CYS B 1069 -0.31 5.78 15.82
C CYS B 1069 -1.22 6.56 16.77
N VAL B 1070 -1.96 7.52 16.24
CA VAL B 1070 -2.88 8.31 17.05
C VAL B 1070 -4.07 7.48 17.51
N ILE B 1071 -4.30 6.35 16.85
CA ILE B 1071 -5.30 5.39 17.29
C ILE B 1071 -4.78 4.64 18.52
N ALA B 1072 -3.48 4.34 18.50
CA ALA B 1072 -2.85 3.59 19.58
C ALA B 1072 -2.79 4.40 20.87
N TYR B 1073 -2.90 5.71 20.76
CA TYR B 1073 -2.95 6.57 21.95
C TYR B 1073 -4.36 6.58 22.54
N GLY B 1074 -5.35 6.26 21.72
CA GLY B 1074 -6.73 6.20 22.16
C GLY B 1074 -7.36 7.57 22.35
N ALA B 1075 -6.96 8.51 21.51
CA ALA B 1075 -7.51 9.87 21.58
C ALA B 1075 -8.53 10.09 20.47
N SER B 1076 -9.80 10.19 20.87
CA SER B 1076 -10.89 10.41 19.92
C SER B 1076 -11.02 11.88 19.53
N GLN B 1077 -10.87 12.77 20.51
CA GLN B 1077 -11.11 14.20 20.31
C GLN B 1077 -10.14 14.82 19.30
N LEU B 1078 -8.90 14.37 19.31
CA LEU B 1078 -7.87 14.91 18.42
C LEU B 1078 -8.19 14.58 16.95
N LEU B 1079 -8.80 13.43 16.74
CA LEU B 1079 -9.11 12.97 15.38
C LEU B 1079 -10.33 13.68 14.80
N LEU B 1080 -11.24 14.09 15.68
CA LEU B 1080 -12.43 14.81 15.24
C LEU B 1080 -12.09 16.20 14.71
N GLU B 1081 -11.12 16.84 15.34
CA GLU B 1081 -10.72 18.19 14.96
C GLU B 1081 -9.84 18.20 13.71
N ARG B 1082 -8.87 17.30 13.66
CA ARG B 1082 -7.86 17.32 12.61
C ARG B 1082 -8.38 16.88 11.23
N LEU B 1083 -9.07 15.74 11.20
CA LEU B 1083 -9.49 15.16 9.93
C LEU B 1083 -10.86 15.65 9.47
N MET B 1084 -11.46 16.56 10.23
CA MET B 1084 -12.76 17.10 9.86
C MET B 1084 -12.75 18.64 9.85
N ILE B 1085 -12.65 19.24 11.02
CA ILE B 1085 -12.71 20.69 11.14
C ILE B 1085 -11.50 21.36 10.47
N SER B 1086 -10.32 20.82 10.73
CA SER B 1086 -9.08 21.40 10.22
C SER B 1086 -8.96 21.32 8.70
N SER B 1087 -9.59 20.31 8.10
CA SER B 1087 -9.46 20.10 6.66
C SER B 1087 -10.69 20.58 5.90
N ASP B 1088 -11.78 19.82 5.98
CA ASP B 1088 -13.01 20.19 5.29
C ASP B 1088 -14.25 19.98 6.17
N ALA B 1089 -14.96 21.06 6.45
CA ALA B 1089 -16.17 20.99 7.25
C ALA B 1089 -17.38 21.28 6.37
N PHE B 1090 -18.34 20.36 6.36
CA PHE B 1090 -19.49 20.48 5.47
C PHE B 1090 -20.78 20.01 6.15
N GLU B 1091 -21.90 20.65 5.80
CA GLU B 1091 -23.20 20.29 6.34
C GLU B 1091 -24.10 19.73 5.24
N VAL B 1092 -24.87 18.70 5.58
CA VAL B 1092 -25.73 18.05 4.61
C VAL B 1092 -27.14 17.83 5.17
N ASP B 1093 -28.14 18.26 4.41
CA ASP B 1093 -29.54 18.09 4.81
C ASP B 1093 -30.03 16.68 4.51
N VAL B 1094 -30.50 15.99 5.53
CA VAL B 1094 -30.97 14.61 5.38
C VAL B 1094 -32.33 14.40 6.05
N CYS B 1095 -33.13 13.49 5.49
CA CYS B 1095 -34.43 13.15 6.06
C CYS B 1095 -34.38 11.75 6.66
N ASP B 1096 -35.13 11.55 7.75
CA ASP B 1096 -35.21 10.24 8.40
C ASP B 1096 -35.78 9.20 7.46
N LYS B 1097 -36.95 9.49 6.90
CA LYS B 1097 -37.55 8.64 5.89
C LYS B 1097 -36.83 8.87 4.56
N CYS B 1098 -36.81 7.84 3.71
CA CYS B 1098 -36.09 7.83 2.44
C CYS B 1098 -34.70 8.47 2.57
N GLY B 1099 -33.83 7.83 3.34
CA GLY B 1099 -32.53 8.41 3.64
C GLY B 1099 -31.73 8.74 2.40
N LEU B 1100 -31.41 10.03 2.27
CA LEU B 1100 -30.74 10.57 1.10
C LEU B 1100 -30.16 11.94 1.42
N MET B 1101 -29.66 12.63 0.40
CA MET B 1101 -29.16 13.98 0.57
C MET B 1101 -29.99 14.96 -0.24
N GLY B 1102 -30.09 16.20 0.24
CA GLY B 1102 -30.91 17.20 -0.42
C GLY B 1102 -30.44 18.62 -0.19
N TYR B 1103 -31.19 19.58 -0.74
CA TYR B 1103 -30.83 20.98 -0.65
C TYR B 1103 -31.84 21.77 0.19
N SER B 1104 -31.33 22.66 1.03
CA SER B 1104 -32.14 23.53 1.88
C SER B 1104 -33.16 22.75 2.71
N GLY B 1105 -34.44 23.09 2.54
CA GLY B 1105 -35.50 22.44 3.28
C GLY B 1105 -36.28 21.45 2.44
N TRP B 1106 -35.83 21.22 1.22
CA TRP B 1106 -36.48 20.29 0.32
C TRP B 1106 -35.74 18.94 0.26
N CYS B 1107 -36.49 17.86 0.42
CA CYS B 1107 -35.96 16.52 0.24
C CYS B 1107 -36.14 16.12 -1.21
N THR B 1108 -36.57 17.08 -2.03
CA THR B 1108 -36.84 16.83 -3.44
C THR B 1108 -37.96 15.79 -3.53
N THR B 1109 -37.62 14.56 -3.95
CA THR B 1109 -38.59 13.53 -4.28
C THR B 1109 -39.78 13.42 -3.31
N CYS B 1110 -39.54 13.57 -2.01
CA CYS B 1110 -40.66 13.80 -1.10
C CYS B 1110 -40.60 15.26 -0.65
N LYS B 1111 -41.72 15.96 -0.71
CA LYS B 1111 -41.75 17.35 -0.24
C LYS B 1111 -42.43 17.41 1.12
N SER B 1112 -41.61 17.62 2.14
CA SER B 1112 -42.09 17.65 3.53
C SER B 1112 -41.56 18.87 4.28
N ALA B 1113 -40.24 18.90 4.42
CA ALA B 1113 -39.49 19.92 5.19
C ALA B 1113 -39.71 19.77 6.69
N GLU B 1114 -40.64 18.90 7.07
CA GLU B 1114 -40.90 18.61 8.48
C GLU B 1114 -39.90 17.63 9.08
N ASN B 1115 -39.53 16.62 8.30
CA ASN B 1115 -38.69 15.52 8.80
C ASN B 1115 -37.20 15.70 8.49
N ILE B 1116 -36.85 16.79 7.81
CA ILE B 1116 -35.47 17.02 7.42
C ILE B 1116 -34.62 17.50 8.59
N ILE B 1117 -33.54 16.78 8.87
CA ILE B 1117 -32.62 17.13 9.94
C ILE B 1117 -31.25 17.50 9.36
N LYS B 1118 -30.70 18.62 9.82
CA LYS B 1118 -29.41 19.10 9.32
C LYS B 1118 -28.28 18.78 10.31
N MET B 1119 -27.21 18.18 9.79
CA MET B 1119 -26.06 17.83 10.62
C MET B 1119 -24.76 18.05 9.86
N THR B 1120 -23.65 17.61 10.43
CA THR B 1120 -22.34 17.80 9.82
C THR B 1120 -21.72 16.47 9.40
N ILE B 1121 -20.82 16.53 8.42
CA ILE B 1121 -20.26 15.34 7.79
C ILE B 1121 -19.20 15.76 6.76
N PRO B 1122 -18.06 15.03 6.72
CA PRO B 1122 -16.97 15.31 5.79
C PRO B 1122 -17.40 15.42 4.33
N TYR B 1123 -16.70 16.27 3.57
CA TYR B 1123 -17.03 16.51 2.17
C TYR B 1123 -16.73 15.29 1.31
N ALA B 1124 -15.72 14.51 1.71
CA ALA B 1124 -15.34 13.30 0.99
C ALA B 1124 -16.47 12.28 1.04
N ALA B 1125 -17.17 12.23 2.17
CA ALA B 1125 -18.34 11.36 2.33
C ALA B 1125 -19.40 11.67 1.28
N LYS B 1126 -19.93 12.89 1.31
CA LYS B 1126 -20.94 13.33 0.37
C LYS B 1126 -20.52 13.11 -1.08
N LEU B 1127 -19.26 13.43 -1.38
CA LEU B 1127 -18.72 13.24 -2.72
C LEU B 1127 -18.72 11.77 -3.11
N LEU B 1128 -18.37 10.92 -2.15
CA LEU B 1128 -18.38 9.47 -2.36
C LEU B 1128 -19.81 8.98 -2.58
N PHE B 1129 -20.76 9.59 -1.89
CA PHE B 1129 -22.16 9.23 -2.02
C PHE B 1129 -22.72 9.65 -3.37
N GLN B 1130 -22.42 10.88 -3.79
CA GLN B 1130 -22.88 11.40 -5.07
C GLN B 1130 -22.29 10.61 -6.24
N GLU B 1131 -21.14 9.98 -6.00
CA GLU B 1131 -20.53 9.09 -6.97
C GLU B 1131 -21.30 7.77 -7.01
N LEU B 1132 -21.32 7.08 -5.88
CA LEU B 1132 -22.08 5.83 -5.73
C LEU B 1132 -23.53 5.96 -6.23
N LEU B 1133 -24.29 6.85 -5.60
CA LEU B 1133 -25.73 6.99 -5.89
C LEU B 1133 -26.06 7.21 -7.37
N SER B 1134 -25.20 7.89 -8.11
CA SER B 1134 -25.44 8.13 -9.53
C SER B 1134 -25.30 6.83 -10.32
N MET B 1135 -24.32 6.02 -9.95
CA MET B 1135 -24.27 4.62 -10.37
C MET B 1135 -25.41 3.92 -9.66
N ASN B 1136 -25.81 2.73 -10.08
CA ASN B 1136 -27.01 2.19 -9.47
C ASN B 1136 -26.65 1.41 -8.21
N ILE B 1137 -26.90 2.07 -7.09
CA ILE B 1137 -26.78 1.51 -5.75
C ILE B 1137 -27.55 2.48 -4.83
N ALA B 1138 -27.92 2.03 -3.63
CA ALA B 1138 -28.52 2.94 -2.67
C ALA B 1138 -27.64 3.11 -1.44
N PRO B 1139 -27.03 4.29 -1.28
CA PRO B 1139 -26.31 4.61 -0.05
C PRO B 1139 -27.21 5.31 0.96
N ARG B 1140 -28.28 4.65 1.37
CA ARG B 1140 -29.27 5.23 2.26
C ARG B 1140 -28.70 5.45 3.66
N LEU B 1141 -29.25 6.42 4.38
CA LEU B 1141 -28.79 6.74 5.72
C LEU B 1141 -29.96 6.90 6.69
N ARG B 1142 -29.85 6.24 7.83
CA ARG B 1142 -30.86 6.39 8.89
C ARG B 1142 -30.23 6.96 10.15
N LEU B 1143 -30.99 7.75 10.90
CA LEU B 1143 -30.46 8.44 12.07
C LEU B 1143 -31.17 8.03 13.35
N GLU B 1144 -30.48 8.20 14.47
CA GLU B 1144 -31.07 7.97 15.79
C GLU B 1144 -30.58 9.02 16.77
N ASP B 1145 -31.37 9.28 17.81
CA ASP B 1145 -31.04 10.31 18.78
C ASP B 1145 -30.04 9.82 19.82
N ILE B 1146 -29.07 10.67 20.15
CA ILE B 1146 -28.06 10.35 21.16
C ILE B 1146 -28.63 10.50 22.56
N PHE B 1147 -29.44 11.54 22.75
CA PHE B 1147 -29.99 11.85 24.06
C PHE B 1147 -31.19 10.97 24.38
N GLN B 1148 -31.89 11.32 25.46
CA GLN B 1148 -32.98 10.51 26.02
C GLN B 1148 -32.45 9.12 26.35
N GLN B 1149 -31.53 9.07 27.30
CA GLN B 1149 -30.89 7.83 27.74
C GLN B 1149 -30.29 7.05 26.58
N MET C 1 50.60 21.81 41.08
CA MET C 1 51.78 21.26 41.74
C MET C 1 52.89 22.30 41.80
N SER C 2 52.78 23.21 42.76
CA SER C 2 53.76 24.28 42.97
C SER C 2 54.00 25.08 41.69
N ASN C 3 52.92 25.56 41.08
CA ASN C 3 52.97 26.38 39.87
C ASN C 3 53.66 25.66 38.71
N ILE C 4 53.45 24.34 38.63
CA ILE C 4 54.03 23.54 37.57
C ILE C 4 53.02 22.55 36.99
N VAL C 5 52.83 22.59 35.68
CA VAL C 5 51.94 21.65 35.01
C VAL C 5 52.72 20.44 34.49
N GLY C 6 52.20 19.25 34.76
CA GLY C 6 52.82 18.02 34.32
C GLY C 6 52.64 17.78 32.83
N ILE C 7 53.69 17.28 32.18
CA ILE C 7 53.63 16.99 30.75
C ILE C 7 53.93 15.51 30.48
N GLU C 8 52.93 14.80 29.96
CA GLU C 8 53.08 13.39 29.60
C GLU C 8 52.71 13.21 28.14
N TYR C 9 53.12 12.08 27.56
CA TYR C 9 52.84 11.82 26.15
C TYR C 9 51.35 11.67 25.88
N ASN C 10 50.64 10.99 26.77
CA ASN C 10 49.20 10.80 26.61
C ASN C 10 48.34 11.78 27.40
N ARG C 11 48.96 12.64 28.21
CA ARG C 11 48.20 13.50 29.11
C ARG C 11 48.96 14.73 29.58
N VAL C 12 48.22 15.71 30.10
CA VAL C 12 48.80 16.81 30.87
C VAL C 12 48.10 16.87 32.22
N THR C 13 48.84 17.24 33.26
CA THR C 13 48.31 17.11 34.62
C THR C 13 48.32 18.43 35.39
N ASN C 14 47.31 18.60 36.26
CA ASN C 14 47.23 19.72 37.19
C ASN C 14 47.22 21.09 36.51
N THR C 15 46.12 21.40 35.81
CA THR C 15 45.96 22.69 35.18
C THR C 15 45.20 23.64 36.11
N THR C 16 44.78 23.12 37.25
CA THR C 16 44.01 23.90 38.23
C THR C 16 44.86 25.02 38.84
N SER C 17 44.31 26.23 38.86
CA SER C 17 44.99 27.38 39.44
C SER C 17 45.18 27.19 40.94
N THR C 18 44.07 26.87 41.61
CA THR C 18 44.02 26.50 43.04
C THR C 18 44.85 27.41 43.96
N ASP C 19 44.86 28.70 43.65
CA ASP C 19 45.60 29.67 44.46
C ASP C 19 44.68 30.37 45.47
N PHE C 20 43.40 30.04 45.42
CA PHE C 20 42.41 30.65 46.32
C PHE C 20 42.54 30.09 47.73
N PRO C 21 42.32 30.92 48.76
CA PRO C 21 42.37 30.46 50.14
C PRO C 21 41.11 29.69 50.56
N GLY C 22 41.23 28.90 51.62
CA GLY C 22 40.10 28.21 52.21
C GLY C 22 40.01 26.73 51.90
N PHE C 23 40.64 26.30 50.82
CA PHE C 23 40.60 24.88 50.46
C PHE C 23 41.60 24.10 51.32
N SER C 24 42.82 24.61 51.44
CA SER C 24 43.83 24.02 52.33
C SER C 24 43.51 24.39 53.77
N LYS C 25 44.02 23.60 54.71
CA LYS C 25 43.85 23.89 56.13
C LYS C 25 44.48 25.25 56.45
N ASP C 26 45.68 25.48 55.94
CA ASP C 26 46.31 26.79 56.03
C ASP C 26 46.37 27.43 54.64
N ALA C 27 45.56 28.47 54.44
CA ALA C 27 45.51 29.15 53.16
C ALA C 27 45.23 30.64 53.34
N GLU C 28 45.80 31.45 52.46
CA GLU C 28 45.82 32.90 52.65
C GLU C 28 45.74 33.65 51.32
N ASN C 29 46.08 34.94 51.37
CA ASN C 29 46.07 35.83 50.21
C ASN C 29 44.70 36.05 49.58
N GLU C 30 43.86 36.81 50.29
CA GLU C 30 42.65 37.35 49.68
C GLU C 30 42.93 38.77 49.19
N TRP C 31 43.02 38.92 47.86
CA TRP C 31 43.13 40.21 47.19
C TRP C 31 44.11 41.19 47.83
N ASN C 32 43.59 42.36 48.20
CA ASN C 32 44.34 43.46 48.79
C ASN C 32 45.51 43.96 47.93
N VAL C 33 46.62 44.31 48.58
CA VAL C 33 47.77 44.91 47.92
C VAL C 33 49.05 44.37 48.58
N GLU C 34 50.19 44.61 47.94
CA GLU C 34 51.53 44.27 48.45
C GLU C 34 51.80 42.77 48.35
N LYS C 35 50.72 42.01 48.17
CA LYS C 35 50.82 40.58 47.88
C LYS C 35 50.70 40.43 46.37
N PHE C 36 50.53 41.57 45.71
CA PHE C 36 50.38 41.65 44.25
C PHE C 36 51.54 42.45 43.66
N LYS C 37 51.66 43.70 44.10
CA LYS C 37 52.71 44.62 43.63
C LYS C 37 54.10 43.99 43.62
N LYS C 38 54.45 43.29 44.69
CA LYS C 38 55.73 42.60 44.76
C LYS C 38 55.76 41.42 43.79
N ASP C 39 54.60 40.80 43.61
CA ASP C 39 54.47 39.62 42.75
C ASP C 39 54.45 40.01 41.27
N PHE C 40 53.66 41.04 40.94
CA PHE C 40 53.45 41.44 39.55
C PHE C 40 54.61 42.29 39.01
N GLU C 41 55.22 41.79 37.93
CA GLU C 41 56.27 42.54 37.22
C GLU C 41 55.98 42.51 35.72
N VAL C 42 56.83 43.16 34.93
CA VAL C 42 56.67 43.14 33.48
C VAL C 42 58.02 43.27 32.76
N ASN C 43 58.15 42.55 31.65
CA ASN C 43 59.35 42.60 30.81
C ASN C 43 58.98 42.77 29.34
N ILE C 44 59.42 43.87 28.74
CA ILE C 44 59.05 44.17 27.36
C ILE C 44 60.24 44.05 26.41
N SER C 45 60.04 43.34 25.31
CA SER C 45 61.06 43.20 24.27
C SER C 45 60.96 44.35 23.27
N SER C 46 61.69 44.22 22.17
CA SER C 46 61.72 45.26 21.13
C SER C 46 60.34 45.54 20.54
N LEU C 47 60.10 46.80 20.19
CA LEU C 47 58.84 47.21 19.59
C LEU C 47 59.04 47.74 18.18
N ASP C 48 58.47 47.04 17.20
CA ASP C 48 58.57 47.44 15.80
C ASP C 48 57.53 48.52 15.51
N ALA C 49 57.42 48.92 14.23
CA ALA C 49 56.41 49.89 13.82
C ALA C 49 55.03 49.35 14.17
N ARG C 50 54.68 48.19 13.63
CA ARG C 50 53.54 47.44 14.14
C ARG C 50 54.00 46.05 14.57
N GLU C 51 54.09 45.85 15.89
CA GLU C 51 54.39 44.57 16.51
C GLU C 51 54.57 44.80 18.01
N ALA C 52 54.44 43.75 18.80
CA ALA C 52 54.77 43.84 20.22
C ALA C 52 55.22 42.51 20.79
N ASN C 53 56.23 42.56 21.66
CA ASN C 53 56.63 41.39 22.42
C ASN C 53 56.91 41.80 23.87
N PHE C 54 56.15 41.25 24.80
CA PHE C 54 56.34 41.58 26.21
C PHE C 54 55.99 40.41 27.12
N ASP C 55 56.71 40.28 28.21
CA ASP C 55 56.50 39.19 29.15
C ASP C 55 55.58 39.63 30.29
N LEU C 56 54.68 38.74 30.68
CA LEU C 56 53.77 38.99 31.79
C LEU C 56 53.93 37.90 32.84
N ILE C 57 54.28 38.29 34.06
CA ILE C 57 54.66 37.34 35.09
C ILE C 57 53.76 37.43 36.34
N ASN C 58 53.47 36.26 36.92
CA ASN C 58 52.76 36.14 38.18
C ASN C 58 51.33 36.67 38.19
N ILE C 59 50.57 36.33 37.15
CA ILE C 59 49.13 36.58 37.14
C ILE C 59 48.40 35.36 36.59
N ASP C 60 47.30 35.01 37.23
CA ASP C 60 46.56 33.80 36.88
C ASP C 60 45.89 33.90 35.51
N THR C 61 45.57 32.74 34.93
CA THR C 61 44.98 32.66 33.60
C THR C 61 43.58 33.29 33.55
N SER C 62 42.96 33.46 34.72
CA SER C 62 41.63 34.04 34.83
C SER C 62 41.56 35.42 34.20
N ILE C 63 42.27 36.37 34.80
CA ILE C 63 42.27 37.75 34.30
C ILE C 63 43.13 37.87 33.03
N ALA C 64 44.06 36.93 32.87
CA ALA C 64 44.95 36.94 31.70
C ALA C 64 44.18 36.75 30.41
N ASN C 65 43.35 35.70 30.36
CA ASN C 65 42.53 35.43 29.20
C ASN C 65 41.49 36.53 28.99
N ALA C 66 41.11 37.18 30.08
CA ALA C 66 40.16 38.28 30.01
C ALA C 66 40.73 39.47 29.26
N PHE C 67 42.05 39.63 29.34
CA PHE C 67 42.73 40.71 28.64
C PHE C 67 42.86 40.42 27.15
N ARG C 68 42.92 39.15 26.79
CA ARG C 68 43.03 38.75 25.39
C ARG C 68 41.69 38.90 24.68
N ARG C 69 40.63 38.43 25.32
CA ARG C 69 39.28 38.47 24.75
C ARG C 69 38.80 39.90 24.57
N ILE C 70 39.18 40.79 25.48
CA ILE C 70 38.79 42.18 25.43
C ILE C 70 39.66 42.95 24.43
N MET C 71 40.81 42.38 24.11
CA MET C 71 41.74 43.00 23.16
C MET C 71 41.33 42.77 21.71
N ILE C 72 40.73 41.61 21.45
CA ILE C 72 40.39 41.23 20.08
C ILE C 72 38.97 41.65 19.70
N SER C 73 38.20 42.12 20.67
CA SER C 73 36.78 42.42 20.43
C SER C 73 36.35 43.80 20.90
N GLU C 74 36.34 44.01 22.21
CA GLU C 74 35.72 45.18 22.82
C GLU C 74 36.31 46.52 22.38
N VAL C 75 37.60 46.55 22.07
CA VAL C 75 38.24 47.79 21.64
C VAL C 75 37.64 48.24 20.30
N PRO C 76 37.14 49.48 20.25
CA PRO C 76 36.50 49.98 19.03
C PRO C 76 37.51 50.30 17.93
N SER C 77 37.00 50.69 16.76
CA SER C 77 37.84 51.06 15.63
C SER C 77 37.02 51.72 14.54
N VAL C 78 37.68 52.09 13.45
CA VAL C 78 37.05 52.87 12.39
C VAL C 78 37.20 52.19 11.02
N ALA C 79 36.07 51.93 10.38
CA ALA C 79 36.06 51.32 9.05
C ALA C 79 34.83 51.75 8.26
N ALA C 80 34.74 51.29 7.01
CA ALA C 80 33.67 51.72 6.12
C ALA C 80 32.56 50.66 6.01
N GLU C 81 31.32 51.13 5.95
CA GLU C 81 30.17 50.23 5.80
C GLU C 81 29.38 50.55 4.55
N TYR C 82 28.64 51.67 4.58
CA TYR C 82 27.81 52.06 3.45
C TYR C 82 28.66 52.52 2.27
N VAL C 83 28.44 51.91 1.12
CA VAL C 83 29.17 52.26 -0.09
C VAL C 83 28.21 52.64 -1.21
N TYR C 84 28.41 53.82 -1.78
CA TYR C 84 27.56 54.31 -2.86
C TYR C 84 28.23 54.14 -4.21
N PHE C 85 27.72 53.21 -5.01
CA PHE C 85 28.23 52.96 -6.35
C PHE C 85 27.54 53.85 -7.37
N PHE C 86 28.31 54.38 -8.32
CA PHE C 86 27.68 54.89 -9.53
C PHE C 86 27.74 53.79 -10.56
N ASN C 87 26.60 53.14 -10.78
CA ASN C 87 26.43 51.98 -11.67
C ASN C 87 27.58 50.97 -11.56
N ASN C 88 27.88 50.33 -12.68
CA ASN C 88 29.18 49.75 -13.04
C ASN C 88 29.00 48.99 -14.34
N THR C 89 30.06 48.89 -15.16
CA THR C 89 30.06 47.96 -16.28
C THR C 89 31.00 46.76 -16.09
N SER C 90 31.75 46.76 -15.00
CA SER C 90 33.03 46.04 -14.98
C SER C 90 33.11 44.77 -14.14
N VAL C 91 33.24 43.64 -14.84
CA VAL C 91 33.71 42.38 -14.25
C VAL C 91 32.98 41.97 -12.97
N ILE C 92 33.72 41.95 -11.86
CA ILE C 92 33.24 41.48 -10.58
C ILE C 92 31.91 42.13 -10.17
N GLN C 93 31.02 41.32 -9.62
CA GLN C 93 29.72 41.80 -9.15
C GLN C 93 29.90 42.90 -8.11
N ASP C 94 29.04 43.92 -8.17
CA ASP C 94 29.13 45.05 -7.26
C ASP C 94 28.96 44.63 -5.80
N GLU C 95 28.21 43.55 -5.58
CA GLU C 95 28.06 42.98 -4.24
C GLU C 95 29.40 42.59 -3.63
N VAL C 96 30.08 41.64 -4.25
CA VAL C 96 31.37 41.17 -3.78
C VAL C 96 32.41 42.30 -3.76
N LEU C 97 32.31 43.18 -4.76
CA LEU C 97 33.23 44.31 -4.86
C LEU C 97 33.09 45.25 -3.66
N ALA C 98 31.87 45.39 -3.17
CA ALA C 98 31.60 46.23 -2.01
C ALA C 98 32.21 45.63 -0.74
N HIS C 99 32.30 44.31 -0.70
CA HIS C 99 32.86 43.60 0.45
C HIS C 99 34.36 43.85 0.57
N ARG C 100 35.01 44.12 -0.56
CA ARG C 100 36.44 44.34 -0.59
C ARG C 100 36.81 45.74 -0.09
N ILE C 101 36.00 46.73 -0.46
CA ILE C 101 36.27 48.12 -0.13
C ILE C 101 35.95 48.42 1.34
N GLY C 102 35.09 47.60 1.93
CA GLY C 102 34.72 47.77 3.33
C GLY C 102 35.72 47.15 4.28
N LEU C 103 36.39 46.09 3.83
CA LEU C 103 37.30 45.33 4.68
C LEU C 103 38.67 45.99 4.82
N VAL C 104 39.13 46.66 3.75
CA VAL C 104 40.47 47.24 3.73
C VAL C 104 40.72 48.21 4.89
N PRO C 105 41.78 47.95 5.66
CA PRO C 105 42.16 48.76 6.83
C PRO C 105 42.54 50.19 6.46
N LEU C 106 41.98 51.15 7.20
CA LEU C 106 42.33 52.55 7.03
C LEU C 106 43.14 53.03 8.23
N LYS C 107 44.11 53.91 8.01
CA LYS C 107 44.95 54.38 9.10
C LYS C 107 44.53 55.76 9.57
N VAL C 108 43.91 55.81 10.73
CA VAL C 108 43.55 57.06 11.39
C VAL C 108 43.43 56.81 12.90
N ASP C 109 43.80 57.81 13.71
CA ASP C 109 43.70 57.67 15.15
C ASP C 109 42.25 57.83 15.62
N PRO C 110 41.79 56.91 16.47
CA PRO C 110 40.42 56.94 17.00
C PRO C 110 40.21 58.06 18.03
N ASP C 111 39.05 58.05 18.68
CA ASP C 111 38.69 59.03 19.70
C ASP C 111 38.52 60.45 19.14
N MET C 112 38.80 60.62 17.86
CA MET C 112 38.60 61.89 17.19
C MET C 112 37.23 61.91 16.52
N LEU C 113 36.51 60.80 16.63
CA LEU C 113 35.18 60.67 16.05
C LEU C 113 34.13 60.52 17.14
N THR C 114 32.87 60.37 16.73
CA THR C 114 31.78 60.19 17.68
C THR C 114 30.93 58.98 17.31
N TRP C 115 30.33 58.35 18.32
CA TRP C 115 29.50 57.17 18.11
C TRP C 115 28.15 57.53 17.49
N VAL C 116 27.65 56.63 16.66
CA VAL C 116 26.30 56.78 16.10
C VAL C 116 25.33 55.99 16.97
N ASP C 117 24.04 56.05 16.64
CA ASP C 117 23.01 55.38 17.44
C ASP C 117 21.95 54.79 16.51
N SER C 118 20.95 54.13 17.08
CA SER C 118 19.79 53.74 16.28
C SER C 118 18.69 54.74 16.58
N ASN C 119 18.49 55.64 15.63
CA ASN C 119 17.70 56.86 15.81
C ASN C 119 17.86 57.72 14.57
N LEU C 120 17.23 58.89 14.55
CA LEU C 120 17.54 59.95 13.58
C LEU C 120 17.54 59.47 12.12
N PRO C 121 16.33 59.27 11.57
CA PRO C 121 16.08 58.68 10.25
C PRO C 121 16.74 59.44 9.10
N ASP C 122 16.88 58.75 7.96
CA ASP C 122 17.47 59.28 6.71
C ASP C 122 18.78 60.04 6.91
N ASP C 123 18.85 61.26 6.38
CA ASP C 123 20.11 62.00 6.30
C ASP C 123 20.67 62.42 7.66
N GLU C 124 19.88 62.23 8.72
CA GLU C 124 20.29 62.60 10.07
C GLU C 124 21.41 61.70 10.61
N LYS C 125 21.73 60.64 9.88
CA LYS C 125 22.76 59.70 10.31
C LYS C 125 24.17 60.28 10.14
N PHE C 126 24.55 60.53 8.90
CA PHE C 126 25.89 61.03 8.61
C PHE C 126 25.91 62.56 8.58
N THR C 127 26.58 63.16 9.56
CA THR C 127 26.66 64.61 9.74
C THR C 127 27.62 64.85 10.90
N ASP C 128 28.01 66.10 11.13
CA ASP C 128 29.10 66.44 12.04
C ASP C 128 30.31 65.61 11.63
N GLU C 129 31.05 65.06 12.57
CA GLU C 129 31.95 63.97 12.19
C GLU C 129 31.58 62.67 12.89
N ASN C 130 30.84 61.82 12.20
CA ASN C 130 30.78 60.39 12.50
C ASN C 130 31.51 59.57 11.44
N THR C 131 31.96 60.25 10.40
CA THR C 131 32.26 59.58 9.14
C THR C 131 33.37 60.27 8.33
N ILE C 132 34.19 59.46 7.66
CA ILE C 132 35.16 59.97 6.69
C ILE C 132 34.85 59.39 5.31
N VAL C 133 34.50 60.25 4.36
CA VAL C 133 34.11 59.79 3.03
C VAL C 133 35.32 59.60 2.11
N LEU C 134 35.45 58.39 1.58
CA LEU C 134 36.53 58.07 0.64
C LEU C 134 35.96 57.81 -0.75
N SER C 135 36.35 58.64 -1.71
CA SER C 135 35.85 58.51 -3.08
C SER C 135 36.90 57.89 -4.01
N LEU C 136 36.43 57.07 -4.94
CA LEU C 136 37.31 56.44 -5.93
C LEU C 136 36.69 56.44 -7.32
N ASN C 137 37.42 56.97 -8.29
CA ASN C 137 36.98 56.95 -9.68
C ASN C 137 38.11 56.56 -10.62
N VAL C 138 37.93 55.45 -11.33
CA VAL C 138 38.95 54.95 -12.25
C VAL C 138 38.35 54.47 -13.57
N LYS C 139 38.86 54.98 -14.68
CA LYS C 139 38.45 54.51 -16.00
C LYS C 139 39.67 53.98 -16.76
N CYS C 140 39.48 52.88 -17.49
CA CYS C 140 40.58 52.26 -18.21
C CYS C 140 40.69 52.77 -19.64
N THR C 141 41.81 53.42 -19.95
CA THR C 141 42.07 53.90 -21.30
C THR C 141 43.10 53.01 -21.98
N ARG C 142 42.84 52.69 -23.25
CA ARG C 142 43.74 51.84 -24.01
C ARG C 142 45.07 52.56 -24.26
N ASN C 143 46.16 51.90 -23.90
CA ASN C 143 47.49 52.51 -23.98
C ASN C 143 48.03 52.58 -25.42
N PRO C 144 48.34 53.80 -25.87
CA PRO C 144 48.86 54.05 -27.22
C PRO C 144 50.37 53.87 -27.34
N ASP C 145 50.88 52.74 -26.87
CA ASP C 145 52.29 52.39 -27.03
C ASP C 145 52.39 51.04 -27.70
N ALA C 146 53.58 50.70 -28.22
CA ALA C 146 53.73 49.42 -28.92
C ALA C 146 54.86 48.53 -28.42
N PRO C 147 54.79 48.10 -27.15
CA PRO C 147 55.65 46.97 -26.76
C PRO C 147 55.05 45.67 -27.27
N LYS C 148 55.84 44.61 -27.37
CA LYS C 148 55.31 43.33 -27.82
C LYS C 148 54.22 42.82 -26.88
N GLY C 149 53.07 42.49 -27.46
CA GLY C 149 51.89 42.16 -26.67
C GLY C 149 51.85 40.76 -26.10
N SER C 150 50.64 40.32 -25.74
CA SER C 150 50.42 39.03 -25.11
C SER C 150 51.28 38.84 -23.88
N THR C 151 51.07 39.70 -22.88
CA THR C 151 51.83 39.67 -21.63
C THR C 151 51.01 40.25 -20.48
N ASP C 152 51.67 40.44 -19.34
CA ASP C 152 51.07 41.12 -18.20
C ASP C 152 50.75 42.57 -18.58
N PRO C 153 49.62 43.09 -18.09
CA PRO C 153 49.24 44.48 -18.41
C PRO C 153 50.15 45.52 -17.75
N LYS C 154 51.45 45.40 -18.00
CA LYS C 154 52.43 46.36 -17.53
C LYS C 154 52.48 47.59 -18.43
N GLU C 155 52.16 47.38 -19.70
CA GLU C 155 52.28 48.41 -20.71
C GLU C 155 50.98 48.58 -21.50
N LEU C 156 50.56 47.51 -22.19
CA LEU C 156 49.44 47.54 -23.11
C LEU C 156 48.17 48.17 -22.55
N TYR C 157 47.95 48.04 -21.25
CA TYR C 157 46.78 48.63 -20.61
C TYR C 157 47.15 49.53 -19.44
N ASN C 158 46.87 50.82 -19.56
CA ASN C 158 47.14 51.77 -18.49
C ASN C 158 46.23 51.55 -17.29
N ASN C 159 46.80 51.60 -16.10
CA ASN C 159 46.10 51.44 -14.83
C ASN C 159 45.10 50.27 -14.83
N ALA C 160 45.53 49.15 -15.40
CA ALA C 160 44.69 47.97 -15.53
C ALA C 160 44.35 47.36 -14.17
N HIS C 161 45.19 47.64 -13.18
CA HIS C 161 44.97 47.13 -11.83
C HIS C 161 44.81 48.28 -10.84
N VAL C 162 43.62 48.39 -10.24
CA VAL C 162 43.39 49.42 -9.24
C VAL C 162 43.96 48.98 -7.90
N TYR C 163 44.57 49.93 -7.19
CA TYR C 163 45.23 49.65 -5.92
C TYR C 163 44.68 50.55 -4.82
N ALA C 164 44.98 50.21 -3.57
CA ALA C 164 44.53 50.97 -2.42
C ALA C 164 44.97 52.43 -2.48
N ARG C 165 46.01 52.71 -3.25
CA ARG C 165 46.51 54.07 -3.42
C ARG C 165 45.58 54.92 -4.26
N ASP C 166 44.56 54.29 -4.84
CA ASP C 166 43.59 55.00 -5.68
C ASP C 166 42.44 55.54 -4.83
N LEU C 167 42.53 55.33 -3.52
CA LEU C 167 41.54 55.87 -2.59
C LEU C 167 41.98 57.25 -2.11
N LYS C 168 41.22 58.26 -2.47
CA LYS C 168 41.55 59.64 -2.08
C LYS C 168 40.57 60.17 -1.05
N PHE C 169 41.09 60.96 -0.12
CA PHE C 169 40.28 61.48 0.98
C PHE C 169 39.61 62.81 0.63
N GLU C 170 38.31 62.86 0.82
CA GLU C 170 37.53 64.08 0.61
C GLU C 170 37.01 64.61 1.94
N PRO C 171 37.45 65.81 2.33
CA PRO C 171 37.05 66.43 3.60
C PRO C 171 35.56 66.78 3.65
N GLN C 172 35.13 67.32 4.79
CA GLN C 172 33.75 67.78 4.96
C GLN C 172 33.74 69.27 5.26
N GLY C 173 32.78 69.98 4.68
CA GLY C 173 32.74 71.44 4.73
C GLY C 173 32.91 72.10 6.08
N ARG C 174 32.25 71.55 7.10
CA ARG C 174 32.27 72.13 8.44
C ARG C 174 33.63 71.97 9.12
N GLN C 175 34.11 70.73 9.15
CA GLN C 175 35.32 70.37 9.90
C GLN C 175 36.59 70.42 9.05
N SER C 176 36.47 70.96 7.83
CA SER C 176 37.43 70.74 6.75
C SER C 176 38.90 70.82 7.13
N THR C 177 39.24 71.64 8.11
CA THR C 177 40.59 71.65 8.67
C THR C 177 41.01 70.24 9.08
N THR C 178 40.21 69.59 9.93
CA THR C 178 40.36 68.17 10.30
C THR C 178 41.78 67.71 10.60
N PHE C 179 42.19 66.66 9.88
CA PHE C 179 43.45 65.96 10.11
C PHE C 179 44.61 66.51 9.28
N ALA C 180 44.39 67.65 8.63
CA ALA C 180 45.25 68.14 7.55
C ALA C 180 46.74 68.09 7.85
N ASP C 181 47.12 68.13 9.13
CA ASP C 181 48.49 67.86 9.52
C ASP C 181 48.93 66.50 8.97
N CYS C 182 48.38 65.43 9.51
CA CYS C 182 48.55 64.09 8.96
C CYS C 182 47.21 63.52 8.52
N PRO C 183 46.97 63.44 7.20
CA PRO C 183 45.67 62.99 6.69
C PRO C 183 45.41 61.51 6.91
N VAL C 184 44.23 61.04 6.51
CA VAL C 184 43.88 59.63 6.65
C VAL C 184 44.40 58.86 5.43
N VAL C 185 44.86 57.63 5.66
CA VAL C 185 45.49 56.86 4.59
C VAL C 185 45.12 55.38 4.63
N PRO C 186 45.03 54.76 3.45
CA PRO C 186 44.92 53.31 3.24
C PRO C 186 46.27 52.64 3.47
N ALA C 187 46.56 52.28 4.72
CA ALA C 187 47.89 51.89 5.19
C ALA C 187 48.65 50.99 4.22
N ASP C 188 48.14 49.80 3.96
CA ASP C 188 48.74 48.94 2.95
C ASP C 188 48.42 49.52 1.57
N PRO C 189 49.45 50.00 0.87
CA PRO C 189 49.29 50.80 -0.36
C PRO C 189 48.81 50.00 -1.58
N ASP C 190 49.18 48.73 -1.66
CA ASP C 190 48.87 47.93 -2.84
C ASP C 190 47.92 46.79 -2.54
N ILE C 191 46.68 46.89 -3.04
CA ILE C 191 45.70 45.84 -2.85
C ILE C 191 45.02 45.50 -4.18
N LEU C 192 44.67 44.22 -4.34
CA LEU C 192 44.23 43.64 -5.61
C LEU C 192 42.73 43.67 -5.86
N LEU C 193 41.99 44.40 -5.02
CA LEU C 193 40.53 44.27 -4.91
C LEU C 193 39.79 44.13 -6.24
N ALA C 194 40.22 44.87 -7.27
CA ALA C 194 39.58 44.77 -8.57
C ALA C 194 40.58 44.85 -9.72
N LYS C 195 40.30 44.11 -10.79
CA LYS C 195 41.04 44.24 -12.03
C LYS C 195 40.08 44.73 -13.10
N LEU C 196 40.59 44.96 -14.31
CA LEU C 196 39.78 45.54 -15.39
C LEU C 196 40.52 45.62 -16.73
N ARG C 197 39.76 45.97 -17.76
CA ARG C 197 40.28 46.11 -19.12
C ARG C 197 39.58 47.28 -19.79
N PRO C 198 40.18 47.85 -20.85
CA PRO C 198 39.63 49.04 -21.52
C PRO C 198 38.16 48.89 -21.92
N GLY C 199 37.39 49.95 -21.68
CA GLY C 199 35.95 49.92 -21.90
C GLY C 199 35.20 49.71 -20.61
N GLN C 200 35.91 49.84 -19.50
CA GLN C 200 35.33 49.65 -18.17
C GLN C 200 35.64 50.81 -17.24
N GLU C 201 34.72 51.11 -16.33
CA GLU C 201 34.89 52.23 -15.41
C GLU C 201 34.27 51.93 -14.04
N ILE C 202 34.95 52.38 -12.99
CA ILE C 202 34.46 52.21 -11.62
C ILE C 202 34.49 53.54 -10.87
N SER C 203 33.32 54.01 -10.44
CA SER C 203 33.22 55.26 -9.71
C SER C 203 32.32 55.12 -8.48
N LEU C 204 32.89 55.39 -7.30
CA LEU C 204 32.14 55.26 -6.05
C LEU C 204 32.74 56.09 -4.93
N LYS C 205 31.93 56.39 -3.92
CA LYS C 205 32.43 56.99 -2.69
C LYS C 205 31.86 56.28 -1.46
N ALA C 206 32.73 55.64 -0.70
CA ALA C 206 32.32 54.87 0.48
C ALA C 206 32.09 55.78 1.70
N HIS C 207 31.24 55.31 2.61
CA HIS C 207 31.01 56.01 3.87
C HIS C 207 31.63 55.23 5.03
N CYS C 208 32.43 55.91 5.83
CA CYS C 208 33.11 55.29 6.96
C CYS C 208 32.19 55.27 8.19
N ILE C 209 32.72 54.82 9.33
CA ILE C 209 31.96 54.71 10.56
C ILE C 209 32.84 54.26 11.73
N LEU C 210 32.34 54.45 12.94
CA LEU C 210 32.99 53.96 14.15
C LEU C 210 32.27 52.72 14.66
N GLY C 211 33.01 51.64 14.89
CA GLY C 211 32.40 50.38 15.29
C GLY C 211 33.27 49.52 16.19
N ILE C 212 32.65 48.46 16.72
CA ILE C 212 33.34 47.54 17.63
C ILE C 212 33.51 46.17 16.98
N GLY C 213 34.65 45.54 17.24
CA GLY C 213 34.98 44.26 16.65
C GLY C 213 34.06 43.12 17.03
N GLY C 214 33.22 43.34 18.04
CA GLY C 214 32.29 42.32 18.50
C GLY C 214 31.14 42.07 17.55
N ASP C 215 31.05 42.87 16.50
CA ASP C 215 29.98 42.74 15.51
C ASP C 215 30.51 42.23 14.18
N HIS C 216 31.34 43.04 13.52
CA HIS C 216 31.89 42.69 12.22
C HIS C 216 33.40 42.46 12.32
N ALA C 217 33.91 41.59 11.45
CA ALA C 217 35.33 41.22 11.48
C ALA C 217 36.24 42.33 10.96
N LYS C 218 35.69 43.18 10.10
CA LYS C 218 36.48 44.28 9.51
C LYS C 218 36.70 45.40 10.52
N PHE C 219 36.03 45.30 11.66
CA PHE C 219 36.12 46.32 12.70
C PHE C 219 37.37 46.16 13.57
N SER C 220 37.48 45.02 14.25
CA SER C 220 38.57 44.79 15.20
C SER C 220 39.94 45.06 14.60
N PRO C 221 40.71 45.95 15.25
CA PRO C 221 42.00 46.45 14.77
C PRO C 221 43.10 45.38 14.75
N VAL C 222 43.10 44.53 15.77
CA VAL C 222 44.16 43.53 15.92
C VAL C 222 44.04 42.41 14.89
N SER C 223 45.12 42.19 14.14
CA SER C 223 45.18 41.11 13.18
C SER C 223 45.28 39.76 13.89
N THR C 224 46.24 39.65 14.80
CA THR C 224 46.45 38.41 15.56
C THR C 224 46.66 38.70 17.05
N ALA C 225 45.78 38.15 17.89
CA ALA C 225 45.89 38.34 19.33
C ALA C 225 45.92 37.00 20.05
N SER C 226 47.02 36.75 20.75
CA SER C 226 47.18 35.51 21.50
C SER C 226 48.26 35.61 22.56
N TYR C 227 48.46 34.53 23.31
CA TYR C 227 49.52 34.45 24.30
C TYR C 227 50.03 33.02 24.44
N ARG C 228 51.27 32.87 24.87
CA ARG C 228 51.87 31.55 24.98
C ARG C 228 52.42 31.28 26.37
N LEU C 229 52.21 30.07 26.86
CA LEU C 229 52.75 29.65 28.15
C LEU C 229 54.25 29.41 28.01
N LEU C 230 55.01 29.80 29.03
CA LEU C 230 56.47 29.70 28.96
C LEU C 230 56.95 28.28 29.22
N PRO C 231 57.65 27.68 28.25
CA PRO C 231 58.20 26.33 28.32
C PRO C 231 59.34 26.20 29.32
N GLN C 232 59.41 25.06 30.00
CA GLN C 232 60.50 24.79 30.93
C GLN C 232 61.07 23.39 30.71
N ILE C 233 62.34 23.31 30.33
CA ILE C 233 62.98 22.02 30.10
C ILE C 233 63.93 21.66 31.23
N ASN C 234 63.57 20.64 31.99
CA ASN C 234 64.38 20.18 33.11
C ASN C 234 64.95 18.79 32.85
N ILE C 235 66.27 18.68 32.89
CA ILE C 235 66.94 17.41 32.63
C ILE C 235 67.59 16.84 33.90
N LEU C 236 67.63 15.52 33.98
CA LEU C 236 68.24 14.84 35.12
C LEU C 236 69.25 13.80 34.64
N GLN C 237 70.06 13.29 35.56
CA GLN C 237 71.09 12.29 35.27
C GLN C 237 72.22 12.85 34.40
N PRO C 238 73.38 12.16 34.39
CA PRO C 238 74.54 12.62 33.61
C PRO C 238 74.29 12.81 32.11
N ILE C 239 73.61 11.86 31.46
CA ILE C 239 73.25 11.89 30.03
C ILE C 239 74.47 11.88 29.10
N LYS C 240 75.67 11.87 29.69
CA LYS C 240 76.92 12.02 28.96
C LYS C 240 77.16 10.94 27.92
N GLY C 241 78.03 11.24 26.96
CA GLY C 241 78.32 10.35 25.85
C GLY C 241 77.60 10.71 24.58
N GLU C 242 77.52 9.77 23.65
CA GLU C 242 76.94 10.00 22.33
C GLU C 242 75.46 10.42 22.40
N SER C 243 74.81 10.11 23.52
CA SER C 243 73.41 10.45 23.71
C SER C 243 73.19 11.97 23.71
N ALA C 244 74.23 12.72 24.03
CA ALA C 244 74.15 14.18 24.05
C ALA C 244 73.96 14.74 22.65
N ARG C 245 74.63 14.12 21.68
CA ARG C 245 74.52 14.54 20.28
C ARG C 245 73.12 14.24 19.74
N ARG C 246 72.57 13.09 20.13
CA ARG C 246 71.26 12.67 19.70
C ARG C 246 70.17 13.46 20.41
N PHE C 247 70.47 13.91 21.62
CA PHE C 247 69.55 14.67 22.44
C PHE C 247 69.08 15.95 21.73
N GLN C 248 70.01 16.86 21.47
CA GLN C 248 69.71 18.14 20.86
C GLN C 248 69.26 18.01 19.40
N LYS C 249 69.51 16.85 18.80
CA LYS C 249 69.17 16.63 17.39
C LYS C 249 67.66 16.55 17.17
N CYS C 250 66.98 15.76 17.99
CA CYS C 250 65.54 15.59 17.87
C CYS C 250 64.79 16.86 18.20
N PHE C 251 65.36 17.65 19.10
CA PHE C 251 64.76 18.90 19.54
C PHE C 251 64.78 19.96 18.42
N PRO C 252 64.19 21.15 18.67
CA PRO C 252 64.32 22.26 17.71
C PRO C 252 65.78 22.71 17.52
N PRO C 253 66.04 23.65 16.58
CA PRO C 253 67.45 23.99 16.35
C PRO C 253 68.21 24.64 17.51
N GLY C 254 67.65 25.68 18.12
CA GLY C 254 68.39 26.40 19.14
C GLY C 254 68.59 25.66 20.45
N VAL C 255 67.48 25.36 21.11
CA VAL C 255 67.39 24.45 22.27
C VAL C 255 68.54 24.56 23.27
N ILE C 256 69.08 23.41 23.67
CA ILE C 256 70.24 23.35 24.56
C ILE C 256 71.53 23.34 23.77
N GLY C 257 72.65 23.13 24.45
CA GLY C 257 73.95 23.10 23.81
C GLY C 257 74.93 22.19 24.51
N ILE C 258 76.04 21.90 23.83
CA ILE C 258 77.07 21.01 24.39
C ILE C 258 78.42 21.71 24.46
N ASP C 259 78.90 21.95 25.68
CA ASP C 259 80.23 22.50 25.90
C ASP C 259 81.30 21.60 25.31
N GLU C 260 81.44 20.42 25.90
CA GLU C 260 82.42 19.43 25.46
C GLU C 260 81.82 18.04 25.65
N GLY C 261 82.57 17.00 25.28
CA GLY C 261 82.12 15.63 25.45
C GLY C 261 82.00 15.25 26.92
N SER C 262 82.67 16.02 27.78
CA SER C 262 82.66 15.76 29.21
C SER C 262 81.33 16.15 29.87
N ASP C 263 81.09 15.59 31.06
CA ASP C 263 79.97 15.91 31.94
C ASP C 263 78.61 15.95 31.26
N GLU C 264 77.79 16.92 31.63
CA GLU C 264 76.38 16.94 31.22
C GLU C 264 76.01 18.18 30.41
N ALA C 265 74.92 18.06 29.66
CA ALA C 265 74.43 19.15 28.82
C ALA C 265 73.81 20.26 29.64
N TYR C 266 73.87 21.48 29.12
CA TYR C 266 73.27 22.64 29.78
C TYR C 266 72.29 23.33 28.84
N VAL C 267 71.37 24.10 29.41
CA VAL C 267 70.31 24.73 28.63
C VAL C 267 70.71 26.10 28.11
N LYS C 268 70.63 26.26 26.78
CA LYS C 268 70.88 27.54 26.14
C LYS C 268 69.61 28.39 26.19
N ASP C 269 69.59 29.48 25.41
CA ASP C 269 68.45 30.40 25.39
C ASP C 269 67.13 29.67 25.12
N ALA C 270 66.15 29.95 25.97
CA ALA C 270 64.84 29.29 25.89
C ALA C 270 63.89 30.03 24.94
N ARG C 271 62.62 29.64 25.01
CA ARG C 271 61.54 30.26 24.23
C ARG C 271 61.62 29.92 22.74
N LYS C 272 62.67 29.20 22.34
CA LYS C 272 62.80 28.74 20.97
C LYS C 272 62.18 27.36 20.80
N ASP C 273 61.61 26.85 21.88
CA ASP C 273 61.00 25.51 21.88
C ASP C 273 59.48 25.60 21.76
N THR C 274 58.93 24.78 20.86
CA THR C 274 57.48 24.73 20.66
C THR C 274 56.87 23.61 21.51
N VAL C 275 57.73 22.94 22.26
CA VAL C 275 57.33 21.82 23.12
C VAL C 275 56.62 20.73 22.30
N SER C 276 57.38 20.05 21.46
CA SER C 276 56.83 19.02 20.58
C SER C 276 56.91 17.63 21.22
N ARG C 277 57.51 17.55 22.40
CA ARG C 277 57.56 16.36 23.25
C ARG C 277 57.86 15.07 22.49
N GLU C 278 58.79 15.13 21.55
CA GLU C 278 59.12 13.99 20.70
C GLU C 278 60.04 13.00 21.41
N VAL C 279 60.73 13.46 22.44
CA VAL C 279 61.71 12.65 23.15
C VAL C 279 61.07 11.57 24.02
N LEU C 280 59.75 11.62 24.15
CA LEU C 280 59.02 10.67 24.97
C LEU C 280 58.87 9.31 24.30
N ARG C 281 59.17 9.27 23.00
CA ARG C 281 59.12 8.03 22.23
C ARG C 281 60.48 7.32 22.23
N TYR C 282 61.48 8.00 22.78
CA TYR C 282 62.87 7.58 22.67
C TYR C 282 63.35 6.67 23.80
N GLU C 283 62.43 6.21 24.64
CA GLU C 283 62.79 5.33 25.77
C GLU C 283 63.78 6.02 26.70
N GLU C 284 65.01 5.51 26.74
CA GLU C 284 66.04 5.93 27.70
C GLU C 284 66.14 7.46 27.84
N PHE C 285 65.98 8.18 26.73
CA PHE C 285 65.92 9.64 26.78
C PHE C 285 64.76 10.13 27.66
N ALA C 286 63.60 9.50 27.50
CA ALA C 286 62.39 9.95 28.20
C ALA C 286 62.40 9.58 29.68
N ASP C 287 63.25 8.61 30.05
CA ASP C 287 63.30 8.13 31.42
C ASP C 287 63.78 9.21 32.40
N LYS C 288 64.92 9.82 32.07
CA LYS C 288 65.56 10.79 32.96
C LYS C 288 65.17 12.24 32.63
N VAL C 289 64.38 12.43 31.59
CA VAL C 289 64.01 13.78 31.16
C VAL C 289 62.53 14.07 31.41
N LYS C 290 62.27 15.16 32.12
CA LYS C 290 60.91 15.58 32.41
C LYS C 290 60.59 16.92 31.76
N LEU C 291 59.34 17.09 31.35
CA LEU C 291 58.89 18.34 30.75
C LEU C 291 57.78 18.97 31.57
N GLY C 292 57.73 20.30 31.58
CA GLY C 292 56.73 21.02 32.34
C GLY C 292 56.73 22.50 32.02
N ARG C 293 55.67 23.20 32.41
CA ARG C 293 55.56 24.63 32.16
C ARG C 293 55.11 25.36 33.42
N VAL C 294 55.28 26.67 33.44
CA VAL C 294 54.92 27.49 34.60
C VAL C 294 53.63 28.29 34.35
N ARG C 295 52.63 28.08 35.20
CA ARG C 295 51.31 28.66 35.00
C ARG C 295 51.28 30.18 35.17
N ASN C 296 52.20 30.71 35.97
CA ASN C 296 52.26 32.15 36.19
C ASN C 296 52.89 32.88 35.01
N HIS C 297 54.16 32.57 34.75
CA HIS C 297 54.92 33.21 33.68
C HIS C 297 54.23 33.08 32.32
N PHE C 298 54.03 34.21 31.65
CA PHE C 298 53.35 34.24 30.37
C PHE C 298 54.17 34.92 29.28
N ILE C 299 53.80 34.68 28.03
CA ILE C 299 54.42 35.36 26.90
C ILE C 299 53.34 35.85 25.95
N PHE C 300 53.30 37.16 25.71
CA PHE C 300 52.25 37.75 24.88
C PHE C 300 52.79 38.34 23.58
N ASN C 301 51.87 38.83 22.76
CA ASN C 301 52.18 39.48 21.49
C ASN C 301 50.90 39.96 20.81
N VAL C 302 51.04 40.89 19.87
CA VAL C 302 49.89 41.40 19.15
C VAL C 302 50.29 41.87 17.75
N GLU C 303 49.41 41.62 16.77
CA GLU C 303 49.64 42.10 15.40
C GLU C 303 48.67 43.22 15.06
N SER C 304 49.21 44.41 14.82
CA SER C 304 48.39 45.58 14.53
C SER C 304 48.23 45.78 13.02
N ALA C 305 47.02 46.20 12.63
CA ALA C 305 46.72 46.42 11.22
C ALA C 305 47.25 47.76 10.73
N GLY C 306 47.77 48.56 11.64
CA GLY C 306 48.28 49.87 11.31
C GLY C 306 47.39 51.01 11.78
N ALA C 307 46.22 50.65 12.31
CA ALA C 307 45.26 51.64 12.80
C ALA C 307 45.83 52.45 13.96
N MET C 308 46.79 51.87 14.68
CA MET C 308 47.39 52.50 15.85
C MET C 308 48.52 51.64 16.40
N THR C 309 49.34 52.24 17.27
CA THR C 309 50.45 51.53 17.88
C THR C 309 49.96 50.48 18.88
N PRO C 310 50.61 49.31 18.91
CA PRO C 310 50.21 48.20 19.78
C PRO C 310 50.34 48.51 21.27
N GLU C 311 51.17 49.48 21.63
CA GLU C 311 51.32 49.87 23.03
C GLU C 311 50.06 50.60 23.50
N GLU C 312 49.34 51.19 22.55
CA GLU C 312 48.06 51.84 22.86
C GLU C 312 46.96 50.80 22.97
N ILE C 313 47.07 49.74 22.18
CA ILE C 313 46.11 48.64 22.20
C ILE C 313 45.98 48.04 23.59
N PHE C 314 47.07 47.47 24.10
CA PHE C 314 47.08 46.81 25.39
C PHE C 314 46.69 47.76 26.54
N PHE C 315 47.04 49.03 26.40
CA PHE C 315 46.74 50.01 27.44
C PHE C 315 45.25 50.33 27.47
N LYS C 316 44.66 50.54 26.30
CA LYS C 316 43.23 50.77 26.19
C LYS C 316 42.45 49.53 26.60
N SER C 317 43.06 48.37 26.40
CA SER C 317 42.46 47.10 26.76
C SER C 317 42.22 46.99 28.27
N VAL C 318 43.09 47.63 29.05
CA VAL C 318 43.00 47.59 30.50
C VAL C 318 41.88 48.48 31.03
N ARG C 319 41.81 49.70 30.53
CA ARG C 319 40.86 50.70 31.04
C ARG C 319 39.42 50.38 30.68
N ILE C 320 39.21 49.66 29.57
CA ILE C 320 37.85 49.24 29.20
C ILE C 320 37.33 48.23 30.21
N LEU C 321 38.20 47.32 30.63
CA LEU C 321 37.87 46.35 31.67
C LEU C 321 37.68 47.08 33.00
N LYS C 322 38.37 48.21 33.14
CA LYS C 322 38.27 49.04 34.34
C LYS C 322 36.97 49.84 34.37
N ASN C 323 36.58 50.37 33.21
CA ASN C 323 35.37 51.19 33.11
C ASN C 323 34.09 50.39 33.27
N LYS C 324 34.06 49.19 32.70
CA LYS C 324 32.87 48.35 32.74
C LYS C 324 32.58 47.86 34.16
N ALA C 325 33.62 47.81 34.99
CA ALA C 325 33.45 47.43 36.39
C ALA C 325 32.91 48.60 37.21
N GLU C 326 33.41 49.80 36.89
CA GLU C 326 32.95 51.03 37.54
C GLU C 326 31.44 51.21 37.37
N TYR C 327 31.00 51.35 36.12
CA TYR C 327 29.59 51.51 35.78
C TYR C 327 28.73 50.39 36.36
N LEU C 328 29.33 49.22 36.53
CA LEU C 328 28.65 48.07 37.11
C LEU C 328 28.37 48.28 38.60
N LYS C 329 29.31 48.93 39.29
CA LYS C 329 29.19 49.15 40.72
C LYS C 329 28.28 50.32 41.06
N ASN C 330 28.34 51.37 40.26
CA ASN C 330 27.60 52.61 40.52
C ASN C 330 26.08 52.42 40.43
N CYS C 331 25.65 51.36 39.75
CA CYS C 331 24.23 51.08 39.62
C CYS C 331 23.72 50.23 40.79
N PRO C 332 22.68 50.72 41.48
CA PRO C 332 22.11 50.03 42.64
C PRO C 332 21.41 48.72 42.26
N ILE C 333 21.20 47.86 43.25
CA ILE C 333 20.57 46.57 43.01
C ILE C 333 19.04 46.70 43.05
N THR C 334 18.39 46.23 41.99
CA THR C 334 16.93 46.26 41.91
C THR C 334 16.37 44.85 41.95
N GLN C 335 15.18 44.70 42.53
CA GLN C 335 14.52 43.40 42.60
C GLN C 335 13.68 43.16 41.34
N MET D 1 -41.51 18.88 17.76
CA MET D 1 -41.07 18.32 19.03
C MET D 1 -42.19 17.47 19.64
N LYS D 2 -41.80 16.46 20.42
CA LYS D 2 -42.73 15.48 20.98
C LYS D 2 -43.87 16.10 21.78
N VAL D 3 -45.08 15.56 21.58
CA VAL D 3 -46.27 16.02 22.28
C VAL D 3 -46.85 14.87 23.11
N LEU D 4 -47.13 15.14 24.39
CA LEU D 4 -47.56 14.09 25.31
C LEU D 4 -49.06 13.85 25.33
N GLU D 5 -49.82 14.74 24.70
CA GLU D 5 -51.28 14.60 24.62
C GLU D 5 -51.88 15.73 23.79
N GLU D 6 -53.08 15.49 23.26
CA GLU D 6 -53.82 16.49 22.51
C GLU D 6 -54.14 17.72 23.36
N ARG D 7 -55.05 17.53 24.32
CA ARG D 7 -55.56 18.63 25.13
C ARG D 7 -55.78 18.23 26.59
N ASN D 8 -55.23 19.02 27.50
CA ASN D 8 -55.44 18.83 28.93
C ASN D 8 -56.76 19.45 29.37
N ALA D 9 -56.96 19.57 30.68
CA ALA D 9 -58.18 20.15 31.24
C ALA D 9 -58.49 21.51 30.62
N PHE D 10 -59.77 21.73 30.32
CA PHE D 10 -60.20 22.93 29.59
C PHE D 10 -59.97 24.21 30.38
N LEU D 11 -59.30 25.17 29.76
CA LEU D 11 -59.06 26.46 30.40
C LEU D 11 -59.72 27.59 29.62
N SER D 12 -60.74 28.20 30.21
CA SER D 12 -61.36 29.39 29.63
C SER D 12 -60.47 30.59 29.91
N ASP D 13 -60.94 31.78 29.57
CA ASP D 13 -60.14 32.96 29.86
C ASP D 13 -60.64 33.69 31.09
N TYR D 14 -59.93 33.48 32.19
CA TYR D 14 -59.99 34.33 33.37
C TYR D 14 -58.58 34.55 33.89
N GLU D 15 -57.98 33.45 34.35
CA GLU D 15 -56.66 33.44 34.96
C GLU D 15 -55.55 33.78 33.97
N VAL D 16 -55.88 33.83 32.68
CA VAL D 16 -54.95 34.27 31.66
C VAL D 16 -54.43 35.65 32.03
N LEU D 17 -55.33 36.61 32.08
CA LEU D 17 -55.00 37.97 32.53
C LEU D 17 -54.35 37.96 33.91
N LYS D 18 -54.80 37.06 34.77
CA LYS D 18 -54.28 36.96 36.13
C LYS D 18 -52.83 36.48 36.17
N PHE D 19 -52.52 35.43 35.41
CA PHE D 19 -51.17 34.88 35.41
C PHE D 19 -50.27 35.52 34.37
N LEU D 20 -50.85 36.32 33.47
CA LEU D 20 -50.05 37.14 32.58
C LEU D 20 -49.79 38.48 33.24
N THR D 21 -50.46 38.69 34.38
CA THR D 21 -50.15 39.81 35.25
C THR D 21 -48.89 39.46 36.03
N ASP D 22 -48.65 38.15 36.18
CA ASP D 22 -47.42 37.66 36.78
C ASP D 22 -46.27 37.80 35.80
N LEU D 23 -46.54 37.50 34.53
CA LEU D 23 -45.58 37.73 33.47
C LEU D 23 -45.34 39.23 33.33
N GLU D 24 -46.42 39.99 33.49
CA GLU D 24 -46.35 41.44 33.61
C GLU D 24 -45.44 41.83 34.77
N LYS D 25 -45.83 41.44 35.98
CA LYS D 25 -45.12 41.77 37.21
C LYS D 25 -43.62 41.47 37.14
N LYS D 26 -43.26 40.44 36.40
CA LYS D 26 -41.88 40.02 36.29
C LYS D 26 -41.07 41.00 35.43
N HIS D 27 -41.40 41.09 34.15
CA HIS D 27 -40.65 41.96 33.25
C HIS D 27 -41.32 43.32 33.06
N LEU D 28 -40.73 44.34 33.68
CA LEU D 28 -41.01 45.77 33.43
C LEU D 28 -42.43 46.22 33.80
N TRP D 29 -43.35 45.25 33.94
CA TRP D 29 -44.75 45.47 34.29
C TRP D 29 -45.37 46.71 33.61
N ASP D 30 -45.03 46.87 32.34
CA ASP D 30 -45.65 47.83 31.42
C ASP D 30 -45.82 49.27 31.92
N GLN D 31 -47.07 49.75 31.85
CA GLN D 31 -47.41 51.16 31.96
C GLN D 31 -46.81 51.90 33.15
N LYS D 32 -46.78 51.23 34.31
CA LYS D 32 -46.34 51.86 35.54
C LYS D 32 -44.87 52.26 35.51
N SER D 33 -44.01 51.36 35.04
CA SER D 33 -42.57 51.59 35.04
C SER D 33 -42.09 52.26 33.75
N LEU D 34 -43.02 52.57 32.85
CA LEU D 34 -42.68 53.26 31.61
C LEU D 34 -42.23 54.69 31.90
N ALA D 35 -42.69 55.24 33.02
CA ALA D 35 -42.31 56.59 33.42
C ALA D 35 -40.95 56.58 34.14
N PRO D 53 -36.60 39.11 24.98
CA PRO D 53 -37.44 40.07 24.25
C PRO D 53 -38.36 39.40 23.24
N GLU D 54 -39.03 40.21 22.42
CA GLU D 54 -40.02 39.75 21.45
C GLU D 54 -41.17 38.99 22.11
N LEU D 55 -41.39 39.26 23.40
CA LEU D 55 -42.53 38.71 24.11
C LEU D 55 -43.64 39.77 24.15
N GLN D 56 -43.33 40.94 23.59
CA GLN D 56 -44.25 42.06 23.61
C GLN D 56 -45.40 41.85 22.63
N GLY D 57 -45.23 40.90 21.72
CA GLY D 57 -46.25 40.59 20.74
C GLY D 57 -47.54 40.12 21.40
N ILE D 58 -47.43 39.07 22.21
CA ILE D 58 -48.59 38.54 22.93
C ILE D 58 -48.92 39.35 24.18
N THR D 59 -47.92 40.03 24.74
CA THR D 59 -48.07 40.74 26.00
C THR D 59 -49.06 41.89 25.91
N ARG D 60 -48.82 42.81 24.98
CA ARG D 60 -49.70 43.96 24.80
C ARG D 60 -51.03 43.53 24.18
N ASN D 61 -51.00 42.41 23.47
CA ASN D 61 -52.17 41.92 22.76
C ASN D 61 -53.26 41.35 23.67
N VAL D 62 -52.88 40.41 24.54
CA VAL D 62 -53.82 39.76 25.45
C VAL D 62 -54.55 40.75 26.35
N VAL D 63 -53.80 41.44 27.20
CA VAL D 63 -54.37 42.34 28.21
C VAL D 63 -55.30 43.40 27.60
N ASN D 64 -55.01 43.81 26.36
CA ASN D 64 -55.82 44.83 25.70
C ASN D 64 -57.20 44.31 25.32
N TYR D 65 -57.25 43.18 24.63
CA TYR D 65 -58.51 42.59 24.19
C TYR D 65 -59.37 42.13 25.36
N LEU D 66 -58.74 41.46 26.32
CA LEU D 66 -59.43 40.95 27.50
C LEU D 66 -60.14 42.04 28.30
N SER D 67 -59.36 42.96 28.85
CA SER D 67 -59.87 43.97 29.77
C SER D 67 -60.91 44.91 29.16
N ILE D 68 -60.71 45.28 27.89
CA ILE D 68 -61.58 46.28 27.26
C ILE D 68 -63.03 45.80 27.15
N ASN D 69 -63.21 44.48 27.10
CA ASN D 69 -64.54 43.88 27.01
C ASN D 69 -65.42 44.24 28.20
N LYS D 70 -65.03 43.78 29.38
CA LYS D 70 -65.87 43.89 30.58
C LYS D 70 -65.93 45.31 31.17
N ASN D 71 -65.12 46.21 30.65
CA ASN D 71 -65.14 47.59 31.13
C ASN D 71 -66.36 48.35 30.62
N PHE D 72 -66.38 48.61 29.32
CA PHE D 72 -67.51 49.31 28.69
C PHE D 72 -68.06 48.50 27.53
N MET D 98 -61.14 41.71 37.37
CA MET D 98 -62.57 41.89 37.57
C MET D 98 -62.96 41.64 39.02
N SER D 99 -63.18 40.37 39.36
CA SER D 99 -63.57 40.01 40.71
C SER D 99 -62.73 38.84 41.22
N ASP D 100 -63.02 38.42 42.46
CA ASP D 100 -62.28 37.33 43.09
C ASP D 100 -63.23 36.26 43.63
N GLU D 101 -64.05 36.65 44.59
CA GLU D 101 -64.95 35.74 45.28
C GLU D 101 -66.15 35.37 44.40
N SER D 102 -66.94 36.39 44.04
CA SER D 102 -68.20 36.19 43.31
C SER D 102 -68.07 35.32 42.07
N PHE D 103 -66.88 35.29 41.47
CA PHE D 103 -66.58 34.37 40.39
C PHE D 103 -66.84 32.93 40.84
N ALA D 104 -66.09 32.50 41.85
CA ALA D 104 -66.24 31.16 42.41
C ALA D 104 -67.62 30.98 43.07
N GLU D 105 -68.31 32.08 43.34
CA GLU D 105 -69.64 32.02 43.93
C GLU D 105 -70.73 32.11 42.86
N LEU D 106 -70.32 32.26 41.60
CA LEU D 106 -71.26 32.33 40.49
C LEU D 106 -71.74 30.94 40.10
N MET D 107 -71.11 29.92 40.67
CA MET D 107 -71.41 28.53 40.37
C MET D 107 -72.81 28.12 40.79
N THR D 108 -73.32 28.75 41.85
CA THR D 108 -74.53 28.30 42.55
C THR D 108 -75.70 27.93 41.64
N LYS D 109 -76.25 28.92 40.94
CA LYS D 109 -77.37 28.66 40.05
C LYS D 109 -76.90 28.13 38.71
N LEU D 110 -75.61 28.29 38.43
CA LEU D 110 -75.02 27.76 37.21
C LEU D 110 -74.77 26.26 37.34
N ASN D 111 -74.95 25.75 38.56
CA ASN D 111 -74.86 24.33 38.85
C ASN D 111 -76.11 23.57 38.40
N SER D 112 -77.25 23.95 38.97
CA SER D 112 -78.51 23.25 38.75
C SER D 112 -78.90 23.14 37.27
N PHE D 113 -78.30 23.99 36.43
CA PHE D 113 -78.58 23.96 35.00
C PHE D 113 -77.83 22.83 34.30
N LYS D 114 -78.45 22.28 33.25
CA LYS D 114 -77.94 21.11 32.54
C LYS D 114 -77.04 21.50 31.37
N LEU D 115 -76.72 22.78 31.26
CA LEU D 115 -76.02 23.34 30.10
C LEU D 115 -74.62 22.75 29.87
N PHE D 116 -74.17 21.90 30.78
CA PHE D 116 -72.93 21.14 30.65
C PHE D 116 -71.67 22.00 30.59
N LYS D 117 -70.84 21.78 29.58
CA LYS D 117 -69.49 22.33 29.55
C LYS D 117 -69.29 23.45 28.53
N ALA D 118 -69.46 23.11 27.25
CA ALA D 118 -69.17 24.03 26.14
C ALA D 118 -69.80 25.41 26.32
N GLU D 119 -71.05 25.43 26.81
CA GLU D 119 -71.75 26.68 27.06
C GLU D 119 -71.31 27.33 28.37
N LYS D 120 -71.00 26.49 29.36
CA LYS D 120 -70.65 26.93 30.71
C LYS D 120 -69.54 27.99 30.76
N LEU D 121 -68.35 27.62 30.31
CA LEU D 121 -67.21 28.53 30.37
C LEU D 121 -67.28 29.63 29.32
N GLN D 122 -68.25 29.52 28.41
CA GLN D 122 -68.42 30.49 27.34
C GLN D 122 -69.16 31.76 27.76
N ILE D 123 -70.23 31.59 28.54
CA ILE D 123 -71.08 32.72 28.92
C ILE D 123 -70.40 33.70 29.87
N VAL D 124 -69.21 33.33 30.34
CA VAL D 124 -68.44 34.17 31.26
C VAL D 124 -68.21 35.58 30.70
N ASN D 125 -67.99 35.67 29.39
CA ASN D 125 -67.66 36.94 28.77
C ASN D 125 -68.73 37.48 27.81
N GLN D 126 -69.00 36.75 26.75
CA GLN D 126 -69.79 37.25 25.62
C GLN D 126 -71.26 37.54 25.94
N LEU D 127 -71.74 38.67 25.41
CA LEU D 127 -73.14 39.09 25.40
C LEU D 127 -73.98 38.76 26.64
N PRO D 128 -73.65 39.36 27.80
CA PRO D 128 -74.38 39.06 29.03
C PRO D 128 -75.78 39.69 29.14
N ALA D 129 -76.71 38.91 29.68
CA ALA D 129 -77.94 39.41 30.32
C ALA D 129 -78.97 40.15 29.46
N ASN D 130 -79.00 39.95 28.15
CA ASN D 130 -80.12 40.50 27.39
C ASN D 130 -80.70 39.57 26.33
N MET D 131 -81.93 39.11 26.54
CA MET D 131 -82.77 38.45 25.52
C MET D 131 -82.03 37.46 24.60
N VAL D 132 -82.09 37.73 23.31
CA VAL D 132 -81.58 36.87 22.24
C VAL D 132 -80.05 36.71 22.24
N HIS D 133 -79.35 37.43 23.11
CA HIS D 133 -77.90 37.29 23.23
C HIS D 133 -77.48 35.83 23.42
N LEU D 134 -77.90 35.23 24.53
CA LEU D 134 -77.54 33.86 24.84
C LEU D 134 -78.25 32.82 23.98
N TYR D 135 -79.19 33.29 23.15
CA TYR D 135 -79.92 32.44 22.21
C TYR D 135 -78.96 31.70 21.28
N SER D 136 -77.89 32.38 20.88
CA SER D 136 -76.96 31.84 19.88
C SER D 136 -75.99 30.80 20.42
N ILE D 137 -75.40 31.08 21.58
CA ILE D 137 -74.30 30.25 22.11
C ILE D 137 -74.74 28.84 22.48
N VAL D 138 -75.79 28.72 23.29
CA VAL D 138 -76.21 27.41 23.79
C VAL D 138 -76.90 26.58 22.70
N GLU D 139 -76.44 25.34 22.55
CA GLU D 139 -77.05 24.42 21.59
C GLU D 139 -78.44 24.03 22.07
N GLU D 140 -79.35 23.82 21.11
CA GLU D 140 -80.77 23.53 21.35
C GLU D 140 -81.51 24.75 21.91
N CYS D 141 -80.75 25.76 22.32
CA CYS D 141 -81.26 27.04 22.79
C CYS D 141 -82.40 26.95 23.80
N ASP D 142 -83.49 27.68 23.53
CA ASP D 142 -84.63 27.76 24.43
C ASP D 142 -85.20 26.38 24.74
N ALA D 143 -85.85 25.78 23.75
CA ALA D 143 -86.29 24.38 23.81
C ALA D 143 -87.08 24.03 25.06
N ARG D 144 -86.51 23.12 25.85
CA ARG D 144 -87.15 22.51 27.02
C ARG D 144 -87.82 23.50 27.96
N PHE D 145 -87.00 24.28 28.67
CA PHE D 145 -87.52 25.27 29.61
C PHE D 145 -87.41 26.68 29.05
N ASP D 146 -88.50 27.44 29.13
CA ASP D 146 -88.58 28.72 28.45
C ASP D 146 -89.05 29.88 29.34
N GLU D 147 -90.29 29.82 29.79
CA GLU D 147 -90.99 30.96 30.38
C GLU D 147 -90.24 31.70 31.49
N LYS D 148 -89.73 30.96 32.47
CA LYS D 148 -89.14 31.59 33.66
C LYS D 148 -87.66 31.23 33.87
N THR D 149 -87.39 29.94 34.03
CA THR D 149 -86.07 29.45 34.42
C THR D 149 -84.89 30.05 33.66
N ILE D 150 -85.04 30.30 32.36
CA ILE D 150 -83.94 30.88 31.59
C ILE D 150 -83.75 32.36 31.93
N GLU D 151 -84.80 33.01 32.42
CA GLU D 151 -84.72 34.42 32.80
C GLU D 151 -83.91 34.53 34.09
N GLU D 152 -83.88 33.45 34.85
CA GLU D 152 -83.06 33.38 36.05
C GLU D 152 -81.59 33.47 35.69
N MET D 153 -81.24 33.06 34.48
CA MET D 153 -79.88 33.19 33.99
C MET D 153 -79.56 34.66 33.72
N LEU D 154 -80.50 35.35 33.08
CA LEU D 154 -80.32 36.76 32.72
C LEU D 154 -80.13 37.65 33.93
N GLU D 155 -80.95 37.47 34.96
CA GLU D 155 -80.94 38.34 36.13
C GLU D 155 -79.65 38.20 36.94
N ILE D 156 -79.11 36.98 36.99
CA ILE D 156 -77.91 36.72 37.78
C ILE D 156 -76.65 37.17 37.05
N ILE D 157 -76.60 36.93 35.74
CA ILE D 157 -75.46 37.37 34.94
C ILE D 157 -75.51 38.88 34.75
N SER D 158 -76.68 39.47 35.05
CA SER D 158 -76.80 40.93 35.11
C SER D 158 -76.39 41.42 36.49
N GLY D 159 -76.27 40.47 37.42
CA GLY D 159 -75.80 40.76 38.77
C GLY D 159 -74.28 40.73 38.82
N TYR D 160 -73.67 40.66 37.63
CA TYR D 160 -72.23 40.68 37.50
C TYR D 160 -71.70 42.09 37.72
N ALA D 161 -72.08 43.00 36.83
CA ALA D 161 -71.68 44.40 36.95
C ALA D 161 -72.84 45.26 37.43
N MET E 1 1.77 -63.38 5.27
CA MET E 1 3.04 -63.00 5.91
C MET E 1 2.85 -62.81 7.41
N ASP E 2 3.54 -63.61 8.20
CA ASP E 2 3.45 -63.56 9.65
C ASP E 2 3.86 -62.18 10.20
N GLN E 3 4.91 -61.63 9.63
CA GLN E 3 5.45 -60.34 10.08
C GLN E 3 4.41 -59.21 10.02
N GLU E 4 3.97 -58.87 8.82
CA GLU E 4 3.06 -57.76 8.62
C GLU E 4 1.68 -57.98 9.24
N ASN E 5 1.31 -59.25 9.43
CA ASN E 5 0.04 -59.57 10.05
C ASN E 5 0.04 -59.27 11.55
N GLU E 6 1.16 -59.57 12.21
CA GLU E 6 1.29 -59.29 13.63
C GLU E 6 1.36 -57.78 13.88
N ARG E 7 1.71 -57.04 12.84
CA ARG E 7 1.70 -55.58 12.91
C ARG E 7 0.26 -55.08 12.99
N ASN E 8 -0.63 -55.76 12.28
CA ASN E 8 -2.03 -55.37 12.23
C ASN E 8 -2.82 -55.79 13.47
N ILE E 9 -2.43 -56.92 14.06
CA ILE E 9 -3.13 -57.41 15.25
C ILE E 9 -2.71 -56.59 16.46
N SER E 10 -1.53 -55.96 16.38
CA SER E 10 -1.09 -55.04 17.42
C SER E 10 -1.77 -53.69 17.21
N ARG E 11 -1.95 -53.34 15.95
CA ARG E 11 -2.70 -52.14 15.56
C ARG E 11 -4.11 -52.18 16.14
N LEU E 12 -4.88 -53.18 15.71
CA LEU E 12 -6.26 -53.35 16.14
C LEU E 12 -6.39 -53.46 17.66
N TRP E 13 -5.42 -54.11 18.29
CA TRP E 13 -5.40 -54.25 19.74
C TRP E 13 -5.21 -52.89 20.41
N ARG E 14 -4.31 -52.08 19.87
CA ARG E 14 -4.11 -50.72 20.36
C ARG E 14 -5.29 -49.85 19.95
N ALA E 15 -5.92 -50.20 18.84
CA ALA E 15 -7.13 -49.52 18.39
C ALA E 15 -8.29 -49.85 19.32
N PHE E 16 -8.28 -51.06 19.87
CA PHE E 16 -9.27 -51.48 20.85
C PHE E 16 -9.07 -50.71 22.15
N ARG E 17 -7.81 -50.39 22.44
CA ARG E 17 -7.47 -49.58 23.60
C ARG E 17 -8.06 -48.17 23.49
N THR E 18 -7.98 -47.61 22.29
CA THR E 18 -8.44 -46.25 22.03
C THR E 18 -9.95 -46.11 22.21
N VAL E 19 -10.70 -47.01 21.58
CA VAL E 19 -12.16 -46.96 21.64
C VAL E 19 -12.66 -47.31 23.04
N LYS E 20 -11.81 -47.97 23.82
CA LYS E 20 -12.16 -48.36 25.19
C LYS E 20 -12.10 -47.15 26.13
N GLU E 21 -10.91 -46.58 26.26
CA GLU E 21 -10.72 -45.41 27.11
C GLU E 21 -11.58 -44.22 26.68
N MET E 22 -12.02 -44.24 25.42
CA MET E 22 -12.88 -43.19 24.90
C MET E 22 -14.28 -43.26 25.51
N VAL E 23 -14.78 -44.48 25.70
CA VAL E 23 -16.14 -44.66 26.21
C VAL E 23 -16.20 -44.41 27.71
N LYS E 24 -15.04 -44.31 28.35
CA LYS E 24 -14.97 -44.13 29.80
C LYS E 24 -15.26 -42.69 30.24
N ASP E 25 -14.63 -41.72 29.58
CA ASP E 25 -14.74 -40.32 30.01
C ASP E 25 -16.09 -39.71 29.62
N ARG E 26 -16.89 -40.47 28.86
CA ARG E 26 -18.23 -40.02 28.50
C ARG E 26 -19.19 -40.16 29.67
N GLY E 27 -18.73 -40.80 30.75
CA GLY E 27 -19.54 -40.99 31.93
C GLY E 27 -20.01 -42.42 32.08
N TYR E 28 -19.77 -43.23 31.06
CA TYR E 28 -20.19 -44.63 31.05
C TYR E 28 -19.35 -45.47 32.02
N PHE E 29 -19.90 -46.60 32.44
CA PHE E 29 -19.29 -47.40 33.50
C PHE E 29 -18.42 -48.54 32.98
N ILE E 30 -17.11 -48.43 33.22
CA ILE E 30 -16.17 -49.52 33.04
C ILE E 30 -15.17 -49.52 34.19
N THR E 31 -14.16 -50.37 34.10
CA THR E 31 -13.12 -50.42 35.12
C THR E 31 -11.74 -50.31 34.47
N GLN E 32 -10.72 -50.05 35.29
CA GLN E 32 -9.36 -49.88 34.79
C GLN E 32 -8.82 -51.16 34.15
N GLU E 33 -9.40 -52.30 34.52
CA GLU E 33 -8.99 -53.58 33.94
C GLU E 33 -9.56 -53.78 32.55
N GLU E 34 -10.66 -53.08 32.25
CA GLU E 34 -11.30 -53.18 30.95
C GLU E 34 -10.46 -52.55 29.84
N VAL E 35 -9.88 -51.39 30.15
CA VAL E 35 -9.07 -50.68 29.16
C VAL E 35 -7.62 -51.16 29.16
N GLU E 36 -7.22 -51.87 30.21
CA GLU E 36 -5.84 -52.31 30.34
C GLU E 36 -5.71 -53.83 30.26
N LEU E 37 -5.15 -54.31 29.15
CA LEU E 37 -4.83 -55.73 28.99
C LEU E 37 -3.55 -55.89 28.18
N PRO E 38 -2.76 -56.91 28.50
CA PRO E 38 -1.57 -57.24 27.70
C PRO E 38 -1.96 -57.93 26.39
N LEU E 39 -0.97 -58.40 25.64
CA LEU E 39 -1.23 -59.07 24.37
C LEU E 39 -1.78 -60.47 24.60
N GLU E 40 -1.45 -61.06 25.73
CA GLU E 40 -1.89 -62.41 26.08
C GLU E 40 -3.41 -62.56 26.05
N ASP E 41 -4.11 -61.83 26.92
CA ASP E 41 -5.56 -61.92 27.03
C ASP E 41 -6.26 -61.54 25.73
N PHE E 42 -5.64 -60.68 24.95
CA PHE E 42 -6.21 -60.24 23.67
C PHE E 42 -6.20 -61.37 22.65
N LYS E 43 -5.11 -62.12 22.62
CA LYS E 43 -4.96 -63.23 21.68
C LYS E 43 -5.90 -64.39 21.99
N ALA E 44 -6.18 -64.58 23.27
CA ALA E 44 -7.09 -65.63 23.70
C ALA E 44 -8.54 -65.28 23.34
N LYS E 45 -8.97 -64.10 23.78
CA LYS E 45 -10.35 -63.66 23.60
C LYS E 45 -10.79 -63.56 22.13
N TYR E 46 -10.23 -62.59 21.42
CA TYR E 46 -10.74 -62.22 20.10
C TYR E 46 -9.98 -62.88 18.94
N CYS E 47 -8.95 -63.65 19.24
CA CYS E 47 -8.21 -64.36 18.20
C CYS E 47 -8.36 -65.87 18.35
N ASP E 48 -8.54 -66.55 17.22
CA ASP E 48 -8.76 -67.98 17.23
C ASP E 48 -7.48 -68.75 17.51
N SER E 49 -7.57 -70.08 17.59
CA SER E 49 -6.41 -70.92 17.83
C SER E 49 -5.62 -71.12 16.54
N MET E 50 -6.24 -70.81 15.41
CA MET E 50 -5.59 -70.92 14.10
C MET E 50 -4.55 -69.83 13.94
N GLY E 51 -4.71 -68.73 14.67
CA GLY E 51 -3.78 -67.62 14.61
C GLY E 51 -4.35 -66.42 13.86
N ARG E 52 -5.57 -66.56 13.37
CA ARG E 52 -6.24 -65.46 12.69
C ARG E 52 -7.36 -64.87 13.57
N PRO E 53 -7.30 -63.55 13.81
CA PRO E 53 -8.27 -62.84 14.65
C PRO E 53 -9.69 -62.87 14.11
N GLN E 54 -10.61 -62.23 14.81
CA GLN E 54 -12.01 -62.18 14.40
C GLN E 54 -12.50 -60.74 14.32
N ARG E 55 -13.79 -60.57 14.03
CA ARG E 55 -14.36 -59.24 13.82
C ARG E 55 -15.59 -58.99 14.68
N LYS E 56 -16.66 -59.73 14.39
CA LYS E 56 -17.98 -59.46 14.98
C LYS E 56 -18.06 -59.76 16.48
N MET E 57 -17.19 -60.64 16.98
CA MET E 57 -17.24 -61.04 18.38
C MET E 57 -16.66 -59.97 19.31
N MET E 58 -16.08 -58.93 18.72
CA MET E 58 -15.49 -57.85 19.52
C MET E 58 -16.56 -56.91 20.05
N SER E 59 -17.78 -57.05 19.55
CA SER E 59 -18.90 -56.21 19.97
C SER E 59 -19.24 -56.42 21.44
N PHE E 60 -19.49 -55.33 22.15
CA PHE E 60 -19.84 -55.39 23.56
C PHE E 60 -20.91 -54.36 23.92
N GLN E 61 -21.21 -54.23 25.21
CA GLN E 61 -22.19 -53.26 25.68
C GLN E 61 -21.79 -52.67 27.04
N ALA E 62 -22.02 -51.38 27.20
CA ALA E 62 -21.71 -50.69 28.45
C ALA E 62 -22.77 -49.66 28.79
N ASN E 63 -22.92 -49.37 30.08
CA ASN E 63 -23.92 -48.40 30.54
C ASN E 63 -23.30 -47.24 31.30
N PRO E 64 -24.11 -46.22 31.67
CA PRO E 64 -23.60 -45.17 32.54
C PRO E 64 -23.66 -45.56 34.02
N THR E 65 -23.19 -44.68 34.89
CA THR E 65 -23.24 -44.93 36.33
C THR E 65 -23.32 -43.63 37.13
N GLU E 66 -23.99 -43.71 38.29
CA GLU E 66 -24.07 -42.62 39.27
C GLU E 66 -24.33 -41.24 38.66
N GLU E 67 -23.43 -40.31 38.91
CA GLU E 67 -23.58 -38.91 38.50
C GLU E 67 -23.87 -38.72 37.00
N SER E 68 -23.45 -39.68 36.18
CA SER E 68 -23.66 -39.61 34.74
C SER E 68 -25.15 -39.54 34.38
N ILE E 69 -25.99 -40.22 35.17
CA ILE E 69 -27.43 -40.20 34.95
C ILE E 69 -28.08 -39.13 35.82
N SER E 70 -27.27 -38.47 36.65
CA SER E 70 -27.76 -37.40 37.50
C SER E 70 -27.55 -36.05 36.83
N LYS E 71 -26.29 -35.72 36.56
CA LYS E 71 -25.91 -34.51 35.84
C LYS E 71 -26.72 -34.37 34.55
N PHE E 72 -26.55 -35.32 33.64
CA PHE E 72 -27.35 -35.38 32.42
C PHE E 72 -28.55 -36.30 32.65
N PRO E 73 -29.75 -35.71 32.74
CA PRO E 73 -30.97 -36.47 33.05
C PRO E 73 -31.39 -37.40 31.91
N ASP E 74 -31.06 -37.04 30.68
CA ASP E 74 -31.42 -37.87 29.54
C ASP E 74 -30.19 -38.54 28.93
N MET E 75 -30.10 -39.85 29.11
CA MET E 75 -28.99 -40.67 28.64
C MET E 75 -29.22 -42.13 28.98
N GLY E 76 -28.34 -43.00 28.49
CA GLY E 76 -28.44 -44.41 28.77
C GLY E 76 -27.33 -45.24 28.14
N SER E 77 -27.42 -46.56 28.29
CA SER E 77 -26.45 -47.47 27.71
C SER E 77 -26.51 -47.44 26.19
N LEU E 78 -25.41 -47.83 25.55
CA LEU E 78 -25.38 -47.89 24.09
C LEU E 78 -24.95 -49.27 23.61
N TRP E 79 -24.90 -49.45 22.28
CA TRP E 79 -24.55 -50.73 21.69
C TRP E 79 -23.54 -50.56 20.57
N VAL E 80 -22.35 -51.15 20.74
CA VAL E 80 -21.26 -51.00 19.78
C VAL E 80 -20.97 -52.29 19.02
N GLU E 81 -20.92 -52.19 17.69
CA GLU E 81 -20.57 -53.32 16.84
C GLU E 81 -19.41 -52.97 15.91
N PHE E 82 -18.78 -53.99 15.36
CA PHE E 82 -17.64 -53.79 14.46
C PHE E 82 -18.05 -54.03 13.01
N CYS E 83 -17.09 -53.84 12.09
CA CYS E 83 -17.35 -54.05 10.67
C CYS E 83 -16.75 -55.37 10.20
N ASP E 84 -16.85 -55.62 8.89
CA ASP E 84 -16.36 -56.88 8.33
C ASP E 84 -15.29 -56.65 7.25
N GLU E 85 -15.71 -56.09 6.12
CA GLU E 85 -14.83 -55.91 4.97
C GLU E 85 -14.72 -54.42 4.64
N PRO E 86 -13.53 -53.98 4.19
CA PRO E 86 -13.27 -52.58 3.84
C PRO E 86 -14.31 -51.97 2.90
N SER E 87 -14.88 -52.77 2.01
CA SER E 87 -15.93 -52.30 1.13
C SER E 87 -17.21 -52.05 1.92
N VAL E 88 -17.73 -50.84 1.84
CA VAL E 88 -18.94 -50.49 2.57
C VAL E 88 -20.15 -50.45 1.63
N GLY E 89 -21.27 -50.99 2.10
CA GLY E 89 -22.49 -51.07 1.33
C GLY E 89 -23.69 -51.22 2.25
N VAL E 90 -24.86 -51.47 1.67
CA VAL E 90 -26.07 -51.67 2.46
C VAL E 90 -25.86 -52.82 3.45
N LYS E 91 -25.87 -54.04 2.93
CA LYS E 91 -25.35 -55.23 3.62
C LYS E 91 -25.72 -55.34 5.10
N THR E 92 -24.69 -55.45 5.94
CA THR E 92 -24.86 -55.65 7.38
C THR E 92 -25.30 -54.39 8.12
N MET E 93 -25.35 -53.26 7.42
CA MET E 93 -25.81 -52.02 8.03
C MET E 93 -27.32 -52.05 8.21
N LYS E 94 -27.99 -52.90 7.43
CA LYS E 94 -29.43 -53.10 7.58
C LYS E 94 -29.76 -53.67 8.94
N THR E 95 -29.17 -54.82 9.25
CA THR E 95 -29.42 -55.48 10.53
C THR E 95 -28.83 -54.66 11.68
N PHE E 96 -27.83 -53.83 11.37
CA PHE E 96 -27.27 -52.92 12.34
C PHE E 96 -28.30 -51.89 12.76
N VAL E 97 -29.00 -51.34 11.77
CA VAL E 97 -30.11 -50.43 12.03
C VAL E 97 -31.22 -51.18 12.76
N ILE E 98 -31.51 -52.39 12.31
CA ILE E 98 -32.49 -53.25 12.96
C ILE E 98 -32.10 -53.51 14.41
N HIS E 99 -30.80 -53.73 14.63
CA HIS E 99 -30.29 -53.92 15.99
C HIS E 99 -30.58 -52.70 16.86
N ILE E 100 -30.51 -51.51 16.27
CA ILE E 100 -30.80 -50.27 16.99
C ILE E 100 -32.30 -50.15 17.24
N GLN E 101 -33.10 -50.65 16.30
CA GLN E 101 -34.56 -50.57 16.37
C GLN E 101 -35.13 -51.17 17.65
N GLU E 102 -35.02 -52.49 17.78
CA GLU E 102 -35.64 -53.19 18.91
C GLU E 102 -34.87 -53.04 20.22
N LYS E 103 -33.56 -52.80 20.11
CA LYS E 103 -32.73 -52.67 21.31
C LYS E 103 -32.63 -51.22 21.77
N ASN E 104 -33.22 -50.31 21.00
CA ASN E 104 -33.32 -48.90 21.39
C ASN E 104 -31.97 -48.25 21.71
N PHE E 105 -31.79 -47.90 22.98
CA PHE E 105 -30.62 -47.17 23.48
C PHE E 105 -30.45 -45.81 22.79
N GLN E 106 -29.21 -45.45 22.50
CA GLN E 106 -28.94 -44.12 21.92
C GLN E 106 -28.19 -44.18 20.61
N THR E 107 -26.89 -44.45 20.68
CA THR E 107 -26.05 -44.39 19.49
C THR E 107 -25.20 -45.63 19.27
N GLY E 108 -25.51 -46.37 18.20
CA GLY E 108 -24.64 -47.43 17.73
C GLY E 108 -23.41 -46.85 17.08
N ILE E 109 -22.23 -47.29 17.50
CA ILE E 109 -20.99 -46.83 16.88
C ILE E 109 -20.24 -48.01 16.29
N PHE E 110 -19.66 -47.80 15.11
CA PHE E 110 -18.93 -48.86 14.43
C PHE E 110 -17.63 -48.34 13.84
N VAL E 111 -16.58 -49.16 13.96
CA VAL E 111 -15.27 -48.79 13.42
C VAL E 111 -15.12 -49.31 11.99
N TYR E 112 -14.69 -48.43 11.09
CA TYR E 112 -14.50 -48.80 9.69
C TYR E 112 -13.28 -49.70 9.53
N GLN E 113 -12.98 -50.06 8.28
CA GLN E 113 -11.81 -50.86 7.98
C GLN E 113 -10.81 -50.06 7.16
N ASN E 114 -11.15 -49.80 5.89
CA ASN E 114 -10.27 -49.06 5.00
C ASN E 114 -10.97 -47.89 4.29
N ASN E 115 -11.92 -48.20 3.42
CA ASN E 115 -12.51 -47.20 2.54
C ASN E 115 -13.96 -46.87 2.87
N ILE E 116 -14.35 -45.62 2.57
CA ILE E 116 -15.71 -45.16 2.76
C ILE E 116 -16.28 -44.63 1.45
N THR E 117 -17.51 -45.01 1.13
CA THR E 117 -18.15 -44.63 -0.13
C THR E 117 -19.58 -44.15 0.15
N PRO E 118 -20.13 -43.29 -0.74
CA PRO E 118 -21.47 -42.74 -0.55
C PRO E 118 -22.60 -43.77 -0.43
N SER E 119 -22.34 -45.01 -0.83
CA SER E 119 -23.30 -46.10 -0.63
C SER E 119 -23.72 -46.18 0.83
N ALA E 120 -22.76 -46.45 1.72
CA ALA E 120 -23.01 -46.50 3.15
C ALA E 120 -23.48 -45.17 3.71
N MET E 121 -23.34 -44.12 2.91
CA MET E 121 -23.76 -42.78 3.31
C MET E 121 -25.23 -42.52 2.95
N LYS E 122 -25.91 -43.56 2.47
CA LYS E 122 -27.32 -43.45 2.11
C LYS E 122 -28.13 -42.86 3.27
N LEU E 123 -28.09 -43.51 4.42
CA LEU E 123 -28.62 -42.89 5.64
C LEU E 123 -27.64 -43.04 6.79
N VAL E 124 -26.92 -41.97 7.12
CA VAL E 124 -26.21 -41.85 8.39
C VAL E 124 -27.04 -41.41 9.61
N PRO E 125 -27.73 -40.25 9.53
CA PRO E 125 -28.32 -39.70 10.76
C PRO E 125 -29.80 -40.03 10.94
N SER E 126 -30.12 -41.29 11.22
CA SER E 126 -31.52 -41.72 11.23
C SER E 126 -32.20 -41.70 12.59
N ILE E 127 -33.48 -42.09 12.55
CA ILE E 127 -34.36 -42.30 13.71
C ILE E 127 -34.70 -40.97 14.39
N PRO E 128 -35.92 -40.84 14.91
CA PRO E 128 -36.28 -39.60 15.61
C PRO E 128 -35.62 -39.32 16.97
N PRO E 129 -35.53 -40.30 17.89
CA PRO E 129 -34.98 -39.91 19.20
C PRO E 129 -33.47 -39.67 19.22
N ALA E 130 -32.72 -40.35 18.37
CA ALA E 130 -31.26 -40.33 18.47
C ALA E 130 -30.57 -40.45 17.12
N THR E 131 -29.26 -40.67 17.15
CA THR E 131 -28.46 -40.82 15.95
C THR E 131 -27.34 -41.83 16.17
N ILE E 132 -26.43 -41.94 15.20
CA ILE E 132 -25.29 -42.85 15.32
C ILE E 132 -23.97 -42.13 15.05
N GLU E 133 -22.87 -42.88 15.04
CA GLU E 133 -21.55 -42.31 14.83
C GLU E 133 -20.67 -43.21 13.97
N THR E 134 -19.75 -42.60 13.22
CA THR E 134 -18.86 -43.35 12.34
C THR E 134 -17.39 -43.12 12.68
N PHE E 135 -16.61 -44.20 12.71
CA PHE E 135 -15.20 -44.13 13.05
C PHE E 135 -14.34 -45.01 12.14
N ASN E 136 -13.17 -44.50 11.77
CA ASN E 136 -12.25 -45.25 10.92
C ASN E 136 -11.14 -45.92 11.73
N GLU E 137 -10.77 -47.13 11.33
CA GLU E 137 -9.74 -47.90 12.04
C GLU E 137 -8.37 -47.28 11.85
N ALA E 138 -8.11 -46.77 10.65
CA ALA E 138 -6.86 -46.10 10.33
C ALA E 138 -6.61 -44.93 11.27
N ALA E 139 -7.50 -43.93 11.24
CA ALA E 139 -7.35 -42.72 12.03
C ALA E 139 -7.24 -42.98 13.53
N LEU E 140 -7.83 -44.07 14.00
CA LEU E 140 -7.80 -44.40 15.42
C LEU E 140 -6.65 -45.34 15.78
N VAL E 141 -5.65 -44.80 16.47
CA VAL E 141 -4.57 -45.60 17.03
C VAL E 141 -4.33 -45.20 18.49
N VAL E 142 -3.89 -43.96 18.69
CA VAL E 142 -3.72 -43.39 20.03
C VAL E 142 -4.66 -42.20 20.20
N ASN E 143 -5.03 -41.92 21.45
CA ASN E 143 -5.96 -40.82 21.73
C ASN E 143 -5.30 -39.45 21.56
N ILE E 144 -6.04 -38.52 20.98
CA ILE E 144 -5.53 -37.20 20.65
C ILE E 144 -5.49 -36.27 21.86
N THR E 145 -6.51 -36.37 22.71
CA THR E 145 -6.62 -35.50 23.89
C THR E 145 -5.49 -35.74 24.89
N HIS E 146 -4.91 -36.93 24.84
CA HIS E 146 -3.84 -37.32 25.75
C HIS E 146 -2.45 -37.08 25.15
N HIS E 147 -2.40 -36.48 23.97
CA HIS E 147 -1.18 -36.55 23.18
C HIS E 147 -0.09 -35.57 23.62
N GLU E 148 -0.20 -34.29 23.23
CA GLU E 148 0.73 -33.29 23.73
C GLU E 148 0.08 -31.97 24.11
N LEU E 149 -0.38 -31.25 23.09
CA LEU E 149 -0.88 -29.89 23.25
C LEU E 149 -2.33 -29.86 23.72
N VAL E 150 -3.12 -30.83 23.27
CA VAL E 150 -4.54 -30.85 23.56
C VAL E 150 -4.79 -30.99 25.06
N PRO E 151 -5.43 -29.98 25.66
CA PRO E 151 -5.71 -29.94 27.10
C PRO E 151 -7.02 -30.64 27.44
N LYS E 152 -7.41 -30.57 28.72
CA LYS E 152 -8.63 -31.20 29.17
C LYS E 152 -9.86 -30.40 28.75
N HIS E 153 -10.79 -31.07 28.07
CA HIS E 153 -12.04 -30.45 27.66
C HIS E 153 -13.20 -30.99 28.49
N ILE E 154 -13.76 -30.14 29.33
CA ILE E 154 -14.82 -30.55 30.25
C ILE E 154 -16.21 -30.14 29.74
N ARG E 155 -17.04 -31.13 29.46
CA ARG E 155 -18.41 -30.90 29.02
C ARG E 155 -19.32 -30.62 30.21
N LEU E 156 -20.21 -29.65 30.06
CA LEU E 156 -21.12 -29.29 31.15
C LEU E 156 -22.58 -29.39 30.72
N SER E 157 -23.47 -29.46 31.70
CA SER E 157 -24.90 -29.60 31.43
C SER E 157 -25.54 -28.24 31.13
N SER E 158 -26.86 -28.25 30.97
CA SER E 158 -27.61 -27.02 30.67
C SER E 158 -27.66 -26.11 31.90
N ASP E 159 -27.54 -26.71 33.07
CA ASP E 159 -27.50 -25.98 34.34
C ASP E 159 -26.37 -24.95 34.34
N GLU E 160 -25.14 -25.44 34.25
CA GLU E 160 -23.96 -24.59 34.27
C GLU E 160 -23.94 -23.59 33.12
N LYS E 161 -24.58 -23.95 32.01
CA LYS E 161 -24.68 -23.08 30.84
C LYS E 161 -25.33 -21.73 31.17
N ARG E 162 -26.60 -21.78 31.57
CA ARG E 162 -27.37 -20.58 31.85
C ARG E 162 -26.77 -19.75 32.99
N GLU E 163 -26.07 -20.42 33.90
CA GLU E 163 -25.41 -19.72 35.00
C GLU E 163 -24.19 -18.96 34.49
N LEU E 164 -23.48 -19.56 33.55
CA LEU E 164 -22.32 -18.93 32.92
C LEU E 164 -22.75 -17.67 32.18
N LEU E 165 -23.97 -17.69 31.65
CA LEU E 165 -24.52 -16.53 30.95
C LEU E 165 -25.08 -15.51 31.95
N LYS E 166 -25.24 -15.94 33.20
CA LYS E 166 -25.69 -15.05 34.26
C LYS E 166 -24.51 -14.43 35.01
N ARG E 167 -23.30 -14.84 34.64
CA ARG E 167 -22.10 -14.28 35.24
C ARG E 167 -21.74 -12.95 34.58
N TYR E 168 -21.40 -13.01 33.30
CA TYR E 168 -21.03 -11.83 32.55
C TYR E 168 -22.27 -11.15 31.96
N ARG E 169 -23.44 -11.72 32.22
CA ARG E 169 -24.71 -11.21 31.74
C ARG E 169 -24.71 -11.08 30.21
N LEU E 170 -24.70 -12.22 29.53
CA LEU E 170 -24.55 -12.25 28.08
C LEU E 170 -25.69 -13.01 27.39
N LYS E 171 -25.99 -12.60 26.16
CA LYS E 171 -26.90 -13.33 25.29
C LYS E 171 -26.23 -14.63 24.87
N GLU E 172 -27.01 -15.59 24.38
CA GLU E 172 -26.46 -16.89 24.02
C GLU E 172 -25.60 -16.76 22.77
N SER E 173 -24.97 -17.87 22.37
CA SER E 173 -23.95 -17.89 21.32
C SER E 173 -22.88 -16.84 21.60
N GLN E 174 -22.39 -16.19 20.55
CA GLN E 174 -21.50 -15.02 20.59
C GLN E 174 -20.17 -15.29 21.30
N LEU E 175 -20.05 -16.47 21.90
CA LEU E 175 -18.82 -16.89 22.56
C LEU E 175 -17.85 -17.45 21.52
N PRO E 176 -16.56 -17.60 21.89
CA PRO E 176 -15.66 -18.33 20.99
C PRO E 176 -16.22 -19.71 20.68
N ARG E 177 -16.25 -20.08 19.41
CA ARG E 177 -16.97 -21.29 19.01
C ARG E 177 -16.05 -22.47 18.76
N ILE E 178 -16.65 -23.62 18.48
CA ILE E 178 -15.93 -24.84 18.12
C ILE E 178 -16.68 -25.55 17.02
N GLN E 179 -15.99 -25.85 15.92
CA GLN E 179 -16.61 -26.53 14.79
C GLN E 179 -16.89 -27.99 15.11
N ARG E 180 -17.79 -28.60 14.35
CA ARG E 180 -18.13 -30.00 14.54
C ARG E 180 -17.69 -30.76 13.29
N ALA E 181 -17.53 -32.08 13.46
CA ALA E 181 -16.79 -32.97 12.55
C ALA E 181 -15.29 -32.76 12.78
N ASP E 182 -14.96 -31.82 13.66
CA ASP E 182 -13.62 -31.65 14.19
C ASP E 182 -13.25 -32.91 14.97
N PRO E 183 -12.05 -33.46 14.70
CA PRO E 183 -11.56 -34.69 15.35
C PRO E 183 -11.70 -34.69 16.87
N VAL E 184 -11.60 -33.52 17.50
CA VAL E 184 -11.82 -33.41 18.94
C VAL E 184 -13.32 -33.38 19.26
N ALA E 185 -14.06 -32.63 18.44
CA ALA E 185 -15.51 -32.52 18.60
C ALA E 185 -16.20 -33.88 18.55
N LEU E 186 -16.10 -34.55 17.40
CA LEU E 186 -16.75 -35.84 17.19
C LEU E 186 -16.25 -36.92 18.16
N TYR E 187 -15.07 -36.69 18.73
CA TYR E 187 -14.50 -37.62 19.70
C TYR E 187 -15.38 -37.73 20.95
N LEU E 188 -15.85 -36.59 21.44
CA LEU E 188 -16.70 -36.58 22.62
C LEU E 188 -18.18 -36.56 22.25
N GLY E 189 -18.46 -36.48 20.94
CA GLY E 189 -19.82 -36.52 20.45
C GLY E 189 -20.70 -35.36 20.90
N LEU E 190 -20.25 -34.14 20.63
CA LEU E 190 -21.00 -32.95 21.04
C LEU E 190 -22.13 -32.62 20.06
N LYS E 191 -23.28 -32.28 20.60
CA LYS E 191 -24.42 -31.87 19.79
C LYS E 191 -24.45 -30.36 19.61
N ARG E 192 -25.55 -29.85 19.07
CA ARG E 192 -25.69 -28.41 18.81
C ARG E 192 -25.90 -27.63 20.11
N GLY E 193 -25.17 -26.53 20.24
CA GLY E 193 -25.31 -25.66 21.40
C GLY E 193 -24.88 -26.29 22.71
N GLU E 194 -23.66 -26.83 22.73
CA GLU E 194 -23.12 -27.42 23.94
C GLU E 194 -21.80 -26.77 24.33
N VAL E 195 -21.79 -26.11 25.49
CA VAL E 195 -20.61 -25.43 25.98
C VAL E 195 -19.65 -26.41 26.65
N VAL E 196 -18.37 -26.33 26.28
CA VAL E 196 -17.35 -27.17 26.89
C VAL E 196 -16.26 -26.32 27.53
N LYS E 197 -16.06 -26.49 28.82
CA LYS E 197 -15.05 -25.73 29.55
C LYS E 197 -13.65 -26.26 29.25
N ILE E 198 -12.76 -25.37 28.83
CA ILE E 198 -11.41 -25.76 28.46
C ILE E 198 -10.36 -25.19 29.42
N ILE E 199 -9.58 -26.07 30.03
CA ILE E 199 -8.50 -25.65 30.91
C ILE E 199 -7.16 -25.80 30.20
N ARG E 200 -6.55 -24.67 29.85
CA ARG E 200 -5.29 -24.68 29.11
C ARG E 200 -4.14 -24.18 29.97
N LYS E 201 -2.93 -24.64 29.68
CA LYS E 201 -1.76 -24.19 30.43
C LYS E 201 -0.66 -23.67 29.51
N SER E 202 -0.42 -22.37 29.61
CA SER E 202 0.73 -21.72 28.97
C SER E 202 1.34 -20.81 30.03
N GLU E 203 2.61 -20.46 29.89
CA GLU E 203 3.25 -19.74 30.97
C GLU E 203 3.19 -18.21 30.80
N THR E 204 2.30 -17.60 31.57
CA THR E 204 2.38 -16.18 31.91
C THR E 204 2.10 -16.09 33.41
N SER E 205 0.84 -16.34 33.75
CA SER E 205 0.41 -16.58 35.11
C SER E 205 0.27 -18.08 35.36
N GLY E 206 0.64 -18.87 34.35
CA GLY E 206 0.39 -20.31 34.37
C GLY E 206 -1.04 -20.67 34.05
N ARG E 207 -1.59 -21.60 34.82
CA ARG E 207 -2.92 -22.16 34.52
C ARG E 207 -4.05 -21.15 34.52
N TYR E 208 -4.84 -21.16 33.45
CA TYR E 208 -6.05 -20.35 33.35
C TYR E 208 -7.03 -21.02 32.38
N ALA E 209 -8.31 -20.67 32.48
CA ALA E 209 -9.33 -21.34 31.68
C ALA E 209 -10.13 -20.37 30.81
N SER E 210 -10.76 -20.91 29.78
CA SER E 210 -11.63 -20.15 28.89
C SER E 210 -12.78 -21.03 28.41
N TYR E 211 -13.87 -20.40 27.97
CA TYR E 211 -15.05 -21.15 27.55
C TYR E 211 -15.25 -21.08 26.04
N ARG E 212 -15.56 -22.23 25.44
CA ARG E 212 -15.82 -22.30 24.01
C ARG E 212 -17.08 -23.12 23.72
N ILE E 213 -18.04 -22.52 23.02
CA ILE E 213 -19.28 -23.19 22.68
C ILE E 213 -19.08 -24.06 21.44
N CYS E 214 -20.11 -24.80 21.04
CA CYS E 214 -20.04 -25.66 19.87
C CYS E 214 -21.13 -25.33 18.86
N MET E 215 -20.72 -24.93 17.66
CA MET E 215 -21.65 -24.59 16.60
C MET E 215 -22.08 -25.84 15.82
N GLU F 71 -31.06 -0.29 31.30
CA GLU F 71 -31.58 1.06 31.08
C GLU F 71 -31.55 1.87 32.36
N LYS F 72 -32.09 1.30 33.45
CA LYS F 72 -32.09 1.97 34.74
C LYS F 72 -30.71 1.98 35.37
N ALA F 73 -30.48 2.90 36.29
CA ALA F 73 -29.16 3.08 36.89
C ALA F 73 -28.91 2.13 38.06
N ILE F 74 -27.70 1.57 38.09
CA ILE F 74 -27.27 0.77 39.23
C ILE F 74 -27.05 1.67 40.44
N PRO F 75 -27.62 1.29 41.59
CA PRO F 75 -27.51 2.11 42.81
C PRO F 75 -26.08 2.32 43.27
N LYS F 76 -25.87 3.35 44.09
CA LYS F 76 -24.55 3.73 44.57
C LYS F 76 -23.96 2.67 45.50
N ASP F 77 -24.82 1.76 45.97
CA ASP F 77 -24.42 0.71 46.90
C ASP F 77 -23.30 -0.18 46.36
N GLN F 78 -23.61 -0.96 45.32
CA GLN F 78 -22.66 -1.94 44.79
C GLN F 78 -22.21 -1.60 43.38
N ARG F 79 -20.91 -1.73 43.14
CA ARG F 79 -20.33 -1.47 41.82
C ARG F 79 -19.21 -2.45 41.51
N ALA F 80 -19.20 -2.98 40.29
CA ALA F 80 -18.16 -3.91 39.86
C ALA F 80 -17.00 -3.18 39.20
N THR F 81 -17.17 -1.87 39.01
CA THR F 81 -16.17 -1.05 38.33
C THR F 81 -15.01 -0.70 39.27
N THR F 82 -13.81 -0.60 38.71
CA THR F 82 -12.62 -0.24 39.48
C THR F 82 -12.74 1.15 40.08
N PRO F 83 -12.30 1.31 41.34
CA PRO F 83 -12.40 2.57 42.08
C PRO F 83 -11.50 3.69 41.53
N TYR F 84 -10.49 3.32 40.75
CA TYR F 84 -9.55 4.32 40.21
C TYR F 84 -10.03 4.90 38.88
N MET F 85 -9.25 5.82 38.33
CA MET F 85 -9.60 6.48 37.08
C MET F 85 -8.60 6.16 35.98
N THR F 86 -9.09 6.09 34.74
CA THR F 86 -8.23 5.89 33.58
C THR F 86 -7.59 7.22 33.18
N LYS F 87 -6.41 7.14 32.55
CA LYS F 87 -5.74 8.34 32.06
C LYS F 87 -6.54 8.97 30.91
N TYR F 88 -7.35 8.17 30.25
CA TYR F 88 -8.20 8.65 29.17
C TYR F 88 -9.31 9.54 29.73
N GLU F 89 -9.72 9.25 30.96
CA GLU F 89 -10.74 10.05 31.64
C GLU F 89 -10.20 11.44 31.96
N ARG F 90 -8.96 11.50 32.45
CA ARG F 90 -8.32 12.76 32.79
C ARG F 90 -8.18 13.66 31.57
N ALA F 91 -8.02 13.04 30.40
CA ALA F 91 -7.89 13.79 29.16
C ALA F 91 -9.15 14.57 28.82
N ARG F 92 -10.30 13.95 29.08
CA ARG F 92 -11.58 14.59 28.78
C ARG F 92 -11.97 15.64 29.83
N ILE F 93 -11.71 15.31 31.10
CA ILE F 93 -12.02 16.20 32.22
C ILE F 93 -11.39 17.58 32.02
N LEU F 94 -10.07 17.63 31.98
CA LEU F 94 -9.35 18.89 31.77
C LEU F 94 -9.77 19.56 30.46
N GLY F 95 -10.06 18.77 29.44
CA GLY F 95 -10.50 19.29 28.17
C GLY F 95 -11.87 19.93 28.25
N THR F 96 -12.83 19.19 28.81
CA THR F 96 -14.20 19.67 28.98
C THR F 96 -14.28 20.96 29.78
N ARG F 97 -13.85 20.91 31.04
CA ARG F 97 -13.94 22.04 31.95
C ARG F 97 -13.28 23.31 31.41
N ALA F 98 -12.14 23.16 30.74
CA ALA F 98 -11.43 24.30 30.19
C ALA F 98 -12.19 24.92 29.02
N LEU F 99 -12.94 24.08 28.31
CA LEU F 99 -13.74 24.55 27.18
C LEU F 99 -14.88 25.44 27.69
N GLN F 100 -15.38 25.12 28.88
CA GLN F 100 -16.44 25.90 29.49
C GLN F 100 -15.94 27.26 29.94
N ILE F 101 -14.64 27.34 30.24
CA ILE F 101 -14.02 28.58 30.67
C ILE F 101 -14.00 29.60 29.52
N SER F 102 -13.68 29.11 28.32
CA SER F 102 -13.65 29.96 27.13
C SER F 102 -15.06 30.43 26.77
N MET F 103 -16.06 29.72 27.28
CA MET F 103 -17.46 30.06 27.04
C MET F 103 -17.99 31.02 28.11
N ASN F 104 -17.07 31.52 28.93
CA ASN F 104 -17.37 32.44 30.02
C ASN F 104 -18.27 31.82 31.09
N ALA F 105 -17.72 30.84 31.80
CA ALA F 105 -18.38 30.27 32.97
C ALA F 105 -17.73 30.86 34.23
N PRO F 106 -18.26 30.54 35.43
CA PRO F 106 -17.53 30.98 36.62
C PRO F 106 -16.48 29.98 37.06
N VAL F 107 -15.75 30.31 38.13
CA VAL F 107 -14.73 29.42 38.67
C VAL F 107 -14.95 29.20 40.17
N PHE F 108 -14.77 27.95 40.61
CA PHE F 108 -15.00 27.60 42.00
C PHE F 108 -13.70 27.60 42.81
N VAL F 109 -12.59 27.91 42.15
CA VAL F 109 -11.29 27.91 42.82
C VAL F 109 -10.65 29.30 42.73
N ASP F 110 -9.81 29.62 43.71
CA ASP F 110 -9.09 30.89 43.72
C ASP F 110 -8.17 30.98 42.51
N LEU F 111 -8.22 32.12 41.81
CA LEU F 111 -7.46 32.29 40.58
C LEU F 111 -6.37 33.34 40.72
N GLU F 112 -5.12 32.90 40.66
CA GLU F 112 -3.98 33.81 40.61
C GLU F 112 -3.93 34.44 39.22
N GLY F 113 -3.26 35.59 39.10
CA GLY F 113 -3.19 36.27 37.82
C GLY F 113 -2.43 35.45 36.81
N GLU F 114 -3.10 35.12 35.70
CA GLU F 114 -2.53 34.31 34.63
C GLU F 114 -3.45 34.32 33.42
N THR F 115 -3.10 33.53 32.40
CA THR F 115 -3.88 33.52 31.17
C THR F 115 -4.36 32.10 30.87
N ASP F 116 -5.15 31.97 29.81
CA ASP F 116 -5.62 30.72 29.19
C ASP F 116 -6.56 29.90 30.09
N PRO F 117 -7.47 29.13 29.48
CA PRO F 117 -8.37 28.19 30.16
C PRO F 117 -7.67 26.93 30.66
N LEU F 118 -6.59 26.54 30.00
CA LEU F 118 -5.95 25.25 30.25
C LEU F 118 -5.26 25.18 31.60
N ARG F 119 -4.40 26.14 31.89
CA ARG F 119 -3.60 26.11 33.12
C ARG F 119 -4.43 26.37 34.37
N ILE F 120 -5.54 27.08 34.22
CA ILE F 120 -6.43 27.33 35.35
C ILE F 120 -7.35 26.13 35.57
N ALA F 121 -7.42 25.26 34.58
CA ALA F 121 -8.23 24.04 34.67
C ALA F 121 -7.50 22.98 35.49
N MET F 122 -6.20 22.86 35.29
CA MET F 122 -5.38 21.93 36.04
C MET F 122 -5.31 22.34 37.51
N LYS F 123 -5.31 23.64 37.75
CA LYS F 123 -5.34 24.18 39.11
C LYS F 123 -6.69 23.91 39.76
N GLU F 124 -7.74 23.92 38.94
CA GLU F 124 -9.09 23.66 39.43
C GLU F 124 -9.25 22.20 39.84
N LEU F 125 -8.55 21.31 39.15
CA LEU F 125 -8.61 19.88 39.44
C LEU F 125 -7.75 19.54 40.66
N ALA F 126 -6.75 20.38 40.94
CA ALA F 126 -5.87 20.17 42.07
C ALA F 126 -6.64 20.18 43.38
N GLU F 127 -7.60 21.10 43.50
CA GLU F 127 -8.44 21.20 44.68
C GLU F 127 -9.76 20.45 44.49
N LYS F 128 -9.91 19.83 43.32
CA LYS F 128 -11.08 19.01 43.00
C LYS F 128 -12.40 19.79 43.14
N LYS F 129 -12.48 20.93 42.47
CA LYS F 129 -13.67 21.78 42.53
C LYS F 129 -14.64 21.49 41.39
N ILE F 130 -14.33 20.50 40.57
CA ILE F 130 -15.15 20.17 39.41
C ILE F 130 -16.49 19.57 39.81
N PRO F 131 -17.59 20.24 39.43
CA PRO F 131 -18.95 19.78 39.72
C PRO F 131 -19.47 18.81 38.66
N LEU F 132 -18.70 17.75 38.38
CA LEU F 132 -19.07 16.80 37.34
C LEU F 132 -19.22 15.38 37.90
N VAL F 133 -20.08 14.59 37.26
CA VAL F 133 -20.25 13.19 37.64
C VAL F 133 -19.96 12.28 36.44
N ILE F 134 -18.91 11.48 36.57
CA ILE F 134 -18.48 10.60 35.48
C ILE F 134 -19.47 9.47 35.28
N ARG F 135 -19.82 9.21 34.03
CA ARG F 135 -20.79 8.18 33.68
C ARG F 135 -20.18 7.14 32.75
N ARG F 136 -20.20 5.88 33.19
CA ARG F 136 -19.59 4.79 32.45
C ARG F 136 -20.63 3.78 31.97
N TYR F 137 -20.30 3.05 30.91
CA TYR F 137 -21.24 2.07 30.33
C TYR F 137 -20.64 0.67 30.27
N LEU F 138 -21.44 -0.32 30.64
CA LEU F 138 -21.05 -1.71 30.51
C LEU F 138 -21.56 -2.25 29.17
N PRO F 139 -21.20 -3.50 28.80
CA PRO F 139 -21.76 -4.04 27.55
C PRO F 139 -23.25 -4.33 27.61
N ASP F 140 -23.78 -4.62 28.80
CA ASP F 140 -25.18 -5.01 28.93
C ASP F 140 -26.12 -3.83 29.19
N GLY F 141 -25.56 -2.65 29.31
CA GLY F 141 -26.35 -1.45 29.56
C GLY F 141 -26.85 -1.38 31.00
N SER F 142 -25.94 -1.62 31.94
CA SER F 142 -26.25 -1.56 33.37
C SER F 142 -26.02 -0.15 33.91
N PHE F 143 -25.72 0.76 33.00
CA PHE F 143 -25.41 2.15 33.30
C PHE F 143 -24.24 2.29 34.27
N GLU F 144 -24.26 3.33 35.11
CA GLU F 144 -23.30 3.56 36.19
C GLU F 144 -23.51 4.96 36.78
N ASP F 145 -22.98 5.20 37.97
CA ASP F 145 -22.82 6.56 38.47
C ASP F 145 -21.50 6.71 39.24
N TRP F 146 -20.68 7.68 38.83
CA TRP F 146 -19.42 7.95 39.53
C TRP F 146 -19.13 9.45 39.64
N SER F 147 -18.90 9.90 40.87
CA SER F 147 -18.55 11.30 41.11
C SER F 147 -17.04 11.51 41.04
N VAL F 148 -16.63 12.65 40.49
CA VAL F 148 -15.21 12.99 40.36
C VAL F 148 -14.55 13.15 41.73
N GLU F 149 -15.23 13.84 42.63
CA GLU F 149 -14.70 14.15 43.95
C GLU F 149 -14.41 12.89 44.76
N GLU F 150 -15.33 11.92 44.69
CA GLU F 150 -15.19 10.68 45.46
C GLU F 150 -14.05 9.82 44.92
N LEU F 151 -13.74 9.96 43.64
CA LEU F 151 -12.68 9.18 43.02
C LEU F 151 -11.31 9.63 43.54
N ILE F 152 -10.46 8.66 43.86
CA ILE F 152 -9.15 8.96 44.45
C ILE F 152 -8.00 8.32 43.68
N VAL F 153 -6.94 9.09 43.47
CA VAL F 153 -5.72 8.59 42.83
C VAL F 153 -4.47 9.13 43.52
N PHE G 2 -58.82 29.41 24.21
CA PHE G 2 -57.64 29.04 25.00
C PHE G 2 -57.75 27.62 25.53
N ILE G 3 -56.63 26.91 25.55
CA ILE G 3 -56.54 25.57 26.11
C ILE G 3 -55.11 25.29 26.55
N LEU G 4 -54.92 24.27 27.38
CA LEU G 4 -53.59 23.94 27.90
C LEU G 4 -53.05 22.66 27.31
N SER G 5 -52.03 22.77 26.47
CA SER G 5 -51.35 21.61 25.90
C SER G 5 -50.33 21.02 26.87
N LYS G 6 -50.05 19.73 26.72
CA LYS G 6 -49.00 19.08 27.48
C LYS G 6 -47.95 18.49 26.55
N ILE G 7 -46.74 19.02 26.59
CA ILE G 7 -45.67 18.62 25.68
C ILE G 7 -44.34 18.39 26.39
N ALA G 8 -43.41 17.77 25.67
CA ALA G 8 -42.06 17.55 26.17
C ALA G 8 -41.06 18.20 25.22
N ASP G 9 -39.81 18.35 25.68
CA ASP G 9 -38.80 19.08 24.91
C ASP G 9 -37.43 19.01 25.59
N LEU G 10 -36.38 19.33 24.84
CA LEU G 10 -35.03 19.34 25.38
C LEU G 10 -34.46 20.76 25.33
N VAL G 11 -33.85 21.19 26.43
CA VAL G 11 -33.37 22.56 26.56
C VAL G 11 -31.86 22.63 26.73
N ARG G 12 -31.21 23.50 25.96
CA ARG G 12 -29.78 23.73 26.08
C ARG G 12 -29.50 25.08 26.75
N ILE G 13 -28.97 25.04 27.97
CA ILE G 13 -28.63 26.26 28.69
C ILE G 13 -27.12 26.47 28.72
N PRO G 14 -26.66 27.65 28.26
CA PRO G 14 -25.23 27.96 28.19
C PRO G 14 -24.59 28.09 29.58
N PRO G 15 -23.26 28.27 29.64
CA PRO G 15 -22.59 28.48 30.92
C PRO G 15 -22.90 29.85 31.54
N ASP G 16 -23.40 30.77 30.74
CA ASP G 16 -23.66 32.13 31.20
C ASP G 16 -24.81 32.19 32.21
N GLN G 17 -25.72 31.22 32.13
CA GLN G 17 -26.89 31.20 33.00
C GLN G 17 -26.67 30.36 34.26
N PHE G 18 -25.44 29.86 34.43
CA PHE G 18 -25.12 29.01 35.57
C PHE G 18 -25.19 29.77 36.89
N HIS G 19 -25.03 31.09 36.84
CA HIS G 19 -25.03 31.90 38.06
C HIS G 19 -26.43 32.01 38.66
N ARG G 20 -27.45 31.89 37.80
CA ARG G 20 -28.84 31.93 38.26
C ARG G 20 -29.37 30.54 38.57
N ASP G 21 -30.67 30.45 38.79
CA ASP G 21 -31.32 29.20 39.15
C ASP G 21 -31.86 28.48 37.91
N THR G 22 -31.81 27.16 37.94
CA THR G 22 -32.27 26.31 36.83
C THR G 22 -33.65 26.71 36.30
N ILE G 23 -34.66 26.62 37.16
CA ILE G 23 -36.04 26.92 36.78
C ILE G 23 -36.20 28.29 36.11
N SER G 24 -35.36 29.24 36.51
CA SER G 24 -35.38 30.57 35.91
C SER G 24 -34.68 30.56 34.54
N ALA G 25 -33.66 29.71 34.41
CA ALA G 25 -32.92 29.60 33.16
C ALA G 25 -33.72 28.88 32.09
N ILE G 26 -34.35 27.77 32.48
CA ILE G 26 -35.18 26.98 31.57
C ILE G 26 -36.38 27.81 31.09
N THR G 27 -36.91 28.62 31.98
CA THR G 27 -38.04 29.51 31.67
C THR G 27 -37.75 30.39 30.45
N HIS G 28 -36.74 31.25 30.58
CA HIS G 28 -36.34 32.16 29.51
C HIS G 28 -36.08 31.42 28.20
N GLN G 29 -35.43 30.27 28.29
CA GLN G 29 -35.11 29.47 27.10
C GLN G 29 -36.38 28.98 26.41
N LEU G 30 -37.33 28.45 27.18
CA LEU G 30 -38.59 27.97 26.64
C LEU G 30 -39.39 29.12 26.03
N ASN G 31 -39.21 30.31 26.56
CA ASN G 31 -39.88 31.50 26.02
C ASN G 31 -39.32 31.87 24.66
N ASN G 32 -38.03 31.63 24.45
CA ASN G 32 -37.39 31.91 23.17
C ASN G 32 -37.69 30.81 22.16
N LYS G 33 -38.21 29.68 22.64
CA LYS G 33 -38.54 28.56 21.78
C LYS G 33 -39.84 28.79 21.02
N PHE G 34 -40.95 28.91 21.74
CA PHE G 34 -42.25 29.01 21.10
C PHE G 34 -42.76 30.44 21.05
N ALA G 35 -43.23 30.95 22.19
CA ALA G 35 -43.80 32.30 22.27
C ALA G 35 -44.88 32.52 21.22
N ASN G 36 -44.64 33.45 20.31
CA ASN G 36 -45.60 33.78 19.26
C ASN G 36 -45.62 32.76 18.11
N LYS G 37 -44.61 31.89 18.06
CA LYS G 37 -44.50 30.91 16.99
C LYS G 37 -45.64 29.90 17.01
N ILE G 38 -45.97 29.35 15.85
CA ILE G 38 -47.06 28.40 15.72
C ILE G 38 -46.58 26.96 15.93
N ILE G 39 -47.29 26.22 16.77
CA ILE G 39 -46.98 24.81 17.01
C ILE G 39 -47.93 23.94 16.20
N PRO G 40 -47.37 23.01 15.40
CA PRO G 40 -48.13 22.17 14.47
C PRO G 40 -49.27 21.38 15.11
N ASN G 41 -50.45 21.48 14.51
CA ASN G 41 -51.63 20.66 14.80
C ASN G 41 -52.22 20.80 16.20
N VAL G 42 -51.51 21.47 17.10
CA VAL G 42 -52.03 21.67 18.45
C VAL G 42 -52.66 23.06 18.59
N GLY G 43 -52.55 23.86 17.54
CA GLY G 43 -53.05 25.23 17.57
C GLY G 43 -51.95 26.22 17.84
N LEU G 44 -52.32 27.48 18.06
CA LEU G 44 -51.35 28.54 18.31
C LEU G 44 -51.09 28.72 19.80
N CYS G 45 -49.83 28.88 20.17
CA CYS G 45 -49.44 28.99 21.57
C CYS G 45 -49.20 30.44 21.99
N ILE G 46 -49.52 30.75 23.24
CA ILE G 46 -49.35 32.10 23.76
C ILE G 46 -48.21 32.20 24.76
N THR G 47 -48.36 31.55 25.90
CA THR G 47 -47.36 31.65 26.98
C THR G 47 -47.05 30.30 27.61
N ILE G 48 -46.21 30.32 28.64
CA ILE G 48 -45.79 29.11 29.35
C ILE G 48 -46.37 29.13 30.78
N TYR G 49 -46.68 27.95 31.31
CA TYR G 49 -47.35 27.85 32.60
C TYR G 49 -46.47 27.25 33.69
N ASP G 50 -46.22 25.94 33.62
CA ASP G 50 -45.51 25.24 34.68
C ASP G 50 -44.40 24.32 34.15
N LEU G 51 -43.56 23.84 35.07
CA LEU G 51 -42.44 22.96 34.73
C LEU G 51 -42.46 21.68 35.57
N LEU G 52 -42.38 20.53 34.91
CA LEU G 52 -42.42 19.25 35.60
C LEU G 52 -41.40 18.24 35.05
N THR G 53 -41.23 17.15 35.79
CA THR G 53 -40.47 15.94 35.39
C THR G 53 -38.97 16.17 35.22
N VAL G 54 -38.52 17.41 35.36
CA VAL G 54 -37.12 17.77 35.13
C VAL G 54 -36.14 16.89 35.90
N GLU G 55 -35.14 16.38 35.20
CA GLU G 55 -34.14 15.50 35.79
C GLU G 55 -32.72 15.96 35.47
N GLU G 56 -31.74 15.15 35.86
CA GLU G 56 -30.34 15.46 35.62
C GLU G 56 -30.03 15.61 34.13
N GLY G 57 -29.39 16.72 33.77
CA GLY G 57 -29.03 16.97 32.39
C GLY G 57 -27.70 16.35 32.01
N GLN G 58 -27.55 16.00 30.75
CA GLN G 58 -26.32 15.37 30.27
C GLN G 58 -25.38 16.39 29.63
N LEU G 59 -24.21 15.92 29.21
CA LEU G 59 -23.21 16.77 28.57
C LEU G 59 -22.52 16.04 27.43
N LYS G 60 -22.48 16.67 26.26
CA LYS G 60 -21.77 16.09 25.12
C LYS G 60 -20.31 16.55 25.12
N PRO G 61 -19.39 15.66 24.72
CA PRO G 61 -17.94 15.85 24.78
C PRO G 61 -17.41 17.16 24.21
N GLY G 62 -17.94 17.60 23.08
CA GLY G 62 -17.37 18.72 22.35
C GLY G 62 -18.01 20.08 22.53
N ASP G 63 -18.73 20.28 23.62
CA ASP G 63 -19.41 21.55 23.84
C ASP G 63 -19.10 22.17 25.20
N GLY G 64 -19.61 21.55 26.26
CA GLY G 64 -19.43 22.09 27.60
C GLY G 64 -20.70 22.74 28.14
N SER G 65 -21.76 22.71 27.35
CA SER G 65 -23.04 23.29 27.75
C SER G 65 -23.84 22.30 28.60
N SER G 66 -25.11 22.63 28.85
CA SER G 66 -25.98 21.76 29.64
C SER G 66 -27.26 21.43 28.88
N TYR G 67 -27.45 20.15 28.58
CA TYR G 67 -28.63 19.69 27.85
C TYR G 67 -29.62 18.99 28.79
N ILE G 68 -30.78 19.59 28.97
CA ILE G 68 -31.79 19.03 29.86
C ILE G 68 -33.09 18.74 29.11
N ASN G 69 -33.62 17.53 29.28
CA ASN G 69 -34.87 17.14 28.66
C ASN G 69 -36.04 17.16 29.65
N VAL G 70 -36.96 18.10 29.45
CA VAL G 70 -38.08 18.29 30.38
C VAL G 70 -39.42 18.30 29.66
N THR G 71 -40.49 18.13 30.42
CA THR G 71 -41.84 18.31 29.88
C THR G 71 -42.51 19.48 30.59
N PHE G 72 -43.42 20.15 29.89
CA PHE G 72 -44.12 21.29 30.47
C PHE G 72 -45.44 21.53 29.77
N ARG G 73 -46.32 22.27 30.42
CA ARG G 73 -47.63 22.58 29.87
C ARG G 73 -47.71 24.03 29.43
N ALA G 74 -47.81 24.24 28.12
CA ALA G 74 -47.86 25.57 27.56
C ALA G 74 -49.30 25.96 27.20
N VAL G 75 -49.64 27.23 27.42
CA VAL G 75 -50.97 27.72 27.10
C VAL G 75 -51.10 28.01 25.62
N VAL G 76 -52.03 27.34 24.95
CA VAL G 76 -52.24 27.52 23.53
C VAL G 76 -53.62 28.12 23.26
N PHE G 77 -53.95 28.29 21.99
CA PHE G 77 -55.19 28.98 21.62
C PHE G 77 -56.02 28.28 20.55
N LYS G 78 -57.25 27.94 20.94
CA LYS G 78 -58.35 27.58 20.04
C LYS G 78 -59.56 27.31 20.91
N PRO G 79 -60.70 27.95 20.60
CA PRO G 79 -61.84 27.79 21.50
C PRO G 79 -62.51 26.41 21.47
N PHE G 80 -62.99 26.04 20.27
CA PHE G 80 -63.49 24.71 19.91
C PHE G 80 -64.13 24.88 18.53
N LEU G 81 -64.64 23.79 17.96
CA LEU G 81 -65.20 23.79 16.62
C LEU G 81 -66.21 24.93 16.34
N GLY G 82 -67.20 25.09 17.21
CA GLY G 82 -68.31 25.99 16.93
C GLY G 82 -68.46 27.28 17.73
N GLU G 83 -67.42 27.70 18.43
CA GLU G 83 -67.54 28.86 19.33
C GLU G 83 -67.66 30.20 18.61
N ILE G 84 -68.47 31.10 19.18
CA ILE G 84 -68.58 32.48 18.72
C ILE G 84 -67.71 33.37 19.60
N VAL G 85 -66.93 34.25 18.97
CA VAL G 85 -66.02 35.13 19.71
C VAL G 85 -65.94 36.52 19.08
N THR G 86 -65.79 37.54 19.91
CA THR G 86 -65.77 38.93 19.47
C THR G 86 -64.59 39.24 18.55
N GLY G 87 -64.80 40.18 17.62
CA GLY G 87 -63.76 40.64 16.71
C GLY G 87 -64.27 41.74 15.82
N TRP G 88 -63.51 42.07 14.77
CA TRP G 88 -63.98 43.02 13.76
C TRP G 88 -63.22 42.85 12.44
N ILE G 89 -63.79 43.36 11.35
CA ILE G 89 -63.19 43.20 10.04
C ILE G 89 -61.97 44.12 9.90
N SER G 90 -61.20 43.96 8.82
CA SER G 90 -60.05 44.83 8.56
C SER G 90 -60.00 45.30 7.10
N LYS G 91 -59.73 44.35 6.21
CA LYS G 91 -59.59 44.61 4.78
C LYS G 91 -60.74 43.92 4.05
N CYS G 92 -60.77 44.03 2.72
CA CYS G 92 -61.83 43.41 1.93
C CYS G 92 -61.64 43.54 0.42
N THR G 93 -62.32 42.65 -0.30
CA THR G 93 -62.39 42.58 -1.76
C THR G 93 -63.71 41.87 -2.01
N ALA G 94 -63.97 41.40 -3.23
CA ALA G 94 -65.13 40.53 -3.33
C ALA G 94 -64.68 39.08 -3.20
N GLU G 95 -64.79 38.58 -1.98
CA GLU G 95 -64.80 37.16 -1.66
C GLU G 95 -65.82 36.97 -0.56
N GLY G 96 -65.47 37.56 0.58
CA GLY G 96 -66.30 37.64 1.78
C GLY G 96 -65.55 38.54 2.73
N ILE G 97 -66.12 38.83 3.90
CA ILE G 97 -65.47 39.73 4.84
C ILE G 97 -64.36 39.02 5.60
N LYS G 98 -63.31 39.76 5.96
CA LYS G 98 -62.20 39.19 6.73
C LYS G 98 -62.13 39.79 8.12
N VAL G 99 -62.52 39.02 9.13
CA VAL G 99 -62.62 39.55 10.49
C VAL G 99 -61.34 39.31 11.29
N SER G 100 -60.83 40.37 11.90
CA SER G 100 -59.60 40.28 12.67
C SER G 100 -59.86 40.51 14.16
N LEU G 101 -59.40 39.57 14.99
CA LEU G 101 -59.52 39.73 16.42
C LEU G 101 -58.24 40.40 16.93
N LEU G 102 -58.37 41.63 17.39
CA LEU G 102 -57.22 42.36 17.92
C LEU G 102 -56.74 41.66 19.18
N GLY G 103 -55.44 41.35 19.22
CA GLY G 103 -54.88 40.64 20.34
C GLY G 103 -54.44 39.21 20.07
N ILE G 104 -54.85 38.64 18.94
CA ILE G 104 -54.35 37.32 18.58
C ILE G 104 -53.83 37.25 17.13
N PHE G 105 -54.72 37.29 16.14
CA PHE G 105 -54.31 37.36 14.74
C PHE G 105 -55.41 37.88 13.83
N ASP G 106 -55.04 38.28 12.62
CA ASP G 106 -56.00 38.70 11.60
C ASP G 106 -56.39 37.53 10.70
N ASP G 107 -55.88 36.34 11.04
CA ASP G 107 -56.00 35.17 10.19
C ASP G 107 -57.45 34.76 9.88
N ILE G 108 -58.37 35.08 10.77
CA ILE G 108 -59.77 34.70 10.58
C ILE G 108 -60.37 35.38 9.35
N PHE G 109 -60.91 34.58 8.45
CA PHE G 109 -61.57 35.11 7.26
C PHE G 109 -62.83 34.32 6.94
N ILE G 110 -63.95 35.02 6.80
CA ILE G 110 -65.20 34.36 6.43
C ILE G 110 -65.69 34.80 5.05
N PRO G 111 -65.54 33.93 4.05
CA PRO G 111 -66.08 34.22 2.72
C PRO G 111 -67.59 34.17 2.74
N GLN G 112 -68.27 34.78 1.77
CA GLN G 112 -69.73 34.72 1.81
C GLN G 112 -70.23 33.56 0.98
N ASN G 113 -70.68 32.52 1.69
CA ASN G 113 -71.35 31.37 1.12
C ASN G 113 -72.57 31.04 1.96
N MET G 114 -72.30 30.67 3.22
CA MET G 114 -73.34 30.31 4.16
C MET G 114 -73.97 31.54 4.82
N LEU G 115 -73.48 32.72 4.45
CA LEU G 115 -73.96 33.96 5.07
C LEU G 115 -75.39 34.25 4.59
N PHE G 116 -75.96 35.34 5.07
CA PHE G 116 -77.35 35.68 4.77
C PHE G 116 -77.61 35.77 3.25
N GLU G 117 -78.80 35.38 2.84
CA GLU G 117 -79.11 35.17 1.43
C GLU G 117 -78.96 36.41 0.55
N GLY G 118 -79.04 37.60 1.16
CA GLY G 118 -79.04 38.83 0.40
C GLY G 118 -77.75 39.63 0.38
N CYS G 119 -76.63 38.98 0.67
CA CYS G 119 -75.35 39.67 0.76
C CYS G 119 -74.58 39.67 -0.57
N TYR G 120 -74.08 40.84 -0.97
CA TYR G 120 -73.26 40.95 -2.18
C TYR G 120 -72.25 42.09 -2.10
N TYR G 121 -71.07 41.88 -2.68
CA TYR G 121 -70.05 42.91 -2.78
C TYR G 121 -70.26 43.80 -4.00
N THR G 122 -69.89 45.07 -3.88
CA THR G 122 -69.96 45.99 -5.01
C THR G 122 -68.61 46.65 -5.29
N PRO G 123 -68.25 46.81 -6.57
CA PRO G 123 -67.07 47.53 -7.02
C PRO G 123 -67.17 49.03 -6.75
N GLU G 124 -68.40 49.46 -6.43
CA GLU G 124 -68.72 50.87 -6.21
C GLU G 124 -68.02 51.46 -4.98
N GLU G 125 -67.27 50.61 -4.26
CA GLU G 125 -66.51 50.93 -3.05
C GLU G 125 -67.43 50.80 -1.82
N SER G 126 -68.71 50.59 -2.07
CA SER G 126 -69.63 50.23 -0.99
C SER G 126 -69.38 48.77 -0.63
N ALA G 127 -69.04 48.52 0.64
CA ALA G 127 -68.59 47.20 1.08
C ALA G 127 -69.60 46.09 0.82
N TRP G 128 -70.69 46.08 1.56
CA TRP G 128 -71.69 45.02 1.46
C TRP G 128 -73.10 45.57 1.66
N ILE G 129 -74.10 44.80 1.24
CA ILE G 129 -75.49 45.22 1.36
C ILE G 129 -76.39 44.03 1.74
N TRP G 130 -77.31 44.27 2.67
CA TRP G 130 -78.32 43.27 3.02
C TRP G 130 -79.70 43.79 2.60
N PRO G 131 -80.64 42.87 2.30
CA PRO G 131 -81.98 43.29 1.86
C PRO G 131 -82.78 43.96 2.96
N LYS G 137 -80.57 42.90 7.13
CA LYS G 137 -80.91 44.31 6.99
C LYS G 137 -79.66 45.18 7.08
N LEU G 138 -79.69 46.31 6.37
CA LEU G 138 -78.61 47.30 6.33
C LEU G 138 -77.24 46.67 6.07
N TYR G 139 -76.21 47.18 6.74
CA TYR G 139 -74.84 46.71 6.59
C TYR G 139 -73.89 47.45 7.53
N PHE G 140 -72.63 47.01 7.56
CA PHE G 140 -71.61 47.66 8.38
C PHE G 140 -70.25 47.64 7.70
N ASP G 141 -69.24 48.16 8.40
CA ASP G 141 -67.90 48.30 7.84
C ASP G 141 -66.84 48.20 8.94
N VAL G 142 -65.62 48.57 8.60
CA VAL G 142 -64.47 48.46 9.50
C VAL G 142 -64.61 49.36 10.73
N ASN G 143 -63.83 49.06 11.76
CA ASN G 143 -63.77 49.79 13.03
C ASN G 143 -64.97 49.48 13.92
N GLU G 144 -65.90 48.67 13.42
CA GLU G 144 -67.06 48.25 14.19
C GLU G 144 -66.97 46.76 14.56
N LYS G 145 -67.25 46.45 15.82
CA LYS G 145 -67.09 45.11 16.36
C LYS G 145 -67.98 44.07 15.67
N ILE G 146 -67.47 42.85 15.54
CA ILE G 146 -68.16 41.78 14.84
C ILE G 146 -68.09 40.46 15.60
N ARG G 147 -69.24 39.84 15.82
CA ARG G 147 -69.28 38.50 16.41
C ARG G 147 -69.24 37.45 15.31
N PHE G 148 -68.24 36.58 15.35
CA PHE G 148 -68.10 35.54 14.33
C PHE G 148 -68.00 34.14 14.93
N ARG G 149 -68.62 33.17 14.26
CA ARG G 149 -68.63 31.79 14.73
C ARG G 149 -67.62 30.96 13.94
N ILE G 150 -66.98 30.01 14.62
CA ILE G 150 -66.00 29.14 13.98
C ILE G 150 -66.67 27.93 13.35
N GLU G 151 -66.20 27.53 12.17
CA GLU G 151 -66.72 26.34 11.50
C GLU G 151 -65.59 25.42 11.03
N ARG G 152 -64.81 25.90 10.06
CA ARG G 152 -63.77 25.08 9.43
C ARG G 152 -62.37 25.51 9.85
N GLU G 153 -61.47 24.53 9.96
CA GLU G 153 -60.08 24.78 10.31
C GLU G 153 -59.14 23.98 9.42
N VAL G 154 -58.07 24.60 8.95
CA VAL G 154 -57.12 23.94 8.05
C VAL G 154 -55.66 24.13 8.49
N PHE G 155 -54.83 23.13 8.20
CA PHE G 155 -53.41 23.15 8.53
C PHE G 155 -52.54 22.84 7.32
N VAL G 156 -51.48 23.62 7.13
CA VAL G 156 -50.53 23.39 6.05
C VAL G 156 -49.08 23.50 6.53
N ASP G 157 -48.14 23.07 5.69
CA ASP G 157 -46.72 23.18 6.01
C ASP G 157 -46.18 24.55 5.61
N VAL G 158 -44.86 24.71 5.68
CA VAL G 158 -44.23 26.00 5.41
C VAL G 158 -43.15 25.91 4.34
N LYS G 159 -43.02 26.95 3.53
CA LYS G 159 -41.98 27.04 2.52
C LYS G 159 -40.66 27.50 3.14
N PRO G 160 -39.53 27.20 2.49
CA PRO G 160 -38.23 27.64 3.02
C PRO G 160 -38.12 29.15 3.14
N LYS G 161 -37.46 29.62 4.19
CA LYS G 161 -37.35 31.05 4.46
C LYS G 161 -36.38 31.74 3.50
N SER G 162 -36.79 32.89 2.98
CA SER G 162 -35.96 33.66 2.06
C SER G 162 -35.59 35.01 2.67
N PRO G 163 -34.29 35.22 2.94
CA PRO G 163 -33.79 36.48 3.51
C PRO G 163 -33.78 37.60 2.49
N LYS G 164 -33.96 38.84 2.96
CA LYS G 164 -33.96 40.00 2.07
C LYS G 164 -32.55 40.33 1.60
N GLU G 189 -49.73 33.77 -2.72
CA GLU G 189 -48.70 33.85 -1.68
C GLU G 189 -48.73 32.61 -0.80
N LYS G 190 -49.94 32.14 -0.50
CA LYS G 190 -50.15 30.94 0.31
C LYS G 190 -49.46 30.97 1.68
N PRO G 191 -49.83 31.94 2.55
CA PRO G 191 -49.42 31.86 3.96
C PRO G 191 -50.48 31.35 4.93
N PRO G 192 -51.00 30.11 4.78
CA PRO G 192 -52.02 29.72 5.75
C PRO G 192 -51.45 28.90 6.91
N ALA G 193 -50.53 29.49 7.68
CA ALA G 193 -49.92 28.77 8.81
C ALA G 193 -50.99 28.33 9.79
N TYR G 194 -51.76 29.29 10.28
CA TYR G 194 -52.93 29.00 11.11
C TYR G 194 -54.12 29.81 10.60
N ALA G 195 -55.15 29.12 10.13
CA ALA G 195 -56.28 29.81 9.52
C ALA G 195 -57.62 29.21 9.94
N LEU G 196 -58.54 30.07 10.37
CA LEU G 196 -59.87 29.65 10.78
C LEU G 196 -60.95 30.41 10.01
N LEU G 197 -62.04 29.71 9.69
CA LEU G 197 -63.18 30.33 9.01
C LEU G 197 -64.49 29.80 9.61
N GLY G 198 -65.59 30.48 9.32
CA GLY G 198 -66.85 30.12 9.93
C GLY G 198 -68.12 30.49 9.16
N SER G 199 -69.26 30.20 9.77
CA SER G 199 -70.56 30.45 9.16
C SER G 199 -71.48 31.22 10.11
N CYS G 200 -71.82 32.45 9.72
CA CYS G 200 -72.54 33.39 10.59
C CYS G 200 -74.05 33.45 10.42
N GLN G 201 -74.62 32.58 9.59
CA GLN G 201 -76.03 32.70 9.15
C GLN G 201 -77.06 32.87 10.27
N THR G 202 -76.78 32.33 11.45
CA THR G 202 -77.70 32.48 12.57
C THR G 202 -77.81 33.94 12.98
N ASP G 203 -79.04 34.38 13.20
CA ASP G 203 -79.35 35.80 13.40
C ASP G 203 -78.64 36.43 14.60
N GLY G 204 -78.33 37.71 14.48
CA GLY G 204 -77.74 38.47 15.57
C GLY G 204 -76.22 38.49 15.58
N MET G 205 -75.61 38.26 14.42
CA MET G 205 -74.16 38.23 14.34
C MET G 205 -73.60 39.33 13.46
N GLY G 206 -72.42 39.83 13.84
CA GLY G 206 -71.70 40.82 13.06
C GLY G 206 -71.79 42.24 13.59
N LEU G 207 -72.84 42.53 14.34
CA LEU G 207 -72.97 43.86 14.96
C LEU G 207 -73.67 43.74 16.31
N VAL G 208 -73.11 44.37 17.33
CA VAL G 208 -73.63 44.23 18.69
C VAL G 208 -74.65 45.32 19.07
N SER G 209 -74.79 46.33 18.25
CA SER G 209 -75.70 47.44 18.54
C SER G 209 -77.08 47.23 17.92
N TRP G 210 -77.24 46.14 17.19
CA TRP G 210 -78.55 45.75 16.67
C TRP G 210 -79.47 45.41 17.83
N TRP G 211 -78.87 44.86 18.88
CA TRP G 211 -79.60 44.52 20.09
C TRP G 211 -79.68 45.73 21.02
N GLU G 212 -80.13 45.51 22.24
CA GLU G 212 -80.24 46.56 23.26
C GLU G 212 -81.11 47.72 22.79
N MET H 1 40.23 9.13 73.88
CA MET H 1 39.12 8.41 74.53
C MET H 1 38.30 7.62 73.50
N SER H 2 37.02 7.95 73.41
CA SER H 2 36.11 7.26 72.50
C SER H 2 36.36 7.62 71.03
N ASN H 3 37.23 8.59 70.80
CA ASN H 3 37.55 9.05 69.45
C ASN H 3 38.11 7.92 68.59
N THR H 4 39.01 7.13 69.17
CA THR H 4 39.60 6.00 68.46
C THR H 4 38.74 4.75 68.60
N LEU H 5 38.64 3.98 67.50
CA LEU H 5 37.81 2.78 67.50
C LEU H 5 38.67 1.53 67.33
N PHE H 6 39.22 1.35 66.12
CA PHE H 6 40.06 0.21 65.81
C PHE H 6 41.43 0.65 65.33
N ASP H 7 42.48 0.22 66.03
CA ASP H 7 43.85 0.60 65.69
C ASP H 7 44.76 -0.62 65.61
N ASP H 8 45.75 -0.55 64.72
CA ASP H 8 46.69 -1.63 64.50
C ASP H 8 47.76 -1.21 63.48
N ILE H 9 48.85 -1.97 63.43
CA ILE H 9 49.93 -1.69 62.48
C ILE H 9 49.91 -2.69 61.33
N PHE H 10 49.75 -2.18 60.11
CA PHE H 10 49.64 -3.04 58.94
C PHE H 10 50.83 -2.90 58.00
N GLN H 11 51.18 -3.99 57.32
CA GLN H 11 52.24 -3.98 56.33
C GLN H 11 51.68 -4.29 54.95
N VAL H 12 52.35 -3.80 53.91
CA VAL H 12 51.85 -3.99 52.55
C VAL H 12 52.34 -5.32 51.98
N SER H 13 51.88 -5.67 50.79
CA SER H 13 52.31 -6.89 50.11
C SER H 13 52.69 -6.59 48.66
N GLU H 14 51.70 -6.25 47.86
CA GLU H 14 51.92 -5.91 46.46
C GLU H 14 51.24 -4.60 46.08
N VAL H 15 51.73 -3.95 45.02
CA VAL H 15 51.13 -2.74 44.50
C VAL H 15 50.93 -2.85 42.99
N ASP H 16 49.68 -2.80 42.54
CA ASP H 16 49.37 -2.98 41.12
C ASP H 16 48.35 -1.99 40.61
N PRO H 17 48.80 -0.79 40.21
CA PRO H 17 47.93 0.24 39.62
C PRO H 17 47.55 -0.07 38.19
N GLY H 18 46.78 -1.14 37.98
CA GLY H 18 46.38 -1.56 36.65
C GLY H 18 45.46 -0.58 35.96
N ARG H 19 45.86 -0.15 34.76
CA ARG H 19 45.05 0.73 33.89
C ARG H 19 44.80 2.13 34.45
N TYR H 20 45.24 2.35 35.69
CA TYR H 20 45.10 3.66 36.33
C TYR H 20 46.46 4.23 36.67
N ASN H 21 46.54 5.55 36.81
CA ASN H 21 47.81 6.21 37.06
C ASN H 21 47.97 6.72 38.50
N LYS H 22 47.13 7.67 38.89
CA LYS H 22 47.24 8.26 40.22
C LYS H 22 46.35 7.54 41.23
N VAL H 23 45.67 6.49 40.78
CA VAL H 23 44.83 5.68 41.66
C VAL H 23 45.24 4.22 41.59
N CYS H 24 45.46 3.61 42.75
CA CYS H 24 45.87 2.20 42.79
C CYS H 24 45.08 1.40 43.81
N ARG H 25 45.36 0.10 43.87
CA ARG H 25 44.74 -0.79 44.85
C ARG H 25 45.82 -1.43 45.72
N ILE H 26 45.83 -1.08 47.00
CA ILE H 26 46.84 -1.59 47.92
C ILE H 26 46.31 -2.79 48.72
N GLU H 27 46.94 -3.94 48.52
CA GLU H 27 46.60 -5.14 49.28
C GLU H 27 47.62 -5.31 50.40
N ALA H 28 47.16 -5.22 51.64
CA ALA H 28 48.07 -5.21 52.79
C ALA H 28 47.91 -6.45 53.66
N ALA H 29 48.68 -6.48 54.74
CA ALA H 29 48.64 -7.57 55.71
C ALA H 29 48.71 -7.00 57.12
N SER H 30 48.81 -7.88 58.12
CA SER H 30 48.81 -7.42 59.50
C SER H 30 49.75 -8.21 60.40
N THR H 31 50.39 -7.50 61.34
CA THR H 31 51.22 -8.13 62.35
C THR H 31 50.36 -8.54 63.54
N THR H 32 51.00 -8.95 64.63
CA THR H 32 50.30 -9.41 65.83
C THR H 32 49.33 -10.53 65.47
N GLN H 33 48.04 -10.29 65.66
CA GLN H 33 47.02 -11.25 65.24
C GLN H 33 47.03 -11.38 63.72
N ASP H 34 47.14 -12.61 63.24
CA ASP H 34 47.27 -12.87 61.80
C ASP H 34 45.92 -13.09 61.12
N GLN H 35 44.86 -13.18 61.92
CA GLN H 35 43.53 -13.45 61.38
C GLN H 35 42.94 -12.26 60.65
N CYS H 36 43.49 -11.07 60.92
CA CYS H 36 42.96 -9.85 60.32
C CYS H 36 43.70 -9.45 59.04
N LYS H 37 42.94 -9.23 57.97
CA LYS H 37 43.50 -8.79 56.70
C LYS H 37 42.89 -7.47 56.27
N LEU H 38 43.34 -6.93 55.14
CA LEU H 38 42.83 -5.66 54.63
C LEU H 38 42.92 -5.56 53.11
N THR H 39 41.94 -4.87 52.52
CA THR H 39 41.96 -4.54 51.10
C THR H 39 41.56 -3.08 50.93
N LEU H 40 42.45 -2.28 50.35
CA LEU H 40 42.24 -0.83 50.28
C LEU H 40 42.56 -0.25 48.90
N ASP H 41 41.83 0.79 48.54
CA ASP H 41 42.13 1.56 47.34
C ASP H 41 42.58 2.96 47.73
N ILE H 42 43.86 3.26 47.53
CA ILE H 42 44.42 4.53 47.97
C ILE H 42 45.16 5.24 46.84
N ASN H 43 45.42 6.54 47.02
CA ASN H 43 46.11 7.34 46.03
C ASN H 43 47.63 7.20 46.12
N VAL H 44 48.29 7.26 44.97
CA VAL H 44 49.74 7.15 44.90
C VAL H 44 50.38 8.54 44.75
N GLU H 45 50.03 9.26 43.68
CA GLU H 45 50.54 10.60 43.44
C GLU H 45 50.33 11.53 44.65
N LEU H 46 49.25 11.29 45.41
CA LEU H 46 48.92 12.15 46.54
C LEU H 46 49.44 11.60 47.87
N PHE H 47 50.16 10.48 47.83
CA PHE H 47 50.71 9.84 49.03
C PHE H 47 51.56 8.62 48.66
N PRO H 48 52.75 8.52 49.26
CA PRO H 48 53.72 7.48 48.89
C PRO H 48 53.39 6.10 49.42
N VAL H 49 53.88 5.06 48.73
CA VAL H 49 53.66 3.67 49.09
C VAL H 49 54.43 2.78 48.12
N ALA H 50 54.65 1.53 48.51
CA ALA H 50 55.42 0.58 47.70
C ALA H 50 55.22 -0.85 48.19
N ALA H 51 55.95 -1.78 47.60
CA ALA H 51 55.87 -3.18 47.99
C ALA H 51 56.54 -3.41 49.34
N GLN H 52 55.79 -4.03 50.25
CA GLN H 52 56.28 -4.37 51.60
C GLN H 52 56.76 -3.14 52.37
N ASP H 53 55.85 -2.23 52.67
CA ASP H 53 56.16 -1.06 53.49
C ASP H 53 55.56 -1.22 54.89
N SER H 54 55.76 -0.20 55.73
CA SER H 54 55.21 -0.22 57.08
C SER H 54 54.30 0.99 57.31
N LEU H 55 53.02 0.73 57.53
CA LEU H 55 52.04 1.79 57.72
C LEU H 55 51.24 1.59 59.00
N THR H 56 50.60 2.67 59.46
CA THR H 56 49.73 2.60 60.63
C THR H 56 48.28 2.85 60.24
N VAL H 57 47.45 1.82 60.33
CA VAL H 57 46.06 1.91 59.91
C VAL H 57 45.11 1.98 61.11
N THR H 58 44.23 2.99 61.10
CA THR H 58 43.28 3.20 62.18
C THR H 58 41.98 3.78 61.63
N ILE H 59 40.86 3.34 62.19
CA ILE H 59 39.57 3.96 61.88
C ILE H 59 39.01 4.64 63.12
N ALA H 60 38.70 5.93 63.00
CA ALA H 60 38.31 6.73 64.15
C ALA H 60 37.16 7.67 63.83
N SER H 61 36.59 8.27 64.88
CA SER H 61 35.52 9.24 64.73
C SER H 61 35.74 10.42 65.66
N SER H 62 34.98 11.50 65.45
CA SER H 62 35.02 12.66 66.33
C SER H 62 36.40 13.31 66.41
N LEU H 63 36.81 13.98 65.33
CA LEU H 63 38.09 14.69 65.29
C LEU H 63 38.11 15.87 66.27
N ASN H 64 36.97 16.15 66.88
CA ASN H 64 36.80 17.24 67.83
C ASN H 64 37.61 17.08 69.12
N LEU H 65 38.30 15.95 69.25
CA LEU H 65 38.99 15.57 70.49
C LEU H 65 37.98 15.46 71.62
N GLU H 66 38.10 16.31 72.64
CA GLU H 66 37.22 16.20 73.80
C GLU H 66 35.95 17.03 73.62
N ASP H 67 34.83 16.32 73.48
CA ASP H 67 33.50 16.92 73.30
C ASP H 67 33.50 18.07 72.29
N SER H 74 26.42 25.86 63.66
CA SER H 74 25.42 26.85 63.27
C SER H 74 24.42 26.26 62.27
N ALA H 75 24.65 25.01 61.90
CA ALA H 75 23.80 24.29 60.95
C ALA H 75 23.62 25.06 59.64
N THR H 76 24.75 25.44 59.04
CA THR H 76 24.73 26.18 57.78
C THR H 76 24.47 25.25 56.59
N ARG H 77 24.44 23.94 56.86
CA ARG H 77 24.16 22.90 55.87
C ARG H 77 25.27 22.78 54.82
N SER H 78 26.25 23.68 54.88
CA SER H 78 27.44 23.58 54.03
C SER H 78 28.63 23.22 54.90
N TRP H 79 29.44 22.28 54.43
CA TRP H 79 30.57 21.79 55.23
C TRP H 79 31.57 22.89 55.55
N ARG H 80 31.85 23.05 56.84
CA ARG H 80 32.77 24.09 57.31
C ARG H 80 34.13 23.51 57.68
N PRO H 81 35.20 24.06 57.12
CA PRO H 81 36.56 23.63 57.44
C PRO H 81 36.91 23.89 58.91
N PRO H 82 37.85 23.12 59.47
CA PRO H 82 38.22 23.25 60.88
C PRO H 82 38.92 24.58 61.18
N GLN H 83 38.20 25.68 61.00
CA GLN H 83 38.72 27.03 61.25
C GLN H 83 40.04 27.30 60.54
N ALA H 84 40.94 27.99 61.25
CA ALA H 84 42.23 28.37 60.69
C ALA H 84 43.26 27.25 60.78
N GLY H 85 43.28 26.52 61.89
CA GLY H 85 44.38 25.62 62.17
C GLY H 85 44.43 25.09 63.59
N ASP H 86 45.67 24.79 64.03
CA ASP H 86 45.98 24.29 65.37
C ASP H 86 45.41 22.91 65.69
N ARG H 87 44.79 22.79 66.86
CA ARG H 87 44.55 21.48 67.46
C ARG H 87 43.31 20.75 66.96
N SER H 88 43.55 19.57 66.39
CA SER H 88 42.51 18.66 65.96
C SER H 88 43.11 17.25 65.87
N LEU H 89 42.25 16.24 65.79
CA LEU H 89 42.74 14.87 65.62
C LEU H 89 43.40 14.73 64.25
N ALA H 90 44.24 13.71 64.12
CA ALA H 90 44.95 13.36 62.87
C ALA H 90 46.13 14.30 62.59
N ASP H 91 46.35 15.28 63.47
CA ASP H 91 47.50 16.17 63.37
C ASP H 91 48.81 15.39 63.30
N ASP H 92 48.86 14.24 63.97
CA ASP H 92 50.04 13.40 63.98
C ASP H 92 50.10 12.51 62.74
N TYR H 93 48.97 12.39 62.05
CA TYR H 93 48.85 11.45 60.94
C TYR H 93 48.88 12.14 59.58
N ASP H 94 49.42 11.44 58.59
CA ASP H 94 49.55 12.00 57.25
C ASP H 94 48.28 11.87 56.42
N TYR H 95 47.97 10.65 55.99
CA TYR H 95 46.82 10.46 55.10
C TYR H 95 45.58 10.02 55.85
N VAL H 96 44.48 10.72 55.63
CA VAL H 96 43.21 10.40 56.26
C VAL H 96 42.06 10.45 55.26
N MET H 97 40.93 9.84 55.62
CA MET H 97 39.81 9.70 54.69
C MET H 97 38.44 9.80 55.38
N TYR H 98 37.49 10.44 54.70
CA TYR H 98 36.09 10.36 55.10
C TYR H 98 35.54 9.01 54.67
N GLY H 99 34.49 8.53 55.34
CA GLY H 99 34.00 7.19 55.06
C GLY H 99 32.56 6.89 55.38
N THR H 100 32.20 5.62 55.27
CA THR H 100 30.85 5.13 55.47
C THR H 100 30.80 3.61 55.36
N ALA H 101 29.73 3.00 55.86
CA ALA H 101 29.57 1.55 55.81
C ALA H 101 28.24 1.17 55.18
N TYR H 102 28.29 0.56 54.01
CA TYR H 102 27.08 0.26 53.25
C TYR H 102 26.57 -1.18 53.42
N LYS H 103 27.30 -2.00 54.18
CA LYS H 103 26.98 -3.42 54.27
C LYS H 103 27.89 -4.14 55.28
N PHE H 104 27.42 -5.31 55.72
CA PHE H 104 28.20 -6.20 56.59
C PHE H 104 27.86 -7.65 56.30
N GLU H 105 28.86 -8.52 56.31
CA GLU H 105 28.64 -9.94 56.13
C GLU H 105 29.78 -10.76 56.73
N GLU H 106 29.53 -12.03 56.99
CA GLU H 106 30.52 -12.89 57.60
C GLU H 106 31.23 -13.77 56.58
N VAL H 107 32.53 -14.00 56.79
CA VAL H 107 33.29 -14.90 55.95
C VAL H 107 33.42 -16.25 56.64
N SER H 108 32.80 -17.27 56.05
CA SER H 108 32.75 -18.61 56.64
C SER H 108 32.21 -18.54 58.07
N LYS H 109 33.02 -18.94 59.04
CA LYS H 109 32.62 -18.90 60.44
C LYS H 109 33.60 -18.06 61.27
N ASP H 110 33.05 -17.32 62.24
CA ASP H 110 33.84 -16.55 63.22
C ASP H 110 34.58 -15.36 62.62
N LEU H 111 34.51 -15.19 61.30
CA LEU H 111 35.16 -14.06 60.64
C LEU H 111 34.14 -13.05 60.16
N ILE H 112 34.42 -11.76 60.40
CA ILE H 112 33.51 -10.69 60.01
C ILE H 112 34.14 -9.79 58.96
N ALA H 113 33.40 -9.51 57.89
CA ALA H 113 33.89 -8.66 56.81
C ALA H 113 33.23 -7.29 56.85
N VAL H 114 34.04 -6.24 56.84
CA VAL H 114 33.54 -4.88 56.87
C VAL H 114 33.84 -4.16 55.56
N TYR H 115 32.83 -3.49 55.00
CA TYR H 115 32.98 -2.84 53.70
C TYR H 115 32.88 -1.33 53.80
N TYR H 116 33.94 -0.64 53.38
CA TYR H 116 33.96 0.82 53.36
C TYR H 116 34.11 1.34 51.94
N SER H 117 33.45 2.47 51.66
CA SER H 117 33.54 3.09 50.35
C SER H 117 33.91 4.57 50.48
N PHE H 118 35.09 4.94 50.01
CA PHE H 118 35.55 6.32 50.10
C PHE H 118 35.56 6.99 48.73
N GLY H 119 34.61 7.88 48.49
CA GLY H 119 34.54 8.64 47.25
C GLY H 119 34.62 7.79 45.99
N GLY H 120 34.13 6.56 46.08
CA GLY H 120 34.21 5.63 44.95
C GLY H 120 35.25 4.55 45.15
N LEU H 121 36.14 4.76 46.12
CA LEU H 121 37.17 3.77 46.44
C LEU H 121 36.67 2.79 47.49
N LEU H 122 36.78 1.50 47.21
CA LEU H 122 36.26 0.46 48.08
C LEU H 122 37.32 -0.03 49.07
N MET H 123 36.90 -0.31 50.29
CA MET H 123 37.80 -0.80 51.33
C MET H 123 37.20 -1.98 52.08
N ARG H 124 37.98 -3.06 52.20
CA ARG H 124 37.53 -4.24 52.91
C ARG H 124 38.60 -4.76 53.87
N LEU H 125 38.20 -4.99 55.12
CA LEU H 125 39.08 -5.60 56.09
C LEU H 125 38.34 -6.64 56.93
N GLU H 126 39.09 -7.56 57.52
CA GLU H 126 38.52 -8.61 58.34
C GLU H 126 39.26 -8.73 59.66
N GLY H 127 38.71 -9.51 60.59
CA GLY H 127 39.33 -9.76 61.86
C GLY H 127 38.54 -10.82 62.61
N ASN H 128 39.07 -11.32 63.71
CA ASN H 128 38.33 -12.29 64.52
C ASN H 128 37.00 -11.71 64.97
N TYR H 129 37.03 -10.79 65.92
CA TYR H 129 35.88 -9.91 66.14
C TYR H 129 36.33 -8.46 66.40
N ARG H 130 36.02 -7.58 65.46
CA ARG H 130 36.17 -6.15 65.67
C ARG H 130 34.81 -5.53 65.98
N ASN H 131 33.80 -6.40 66.05
CA ASN H 131 32.39 -6.02 66.14
C ASN H 131 32.01 -5.00 67.20
N LEU H 132 32.71 -5.02 68.33
CA LEU H 132 32.31 -4.20 69.48
C LEU H 132 32.30 -2.70 69.20
N ASN H 133 33.37 -2.20 68.58
CA ASN H 133 33.45 -0.77 68.28
C ASN H 133 32.94 -0.39 66.89
N ASN H 134 32.62 -1.39 66.08
CA ASN H 134 32.21 -1.14 64.70
C ASN H 134 30.69 -1.08 64.53
N LEU H 135 30.23 -0.09 63.76
CA LEU H 135 28.81 0.14 63.56
C LEU H 135 28.47 0.36 62.09
N LYS H 136 27.17 0.37 61.80
CA LYS H 136 26.67 0.64 60.46
C LYS H 136 26.45 2.14 60.29
N GLN H 137 26.93 2.90 61.27
CA GLN H 137 26.73 4.35 61.34
C GLN H 137 27.17 5.05 60.07
N GLU H 138 26.47 6.15 59.76
CA GLU H 138 26.56 6.84 58.47
C GLU H 138 27.98 7.16 58.00
N ASN H 139 28.89 7.43 58.94
CA ASN H 139 30.26 7.77 58.54
C ASN H 139 31.34 7.31 59.50
N ALA H 140 32.59 7.56 59.11
CA ALA H 140 33.78 7.23 59.89
C ALA H 140 34.98 7.95 59.31
N TYR H 141 36.15 7.78 59.93
CA TYR H 141 37.35 8.44 59.44
C TYR H 141 38.55 7.50 59.44
N LEU H 142 39.13 7.30 58.27
CA LEU H 142 40.33 6.48 58.14
C LEU H 142 41.55 7.26 58.61
N LEU H 143 42.46 6.57 59.31
CA LEU H 143 43.64 7.21 59.88
C LEU H 143 44.90 6.46 59.46
N ILE H 144 45.75 7.11 58.66
CA ILE H 144 46.93 6.45 58.10
C ILE H 144 48.18 7.33 58.13
N ARG H 145 49.26 6.78 58.66
CA ARG H 145 50.56 7.46 58.62
C ARG H 145 51.70 6.44 58.60
N ARG H 146 52.89 6.89 58.21
CA ARG H 146 54.06 6.03 58.19
C ARG H 146 54.93 6.25 59.42
N MET I 1 14.84 -51.28 -27.43
CA MET I 1 16.04 -52.08 -27.46
C MET I 1 17.14 -51.37 -28.26
N LEU I 2 16.72 -50.40 -29.06
CA LEU I 2 17.64 -49.58 -29.85
C LEU I 2 18.50 -50.41 -30.79
N SER I 3 17.86 -50.98 -31.81
CA SER I 3 18.57 -51.75 -32.82
C SER I 3 18.52 -51.03 -34.16
N PHE I 4 19.16 -51.61 -35.17
CA PHE I 4 19.17 -51.02 -36.50
C PHE I 4 19.26 -52.07 -37.61
N CYS I 5 18.61 -51.76 -38.73
CA CYS I 5 18.65 -52.58 -39.93
C CYS I 5 19.70 -52.06 -40.90
N PRO I 6 20.54 -52.94 -41.46
CA PRO I 6 21.55 -52.51 -42.42
C PRO I 6 20.94 -51.85 -43.67
N SER I 7 21.77 -51.46 -44.63
CA SER I 7 21.32 -50.61 -45.74
C SER I 7 20.76 -49.30 -45.17
N CYS I 8 19.44 -49.12 -45.30
CA CYS I 8 18.76 -47.88 -44.90
C CYS I 8 19.18 -47.35 -43.52
N ASN I 9 19.42 -48.26 -42.58
CA ASN I 9 19.94 -47.92 -41.26
C ASN I 9 19.06 -46.94 -40.47
N ASN I 10 17.79 -47.29 -40.30
CA ASN I 10 16.91 -46.44 -39.52
C ASN I 10 16.62 -46.99 -38.12
N MET I 11 15.70 -47.96 -38.03
CA MET I 11 15.33 -48.52 -36.73
C MET I 11 14.66 -49.88 -36.87
N LEU I 12 14.63 -50.63 -35.78
CA LEU I 12 13.95 -51.92 -35.74
C LEU I 12 12.87 -51.93 -34.66
N LEU I 13 11.64 -52.26 -35.05
CA LEU I 13 10.53 -52.31 -34.11
C LEU I 13 9.81 -53.65 -34.17
N ILE I 14 9.39 -54.14 -33.00
CA ILE I 14 8.71 -55.43 -32.91
C ILE I 14 7.32 -55.38 -33.55
N THR I 15 7.06 -56.31 -34.46
CA THR I 15 5.75 -56.43 -35.07
C THR I 15 5.18 -57.84 -34.84
N SER I 16 3.88 -57.93 -34.63
CA SER I 16 3.26 -59.21 -34.34
C SER I 16 3.08 -60.02 -35.62
N GLY I 17 3.69 -61.20 -35.64
CA GLY I 17 3.57 -62.10 -36.78
C GLY I 17 2.33 -62.95 -36.67
N ASP I 18 1.87 -63.47 -37.81
CA ASP I 18 0.64 -64.25 -37.85
C ASP I 18 0.82 -65.64 -37.25
N SER I 19 -0.17 -66.06 -36.47
CA SER I 19 -0.23 -67.40 -35.87
C SER I 19 0.96 -67.75 -34.98
N GLY I 20 1.07 -67.08 -33.84
CA GLY I 20 1.99 -67.49 -32.79
C GLY I 20 3.39 -66.93 -32.82
N VAL I 21 3.83 -66.46 -33.99
CA VAL I 21 5.20 -65.98 -34.13
C VAL I 21 5.32 -64.49 -33.83
N TYR I 22 6.38 -64.12 -33.12
CA TYR I 22 6.69 -62.71 -32.86
C TYR I 22 7.94 -62.31 -33.61
N THR I 23 7.86 -61.21 -34.36
CA THR I 23 8.97 -60.79 -35.19
C THR I 23 9.21 -59.28 -35.15
N LEU I 24 10.15 -58.81 -35.97
CA LEU I 24 10.42 -57.39 -36.07
C LEU I 24 10.99 -57.05 -37.45
N ALA I 25 10.77 -55.83 -37.90
CA ALA I 25 11.26 -55.38 -39.19
C ALA I 25 11.41 -53.86 -39.22
N CYS I 26 12.27 -53.38 -40.12
CA CYS I 26 12.47 -51.94 -40.29
C CYS I 26 11.30 -51.35 -41.06
N ARG I 27 10.91 -50.13 -40.70
CA ARG I 27 9.70 -49.52 -41.24
C ARG I 27 9.86 -49.11 -42.70
N SER I 28 8.83 -49.41 -43.49
CA SER I 28 8.73 -49.02 -44.90
C SER I 28 9.85 -49.54 -45.78
N CYS I 29 10.51 -50.62 -45.34
CA CYS I 29 11.49 -51.30 -46.16
C CYS I 29 11.49 -52.79 -45.86
N PRO I 30 11.81 -53.62 -46.87
CA PRO I 30 11.85 -55.08 -46.68
C PRO I 30 12.97 -55.54 -45.73
N TYR I 31 12.62 -56.40 -44.78
CA TYR I 31 13.56 -56.97 -43.82
C TYR I 31 12.84 -57.95 -42.90
N GLU I 32 13.59 -58.82 -42.24
CA GLU I 32 12.99 -59.79 -41.32
C GLU I 32 13.93 -60.21 -40.19
N PHE I 33 13.34 -60.60 -39.07
CA PHE I 33 14.05 -60.86 -37.83
C PHE I 33 12.97 -61.53 -36.96
N PRO I 34 13.22 -61.81 -35.66
CA PRO I 34 14.30 -61.79 -34.68
C PRO I 34 15.22 -63.02 -34.65
N ILE I 35 16.42 -62.81 -34.13
CA ILE I 35 17.18 -63.87 -33.48
C ILE I 35 16.89 -63.63 -32.00
N GLU I 36 17.50 -64.39 -31.09
CA GLU I 36 17.25 -64.15 -29.67
C GLU I 36 17.67 -62.74 -29.27
N GLY I 37 16.74 -61.97 -28.74
CA GLY I 37 17.01 -60.61 -28.32
C GLY I 37 17.44 -60.52 -26.87
N ILE I 38 18.32 -59.57 -26.58
CA ILE I 38 18.76 -59.32 -25.22
C ILE I 38 19.14 -57.85 -25.00
N GLU I 39 18.83 -57.31 -23.83
CA GLU I 39 19.32 -56.00 -23.43
C GLU I 39 19.48 -55.94 -21.91
N ILE I 40 20.53 -55.27 -21.46
CA ILE I 40 20.78 -55.13 -20.03
C ILE I 40 21.30 -53.73 -19.70
N TYR I 41 20.67 -53.09 -18.71
CA TYR I 41 21.10 -51.78 -18.26
C TYR I 41 21.10 -51.68 -16.74
N ASP I 42 22.17 -51.16 -16.18
CA ASP I 42 22.32 -51.05 -14.74
C ASP I 42 22.15 -49.61 -14.27
N ASN I 61 33.19 -60.45 19.27
CA ASN I 61 31.89 -60.29 19.92
C ASN I 61 31.85 -60.99 21.26
N VAL I 62 31.59 -60.22 22.32
CA VAL I 62 31.62 -60.76 23.68
C VAL I 62 30.38 -61.57 24.04
N ASP I 63 29.20 -61.04 23.72
CA ASP I 63 27.94 -61.65 24.12
C ASP I 63 27.72 -63.02 23.48
N GLN I 64 27.17 -63.96 24.26
CA GLN I 64 26.91 -65.30 23.77
C GLN I 64 25.72 -65.93 24.51
N THR I 65 24.97 -66.77 23.80
CA THR I 65 23.83 -67.48 24.41
C THR I 65 23.75 -68.93 23.91
N LYS I 66 22.93 -69.72 24.57
CA LYS I 66 22.75 -71.12 24.20
C LYS I 66 21.39 -71.38 23.56
N THR I 67 21.41 -71.71 22.27
CA THR I 67 20.19 -72.03 21.53
C THR I 67 20.50 -72.90 20.32
N GLN I 68 19.48 -73.58 19.80
CA GLN I 68 19.64 -74.42 18.63
C GLN I 68 19.70 -73.58 17.35
N CYS I 69 20.70 -73.84 16.51
CA CYS I 69 20.88 -73.08 15.28
C CYS I 69 20.10 -73.71 14.13
N PRO I 70 19.15 -72.95 13.55
CA PRO I 70 18.33 -73.43 12.43
C PRO I 70 19.15 -73.60 11.15
N ASN I 71 20.26 -72.88 11.04
CA ASN I 71 21.12 -72.99 9.87
C ASN I 71 21.84 -74.33 9.84
N TYR I 72 21.66 -75.07 8.74
CA TYR I 72 22.20 -76.41 8.65
C TYR I 72 22.85 -76.70 7.30
N ASP I 73 24.14 -77.02 7.32
CA ASP I 73 24.75 -77.70 6.18
C ASP I 73 25.27 -79.05 6.68
N THR I 74 26.43 -79.05 7.31
CA THR I 74 26.80 -80.09 8.25
C THR I 74 26.74 -79.56 9.69
N CYS I 75 26.47 -78.26 9.81
CA CYS I 75 26.80 -77.51 11.02
C CYS I 75 26.16 -78.00 12.32
N GLY I 76 24.86 -77.76 12.48
CA GLY I 76 24.18 -78.01 13.74
C GLY I 76 24.87 -77.37 14.92
N GLY I 77 25.16 -76.08 14.82
CA GLY I 77 25.94 -75.38 15.82
C GLY I 77 25.21 -75.04 17.10
N GLU I 78 25.90 -75.17 18.23
CA GLU I 78 25.33 -74.87 19.54
C GLU I 78 25.37 -73.38 19.91
N SER I 79 26.49 -72.73 19.62
CA SER I 79 26.71 -71.36 20.07
C SER I 79 25.99 -70.32 19.23
N ALA I 80 25.67 -69.18 19.83
CA ALA I 80 24.95 -68.11 19.14
C ALA I 80 25.18 -66.75 19.80
N TYR I 81 24.84 -65.69 19.08
CA TYR I 81 24.94 -64.32 19.60
C TYR I 81 23.56 -63.70 19.72
N PHE I 82 23.41 -62.71 20.60
CA PHE I 82 22.15 -62.00 20.73
C PHE I 82 22.34 -60.54 21.16
N PHE I 83 21.30 -59.74 20.96
CA PHE I 83 21.31 -58.33 21.33
C PHE I 83 19.89 -57.91 21.74
N GLN I 84 19.78 -56.92 22.62
CA GLN I 84 18.48 -56.54 23.16
C GLN I 84 18.11 -55.07 22.94
N LEU I 85 16.95 -54.85 22.34
CA LEU I 85 16.37 -53.51 22.20
C LEU I 85 14.85 -53.56 22.14
N GLN I 86 14.21 -52.52 22.64
CA GLN I 86 12.75 -52.44 22.63
C GLN I 86 12.24 -51.88 21.31
N ILE I 87 11.23 -52.54 20.75
CA ILE I 87 10.69 -52.14 19.45
C ILE I 87 9.17 -52.01 19.51
N ARG I 88 8.60 -51.36 18.50
CA ARG I 88 7.15 -51.15 18.38
C ARG I 88 6.56 -50.44 19.60
N SER I 89 5.41 -50.91 20.05
CA SER I 89 4.71 -50.29 21.17
C SER I 89 5.41 -50.57 22.50
N ALA I 90 5.13 -49.75 23.49
CA ALA I 90 5.70 -49.92 24.82
C ALA I 90 5.24 -51.22 25.46
N ASP I 91 3.96 -51.55 25.26
CA ASP I 91 3.39 -52.78 25.78
C ASP I 91 3.79 -53.97 24.91
N GLU I 92 4.16 -53.70 23.66
CA GLU I 92 4.60 -54.73 22.74
C GLU I 92 5.91 -55.35 23.24
N PRO I 93 5.98 -56.69 23.24
CA PRO I 93 7.12 -57.42 23.82
C PRO I 93 8.45 -57.18 23.10
N MET I 94 9.49 -57.84 23.59
CA MET I 94 10.84 -57.65 23.08
C MET I 94 11.14 -58.50 21.85
N THR I 95 11.76 -57.89 20.84
CA THR I 95 12.21 -58.63 19.66
C THR I 95 13.71 -58.90 19.75
N THR I 96 14.08 -60.17 19.65
CA THR I 96 15.48 -60.56 19.79
C THR I 96 16.11 -60.93 18.44
N PHE I 97 17.39 -60.61 18.29
CA PHE I 97 18.13 -60.93 17.06
C PHE I 97 19.22 -61.95 17.38
N TYR I 98 19.32 -62.99 16.56
CA TYR I 98 20.32 -64.03 16.78
C TYR I 98 21.38 -64.07 15.69
N LYS I 99 22.60 -64.37 16.09
CA LYS I 99 23.73 -64.49 15.16
C LYS I 99 24.52 -65.75 15.47
N CYS I 100 25.00 -66.42 14.44
CA CYS I 100 25.73 -67.69 14.60
C CYS I 100 27.23 -67.50 14.51
N VAL I 101 27.98 -68.27 15.28
CA VAL I 101 29.43 -68.20 15.27
C VAL I 101 30.03 -68.68 13.95
N ASN I 102 29.67 -69.90 13.56
CA ASN I 102 30.23 -70.53 12.36
C ASN I 102 29.98 -69.73 11.08
N CYS I 103 28.72 -69.67 10.65
CA CYS I 103 28.36 -69.05 9.38
C CYS I 103 28.30 -67.53 9.47
N GLY I 104 27.93 -67.00 10.63
CA GLY I 104 27.78 -65.57 10.80
C GLY I 104 26.48 -65.06 10.21
N HIS I 105 25.43 -65.86 10.36
CA HIS I 105 24.12 -65.52 9.81
C HIS I 105 23.27 -64.70 10.77
N ARG I 106 22.73 -63.59 10.27
CA ARG I 106 21.81 -62.76 11.05
C ARG I 106 20.42 -63.37 11.06
N TRP I 107 19.72 -63.23 12.19
CA TRP I 107 18.39 -63.82 12.34
C TRP I 107 17.50 -62.93 13.19
N LYS I 108 16.21 -62.85 12.83
CA LYS I 108 15.29 -61.95 13.52
C LYS I 108 13.93 -62.61 13.82
N GLU I 109 13.56 -62.63 15.09
CA GLU I 109 12.22 -63.05 15.50
C GLU I 109 11.85 -62.36 16.82
N ASN I 110 10.58 -62.04 16.99
CA ASN I 110 10.11 -61.39 18.22
C ASN I 110 10.00 -62.38 19.37
N MET J 1 38.75 33.30 -7.42
CA MET J 1 38.94 34.52 -8.19
C MET J 1 40.13 35.33 -7.68
N ILE J 2 39.85 36.53 -7.19
CA ILE J 2 40.89 37.41 -6.67
C ILE J 2 41.24 37.03 -5.23
N VAL J 3 42.53 37.05 -4.92
CA VAL J 3 43.03 36.67 -3.60
C VAL J 3 42.38 37.47 -2.48
N PRO J 4 41.83 36.76 -1.47
CA PRO J 4 41.21 37.38 -0.29
C PRO J 4 42.16 38.34 0.43
N VAL J 5 41.62 39.45 0.90
CA VAL J 5 42.43 40.48 1.56
C VAL J 5 42.95 40.00 2.92
N ARG J 6 42.20 39.10 3.55
CA ARG J 6 42.62 38.56 4.85
C ARG J 6 42.50 37.04 4.89
N CYS J 7 43.29 36.42 5.77
CA CYS J 7 43.17 35.00 6.02
C CYS J 7 42.02 34.74 6.99
N PHE J 8 41.34 33.61 6.80
CA PHE J 8 40.14 33.31 7.58
C PHE J 8 40.43 33.07 9.05
N SER J 9 41.41 32.22 9.32
CA SER J 9 41.75 31.84 10.70
C SER J 9 42.54 32.92 11.43
N CYS J 10 43.56 33.47 10.77
CA CYS J 10 44.43 34.46 11.40
C CYS J 10 43.85 35.87 11.32
N GLY J 11 43.70 36.38 10.10
CA GLY J 11 43.20 37.73 9.89
C GLY J 11 44.27 38.72 9.48
N LYS J 12 45.46 38.22 9.17
CA LYS J 12 46.53 39.06 8.63
C LYS J 12 46.12 39.59 7.26
N VAL J 13 46.51 40.83 6.96
CA VAL J 13 46.10 41.47 5.72
C VAL J 13 47.11 41.30 4.60
N VAL J 14 46.76 40.51 3.58
CA VAL J 14 47.56 40.49 2.37
C VAL J 14 46.79 40.97 1.15
N GLY J 15 47.07 42.20 0.72
CA GLY J 15 46.75 42.61 -0.64
C GLY J 15 48.04 42.79 -1.42
N ASP J 16 49.14 42.80 -0.68
CA ASP J 16 50.46 43.13 -1.24
C ASP J 16 51.16 41.95 -1.88
N LYS J 17 51.06 40.79 -1.24
CA LYS J 17 52.03 39.73 -1.44
C LYS J 17 51.68 38.71 -2.53
N TRP J 18 50.56 38.89 -3.23
CA TRP J 18 50.27 38.02 -4.35
C TRP J 18 51.09 38.41 -5.58
N GLU J 19 51.13 39.71 -5.86
CA GLU J 19 51.89 40.22 -7.01
C GLU J 19 53.39 40.07 -6.78
N SER J 20 53.80 40.20 -5.52
CA SER J 20 55.21 40.06 -5.16
C SER J 20 55.63 38.60 -5.21
N TYR J 21 54.67 37.70 -5.01
CA TYR J 21 54.95 36.26 -5.02
C TYR J 21 55.21 35.77 -6.45
N LEU J 22 54.31 36.13 -7.37
CA LEU J 22 54.46 35.72 -8.76
C LEU J 22 55.66 36.39 -9.41
N ASN J 23 55.99 37.59 -8.95
CA ASN J 23 57.17 38.30 -9.44
C ASN J 23 58.44 37.59 -8.97
N LEU J 24 58.37 36.98 -7.80
CA LEU J 24 59.49 36.25 -7.24
C LEU J 24 59.62 34.89 -7.92
N LEU J 25 58.53 34.41 -8.52
CA LEU J 25 58.53 33.13 -9.21
C LEU J 25 59.00 33.27 -10.66
N GLN J 26 58.24 34.02 -11.45
CA GLN J 26 58.58 34.26 -12.86
C GLN J 26 60.02 34.73 -13.01
N GLU J 27 60.32 35.91 -12.46
CA GLU J 27 61.68 36.41 -12.44
C GLU J 27 62.41 35.84 -11.21
N ASP J 28 63.67 35.48 -11.39
CA ASP J 28 64.50 34.94 -10.31
C ASP J 28 63.89 33.69 -9.69
N GLU J 29 63.92 32.58 -10.43
CA GLU J 29 63.39 31.30 -9.96
C GLU J 29 64.05 30.88 -8.66
N LEU J 30 63.30 30.15 -7.83
CA LEU J 30 63.73 29.82 -6.48
C LEU J 30 62.72 28.89 -5.82
N ASP J 31 63.14 28.24 -4.73
CA ASP J 31 62.30 27.25 -4.04
C ASP J 31 61.01 27.87 -3.52
N GLU J 32 59.93 27.09 -3.59
CA GLU J 32 58.61 27.56 -3.18
C GLU J 32 58.49 27.66 -1.66
N GLY J 33 59.08 26.69 -0.97
CA GLY J 33 59.02 26.65 0.49
C GLY J 33 59.69 27.83 1.15
N THR J 34 60.85 28.21 0.62
CA THR J 34 61.59 29.35 1.14
C THR J 34 61.06 30.66 0.58
N ALA J 35 60.22 30.56 -0.44
CA ALA J 35 59.63 31.75 -1.05
C ALA J 35 58.59 32.37 -0.13
N LEU J 36 57.79 31.52 0.52
CA LEU J 36 56.76 31.99 1.44
C LEU J 36 57.35 32.41 2.77
N SER J 37 58.40 31.72 3.20
CA SER J 37 59.06 31.99 4.48
C SER J 37 59.55 33.42 4.61
N ARG J 38 60.52 33.80 3.78
CA ARG J 38 61.13 35.13 3.84
C ARG J 38 60.18 36.23 3.37
N LEU J 39 59.05 35.82 2.80
CA LEU J 39 58.05 36.76 2.29
C LEU J 39 57.24 37.37 3.43
N GLY J 40 57.46 36.86 4.65
CA GLY J 40 56.77 37.36 5.82
C GLY J 40 55.67 36.45 6.33
N LEU J 41 55.59 35.26 5.74
CA LEU J 41 54.61 34.26 6.17
C LEU J 41 55.29 33.11 6.90
N LYS J 42 55.04 32.99 8.20
CA LYS J 42 55.66 31.95 9.01
C LYS J 42 54.72 30.76 9.21
N ARG J 43 53.61 30.98 9.91
CA ARG J 43 52.65 29.91 10.16
C ARG J 43 51.83 29.60 8.91
N TYR J 44 51.29 28.39 8.85
CA TYR J 44 50.65 27.87 7.65
C TYR J 44 49.25 28.45 7.39
N CYS J 45 48.73 29.24 8.33
CA CYS J 45 47.40 29.81 8.19
C CYS J 45 47.33 30.78 7.02
N CYS J 46 48.32 31.65 6.92
CA CYS J 46 48.40 32.60 5.81
C CYS J 46 48.95 31.94 4.55
N ARG J 47 49.71 30.86 4.73
CA ARG J 47 50.34 30.17 3.62
C ARG J 47 49.34 29.43 2.73
N ARG J 48 48.34 28.82 3.35
CA ARG J 48 47.40 27.95 2.64
C ARG J 48 46.62 28.68 1.53
N MET J 49 46.58 30.00 1.61
CA MET J 49 45.92 30.80 0.59
C MET J 49 46.86 31.08 -0.58
N ILE J 50 47.95 31.80 -0.30
CA ILE J 50 48.94 32.16 -1.32
C ILE J 50 49.52 30.95 -2.04
N LEU J 51 49.56 29.82 -1.34
CA LEU J 51 50.16 28.59 -1.88
C LEU J 51 49.42 28.12 -3.14
N THR J 52 48.12 27.87 -3.02
CA THR J 52 47.36 27.36 -4.14
C THR J 52 46.74 28.47 -4.98
N HIS J 53 45.66 29.06 -4.46
CA HIS J 53 44.99 30.22 -5.07
C HIS J 53 44.82 30.13 -6.59
N VAL J 54 43.94 29.27 -7.06
CA VAL J 54 43.59 29.26 -8.48
C VAL J 54 42.98 30.60 -8.87
N ASP J 55 43.47 31.19 -9.96
CA ASP J 55 42.98 32.50 -10.39
C ASP J 55 42.06 32.37 -11.59
N LEU J 56 40.77 32.58 -11.35
CA LEU J 56 39.76 32.50 -12.40
C LEU J 56 39.63 33.80 -13.19
N ILE J 57 39.98 34.92 -12.57
CA ILE J 57 39.70 36.24 -13.13
C ILE J 57 40.44 36.50 -14.45
N GLU J 58 41.50 35.76 -14.71
CA GLU J 58 42.26 35.94 -15.95
C GLU J 58 41.52 35.30 -17.12
N LYS J 59 40.82 34.21 -16.85
CA LYS J 59 40.05 33.52 -17.88
C LYS J 59 38.72 34.22 -18.14
N PHE J 60 38.21 34.93 -17.13
CA PHE J 60 36.93 35.61 -17.24
C PHE J 60 37.03 36.90 -18.04
N LEU J 61 38.22 37.49 -18.07
CA LEU J 61 38.45 38.72 -18.82
C LEU J 61 38.59 38.43 -20.32
N ARG J 62 38.64 37.16 -20.67
CA ARG J 62 38.72 36.75 -22.07
C ARG J 62 37.44 37.10 -22.81
N TYR J 63 36.31 36.93 -22.13
CA TYR J 63 35.00 37.26 -22.69
C TYR J 63 34.55 38.60 -22.14
N ASN J 64 34.13 39.50 -23.03
CA ASN J 64 33.95 40.90 -22.68
C ASN J 64 33.39 41.73 -23.83
N PRO J 65 33.11 43.03 -23.59
CA PRO J 65 32.82 44.00 -24.65
C PRO J 65 33.96 44.15 -25.66
N LEU J 66 33.84 45.14 -26.54
CA LEU J 66 34.62 45.23 -27.78
C LEU J 66 36.10 44.85 -27.65
N GLU J 67 36.85 45.63 -26.88
CA GLU J 67 38.27 45.37 -26.64
C GLU J 67 39.13 45.51 -27.91
N PRO K 42 19.65 57.55 38.21
CA PRO K 42 20.34 56.30 37.89
C PRO K 42 19.51 55.41 36.95
N ASP K 43 19.75 55.52 35.66
CA ASP K 43 19.06 54.69 34.69
C ASP K 43 19.52 53.26 34.89
N ARG K 44 18.59 52.31 34.87
CA ARG K 44 18.98 50.93 35.10
C ARG K 44 18.67 49.98 33.95
N GLU K 45 19.73 49.39 33.41
CA GLU K 45 19.66 48.18 32.62
C GLU K 45 20.78 47.34 33.19
N LYS K 46 20.65 46.95 34.46
CA LYS K 46 21.74 46.35 35.19
C LYS K 46 21.31 45.26 36.16
N ILE K 47 22.25 44.38 36.47
CA ILE K 47 22.05 43.30 37.43
C ILE K 47 20.77 43.48 38.25
N LYS K 48 19.97 42.41 38.30
CA LYS K 48 18.70 42.43 39.04
C LYS K 48 18.60 41.21 39.95
N LEU K 49 18.29 41.46 41.22
CA LEU K 49 18.19 40.40 42.21
C LEU K 49 16.96 39.54 41.98
N LEU K 50 17.17 38.23 41.91
CA LEU K 50 16.07 37.28 41.72
C LEU K 50 15.36 37.02 43.04
N THR K 51 14.03 37.08 43.02
CA THR K 51 13.23 36.97 44.22
C THR K 51 13.14 35.54 44.75
N GLN K 52 12.54 34.65 43.97
CA GLN K 52 12.30 33.27 44.40
C GLN K 52 13.59 32.47 44.56
N ALA K 53 14.71 33.02 44.12
CA ALA K 53 16.00 32.35 44.19
C ALA K 53 16.55 32.33 45.61
N THR K 54 16.44 33.45 46.31
CA THR K 54 16.96 33.56 47.68
C THR K 54 16.17 32.71 48.66
N SER K 55 16.77 32.39 49.79
CA SER K 55 16.15 31.53 50.79
C SER K 55 15.76 32.30 52.05
N GLU K 56 16.77 32.75 52.80
CA GLU K 56 16.56 33.46 54.05
C GLU K 56 16.18 34.91 53.79
N ASP K 57 16.28 35.30 52.51
CA ASP K 57 16.19 36.66 51.95
C ASP K 57 17.53 37.36 52.08
N GLY K 58 18.41 36.79 52.89
CA GLY K 58 19.80 37.20 52.96
C GLY K 58 20.65 36.10 52.38
N THR K 59 21.93 36.10 52.71
CA THR K 59 22.84 35.00 52.36
C THR K 59 22.83 34.70 50.86
N SER K 60 22.39 33.51 50.49
CA SER K 60 22.40 33.06 49.10
C SER K 60 21.42 33.86 48.24
N ALA K 61 21.92 34.39 47.14
CA ALA K 61 21.09 35.11 46.18
C ALA K 61 21.63 34.97 44.77
N SER K 62 20.74 34.90 43.79
CA SER K 62 21.13 34.77 42.39
C SER K 62 20.85 36.05 41.64
N PHE K 63 21.84 36.51 40.86
CA PHE K 63 21.70 37.74 40.09
C PHE K 63 21.80 37.47 38.59
N GLN K 64 21.05 38.23 37.81
CA GLN K 64 21.14 38.13 36.35
C GLN K 64 21.72 39.42 35.77
N ILE K 65 22.63 39.27 34.81
CA ILE K 65 23.29 40.43 34.22
C ILE K 65 22.98 40.54 32.74
N VAL K 66 22.66 41.76 32.29
CA VAL K 66 22.33 42.00 30.89
C VAL K 66 23.51 42.64 30.15
N GLU K 67 23.70 42.25 28.90
CA GLU K 67 24.75 42.78 28.03
C GLU K 67 26.14 42.54 28.63
N GLU K 68 26.38 41.32 29.08
CA GLU K 68 27.69 40.97 29.61
C GLU K 68 28.10 39.54 29.20
N ASP K 69 29.33 39.40 28.74
CA ASP K 69 29.84 38.10 28.31
C ASP K 69 30.78 37.50 29.36
N HIS K 70 31.38 36.35 29.02
CA HIS K 70 32.27 35.65 29.93
C HIS K 70 33.53 36.44 30.29
N THR K 71 33.80 37.52 29.55
CA THR K 71 35.00 38.32 29.75
C THR K 71 35.07 38.94 31.14
N LEU K 72 33.90 39.23 31.71
CA LEU K 72 33.84 39.87 33.03
C LEU K 72 33.59 38.85 34.14
N GLY K 73 32.43 38.18 34.08
CA GLY K 73 32.00 37.25 35.10
C GLY K 73 33.01 36.20 35.51
N ASN K 74 33.77 35.69 34.53
CA ASN K 74 34.80 34.70 34.82
C ASN K 74 35.94 35.29 35.66
N ALA K 75 36.33 36.51 35.32
CA ALA K 75 37.36 37.22 36.07
C ALA K 75 36.84 37.64 37.43
N LEU K 76 35.56 37.99 37.49
CA LEU K 76 34.91 38.40 38.72
C LEU K 76 34.77 37.21 39.67
N ARG K 77 34.61 36.03 39.10
CA ARG K 77 34.45 34.81 39.89
C ARG K 77 35.68 34.54 40.77
N TYR K 78 36.86 34.69 40.18
CA TYR K 78 38.11 34.47 40.90
C TYR K 78 38.25 35.42 42.08
N VAL K 79 37.75 36.64 41.92
CA VAL K 79 37.85 37.66 42.96
C VAL K 79 36.97 37.30 44.16
N ILE K 80 35.77 36.82 43.90
CA ILE K 80 34.84 36.45 44.96
C ILE K 80 35.22 35.09 45.57
N MET K 81 35.82 34.23 44.75
CA MET K 81 36.22 32.90 45.20
C MET K 81 37.32 32.97 46.27
N LYS K 82 38.22 33.94 46.12
CA LYS K 82 39.34 34.05 47.04
C LYS K 82 38.95 34.81 48.31
N ASN K 83 37.69 35.23 48.38
CA ASN K 83 37.16 35.81 49.61
C ASN K 83 36.85 34.67 50.59
N PRO K 84 37.54 34.68 51.74
CA PRO K 84 37.50 33.60 52.74
C PRO K 84 36.09 33.22 53.20
N ASP K 85 35.17 34.17 53.19
CA ASP K 85 33.83 33.93 53.70
C ASP K 85 32.89 33.42 52.61
N VAL K 86 33.33 33.46 51.35
CA VAL K 86 32.50 33.02 50.24
C VAL K 86 32.77 31.56 49.88
N GLU K 87 31.79 30.70 50.15
CA GLU K 87 31.92 29.27 49.88
C GLU K 87 31.64 28.92 48.42
N PHE K 88 30.57 29.49 47.88
CA PHE K 88 30.11 29.13 46.54
C PHE K 88 29.79 30.35 45.69
N CYS K 89 30.56 30.54 44.62
CA CYS K 89 30.23 31.56 43.64
C CYS K 89 30.27 30.99 42.22
N GLY K 90 29.11 30.89 41.58
CA GLY K 90 29.02 30.40 40.22
C GLY K 90 28.73 31.48 39.20
N TYR K 91 28.87 31.14 37.92
CA TYR K 91 28.42 31.99 36.84
C TYR K 91 28.10 31.14 35.62
N SER K 92 27.10 31.57 34.83
CA SER K 92 26.71 30.82 33.65
C SER K 92 25.82 31.63 32.71
N ILE K 93 25.48 31.03 31.58
CA ILE K 93 24.57 31.64 30.61
C ILE K 93 23.57 30.58 30.14
N PRO K 94 22.30 30.97 29.97
CA PRO K 94 21.28 30.04 29.46
C PRO K 94 21.63 29.49 28.09
N HIS K 95 22.04 30.38 27.18
CA HIS K 95 22.39 30.02 25.81
C HIS K 95 22.90 31.23 25.05
N PRO K 96 23.89 31.04 24.16
CA PRO K 96 24.51 32.14 23.41
C PRO K 96 23.55 32.86 22.47
N SER K 97 22.42 32.24 22.14
CA SER K 97 21.40 32.86 21.30
C SER K 97 20.94 34.19 21.88
N GLU K 98 20.28 34.12 23.03
CA GLU K 98 19.89 35.33 23.76
C GLU K 98 21.12 35.89 24.47
N ASN K 99 20.96 37.03 25.14
CA ASN K 99 22.09 37.62 25.85
C ASN K 99 21.75 37.94 27.31
N LEU K 100 22.37 37.19 28.22
CA LEU K 100 22.27 37.45 29.66
C LEU K 100 23.48 36.86 30.37
N LEU K 101 23.58 37.10 31.67
CA LEU K 101 24.59 36.45 32.50
C LEU K 101 24.00 36.08 33.85
N ASN K 102 24.09 34.80 34.21
CA ASN K 102 23.55 34.33 35.49
C ASN K 102 24.67 34.02 36.48
N ILE K 103 24.76 34.83 37.53
CA ILE K 103 25.80 34.66 38.55
C ILE K 103 25.17 34.22 39.87
N ARG K 104 25.81 33.24 40.52
CA ARG K 104 25.33 32.70 41.78
C ARG K 104 26.25 33.09 42.94
N ILE K 105 25.67 33.53 44.05
CA ILE K 105 26.44 33.88 45.23
C ILE K 105 25.91 33.16 46.46
N GLN K 106 26.74 32.30 47.05
CA GLN K 106 26.37 31.56 48.25
C GLN K 106 27.51 31.57 49.26
N THR K 107 27.19 31.90 50.51
CA THR K 107 28.20 32.03 51.54
C THR K 107 27.66 31.73 52.94
N TYR K 108 28.50 31.97 53.95
CA TYR K 108 28.10 31.81 55.34
C TYR K 108 27.36 33.04 55.84
N GLY K 109 27.14 33.11 57.15
CA GLY K 109 26.51 34.27 57.76
C GLY K 109 27.49 35.42 57.91
N GLU K 110 27.13 36.38 58.76
CA GLU K 110 27.98 37.53 59.10
C GLU K 110 28.09 38.53 57.95
N THR K 111 27.68 38.10 56.75
CA THR K 111 27.67 38.97 55.58
C THR K 111 26.44 38.68 54.72
N THR K 112 26.08 39.63 53.87
CA THR K 112 24.91 39.48 53.00
C THR K 112 25.40 39.17 51.58
N ALA K 113 24.46 38.93 50.67
CA ALA K 113 24.79 38.65 49.27
C ALA K 113 25.56 39.78 48.62
N VAL K 114 24.92 40.94 48.48
CA VAL K 114 25.49 42.07 47.77
C VAL K 114 26.77 42.61 48.41
N ASP K 115 26.88 42.45 49.74
CA ASP K 115 28.06 42.92 50.47
C ASP K 115 29.32 42.20 50.01
N ALA K 116 29.18 40.93 49.67
CA ALA K 116 30.29 40.15 49.15
C ALA K 116 30.57 40.54 47.69
N LEU K 117 29.51 40.91 46.97
CA LEU K 117 29.65 41.31 45.57
C LEU K 117 30.21 42.72 45.44
N GLN K 118 29.67 43.64 46.25
CA GLN K 118 30.11 45.03 46.22
C GLN K 118 31.58 45.17 46.59
N LYS K 119 32.03 44.34 47.53
CA LYS K 119 33.43 44.34 47.94
C LYS K 119 34.30 43.74 46.85
N GLY K 120 33.90 42.58 46.34
CA GLY K 120 34.64 41.90 45.30
C GLY K 120 34.68 42.69 44.00
N LEU K 121 33.65 43.49 43.78
CA LEU K 121 33.61 44.35 42.59
C LEU K 121 34.51 45.55 42.78
N LYS K 122 34.53 46.09 44.00
CA LYS K 122 35.45 47.17 44.35
C LYS K 122 36.88 46.67 44.30
N ASP K 123 37.06 45.40 44.67
CA ASP K 123 38.35 44.73 44.59
C ASP K 123 38.91 44.76 43.17
N LEU K 124 38.18 44.17 42.23
CA LEU K 124 38.59 44.10 40.83
C LEU K 124 38.93 45.50 40.26
N MET K 125 38.30 46.53 40.82
CA MET K 125 38.56 47.90 40.41
C MET K 125 39.93 48.40 40.88
N ASP K 126 40.53 47.70 41.82
CA ASP K 126 41.78 48.14 42.43
C ASP K 126 43.02 47.69 41.65
N LEU K 127 43.22 46.37 41.59
CA LEU K 127 44.42 45.80 40.98
C LEU K 127 44.61 46.19 39.51
N CYS K 128 43.53 46.59 38.85
CA CYS K 128 43.62 47.06 37.47
C CYS K 128 44.45 48.34 37.39
N ASP K 129 44.35 49.17 38.43
CA ASP K 129 45.12 50.41 38.51
C ASP K 129 46.59 50.09 38.71
N VAL K 130 46.87 48.99 39.41
CA VAL K 130 48.24 48.56 39.65
C VAL K 130 48.89 48.11 38.35
N VAL K 131 48.11 47.39 37.53
CA VAL K 131 48.59 46.94 36.22
C VAL K 131 48.90 48.13 35.32
N GLU K 132 48.03 49.14 35.37
CA GLU K 132 48.23 50.38 34.62
C GLU K 132 49.57 51.03 34.95
N SER K 133 49.72 51.42 36.21
CA SER K 133 50.93 52.09 36.71
C SER K 133 52.20 51.32 36.34
N LYS K 134 52.33 50.10 36.84
CA LYS K 134 53.51 49.27 36.62
C LYS K 134 53.87 49.11 35.14
N PHE K 135 52.87 49.18 34.27
CA PHE K 135 53.08 49.06 32.83
C PHE K 135 53.50 50.38 32.21
N THR K 136 52.62 51.38 32.28
CA THR K 136 52.84 52.67 31.65
C THR K 136 54.10 53.38 32.14
N GLU K 137 54.62 52.95 33.29
CA GLU K 137 55.84 53.53 33.85
C GLU K 137 57.07 52.99 33.14
N LYS K 138 57.06 51.69 32.86
CA LYS K 138 58.21 51.03 32.25
C LYS K 138 58.30 51.30 30.74
N ILE K 139 57.15 51.50 30.10
CA ILE K 139 57.12 51.80 28.68
C ILE K 139 57.69 53.20 28.44
N LYS K 140 57.60 54.05 29.45
CA LYS K 140 58.22 55.37 29.41
C LYS K 140 59.73 55.25 29.51
N SER K 141 60.19 54.54 30.52
CA SER K 141 61.62 54.28 30.72
C SER K 141 62.23 53.54 29.53
N MET K 142 61.80 52.30 29.34
CA MET K 142 62.29 51.43 28.27
C MET K 142 63.81 51.27 28.31
N THR L 26 20.06 58.99 -25.16
CA THR L 26 19.34 57.98 -24.42
C THR L 26 20.22 56.76 -24.14
N LEU L 27 21.12 56.46 -25.07
CA LEU L 27 22.04 55.34 -24.95
C LEU L 27 21.29 54.03 -24.74
N LYS L 28 20.59 53.57 -25.77
CA LYS L 28 19.73 52.40 -25.65
C LYS L 28 20.47 51.09 -25.89
N TYR L 29 20.28 50.16 -24.95
CA TYR L 29 20.83 48.80 -24.93
C TYR L 29 22.34 48.73 -25.19
N ILE L 30 22.75 47.65 -25.86
CA ILE L 30 24.12 47.43 -26.31
C ILE L 30 24.07 46.46 -27.49
N CYS L 31 24.97 46.64 -28.46
CA CYS L 31 25.11 45.65 -29.53
C CYS L 31 25.94 44.47 -29.01
N ALA L 32 25.37 43.26 -29.11
CA ALA L 32 25.99 42.08 -28.52
C ALA L 32 27.40 41.81 -29.04
N GLU L 33 27.50 41.34 -30.27
CA GLU L 33 28.81 41.06 -30.89
C GLU L 33 29.43 42.34 -31.44
N CYS L 34 28.56 43.22 -31.95
CA CYS L 34 29.00 44.43 -32.62
C CYS L 34 29.65 45.41 -31.63
N SER L 35 29.13 45.40 -30.40
CA SER L 35 29.71 46.18 -29.30
C SER L 35 29.78 47.67 -29.57
N SER L 36 28.63 48.33 -29.56
CA SER L 36 28.53 49.77 -29.78
C SER L 36 27.08 50.21 -29.57
N LYS L 37 26.89 51.52 -29.40
CA LYS L 37 25.58 52.04 -29.04
C LYS L 37 24.72 52.34 -30.27
N LEU L 38 23.47 52.73 -30.00
CA LEU L 38 22.47 53.03 -31.02
C LEU L 38 21.16 53.38 -30.31
N SER L 39 20.15 53.79 -31.07
CA SER L 39 18.85 54.08 -30.48
C SER L 39 17.72 53.32 -31.16
N LEU L 40 17.13 52.38 -30.43
CA LEU L 40 15.98 51.62 -30.89
C LEU L 40 14.71 52.47 -30.79
N SER L 41 13.67 52.06 -31.51
CA SER L 41 12.40 52.76 -31.51
C SER L 41 11.37 51.95 -32.30
N ARG L 42 10.09 52.29 -32.12
CA ARG L 42 9.00 51.52 -32.71
C ARG L 42 8.99 51.62 -34.23
N THR L 43 8.67 50.49 -34.87
CA THR L 43 8.58 50.39 -36.33
C THR L 43 9.88 50.81 -37.03
N ASP L 44 10.99 50.22 -36.62
CA ASP L 44 12.26 50.48 -37.27
C ASP L 44 12.87 49.19 -37.83
N ALA L 45 13.44 48.38 -36.94
CA ALA L 45 14.09 47.12 -37.31
C ALA L 45 14.65 46.42 -36.07
N VAL L 46 14.91 45.12 -36.20
CA VAL L 46 15.60 44.36 -35.17
C VAL L 46 17.11 44.56 -35.27
N ARG L 47 17.57 44.84 -36.48
CA ARG L 47 19.00 44.91 -36.79
C ARG L 47 19.72 46.07 -36.11
N CYS L 48 21.02 45.90 -35.93
CA CYS L 48 21.90 46.96 -35.44
C CYS L 48 22.47 47.76 -36.62
N LYS L 49 23.45 48.63 -36.34
CA LYS L 49 24.01 49.54 -37.34
C LYS L 49 24.39 48.83 -38.65
N ASP L 50 25.47 48.05 -38.60
CA ASP L 50 25.76 47.07 -39.65
C ASP L 50 25.32 45.73 -39.07
N CYS L 51 26.08 45.26 -38.10
CA CYS L 51 25.59 44.34 -37.06
C CYS L 51 24.77 43.16 -37.58
N GLY L 52 25.43 42.22 -38.25
CA GLY L 52 24.78 41.04 -38.77
C GLY L 52 24.07 40.21 -37.71
N HIS L 53 24.58 40.28 -36.48
CA HIS L 53 23.99 39.56 -35.36
C HIS L 53 22.72 40.27 -34.89
N ARG L 54 21.61 39.54 -34.81
CA ARG L 54 20.31 40.15 -34.53
C ARG L 54 20.09 40.50 -33.06
N ILE L 55 20.53 39.61 -32.16
CA ILE L 55 20.26 39.80 -30.73
C ILE L 55 21.03 40.99 -30.16
N LEU L 56 20.56 41.50 -29.03
CA LEU L 56 21.19 42.64 -28.36
C LEU L 56 20.96 42.60 -26.85
N LEU L 57 21.87 43.19 -26.10
CA LEU L 57 21.77 43.24 -24.64
C LEU L 57 21.53 44.66 -24.16
N LYS L 58 20.84 44.79 -23.02
CA LYS L 58 20.51 46.10 -22.49
C LYS L 58 21.59 46.62 -21.54
N ALA L 59 21.88 47.92 -21.63
CA ALA L 59 22.88 48.54 -20.76
C ALA L 59 22.32 48.80 -19.37
N ARG L 60 23.12 49.42 -18.51
CA ARG L 60 22.72 49.66 -17.13
C ARG L 60 21.99 51.00 -17.01
N THR L 61 21.53 51.30 -15.80
CA THR L 61 20.79 52.53 -15.54
C THR L 61 21.69 53.61 -14.93
N LYS L 62 21.42 54.86 -15.29
CA LYS L 62 22.19 55.99 -14.77
C LYS L 62 21.83 56.28 -13.31
N ARG L 63 20.74 55.67 -12.84
CA ARG L 63 20.27 55.89 -11.48
C ARG L 63 21.22 55.28 -10.45
N LEU L 64 21.33 55.94 -9.29
CA LEU L 64 22.24 55.51 -8.24
C LEU L 64 21.71 54.31 -7.46
N VAL L 65 22.61 53.43 -7.05
CA VAL L 65 22.25 52.27 -6.23
C VAL L 65 23.35 52.02 -5.19
N GLN L 66 22.94 51.75 -3.95
CA GLN L 66 23.90 51.57 -2.86
C GLN L 66 23.72 50.24 -2.15
N PHE L 67 24.82 49.71 -1.62
CA PHE L 67 24.81 48.45 -0.89
C PHE L 67 25.34 48.63 0.54
N GLU L 68 25.43 47.54 1.27
CA GLU L 68 25.97 47.55 2.63
C GLU L 68 27.11 46.53 2.75
N ALA L 69 28.16 46.91 3.48
CA ALA L 69 29.32 46.05 3.65
C ALA L 69 28.98 44.74 4.37
N ARG L 70 28.02 44.82 5.28
CA ARG L 70 27.58 43.64 6.03
C ARG L 70 26.83 42.67 5.14
N ILE M 71 67.13 -34.80 -47.33
CA ILE M 71 68.02 -35.83 -47.87
C ILE M 71 67.65 -36.15 -49.32
N GLU M 72 66.58 -36.92 -49.50
CA GLU M 72 66.11 -37.28 -50.83
C GLU M 72 65.11 -36.25 -51.34
N GLU M 73 64.44 -36.55 -52.45
CA GLU M 73 63.39 -35.69 -52.99
C GLU M 73 62.19 -36.49 -53.51
N PHE M 74 61.00 -36.14 -53.04
CA PHE M 74 59.76 -36.70 -53.57
C PHE M 74 59.08 -35.70 -54.50
N PRO M 75 59.14 -35.94 -55.81
CA PRO M 75 58.56 -35.03 -56.80
C PRO M 75 57.03 -35.09 -56.84
N LEU M 76 56.38 -33.95 -57.05
CA LEU M 76 54.94 -33.92 -57.26
C LEU M 76 54.59 -33.05 -58.47
N LYS M 77 53.50 -33.40 -59.15
CA LYS M 77 53.05 -32.64 -60.31
C LYS M 77 51.60 -32.22 -60.17
N ILE M 78 51.19 -31.25 -60.99
CA ILE M 78 49.79 -30.82 -61.04
C ILE M 78 49.20 -31.11 -62.42
N SER M 79 48.16 -31.93 -62.47
CA SER M 79 47.56 -32.35 -63.73
C SER M 79 46.74 -31.24 -64.37
N GLY M 80 46.16 -31.54 -65.53
CA GLY M 80 45.37 -30.58 -66.27
C GLY M 80 43.88 -30.71 -66.00
N GLU M 81 43.08 -30.11 -66.87
CA GLU M 81 41.62 -30.12 -66.73
C GLU M 81 41.07 -31.54 -66.71
N GLU M 82 41.10 -32.20 -67.86
CA GLU M 82 40.61 -33.56 -68.03
C GLU M 82 39.22 -33.76 -67.44
N GLU M 83 38.23 -33.06 -67.98
CA GLU M 83 36.80 -33.28 -67.66
C GLU M 83 36.48 -32.97 -66.19
N SER M 84 37.52 -32.63 -65.43
CA SER M 84 37.48 -32.51 -63.98
C SER M 84 37.01 -33.81 -63.32
N LEU M 85 36.26 -33.69 -62.24
CA LEU M 85 35.84 -34.85 -61.45
C LEU M 85 34.61 -34.56 -60.58
N HIS M 86 33.96 -35.62 -60.13
CA HIS M 86 32.90 -35.53 -59.13
C HIS M 86 33.03 -36.67 -58.14
N VAL M 87 33.08 -36.35 -56.85
CA VAL M 87 33.38 -37.34 -55.82
C VAL M 87 32.16 -37.81 -55.04
N PHE M 88 32.02 -39.12 -54.91
CA PHE M 88 30.92 -39.74 -54.16
C PHE M 88 31.31 -40.04 -52.71
N GLN M 89 30.38 -39.81 -51.80
CA GLN M 89 30.53 -40.25 -50.41
C GLN M 89 29.17 -40.53 -49.79
N TYR M 90 29.09 -41.56 -48.96
CA TYR M 90 27.84 -41.91 -48.29
C TYR M 90 28.09 -42.37 -46.85
N ALA M 91 27.22 -41.95 -45.95
CA ALA M 91 27.37 -42.21 -44.52
C ALA M 91 26.63 -43.45 -44.07
N ASN M 92 26.03 -44.17 -45.02
CA ASN M 92 25.21 -45.33 -44.68
C ASN M 92 26.03 -46.53 -44.23
N ARG M 93 26.81 -47.10 -45.16
CA ARG M 93 27.60 -48.28 -44.86
C ARG M 93 29.02 -47.93 -44.43
N PRO M 94 29.39 -48.27 -43.19
CA PRO M 94 30.75 -48.06 -42.68
C PRO M 94 31.74 -49.06 -43.25
N ARG M 95 32.98 -49.02 -42.78
CA ARG M 95 33.99 -49.98 -43.22
C ARG M 95 33.75 -51.36 -42.62
N LEU M 96 34.32 -52.37 -43.26
CA LEU M 96 34.12 -53.75 -42.90
C LEU M 96 34.74 -54.05 -41.50
N VAL M 97 35.70 -53.21 -41.11
CA VAL M 97 36.39 -53.23 -39.84
C VAL M 97 37.57 -54.23 -39.91
N GLY M 98 37.59 -55.03 -40.98
CA GLY M 98 38.70 -55.93 -41.23
C GLY M 98 39.90 -55.20 -41.78
N ARG M 99 40.94 -55.94 -42.14
CA ARG M 99 42.15 -55.34 -42.69
C ARG M 99 41.95 -54.81 -44.10
N LYS M 100 40.90 -55.30 -44.77
CA LYS M 100 40.55 -54.82 -46.10
C LYS M 100 39.29 -53.98 -46.05
N PRO M 101 39.44 -52.65 -46.16
CA PRO M 101 38.36 -51.66 -46.09
C PRO M 101 37.42 -51.63 -47.30
N ALA M 102 37.85 -52.22 -48.42
CA ALA M 102 37.16 -52.01 -49.69
C ALA M 102 35.93 -52.91 -49.93
N GLU M 103 34.80 -52.26 -50.17
CA GLU M 103 33.61 -52.93 -50.70
C GLU M 103 32.82 -51.90 -51.51
N HIS M 104 32.12 -52.34 -52.56
CA HIS M 104 31.49 -51.41 -53.48
C HIS M 104 30.08 -51.82 -53.93
N PRO M 105 29.19 -50.82 -54.08
CA PRO M 105 27.83 -50.97 -54.62
C PRO M 105 27.82 -51.21 -56.14
N PHE M 106 26.67 -51.65 -56.67
CA PHE M 106 26.59 -52.05 -58.07
C PHE M 106 25.34 -51.49 -58.77
N ILE M 107 25.23 -51.80 -60.06
CA ILE M 107 24.03 -51.62 -60.91
C ILE M 107 23.78 -50.18 -61.38
N SER M 108 24.47 -49.22 -60.78
CA SER M 108 24.43 -47.82 -61.26
C SER M 108 23.04 -47.21 -61.32
N ALA M 109 22.60 -46.89 -62.53
CA ALA M 109 21.30 -46.26 -62.79
C ALA M 109 21.16 -44.90 -62.12
N ALA M 110 21.88 -43.91 -62.66
CA ALA M 110 21.86 -42.55 -62.10
C ALA M 110 21.16 -41.55 -63.00
N ARG M 111 20.57 -40.53 -62.38
CA ARG M 111 19.92 -39.43 -63.11
C ARG M 111 20.61 -38.10 -62.80
N TYR M 112 20.46 -37.13 -63.70
CA TYR M 112 21.28 -35.92 -63.64
C TYR M 112 20.56 -34.69 -64.20
N LYS M 113 20.99 -33.51 -63.76
CA LYS M 113 20.56 -32.26 -64.37
C LYS M 113 21.69 -31.22 -64.30
N PRO M 114 21.53 -30.06 -64.97
CA PRO M 114 22.61 -29.07 -64.85
C PRO M 114 22.70 -28.39 -63.48
N LYS M 115 23.88 -28.43 -62.88
CA LYS M 115 24.26 -27.59 -61.75
C LYS M 115 23.41 -27.77 -60.48
N SER M 116 22.25 -28.40 -60.62
CA SER M 116 21.43 -28.72 -59.46
C SER M 116 21.68 -30.16 -59.02
N HIS M 117 22.41 -30.91 -59.85
CA HIS M 117 22.85 -32.28 -59.54
C HIS M 117 21.72 -33.13 -58.96
N LEU M 118 21.88 -33.50 -57.69
CA LEU M 118 20.98 -34.43 -57.00
C LEU M 118 21.03 -35.79 -57.68
N TRP M 119 22.25 -36.27 -57.88
CA TRP M 119 22.49 -37.57 -58.48
C TRP M 119 21.74 -38.67 -57.75
N GLU M 120 21.10 -39.55 -58.51
CA GLU M 120 20.32 -40.64 -57.94
C GLU M 120 21.12 -41.94 -57.95
N ILE M 121 21.38 -42.49 -56.78
CA ILE M 121 22.14 -43.74 -56.69
C ILE M 121 21.21 -44.93 -56.48
N ASP M 122 21.41 -45.96 -57.28
CA ASP M 122 20.58 -47.15 -57.22
C ASP M 122 21.40 -48.40 -56.86
N ILE M 123 20.95 -49.13 -55.85
CA ILE M 123 21.64 -50.34 -55.40
C ILE M 123 20.67 -51.52 -55.36
N PRO M 124 21.11 -52.71 -55.82
CA PRO M 124 20.24 -53.89 -55.90
C PRO M 124 19.72 -54.37 -54.55
N LEU M 125 18.63 -55.14 -54.60
CA LEU M 125 18.06 -55.75 -53.40
C LEU M 125 17.99 -57.26 -53.55
N ASP M 126 18.43 -57.98 -52.52
CA ASP M 126 18.48 -59.44 -52.57
C ASP M 126 17.20 -60.08 -52.05
N GLU M 127 16.70 -61.06 -52.81
CA GLU M 127 15.49 -61.80 -52.44
C GLU M 127 15.82 -62.94 -51.49
N GLN M 128 17.10 -63.27 -51.39
CA GLN M 128 17.53 -64.45 -50.64
C GLN M 128 17.42 -64.29 -49.12
N ALA M 129 17.76 -63.10 -48.61
CA ALA M 129 17.85 -62.90 -47.18
C ALA M 129 16.80 -61.92 -46.64
N PHE M 130 15.85 -62.46 -45.86
CA PHE M 130 14.89 -61.65 -45.12
C PHE M 130 14.13 -60.64 -45.98
N TYR M 131 13.49 -61.10 -47.04
CA TYR M 131 12.82 -60.19 -47.96
C TYR M 131 11.47 -59.68 -47.44
N ASN M 132 10.76 -60.50 -46.65
CA ASN M 132 9.40 -60.15 -46.17
C ASN M 132 8.30 -59.90 -47.23
N LYS M 133 8.10 -60.86 -48.13
CA LYS M 133 7.35 -60.69 -49.37
C LYS M 133 5.88 -60.34 -49.16
N ASP M 134 5.29 -60.79 -48.06
CA ASP M 134 3.88 -60.56 -47.79
C ASP M 134 3.56 -59.08 -47.61
N LYS M 135 4.53 -58.32 -47.08
CA LYS M 135 4.35 -56.90 -46.86
C LYS M 135 4.52 -56.12 -48.17
N ALA M 136 5.36 -56.63 -49.06
CA ALA M 136 5.63 -55.99 -50.33
C ALA M 136 4.40 -55.96 -51.23
N GLU M 137 3.81 -57.13 -51.46
CA GLU M 137 2.66 -57.26 -52.34
C GLU M 137 1.46 -56.43 -51.86
N SER M 138 1.46 -56.10 -50.57
CA SER M 138 0.37 -55.32 -49.98
C SER M 138 0.42 -53.84 -50.35
N GLU M 139 1.59 -53.23 -50.20
CA GLU M 139 1.71 -51.79 -50.41
C GLU M 139 2.57 -51.44 -51.63
N TRP M 140 3.89 -51.59 -51.50
CA TRP M 140 4.79 -51.24 -52.60
C TRP M 140 5.28 -52.50 -53.33
N ASN M 141 4.98 -52.55 -54.62
CA ASN M 141 5.27 -53.72 -55.45
C ASN M 141 6.69 -53.72 -56.00
N GLY M 142 7.48 -52.74 -55.56
CA GLY M 142 8.77 -52.45 -56.16
C GLY M 142 9.69 -53.63 -56.39
N VAL M 143 9.95 -54.42 -55.34
CA VAL M 143 10.67 -55.71 -55.43
C VAL M 143 12.12 -55.53 -55.91
N ASN M 144 12.47 -54.30 -56.24
CA ASN M 144 13.64 -54.02 -57.06
C ASN M 144 14.64 -53.07 -56.41
N VAL M 145 15.60 -52.64 -57.23
CA VAL M 145 16.76 -51.86 -56.82
C VAL M 145 16.45 -50.64 -55.95
N GLN M 146 17.20 -50.51 -54.86
CA GLN M 146 17.06 -49.41 -53.90
C GLN M 146 17.37 -48.06 -54.53
N THR M 147 16.79 -46.99 -53.98
CA THR M 147 17.00 -45.65 -54.51
C THR M 147 17.67 -44.72 -53.49
N LEU M 148 18.74 -44.05 -53.92
CA LEU M 148 19.44 -43.08 -53.08
C LEU M 148 19.61 -41.76 -53.82
N LYS M 149 19.83 -40.68 -53.09
CA LYS M 149 20.01 -39.36 -53.68
C LYS M 149 20.92 -38.50 -52.79
N GLY M 150 21.01 -37.21 -53.08
CA GLY M 150 21.80 -36.31 -52.26
C GLY M 150 22.01 -34.95 -52.89
N VAL M 151 22.75 -34.08 -52.20
CA VAL M 151 23.01 -32.74 -52.71
C VAL M 151 24.52 -32.48 -52.85
N GLY M 152 24.92 -31.95 -54.00
CA GLY M 152 26.32 -31.65 -54.27
C GLY M 152 26.69 -30.23 -53.88
N VAL M 153 27.99 -30.02 -53.64
CA VAL M 153 28.50 -28.71 -53.24
C VAL M 153 29.92 -28.52 -53.75
N GLU M 154 30.33 -27.28 -53.95
CA GLU M 154 31.68 -27.00 -54.45
C GLU M 154 32.46 -26.06 -53.53
N ASN M 155 33.74 -26.38 -53.33
CA ASN M 155 34.64 -25.50 -52.59
C ASN M 155 36.04 -25.54 -53.18
N ASN M 156 36.65 -24.37 -53.32
CA ASN M 156 37.95 -24.25 -53.99
C ASN M 156 39.11 -24.78 -53.15
N GLY M 157 40.21 -25.10 -53.83
CA GLY M 157 41.43 -25.53 -53.16
C GLY M 157 41.39 -26.96 -52.64
N GLN M 158 40.89 -27.88 -53.45
CA GLN M 158 40.86 -29.29 -53.07
C GLN M 158 41.31 -30.19 -54.22
N TYR M 159 42.33 -31.01 -53.96
CA TYR M 159 42.92 -31.84 -55.01
C TYR M 159 42.93 -33.31 -54.61
N ALA M 160 43.10 -34.19 -55.59
CA ALA M 160 43.25 -35.62 -55.34
C ALA M 160 44.63 -36.07 -55.81
N ALA M 161 45.16 -37.13 -55.20
CA ALA M 161 46.51 -37.58 -55.50
C ALA M 161 46.63 -39.10 -55.60
N PHE M 162 47.56 -39.56 -56.41
CA PHE M 162 47.89 -40.97 -56.53
C PHE M 162 49.39 -41.14 -56.74
N VAL M 163 49.96 -42.17 -56.11
CA VAL M 163 51.40 -42.37 -56.16
C VAL M 163 51.81 -43.35 -57.25
N LYS M 164 52.70 -42.89 -58.13
CA LYS M 164 53.25 -43.73 -59.19
C LYS M 164 54.77 -43.72 -59.14
N ASP M 165 55.36 -44.90 -58.93
CA ASP M 165 56.81 -45.04 -58.77
C ASP M 165 57.34 -44.20 -57.61
N MET M 166 58.41 -43.46 -57.86
CA MET M 166 59.05 -42.66 -56.83
C MET M 166 58.54 -41.23 -56.79
N GLN M 167 57.56 -40.92 -57.64
CA GLN M 167 57.03 -39.57 -57.75
C GLN M 167 55.52 -39.52 -57.48
N VAL M 168 55.02 -38.33 -57.17
CA VAL M 168 53.61 -38.15 -56.84
C VAL M 168 52.89 -37.35 -57.93
N TYR M 169 51.66 -37.74 -58.23
CA TYR M 169 50.85 -37.03 -59.21
C TYR M 169 49.55 -36.54 -58.57
N LEU M 170 49.06 -35.39 -59.02
CA LEU M 170 47.91 -34.75 -58.37
C LEU M 170 46.86 -34.23 -59.35
N VAL M 171 45.63 -34.74 -59.22
CA VAL M 171 44.52 -34.35 -60.07
C VAL M 171 43.40 -33.67 -59.26
N PRO M 172 43.08 -32.40 -59.59
CA PRO M 172 42.07 -31.60 -58.89
C PRO M 172 40.66 -32.21 -58.93
N ILE M 173 39.99 -32.23 -57.77
CA ILE M 173 38.68 -32.87 -57.62
C ILE M 173 37.50 -32.02 -58.09
N GLU M 174 37.56 -30.73 -57.82
CA GLU M 174 36.42 -29.81 -57.97
C GLU M 174 35.25 -30.17 -57.06
N ARG M 175 34.06 -30.31 -57.64
CA ARG M 175 32.82 -30.41 -56.86
C ARG M 175 32.70 -31.68 -56.02
N VAL M 176 31.93 -31.58 -54.93
CA VAL M 176 31.73 -32.69 -54.00
C VAL M 176 30.24 -32.92 -53.75
N ALA M 177 29.84 -34.17 -53.55
CA ALA M 177 28.43 -34.50 -53.32
C ALA M 177 28.23 -35.46 -52.15
N GLN M 178 27.14 -35.28 -51.42
CA GLN M 178 26.76 -36.17 -50.32
C GLN M 178 25.66 -37.13 -50.77
N LEU M 179 25.69 -38.36 -50.26
CA LEU M 179 24.70 -39.36 -50.66
C LEU M 179 23.89 -39.91 -49.48
N LYS M 180 22.61 -39.59 -49.45
CA LYS M 180 21.68 -40.16 -48.47
C LYS M 180 20.32 -40.43 -49.13
N PRO M 181 19.66 -41.54 -48.76
CA PRO M 181 18.57 -42.06 -49.58
C PRO M 181 17.20 -41.39 -49.37
N PHE M 182 16.23 -41.90 -50.11
CA PHE M 182 14.84 -41.42 -50.09
C PHE M 182 14.05 -42.35 -51.01
N PHE M 183 12.72 -42.20 -51.04
CA PHE M 183 11.90 -43.14 -51.79
C PHE M 183 10.86 -42.45 -52.67
N LYS M 184 10.75 -42.93 -53.91
CA LYS M 184 9.66 -42.53 -54.80
C LYS M 184 8.47 -43.44 -54.57
N TYR M 185 8.68 -44.50 -53.80
CA TYR M 185 7.60 -45.36 -53.36
C TYR M 185 6.85 -44.68 -52.22
N ILE M 186 7.38 -43.56 -51.77
CA ILE M 186 6.80 -42.78 -50.68
C ILE M 186 5.90 -41.66 -51.22
N ASP M 187 6.50 -40.74 -51.99
CA ASP M 187 5.78 -39.59 -52.51
C ASP M 187 4.62 -40.01 -53.42
N ASP M 188 4.80 -41.11 -54.13
CA ASP M 188 3.76 -41.62 -55.02
C ASP M 188 2.64 -42.28 -54.23
N ALA M 189 3.01 -42.99 -53.17
CA ALA M 189 2.02 -43.67 -52.33
C ALA M 189 1.24 -42.68 -51.47
N ASN M 190 1.89 -41.57 -51.14
CA ASN M 190 1.24 -40.53 -50.35
C ASN M 190 0.14 -39.83 -51.15
N VAL M 191 0.36 -39.69 -52.45
CA VAL M 191 -0.59 -39.02 -53.33
C VAL M 191 -1.81 -39.90 -53.59
N THR M 192 -1.58 -41.16 -53.96
CA THR M 192 -2.67 -42.08 -54.28
C THR M 192 -3.50 -42.40 -53.05
N ARG M 193 -2.94 -42.19 -51.86
CA ARG M 193 -3.66 -42.38 -50.61
C ARG M 193 -4.57 -41.18 -50.33
N LYS M 194 -4.05 -39.99 -50.60
CA LYS M 194 -4.78 -38.76 -50.35
C LYS M 194 -5.80 -38.44 -51.44
N GLN M 195 -5.46 -38.77 -52.68
CA GLN M 195 -6.32 -38.43 -53.82
C GLN M 195 -7.69 -39.07 -53.75
N GLU M 196 -7.73 -40.39 -53.64
CA GLU M 196 -9.00 -41.11 -53.58
C GLU M 196 -9.62 -41.02 -52.19
N ASN M 225 5.96 -13.51 -60.90
CA ASN M 225 5.95 -12.53 -59.83
C ASN M 225 6.74 -12.98 -58.60
N ARG M 226 8.00 -12.52 -58.54
CA ARG M 226 8.90 -12.83 -57.43
C ARG M 226 9.08 -14.33 -57.20
N LEU M 227 9.06 -14.71 -55.92
CA LEU M 227 9.31 -16.10 -55.50
C LEU M 227 10.65 -16.61 -56.01
N THR M 228 11.73 -16.01 -55.52
CA THR M 228 13.09 -16.39 -55.90
C THR M 228 13.68 -17.31 -54.84
N GLY M 229 14.95 -17.65 -54.97
CA GLY M 229 15.63 -18.47 -53.99
C GLY M 229 15.18 -19.92 -53.96
N SER M 230 14.79 -20.38 -52.78
CA SER M 230 14.38 -21.77 -52.54
C SER M 230 13.41 -22.30 -53.59
N LEU M 231 12.23 -21.69 -53.68
CA LEU M 231 11.20 -22.09 -54.64
C LEU M 231 11.72 -22.14 -56.08
N LEU M 232 12.62 -21.23 -56.42
CA LEU M 232 13.21 -21.20 -57.75
C LEU M 232 14.13 -22.40 -57.96
N ALA M 233 14.67 -22.93 -56.87
CA ALA M 233 15.52 -24.11 -56.93
C ALA M 233 14.69 -25.39 -56.80
N HIS M 234 13.39 -25.22 -56.68
CA HIS M 234 12.46 -26.34 -56.57
C HIS M 234 11.62 -26.49 -57.84
N LYS M 235 10.83 -25.47 -58.12
CA LYS M 235 9.96 -25.43 -59.30
C LYS M 235 10.72 -25.75 -60.59
N VAL M 236 11.93 -25.23 -60.70
CA VAL M 236 12.76 -25.48 -61.88
C VAL M 236 13.37 -26.88 -61.84
N ALA M 237 13.72 -27.32 -60.63
CA ALA M 237 14.35 -28.62 -60.42
C ALA M 237 13.53 -29.78 -61.00
N ASP M 238 12.33 -29.98 -60.45
CA ASP M 238 11.46 -31.08 -60.84
C ASP M 238 11.15 -31.11 -62.33
N GLU M 239 11.11 -29.93 -62.95
CA GLU M 239 10.76 -29.82 -64.36
C GLU M 239 11.88 -30.21 -65.30
N GLU M 240 13.10 -29.74 -65.01
CA GLU M 240 14.19 -29.82 -65.97
C GLU M 240 15.03 -31.09 -65.90
N ALA M 241 14.78 -31.97 -64.95
CA ALA M 241 15.64 -33.14 -64.82
C ALA M 241 15.03 -34.44 -65.31
N ASN M 242 15.47 -34.87 -66.49
CA ASN M 242 15.39 -36.27 -66.89
C ASN M 242 16.67 -36.66 -67.65
N ILE M 243 17.47 -37.55 -67.08
CA ILE M 243 18.71 -37.98 -67.73
C ILE M 243 19.02 -39.44 -67.42
N GLU M 244 19.40 -40.20 -68.44
CA GLU M 244 19.82 -41.59 -68.25
C GLU M 244 21.32 -41.73 -68.44
N LEU M 245 22.02 -42.04 -67.34
CA LEU M 245 23.47 -42.20 -67.39
C LEU M 245 23.88 -43.66 -67.23
N THR M 246 24.74 -44.13 -68.12
CA THR M 246 25.24 -45.50 -68.06
C THR M 246 26.66 -45.55 -67.50
N TRP M 247 26.79 -46.11 -66.30
CA TRP M 247 28.08 -46.21 -65.63
C TRP M 247 28.87 -47.42 -66.13
N ALA M 248 30.05 -47.17 -66.69
CA ALA M 248 30.91 -48.23 -67.19
C ALA M 248 32.32 -48.06 -66.61
N GLU M 249 32.82 -49.11 -65.97
CA GLU M 249 34.10 -49.02 -65.28
C GLU M 249 35.23 -49.73 -66.01
N GLY M 250 36.18 -48.94 -66.51
CA GLY M 250 37.43 -49.46 -67.02
C GLY M 250 38.50 -48.38 -66.96
N THR M 251 39.75 -48.79 -66.85
CA THR M 251 40.85 -47.82 -66.74
C THR M 251 42.07 -48.22 -67.57
N PHE M 252 42.40 -47.38 -68.55
CA PHE M 252 43.66 -47.50 -69.26
C PHE M 252 44.36 -46.15 -69.41
N GLU M 253 43.73 -45.25 -70.17
CA GLU M 253 44.32 -43.97 -70.54
C GLU M 253 44.17 -42.90 -69.46
N GLN M 254 43.53 -43.24 -68.36
CA GLN M 254 43.28 -42.27 -67.28
C GLN M 254 44.58 -41.72 -66.71
N PHE M 255 45.66 -42.48 -66.85
CA PHE M 255 46.98 -42.06 -66.41
C PHE M 255 47.71 -41.32 -67.52
N LYS M 256 48.02 -42.04 -68.59
CA LYS M 256 48.86 -41.55 -69.69
C LYS M 256 48.39 -40.23 -70.27
N ASP M 257 47.10 -39.94 -70.17
CA ASP M 257 46.55 -38.68 -70.65
C ASP M 257 47.18 -37.50 -69.91
N THR M 258 47.18 -37.59 -68.58
CA THR M 258 47.76 -36.54 -67.75
C THR M 258 49.28 -36.65 -67.65
N ILE M 259 49.81 -37.86 -67.85
CA ILE M 259 51.24 -38.10 -67.74
C ILE M 259 52.05 -37.38 -68.82
N VAL M 260 51.57 -37.45 -70.06
CA VAL M 260 52.28 -36.86 -71.19
C VAL M 260 52.24 -35.34 -71.18
N LYS M 261 51.46 -34.76 -70.26
CA LYS M 261 51.32 -33.32 -70.17
C LYS M 261 52.53 -32.66 -69.50
N GLU M 262 53.43 -33.48 -68.97
CA GLU M 262 54.63 -32.97 -68.31
C GLU M 262 55.67 -32.52 -69.33
N LYS N 274 49.41 -28.92 -20.34
CA LYS N 274 50.04 -29.80 -21.32
C LYS N 274 49.46 -29.58 -22.71
N GLU N 275 49.46 -28.32 -23.16
CA GLU N 275 48.92 -27.97 -24.47
C GLU N 275 49.87 -28.37 -25.59
N ALA N 276 51.04 -27.75 -25.63
CA ALA N 276 52.03 -28.02 -26.67
C ALA N 276 52.55 -29.45 -26.60
N ALA N 277 52.59 -30.00 -25.38
CA ALA N 277 53.07 -31.35 -25.15
C ALA N 277 52.31 -32.39 -25.97
N ALA N 278 51.02 -32.51 -25.72
CA ALA N 278 50.18 -33.52 -26.38
C ALA N 278 50.16 -33.36 -27.90
N GLU N 279 50.30 -32.13 -28.38
CA GLU N 279 50.23 -31.87 -29.82
C GLU N 279 51.50 -32.29 -30.55
N LEU N 280 52.67 -31.96 -29.99
CA LEU N 280 53.93 -32.30 -30.63
C LEU N 280 54.13 -33.81 -30.64
N GLU N 281 53.50 -34.50 -29.71
CA GLU N 281 53.54 -35.96 -29.64
C GLU N 281 52.83 -36.56 -30.84
N LEU N 282 51.74 -35.93 -31.26
CA LEU N 282 50.98 -36.38 -32.41
C LEU N 282 51.64 -35.97 -33.72
N LEU N 283 52.24 -34.78 -33.73
CA LEU N 283 52.93 -34.27 -34.91
C LEU N 283 54.07 -35.20 -35.33
N ASN N 284 54.83 -35.67 -34.36
CA ASN N 284 55.88 -36.66 -34.59
C ASN N 284 55.30 -37.92 -35.26
N ALA N 285 54.39 -38.58 -34.55
CA ALA N 285 53.69 -39.75 -35.05
C ALA N 285 53.11 -39.54 -36.44
N ASP N 286 52.20 -38.58 -36.56
CA ASP N 286 51.50 -38.31 -37.82
C ASP N 286 52.45 -38.11 -39.01
N HIS N 287 53.60 -37.47 -38.77
CA HIS N 287 54.58 -37.24 -39.83
C HIS N 287 55.28 -38.53 -40.24
N GLN N 288 55.06 -39.59 -39.48
CA GLN N 288 55.61 -40.91 -39.79
C GLN N 288 54.55 -41.78 -40.45
N HIS N 289 53.46 -42.02 -39.73
CA HIS N 289 52.34 -42.83 -40.21
C HIS N 289 51.86 -42.44 -41.60
N ILE N 290 51.80 -41.14 -41.88
CA ILE N 290 51.32 -40.66 -43.17
C ILE N 290 52.36 -40.92 -44.27
N LEU N 291 53.61 -41.10 -43.87
CA LEU N 291 54.68 -41.40 -44.81
C LEU N 291 54.63 -42.87 -45.22
N ARG N 292 54.33 -43.72 -44.26
CA ARG N 292 54.22 -45.15 -44.52
C ARG N 292 53.10 -45.46 -45.50
N LYS N 293 51.87 -45.03 -45.18
CA LYS N 293 50.72 -45.29 -46.03
C LYS N 293 50.85 -44.59 -47.38
N LEU N 294 51.75 -43.62 -47.46
CA LEU N 294 52.07 -42.97 -48.72
C LEU N 294 52.92 -43.89 -49.58
N LYS N 295 53.89 -44.56 -48.96
CA LYS N 295 54.78 -45.47 -49.67
C LYS N 295 54.25 -46.91 -49.64
N LYS N 296 53.20 -47.15 -48.85
CA LYS N 296 52.54 -48.45 -48.86
C LYS N 296 51.82 -48.63 -50.20
N MET N 297 51.44 -47.53 -50.81
CA MET N 297 50.93 -47.54 -52.18
C MET N 297 51.99 -46.91 -53.10
N ASN N 298 52.63 -47.75 -53.89
CA ASN N 298 53.82 -47.38 -54.65
C ASN N 298 53.66 -47.76 -56.12
N ASN N 299 53.41 -49.05 -56.33
CA ASN N 299 53.16 -49.67 -57.63
C ASN N 299 51.78 -49.24 -58.08
N LYS N 300 51.10 -50.03 -58.91
CA LYS N 300 49.78 -49.59 -59.38
C LYS N 300 48.57 -50.42 -58.87
N PRO N 301 48.25 -50.30 -57.57
CA PRO N 301 47.03 -50.69 -56.86
C PRO N 301 46.03 -49.53 -56.87
N GLU N 302 45.01 -49.48 -57.73
CA GLU N 302 44.16 -48.29 -57.75
C GLU N 302 43.73 -47.92 -56.32
N ARG N 303 44.20 -46.77 -55.87
CA ARG N 303 43.92 -46.22 -54.54
C ARG N 303 44.05 -44.71 -54.69
N PHE N 304 43.27 -43.94 -53.94
CA PHE N 304 43.29 -42.48 -54.08
C PHE N 304 43.39 -41.73 -52.75
N MET N 305 44.17 -40.66 -52.75
CA MET N 305 44.24 -39.75 -51.61
C MET N 305 43.80 -38.35 -52.05
N VAL N 306 43.30 -37.56 -51.10
CA VAL N 306 42.79 -36.24 -51.42
C VAL N 306 43.53 -35.13 -50.67
N PHE N 307 43.68 -33.99 -51.32
CA PHE N 307 44.46 -32.87 -50.79
C PHE N 307 43.61 -31.63 -50.55
N GLN N 308 44.06 -30.76 -49.64
CA GLN N 308 43.44 -29.46 -49.43
C GLN N 308 44.50 -28.37 -49.37
N LEU N 309 44.43 -27.43 -50.30
CA LEU N 309 45.44 -26.38 -50.42
C LEU N 309 44.83 -24.99 -50.54
N PRO N 310 45.59 -23.95 -50.10
CA PRO N 310 45.17 -22.55 -50.25
C PRO N 310 44.99 -22.14 -51.70
N THR N 311 44.26 -21.04 -51.93
CA THR N 311 43.93 -20.61 -53.28
C THR N 311 44.97 -19.66 -53.89
N ARG N 312 44.68 -19.21 -55.11
CA ARG N 312 45.48 -18.25 -55.89
C ARG N 312 46.75 -18.87 -56.46
N LEU N 313 47.15 -20.00 -55.90
CA LEU N 313 48.24 -20.86 -56.38
C LEU N 313 49.42 -20.14 -57.07
N PRO N 314 50.12 -19.24 -56.35
CA PRO N 314 51.38 -18.77 -56.94
C PRO N 314 52.49 -19.80 -56.70
N ALA N 315 53.42 -19.97 -57.63
CA ALA N 315 54.57 -20.82 -57.33
C ALA N 315 55.90 -20.10 -57.50
N PHE N 316 56.42 -20.05 -58.73
CA PHE N 316 57.61 -19.25 -58.99
C PHE N 316 57.58 -18.46 -60.31
N GLU N 317 57.73 -19.18 -61.42
CA GLU N 317 57.83 -18.59 -62.75
C GLU N 317 56.48 -18.29 -63.40
N ARG N 318 56.49 -17.34 -64.33
CA ARG N 318 55.32 -17.06 -65.14
C ARG N 318 55.67 -17.12 -66.63
N PRO N 319 55.85 -18.34 -67.16
CA PRO N 319 56.23 -18.53 -68.57
C PRO N 319 55.13 -18.10 -69.54
N ALA N 320 53.87 -18.28 -69.13
CA ALA N 320 52.74 -17.92 -69.97
C ALA N 320 51.54 -17.49 -69.13
N VAL N 360 56.49 -26.76 -59.67
CA VAL N 360 56.29 -26.38 -58.28
C VAL N 360 57.20 -27.19 -57.35
N GLY N 361 57.43 -26.67 -56.16
CA GLY N 361 58.19 -27.39 -55.14
C GLY N 361 57.40 -28.59 -54.66
N SER N 362 58.02 -29.46 -53.88
CA SER N 362 57.35 -30.69 -53.48
C SER N 362 57.67 -31.15 -52.06
N ILE N 363 57.00 -32.24 -51.66
CA ILE N 363 57.15 -32.83 -50.33
C ILE N 363 58.39 -33.71 -50.23
N ARG N 364 58.90 -33.88 -49.00
CA ARG N 364 59.92 -34.87 -48.69
C ARG N 364 60.24 -34.83 -47.19
N VAL N 365 60.83 -35.92 -46.69
CA VAL N 365 61.24 -36.05 -45.30
C VAL N 365 62.33 -35.04 -44.95
N HIS N 366 62.09 -34.25 -43.91
CA HIS N 366 63.07 -33.31 -43.41
C HIS N 366 64.16 -34.06 -42.64
N LYS N 367 65.31 -33.42 -42.46
CA LYS N 367 66.43 -34.02 -41.74
C LYS N 367 66.03 -34.44 -40.33
N SER N 368 66.64 -35.52 -39.85
CA SER N 368 66.38 -36.09 -38.53
C SER N 368 64.94 -36.62 -38.41
N GLY N 369 64.40 -37.08 -39.52
CA GLY N 369 63.12 -37.79 -39.51
C GLY N 369 61.87 -36.94 -39.56
N LYS N 370 62.03 -35.62 -39.64
CA LYS N 370 60.88 -34.74 -39.71
C LYS N 370 60.30 -34.72 -41.12
N LEU N 371 59.21 -33.97 -41.32
CA LEU N 371 58.54 -33.94 -42.61
C LEU N 371 58.22 -32.51 -43.05
N SER N 372 58.72 -32.12 -44.21
CA SER N 372 58.57 -30.75 -44.67
C SER N 372 58.17 -30.65 -46.15
N VAL N 373 57.04 -30.01 -46.40
CA VAL N 373 56.63 -29.67 -47.77
C VAL N 373 57.26 -28.32 -48.14
N LYS N 374 57.07 -27.88 -49.37
CA LYS N 374 57.61 -26.60 -49.83
C LYS N 374 57.24 -26.28 -51.28
N ILE N 375 57.38 -25.01 -51.64
CA ILE N 375 57.26 -24.58 -53.03
C ILE N 375 58.58 -23.92 -53.43
N GLY N 376 58.69 -23.47 -54.68
CA GLY N 376 59.92 -22.88 -55.15
C GLY N 376 60.00 -21.37 -54.93
N ASN N 377 61.20 -20.82 -55.15
CA ASN N 377 61.43 -19.38 -55.02
C ASN N 377 61.10 -18.81 -53.64
N VAL N 378 61.97 -19.14 -52.68
CA VAL N 378 61.94 -18.64 -51.29
C VAL N 378 60.52 -18.57 -50.68
N VAL N 379 59.94 -19.74 -50.47
CA VAL N 379 58.70 -19.86 -49.70
C VAL N 379 58.67 -21.23 -49.02
N MET N 380 58.17 -21.29 -47.80
CA MET N 380 58.09 -22.55 -47.07
C MET N 380 56.69 -22.81 -46.53
N ASP N 381 56.04 -23.84 -47.05
CA ASP N 381 54.71 -24.22 -46.62
C ASP N 381 54.73 -25.66 -46.10
N ILE N 382 54.50 -25.83 -44.80
CA ILE N 382 54.51 -27.17 -44.22
C ILE N 382 53.29 -27.44 -43.32
N GLY N 383 52.52 -28.45 -43.71
CA GLY N 383 51.44 -28.94 -42.87
C GLY N 383 51.08 -30.36 -43.24
N LYS N 384 50.57 -31.10 -42.27
CA LYS N 384 50.23 -32.52 -42.46
C LYS N 384 49.00 -32.88 -41.64
N GLY N 385 48.69 -34.17 -41.57
CA GLY N 385 47.61 -34.66 -40.74
C GLY N 385 46.22 -34.35 -41.28
N ALA N 386 45.21 -34.94 -40.65
CA ALA N 386 43.83 -34.74 -41.08
C ALA N 386 42.84 -35.02 -39.96
N GLU N 387 41.61 -34.56 -40.16
CA GLU N 387 40.51 -34.85 -39.24
C GLU N 387 40.14 -36.33 -39.27
N THR N 388 39.40 -36.77 -38.26
CA THR N 388 39.10 -38.19 -38.04
C THR N 388 38.45 -38.86 -39.26
N THR N 389 38.74 -40.15 -39.41
CA THR N 389 38.46 -40.94 -40.60
C THR N 389 37.62 -42.17 -40.25
N PHE N 390 37.60 -43.12 -41.20
CA PHE N 390 37.14 -44.51 -41.08
C PHE N 390 35.63 -44.71 -41.25
N LEU N 391 34.89 -43.62 -41.42
CA LEU N 391 33.49 -43.75 -41.82
C LEU N 391 33.39 -43.77 -43.34
N GLN N 392 33.81 -42.67 -43.96
CA GLN N 392 33.59 -42.40 -45.37
C GLN N 392 34.00 -43.52 -46.31
N ASP N 393 33.08 -43.89 -47.20
CA ASP N 393 33.40 -44.70 -48.36
C ASP N 393 33.33 -43.79 -49.58
N VAL N 394 34.47 -43.49 -50.15
CA VAL N 394 34.58 -42.40 -51.11
C VAL N 394 35.16 -42.82 -52.45
N ILE N 395 34.50 -42.44 -53.53
CA ILE N 395 35.10 -42.56 -54.86
C ILE N 395 34.66 -41.40 -55.78
N ALA N 396 35.64 -40.82 -56.48
CA ALA N 396 35.36 -39.80 -57.48
C ALA N 396 34.98 -40.44 -58.81
N LEU N 397 34.11 -39.78 -59.56
CA LEU N 397 33.63 -40.32 -60.84
C LEU N 397 33.95 -39.38 -62.00
N SER N 398 33.93 -39.93 -63.22
CA SER N 398 34.29 -39.19 -64.42
C SER N 398 33.06 -38.70 -65.19
N ILE N 399 32.88 -37.38 -65.24
CA ILE N 399 31.76 -36.78 -65.96
C ILE N 399 32.26 -35.76 -66.98
N ALA N 400 31.85 -35.92 -68.24
CA ALA N 400 32.28 -35.01 -69.29
C ALA N 400 31.17 -34.67 -70.28
N ASP N 401 30.97 -33.36 -70.52
CA ASP N 401 30.16 -32.88 -71.63
C ASP N 401 28.66 -33.19 -71.51
N ASP N 402 28.29 -33.88 -70.44
CA ASP N 402 26.92 -34.38 -70.19
C ASP N 402 26.67 -35.61 -71.06
N ALA N 403 27.65 -35.94 -71.89
CA ALA N 403 27.68 -37.19 -72.65
C ALA N 403 27.84 -38.36 -71.67
N SER N 404 27.59 -39.57 -72.15
CA SER N 404 27.57 -40.77 -71.28
C SER N 404 28.82 -40.81 -70.39
N SER N 405 28.57 -41.03 -69.10
CA SER N 405 29.50 -40.63 -68.05
C SER N 405 29.73 -41.71 -67.00
N ALA N 406 30.37 -41.29 -65.90
CA ALA N 406 30.67 -42.15 -64.76
C ALA N 406 31.62 -43.30 -65.07
N GLU N 407 32.88 -42.94 -65.30
CA GLU N 407 33.97 -43.91 -65.36
C GLU N 407 34.66 -43.97 -63.99
N LEU N 408 34.65 -45.14 -63.37
CA LEU N 408 35.07 -45.29 -61.98
C LEU N 408 36.51 -45.77 -61.82
N LEU N 409 37.33 -44.96 -61.16
CA LEU N 409 38.74 -45.26 -60.92
C LEU N 409 38.91 -46.22 -59.73
N GLY N 410 38.00 -46.10 -58.77
CA GLY N 410 37.86 -46.98 -57.63
C GLY N 410 38.41 -46.52 -56.27
N ARG N 411 37.61 -46.84 -55.26
CA ARG N 411 37.84 -46.63 -53.82
C ARG N 411 38.44 -45.28 -53.41
N VAL N 412 39.19 -45.29 -52.30
CA VAL N 412 39.91 -44.12 -51.77
C VAL N 412 40.92 -44.62 -50.74
N ASP N 413 41.93 -43.81 -50.41
CA ASP N 413 42.83 -44.19 -49.34
C ASP N 413 42.94 -43.14 -48.21
N GLY N 414 43.67 -42.06 -48.48
CA GLY N 414 44.01 -41.10 -47.44
C GLY N 414 43.33 -39.76 -47.45
N LYS N 415 43.63 -38.96 -46.43
CA LYS N 415 43.17 -37.58 -46.32
C LYS N 415 44.26 -36.72 -45.70
N ILE N 416 44.52 -35.55 -46.27
CA ILE N 416 45.58 -34.67 -45.77
C ILE N 416 45.30 -33.19 -46.04
N VAL N 417 45.68 -32.34 -45.09
CA VAL N 417 45.61 -30.90 -45.29
C VAL N 417 46.98 -30.26 -45.08
N VAL N 418 47.23 -29.13 -45.73
CA VAL N 418 48.52 -28.46 -45.62
C VAL N 418 48.38 -26.99 -45.23
N THR N 419 48.84 -26.67 -44.03
CA THR N 419 48.84 -25.29 -43.52
C THR N 419 50.17 -24.60 -43.79
N PRO N 420 50.15 -23.32 -44.21
CA PRO N 420 51.39 -22.56 -44.31
C PRO N 420 51.93 -22.16 -42.94
N GLN N 421 53.08 -21.50 -42.91
CA GLN N 421 53.69 -21.07 -41.65
C GLN N 421 54.74 -19.99 -41.86
N ILE N 422 55.42 -19.63 -40.77
CA ILE N 422 56.48 -18.64 -40.81
C ILE N 422 57.76 -19.24 -41.37
N VAL O 31 -44.02 17.19 -13.28
CA VAL O 31 -44.24 18.38 -12.47
C VAL O 31 -45.43 18.19 -11.52
N MET O 32 -45.20 18.47 -10.24
CA MET O 32 -46.22 18.42 -9.19
C MET O 32 -46.70 17.00 -8.89
N THR O 33 -46.28 16.02 -9.68
CA THR O 33 -46.52 14.60 -9.43
C THR O 33 -48.01 14.22 -9.52
N ILE O 34 -48.86 15.21 -9.75
CA ILE O 34 -50.31 15.00 -9.80
C ILE O 34 -50.72 14.07 -10.95
N SER O 35 -49.79 13.80 -11.85
CA SER O 35 -50.03 12.89 -12.98
C SER O 35 -50.12 11.44 -12.52
N SER O 36 -49.88 11.21 -11.23
CA SER O 36 -49.94 9.90 -10.60
C SER O 36 -48.89 8.94 -11.16
N LEU O 37 -47.70 9.46 -11.39
CA LEU O 37 -46.57 8.64 -11.81
C LEU O 37 -45.93 7.95 -10.61
N GLU O 38 -46.24 8.45 -9.41
CA GLU O 38 -45.70 7.91 -8.17
C GLU O 38 -46.24 6.51 -7.87
N GLN O 39 -47.55 6.34 -8.07
CA GLN O 39 -48.22 5.08 -7.74
C GLN O 39 -48.18 4.10 -8.92
N ARG O 40 -47.72 4.59 -10.06
CA ARG O 40 -47.80 3.83 -11.31
C ARG O 40 -46.87 2.62 -11.37
N THR O 41 -45.64 2.76 -10.92
CA THR O 41 -44.62 1.75 -11.17
C THR O 41 -44.67 0.52 -10.24
N LEU O 42 -44.86 0.75 -8.95
CA LEU O 42 -44.46 -0.24 -7.94
C LEU O 42 -45.50 -1.23 -7.43
N ASN O 43 -46.71 -1.24 -7.96
CA ASN O 43 -47.72 -2.17 -7.43
C ASN O 43 -48.49 -3.06 -8.41
N PRO O 44 -47.80 -3.89 -9.20
CA PRO O 44 -48.55 -4.86 -10.01
C PRO O 44 -49.15 -5.96 -9.15
N ASP O 45 -50.36 -6.42 -9.48
CA ASP O 45 -51.13 -7.31 -8.61
C ASP O 45 -51.18 -6.67 -7.23
N LEU O 46 -50.85 -7.42 -6.19
CA LEU O 46 -50.53 -6.82 -4.90
C LEU O 46 -51.65 -5.90 -4.39
N PHE O 47 -51.39 -4.60 -4.46
CA PHE O 47 -52.23 -3.54 -3.93
C PHE O 47 -53.72 -3.71 -4.29
N LEU O 48 -53.99 -4.41 -5.38
CA LEU O 48 -55.35 -4.80 -5.75
C LEU O 48 -56.12 -5.39 -4.56
N TYR O 49 -55.61 -6.49 -4.01
CA TYR O 49 -56.24 -7.17 -2.89
C TYR O 49 -56.52 -6.26 -1.70
N LYS O 50 -55.48 -5.70 -1.09
CA LYS O 50 -55.64 -4.90 0.12
C LYS O 50 -56.35 -3.57 -0.13
N GLU O 51 -56.58 -3.24 -1.40
CA GLU O 51 -57.41 -2.08 -1.75
C GLU O 51 -58.88 -2.38 -1.48
N LEU O 52 -59.33 -3.54 -1.94
CA LEU O 52 -60.73 -3.93 -1.84
C LEU O 52 -61.14 -4.18 -0.40
N VAL O 53 -60.26 -4.82 0.37
CA VAL O 53 -60.55 -5.13 1.77
C VAL O 53 -60.46 -3.85 2.62
N LYS O 54 -59.78 -2.84 2.08
CA LYS O 54 -59.70 -1.54 2.74
C LYS O 54 -61.07 -0.86 2.71
N ALA O 55 -61.73 -0.94 1.56
CA ALA O 55 -63.09 -0.44 1.43
C ALA O 55 -64.03 -1.29 2.26
N HIS O 56 -63.78 -2.60 2.25
CA HIS O 56 -64.51 -3.54 3.10
C HIS O 56 -64.40 -3.18 4.57
N LEU O 57 -63.18 -3.27 5.10
CA LEU O 57 -62.92 -2.97 6.50
C LEU O 57 -61.90 -1.85 6.65
N GLY O 58 -60.67 -2.11 6.23
CA GLY O 58 -59.60 -1.14 6.34
C GLY O 58 -58.64 -1.47 7.47
N GLU O 59 -57.69 -0.56 7.71
CA GLU O 59 -56.69 -0.66 8.79
C GLU O 59 -56.08 -2.05 8.91
N ARG O 60 -56.20 -2.65 10.10
CA ARG O 60 -55.63 -3.95 10.41
C ARG O 60 -55.98 -5.03 9.39
N ALA O 61 -57.18 -4.95 8.83
CA ALA O 61 -57.64 -5.94 7.85
C ALA O 61 -56.84 -5.89 6.57
N ALA O 62 -56.44 -4.68 6.17
CA ALA O 62 -55.64 -4.51 4.96
C ALA O 62 -54.19 -4.92 5.20
N SER O 63 -53.74 -4.73 6.44
CA SER O 63 -52.39 -5.10 6.84
C SER O 63 -52.10 -6.58 6.62
N VAL O 64 -52.83 -7.44 7.33
CA VAL O 64 -52.61 -8.88 7.30
C VAL O 64 -52.69 -9.46 5.88
N ILE O 65 -53.75 -9.11 5.15
CA ILE O 65 -53.95 -9.64 3.79
C ILE O 65 -52.85 -9.15 2.85
N GLY O 66 -52.54 -7.86 2.93
CA GLY O 66 -51.50 -7.28 2.11
C GLY O 66 -50.15 -7.93 2.35
N MET O 67 -49.90 -8.31 3.60
CA MET O 67 -48.66 -9.00 3.96
C MET O 67 -48.76 -10.48 3.59
N LEU O 68 -49.97 -11.02 3.63
CA LEU O 68 -50.21 -12.41 3.25
C LEU O 68 -49.94 -12.64 1.77
N VAL O 69 -50.10 -11.58 0.98
CA VAL O 69 -49.84 -11.63 -0.45
C VAL O 69 -48.34 -11.56 -0.73
N ALA O 70 -47.74 -10.44 -0.32
CA ALA O 70 -46.32 -10.16 -0.57
C ALA O 70 -45.39 -11.31 -0.16
N LEU O 71 -45.55 -11.79 1.06
CA LEU O 71 -44.67 -12.82 1.59
C LEU O 71 -45.21 -14.23 1.31
N GLY O 72 -46.43 -14.30 0.80
CA GLY O 72 -47.05 -15.59 0.51
C GLY O 72 -47.44 -16.33 1.76
N ARG O 73 -47.03 -17.60 1.85
CA ARG O 73 -47.34 -18.45 3.00
C ARG O 73 -46.93 -17.79 4.32
N LEU O 74 -47.85 -17.77 5.28
CA LEU O 74 -47.65 -16.99 6.49
C LEU O 74 -48.02 -17.79 7.74
N SER O 75 -47.34 -17.49 8.84
CA SER O 75 -47.61 -18.13 10.13
C SER O 75 -48.13 -17.10 11.13
N VAL O 76 -48.89 -17.57 12.11
CA VAL O 76 -49.53 -16.70 13.11
C VAL O 76 -48.53 -15.80 13.83
N ARG O 77 -47.43 -16.39 14.29
CA ARG O 77 -46.40 -15.64 15.00
C ARG O 77 -45.69 -14.65 14.08
N GLU O 78 -45.66 -14.97 12.80
CA GLU O 78 -44.91 -14.17 11.82
C GLU O 78 -45.57 -12.82 11.55
N LEU O 79 -46.87 -12.71 11.79
CA LEU O 79 -47.58 -11.45 11.64
C LEU O 79 -47.06 -10.42 12.63
N VAL O 80 -46.72 -10.88 13.82
CA VAL O 80 -46.27 -10.00 14.91
C VAL O 80 -44.89 -9.41 14.63
N GLU O 81 -43.99 -10.24 14.11
CA GLU O 81 -42.60 -9.86 13.92
C GLU O 81 -42.41 -8.68 12.95
N LYS O 82 -42.94 -8.83 11.75
CA LYS O 82 -42.75 -7.85 10.68
C LYS O 82 -43.25 -6.44 11.04
N ILE O 83 -44.57 -6.30 11.15
CA ILE O 83 -45.21 -5.00 11.20
C ILE O 83 -45.14 -4.31 12.57
N ASP O 84 -45.00 -5.10 13.64
CA ASP O 84 -45.21 -4.60 15.00
C ASP O 84 -46.63 -4.02 15.05
N GLY O 85 -47.57 -4.89 14.73
CA GLY O 85 -48.95 -4.54 14.40
C GLY O 85 -49.94 -4.44 15.54
N MET O 86 -49.47 -4.07 16.74
CA MET O 86 -50.26 -4.15 17.97
C MET O 86 -50.58 -5.61 18.27
N ASP O 87 -49.54 -6.31 18.71
CA ASP O 87 -49.53 -7.76 18.89
C ASP O 87 -50.69 -8.35 19.67
N VAL O 88 -51.22 -9.44 19.11
CA VAL O 88 -52.16 -10.38 19.74
C VAL O 88 -53.55 -9.80 20.03
N ASP O 89 -53.68 -8.48 19.98
CA ASP O 89 -54.99 -7.85 20.05
C ASP O 89 -55.65 -7.83 18.68
N SER O 90 -54.86 -7.45 17.67
CA SER O 90 -55.34 -7.36 16.30
C SER O 90 -55.36 -8.71 15.60
N VAL O 91 -54.30 -9.50 15.82
CA VAL O 91 -54.13 -10.78 15.13
C VAL O 91 -55.30 -11.73 15.38
N LYS O 92 -55.63 -11.94 16.65
CA LYS O 92 -56.72 -12.83 17.01
C LYS O 92 -58.06 -12.26 16.57
N THR O 93 -58.14 -10.94 16.47
CA THR O 93 -59.37 -10.28 16.04
C THR O 93 -59.54 -10.39 14.52
N THR O 94 -58.47 -10.14 13.79
CA THR O 94 -58.50 -10.22 12.33
C THR O 94 -58.65 -11.65 11.84
N LEU O 95 -58.08 -12.59 12.58
CA LEU O 95 -58.13 -14.01 12.24
C LEU O 95 -59.55 -14.50 12.06
N VAL O 96 -60.34 -14.46 13.13
CA VAL O 96 -61.73 -14.91 13.10
C VAL O 96 -62.57 -14.05 12.14
N SER O 97 -62.13 -12.81 11.91
CA SER O 97 -62.82 -11.92 11.00
C SER O 97 -62.63 -12.37 9.54
N LEU O 98 -61.42 -12.83 9.23
CA LEU O 98 -61.11 -13.30 7.89
C LEU O 98 -61.62 -14.73 7.67
N THR O 99 -61.89 -15.44 8.77
CA THR O 99 -62.34 -16.82 8.70
C THR O 99 -63.82 -16.93 8.36
N GLN O 100 -64.63 -16.07 8.96
CA GLN O 100 -66.07 -16.08 8.72
C GLN O 100 -66.41 -15.80 7.26
N LEU O 101 -65.66 -14.89 6.66
CA LEU O 101 -65.84 -14.55 5.25
C LEU O 101 -64.89 -15.39 4.39
N ARG O 102 -64.18 -16.30 5.04
CA ARG O 102 -63.15 -17.16 4.45
C ARG O 102 -62.25 -16.40 3.48
N CYS O 103 -61.53 -15.42 4.02
CA CYS O 103 -60.58 -14.64 3.22
C CYS O 103 -59.17 -15.21 3.36
N VAL O 104 -59.04 -16.24 4.17
CA VAL O 104 -57.75 -16.89 4.40
C VAL O 104 -57.83 -18.40 4.24
N LYS O 105 -56.91 -18.96 3.48
CA LYS O 105 -56.85 -20.40 3.27
C LYS O 105 -56.16 -21.05 4.46
N TYR O 106 -56.86 -21.96 5.13
CA TYR O 106 -56.36 -22.54 6.37
C TYR O 106 -55.78 -23.94 6.18
N LEU O 107 -54.62 -24.17 6.79
CA LEU O 107 -53.97 -25.47 6.78
C LEU O 107 -53.21 -25.70 8.08
N GLN O 108 -53.27 -26.92 8.60
CA GLN O 108 -52.53 -27.26 9.81
C GLN O 108 -51.82 -28.61 9.67
N GLU O 109 -50.60 -28.68 10.19
CA GLU O 109 -49.82 -29.91 10.16
C GLU O 109 -48.80 -29.93 11.29
N THR O 110 -47.93 -30.92 11.28
CA THR O 110 -46.89 -31.04 12.30
C THR O 110 -45.53 -31.35 11.67
N ALA O 111 -44.51 -31.48 12.53
CA ALA O 111 -43.16 -31.79 12.07
C ALA O 111 -42.63 -33.03 12.78
N ILE O 112 -41.56 -33.61 12.22
CA ILE O 112 -40.94 -34.78 12.81
C ILE O 112 -40.36 -34.45 14.18
N SER O 113 -40.03 -33.18 14.40
CA SER O 113 -39.52 -32.73 15.69
C SER O 113 -40.61 -32.76 16.75
N GLY O 114 -41.75 -32.14 16.45
CA GLY O 114 -42.87 -32.13 17.36
C GLY O 114 -43.77 -30.92 17.24
N LYS O 115 -44.54 -30.67 18.30
CA LYS O 115 -45.48 -29.55 18.38
C LYS O 115 -46.49 -29.53 17.23
N LYS O 116 -46.77 -28.34 16.72
CA LYS O 116 -47.75 -28.17 15.65
C LYS O 116 -47.51 -26.83 14.93
N THR O 117 -48.03 -26.71 13.72
CA THR O 117 -47.93 -25.47 12.96
C THR O 117 -49.17 -25.20 12.12
N THR O 118 -49.56 -23.93 12.04
CA THR O 118 -50.71 -23.53 11.24
C THR O 118 -50.31 -22.43 10.26
N TYR O 119 -50.39 -22.73 8.97
CA TYR O 119 -50.00 -21.78 7.93
C TYR O 119 -51.20 -21.27 7.15
N TYR O 120 -51.18 -19.97 6.86
CA TYR O 120 -52.28 -19.33 6.14
C TYR O 120 -51.86 -18.93 4.73
N TYR O 121 -52.81 -19.05 3.80
CA TYR O 121 -52.60 -18.63 2.42
C TYR O 121 -53.67 -17.62 2.04
N TYR O 122 -53.44 -16.88 0.96
CA TYR O 122 -54.49 -16.07 0.39
C TYR O 122 -55.51 -17.02 -0.24
N ASN O 123 -56.77 -16.88 0.15
CA ASN O 123 -57.77 -17.90 -0.16
C ASN O 123 -58.47 -17.65 -1.50
N GLU O 124 -58.21 -18.54 -2.45
CA GLU O 124 -58.84 -18.54 -3.78
C GLU O 124 -58.94 -17.12 -4.32
N GLU O 125 -60.10 -16.75 -4.82
CA GLU O 125 -60.47 -15.35 -4.85
C GLU O 125 -61.76 -15.20 -4.04
N GLY O 126 -61.64 -14.65 -2.84
CA GLY O 126 -62.80 -14.32 -2.04
C GLY O 126 -63.02 -12.83 -2.03
N ILE O 127 -61.97 -12.12 -2.44
CA ILE O 127 -62.01 -10.67 -2.52
C ILE O 127 -62.67 -10.26 -3.83
N HIS O 128 -62.56 -11.14 -4.82
CA HIS O 128 -63.19 -10.95 -6.11
C HIS O 128 -64.70 -11.12 -5.98
N ILE O 129 -65.11 -11.97 -5.04
CA ILE O 129 -66.51 -12.16 -4.72
C ILE O 129 -67.05 -10.90 -4.03
N LEU O 130 -66.22 -10.29 -3.20
CA LEU O 130 -66.56 -9.01 -2.58
C LEU O 130 -66.58 -7.92 -3.63
N LEU O 131 -65.79 -8.12 -4.68
CA LEU O 131 -65.79 -7.22 -5.82
C LEU O 131 -67.02 -7.49 -6.68
N TYR O 132 -67.56 -8.70 -6.56
CA TYR O 132 -68.76 -9.09 -7.29
C TYR O 132 -70.02 -8.58 -6.58
N SER O 133 -70.34 -9.21 -5.44
CA SER O 133 -71.51 -8.83 -4.64
C SER O 133 -72.80 -8.86 -5.46
N GLY O 134 -73.41 -7.69 -5.62
CA GLY O 134 -74.68 -7.55 -6.33
C GLY O 134 -74.71 -8.16 -7.72
N LEU O 135 -73.55 -8.25 -8.37
CA LEU O 135 -73.45 -8.86 -9.69
C LEU O 135 -73.87 -10.33 -9.63
N ILE O 136 -73.51 -11.00 -8.54
CA ILE O 136 -73.93 -12.37 -8.31
C ILE O 136 -75.43 -12.41 -8.06
N ILE O 137 -75.90 -11.51 -7.19
CA ILE O 137 -77.30 -11.42 -6.83
C ILE O 137 -78.15 -11.02 -8.04
N ASP O 138 -77.54 -10.28 -8.96
CA ASP O 138 -78.18 -9.92 -10.22
C ASP O 138 -78.65 -11.17 -10.96
N GLU O 139 -77.70 -12.03 -11.32
CA GLU O 139 -78.00 -13.29 -12.00
C GLU O 139 -78.93 -14.17 -11.17
N ILE O 140 -78.82 -14.06 -9.85
CA ILE O 140 -79.70 -14.79 -8.95
C ILE O 140 -81.16 -14.38 -9.16
N ILE O 141 -81.41 -13.07 -9.19
CA ILE O 141 -82.75 -12.54 -9.41
C ILE O 141 -83.22 -12.82 -10.84
N THR O 142 -82.35 -12.56 -11.80
CA THR O 142 -82.71 -12.65 -13.22
C THR O 142 -83.03 -14.07 -13.67
N GLN O 143 -82.24 -15.04 -13.20
CA GLN O 143 -82.41 -16.43 -13.63
C GLN O 143 -83.37 -17.20 -12.73
N MET O 144 -83.97 -16.52 -11.76
CA MET O 144 -84.90 -17.15 -10.84
C MET O 144 -86.32 -17.15 -11.40
N ARG O 145 -86.47 -16.62 -12.62
CA ARG O 145 -87.77 -16.58 -13.27
C ARG O 145 -88.09 -17.93 -13.90
N VAL O 146 -89.09 -17.94 -14.78
CA VAL O 146 -89.94 -19.08 -15.17
C VAL O 146 -91.09 -19.09 -14.16
N ASN O 147 -90.93 -18.29 -13.11
CA ASN O 147 -92.05 -17.77 -12.36
C ASN O 147 -92.31 -16.38 -12.90
N ASP O 148 -93.35 -15.70 -12.44
CA ASP O 148 -93.63 -14.38 -12.98
C ASP O 148 -93.83 -13.30 -11.91
N GLU O 149 -92.85 -12.38 -11.83
CA GLU O 149 -92.96 -11.14 -11.07
C GLU O 149 -93.66 -11.30 -9.71
N GLU O 150 -93.00 -11.98 -8.78
CA GLU O 150 -93.62 -12.31 -7.51
C GLU O 150 -92.99 -11.56 -6.34
N GLU O 151 -93.45 -11.88 -5.13
CA GLU O 151 -92.92 -11.31 -3.90
C GLU O 151 -91.46 -11.69 -3.70
N HIS O 152 -90.99 -12.64 -4.51
CA HIS O 152 -89.62 -13.14 -4.48
C HIS O 152 -88.57 -12.03 -4.54
N LYS O 153 -88.88 -10.95 -5.25
CA LYS O 153 -87.94 -9.84 -5.44
C LYS O 153 -87.46 -9.24 -4.12
N GLN O 154 -88.41 -8.84 -3.27
CA GLN O 154 -88.08 -8.21 -2.00
C GLN O 154 -87.68 -9.26 -0.96
N LEU O 155 -88.08 -10.50 -1.18
CA LEU O 155 -87.80 -11.57 -0.23
C LEU O 155 -86.34 -12.00 -0.27
N VAL O 156 -85.93 -12.64 -1.37
CA VAL O 156 -84.60 -13.21 -1.47
C VAL O 156 -83.50 -12.15 -1.53
N ALA O 157 -83.87 -10.92 -1.83
CA ALA O 157 -82.92 -9.82 -1.80
C ALA O 157 -82.44 -9.61 -0.37
N GLU O 158 -83.35 -9.80 0.58
CA GLU O 158 -83.02 -9.72 2.00
C GLU O 158 -82.32 -11.00 2.44
N ILE O 159 -82.68 -12.12 1.83
CA ILE O 159 -82.13 -13.41 2.22
C ILE O 159 -80.68 -13.56 1.76
N VAL O 160 -80.42 -13.28 0.49
CA VAL O 160 -79.08 -13.44 -0.08
C VAL O 160 -78.10 -12.43 0.52
N GLN O 161 -78.56 -11.20 0.75
CA GLN O 161 -77.71 -10.16 1.31
C GLN O 161 -77.28 -10.52 2.73
N ASN O 162 -78.07 -11.36 3.39
CA ASN O 162 -77.72 -11.84 4.72
C ASN O 162 -76.73 -13.00 4.66
N VAL O 163 -76.68 -13.66 3.51
CA VAL O 163 -75.80 -14.81 3.32
C VAL O 163 -74.35 -14.39 3.15
N ILE O 164 -74.07 -13.66 2.07
CA ILE O 164 -72.73 -13.24 1.72
C ILE O 164 -72.09 -12.38 2.81
N SER O 165 -72.91 -11.57 3.48
CA SER O 165 -72.42 -10.66 4.51
C SER O 165 -71.85 -11.41 5.71
N LEU O 166 -72.61 -12.37 6.22
CA LEU O 166 -72.17 -13.15 7.38
C LEU O 166 -71.10 -14.15 6.99
N GLY O 167 -71.17 -14.62 5.75
CA GLY O 167 -70.19 -15.56 5.21
C GLY O 167 -70.57 -17.01 5.42
N SER O 168 -71.39 -17.27 6.43
CA SER O 168 -71.95 -18.60 6.65
C SER O 168 -73.32 -18.49 7.31
N LEU O 169 -74.26 -19.33 6.85
CA LEU O 169 -75.61 -19.32 7.41
C LEU O 169 -76.13 -20.72 7.74
N THR O 170 -76.39 -20.96 9.01
CA THR O 170 -77.09 -22.16 9.44
C THR O 170 -78.58 -21.96 9.18
N VAL O 171 -79.29 -23.04 8.88
CA VAL O 171 -80.70 -22.93 8.49
C VAL O 171 -81.60 -22.53 9.66
N GLU O 172 -81.45 -23.21 10.79
CA GLU O 172 -82.33 -23.00 11.94
C GLU O 172 -82.17 -21.63 12.57
N ASP O 173 -80.92 -21.23 12.84
CA ASP O 173 -80.65 -19.94 13.46
C ASP O 173 -81.14 -18.79 12.58
N TYR O 174 -81.04 -18.99 11.27
CA TYR O 174 -81.56 -18.05 10.29
C TYR O 174 -83.09 -18.05 10.27
N LEU O 175 -83.68 -19.23 10.40
CA LEU O 175 -85.13 -19.39 10.41
C LEU O 175 -85.71 -18.70 11.65
N SER O 176 -84.91 -18.63 12.71
CA SER O 176 -85.32 -17.97 13.94
C SER O 176 -85.41 -16.46 13.74
N SER O 177 -84.68 -15.94 12.77
CA SER O 177 -84.69 -14.51 12.48
C SER O 177 -85.99 -14.08 11.82
N VAL O 178 -86.67 -15.04 11.19
CA VAL O 178 -87.95 -14.78 10.54
C VAL O 178 -89.02 -14.51 11.60
N THR O 179 -89.88 -13.53 11.34
CA THR O 179 -90.93 -13.15 12.27
C THR O 179 -91.94 -14.27 12.49
N SER O 180 -92.60 -14.25 13.65
CA SER O 180 -93.59 -15.26 13.99
C SER O 180 -94.98 -14.86 13.52
N ASP O 181 -95.98 -15.67 13.88
CA ASP O 181 -97.39 -15.46 13.56
C ASP O 181 -97.61 -15.09 12.09
N SER O 182 -96.79 -15.68 11.22
CA SER O 182 -96.89 -15.45 9.78
C SER O 182 -96.59 -16.75 9.05
N MET O 183 -96.47 -16.69 7.74
CA MET O 183 -96.15 -17.88 6.97
C MET O 183 -94.65 -18.15 7.07
N LYS O 184 -94.30 -19.29 7.64
CA LYS O 184 -92.89 -19.65 7.85
C LYS O 184 -92.27 -20.22 6.58
N TYR O 185 -93.08 -20.89 5.78
CA TYR O 185 -92.58 -21.49 4.55
C TYR O 185 -92.73 -20.56 3.35
N THR O 186 -93.16 -19.34 3.59
CA THR O 186 -93.16 -18.31 2.53
C THR O 186 -91.73 -17.96 2.15
N ILE O 187 -90.87 -17.80 3.16
CA ILE O 187 -89.45 -17.58 2.90
C ILE O 187 -88.78 -18.91 2.55
N SER O 188 -89.44 -20.01 2.93
CA SER O 188 -88.97 -21.34 2.57
C SER O 188 -89.66 -21.83 1.31
N SER O 189 -90.55 -21.00 0.75
CA SER O 189 -91.13 -21.27 -0.56
C SER O 189 -89.99 -21.32 -1.55
N LEU O 190 -89.10 -20.33 -1.46
CA LEU O 190 -87.80 -20.49 -2.09
C LEU O 190 -86.75 -20.54 -0.98
N PHE O 191 -86.39 -21.75 -0.59
CA PHE O 191 -85.20 -22.05 0.19
C PHE O 191 -84.60 -23.31 -0.41
N VAL O 192 -85.41 -24.37 -0.38
CA VAL O 192 -85.13 -25.59 -1.13
C VAL O 192 -85.05 -25.28 -2.62
N GLN O 193 -85.54 -24.11 -3.01
CA GLN O 193 -85.41 -23.63 -4.38
C GLN O 193 -84.13 -22.81 -4.54
N LEU O 194 -83.48 -22.49 -3.42
CA LEU O 194 -82.18 -21.83 -3.45
C LEU O 194 -81.09 -22.84 -3.79
N CYS O 195 -81.24 -24.05 -3.27
CA CYS O 195 -80.32 -25.14 -3.60
C CYS O 195 -80.44 -25.40 -5.10
N GLU O 196 -81.69 -25.47 -5.57
CA GLU O 196 -81.99 -25.49 -6.99
C GLU O 196 -81.21 -26.58 -7.72
N MET O 197 -80.36 -26.14 -8.64
CA MET O 197 -79.44 -27.01 -9.35
C MET O 197 -78.02 -26.59 -8.98
N GLY O 198 -77.67 -25.35 -9.34
CA GLY O 198 -76.42 -24.75 -8.96
C GLY O 198 -76.59 -23.81 -7.78
N TYR O 199 -75.83 -22.72 -7.78
CA TYR O 199 -75.89 -21.68 -6.74
C TYR O 199 -75.50 -22.22 -5.36
N LEU O 200 -76.39 -22.03 -4.39
CA LEU O 200 -76.09 -22.35 -3.01
C LEU O 200 -75.99 -23.85 -2.75
N ILE O 201 -74.84 -24.27 -2.20
CA ILE O 201 -74.65 -25.65 -1.79
C ILE O 201 -74.32 -25.69 -0.29
N GLN O 202 -74.18 -26.89 0.26
CA GLN O 202 -73.95 -27.07 1.70
C GLN O 202 -72.52 -26.73 2.11
N ILE O 203 -72.32 -26.48 3.40
CA ILE O 203 -70.98 -26.35 3.95
C ILE O 203 -70.39 -27.75 4.18
N SER O 204 -69.25 -28.03 3.57
CA SER O 204 -68.63 -29.33 3.80
C SER O 204 -67.14 -29.24 4.13
N LYS O 205 -66.81 -29.53 5.39
CA LYS O 205 -65.46 -29.94 5.79
C LYS O 205 -64.31 -29.10 5.22
N LEU O 206 -63.48 -29.77 4.42
CA LEU O 206 -62.22 -29.25 3.94
C LEU O 206 -62.33 -28.47 2.63
N HIS O 207 -63.56 -28.20 2.20
CA HIS O 207 -63.83 -27.55 0.91
C HIS O 207 -62.90 -26.36 0.64
N TYR O 208 -62.60 -25.58 1.67
CA TYR O 208 -61.53 -24.59 1.57
C TYR O 208 -60.21 -25.27 1.96
N THR O 209 -59.28 -25.32 1.02
CA THR O 209 -58.02 -26.07 1.18
C THR O 209 -57.16 -25.87 -0.07
N PRO O 210 -55.85 -25.68 0.12
CA PRO O 210 -54.93 -25.57 -1.03
C PRO O 210 -54.99 -26.81 -1.91
N ILE O 211 -55.12 -26.61 -3.22
CA ILE O 211 -55.22 -27.72 -4.16
C ILE O 211 -53.92 -28.53 -4.16
N GLU O 212 -52.81 -27.85 -3.88
CA GLU O 212 -51.51 -28.51 -3.80
C GLU O 212 -51.43 -29.39 -2.55
N ASP O 213 -51.97 -28.89 -1.45
CA ASP O 213 -51.90 -29.58 -0.17
C ASP O 213 -52.86 -30.78 -0.09
N LEU O 214 -54.10 -30.57 -0.54
CA LEU O 214 -55.10 -31.63 -0.48
C LEU O 214 -54.69 -32.80 -1.38
N TRP O 215 -53.99 -32.49 -2.47
CA TRP O 215 -53.48 -33.52 -3.36
C TRP O 215 -52.38 -34.31 -2.67
N GLN O 216 -51.57 -33.62 -1.86
CA GLN O 216 -50.48 -34.25 -1.14
C GLN O 216 -51.00 -35.05 0.06
N PHE O 217 -52.03 -34.52 0.71
CA PHE O 217 -52.63 -35.18 1.86
C PHE O 217 -53.39 -36.43 1.40
N LEU O 218 -53.97 -36.37 0.22
CA LEU O 218 -54.68 -37.50 -0.36
C LEU O 218 -53.68 -38.47 -0.98
N TYR O 219 -52.47 -37.98 -1.24
CA TYR O 219 -51.42 -38.79 -1.85
C TYR O 219 -50.88 -39.77 -0.82
N GLU O 220 -51.23 -39.55 0.43
CA GLU O 220 -50.95 -40.52 1.50
C GLU O 220 -51.83 -41.73 1.24
N LYS O 221 -51.45 -42.88 1.80
CA LYS O 221 -52.11 -44.17 1.55
C LYS O 221 -51.84 -44.64 0.12
N HIS O 222 -51.11 -43.83 -0.64
CA HIS O 222 -50.66 -44.19 -1.99
C HIS O 222 -49.17 -44.52 -1.97
N TYR O 223 -48.33 -43.53 -1.65
CA TYR O 223 -46.92 -43.79 -1.41
C TYR O 223 -46.75 -44.78 -0.27
N LYS O 224 -47.62 -44.65 0.73
CA LYS O 224 -47.58 -45.48 1.93
C LYS O 224 -47.99 -46.92 1.65
N ASN O 225 -48.72 -47.13 0.55
CA ASN O 225 -49.27 -48.46 0.31
C ASN O 225 -48.38 -49.39 -0.50
N ILE O 226 -47.84 -50.37 0.20
CA ILE O 226 -47.23 -51.59 -0.33
C ILE O 226 -46.70 -52.35 0.89
N PRO O 227 -46.97 -53.65 0.97
CA PRO O 227 -46.44 -54.45 2.07
C PRO O 227 -45.15 -55.17 1.67
N ARG O 228 -44.14 -54.41 1.27
CA ARG O 228 -42.94 -54.98 0.66
C ARG O 228 -43.37 -55.98 -0.41
N ASN O 229 -43.96 -55.48 -1.49
CA ASN O 229 -44.58 -56.34 -2.48
C ASN O 229 -43.56 -57.06 -3.33
N SER O 230 -42.84 -56.30 -4.17
CA SER O 230 -41.82 -56.84 -5.06
C SER O 230 -41.13 -55.72 -5.82
N PRO O 231 -39.80 -55.82 -5.97
CA PRO O 231 -39.01 -54.82 -6.70
C PRO O 231 -39.01 -55.06 -8.21
N LEU O 232 -40.18 -55.18 -8.81
CA LEU O 232 -40.29 -55.35 -10.25
C LEU O 232 -41.09 -54.23 -10.89
N SER O 233 -40.63 -53.76 -12.04
CA SER O 233 -41.32 -52.73 -12.82
C SER O 233 -41.59 -51.47 -11.98
N ASP O 234 -40.53 -50.73 -11.68
CA ASP O 234 -40.64 -49.51 -10.86
C ASP O 234 -41.69 -48.54 -11.40
N LEU O 235 -41.96 -48.61 -12.70
CA LEU O 235 -42.94 -47.74 -13.33
C LEU O 235 -44.37 -48.08 -12.90
N LYS O 236 -44.55 -49.20 -12.22
CA LYS O 236 -45.89 -49.58 -11.75
C LYS O 236 -46.27 -48.79 -10.51
N LYS O 237 -45.27 -48.24 -9.83
CA LYS O 237 -45.52 -47.37 -8.68
C LYS O 237 -46.20 -46.10 -9.15
N ARG O 238 -45.83 -45.66 -10.35
CA ARG O 238 -46.48 -44.55 -11.02
C ARG O 238 -47.98 -44.82 -11.19
N SER O 239 -48.30 -45.87 -11.95
CA SER O 239 -49.68 -46.25 -12.22
C SER O 239 -50.48 -46.50 -10.94
N GLN O 240 -49.85 -47.13 -9.96
CA GLN O 240 -50.50 -47.41 -8.69
C GLN O 240 -50.99 -46.12 -8.01
N ALA O 241 -50.04 -45.26 -7.64
CA ALA O 241 -50.36 -44.03 -6.94
C ALA O 241 -51.29 -43.12 -7.74
N LYS O 242 -50.95 -42.87 -9.00
CA LYS O 242 -51.72 -41.98 -9.86
C LYS O 242 -53.19 -42.40 -10.00
N MET O 243 -53.42 -43.56 -10.59
CA MET O 243 -54.78 -44.05 -10.85
C MET O 243 -55.63 -44.09 -9.58
N ASN O 244 -55.03 -44.48 -8.46
CA ASN O 244 -55.74 -44.52 -7.19
C ASN O 244 -55.98 -43.13 -6.62
N ALA O 245 -55.14 -42.18 -7.02
CA ALA O 245 -55.31 -40.80 -6.59
C ALA O 245 -56.40 -40.11 -7.39
N LYS O 246 -56.47 -40.41 -8.68
CA LYS O 246 -57.44 -39.79 -9.58
C LYS O 246 -58.87 -40.15 -9.20
N THR O 247 -59.08 -41.42 -8.85
CA THR O 247 -60.42 -41.88 -8.46
C THR O 247 -60.78 -41.35 -7.07
N ASP O 248 -59.76 -41.12 -6.24
CA ASP O 248 -59.98 -40.55 -4.92
C ASP O 248 -60.10 -39.03 -5.00
N PHE O 249 -59.59 -38.46 -6.09
CA PHE O 249 -59.70 -37.03 -6.33
C PHE O 249 -61.08 -36.69 -6.87
N ALA O 250 -61.63 -37.60 -7.67
CA ALA O 250 -62.92 -37.38 -8.32
C ALA O 250 -64.06 -37.35 -7.31
N LYS O 251 -64.00 -38.22 -6.32
CA LYS O 251 -65.05 -38.30 -5.31
C LYS O 251 -65.06 -37.07 -4.40
N ILE O 252 -63.90 -36.43 -4.26
CA ILE O 252 -63.77 -35.25 -3.42
C ILE O 252 -64.31 -34.01 -4.12
N ILE O 253 -63.98 -33.86 -5.40
CA ILE O 253 -64.39 -32.68 -6.16
C ILE O 253 -65.85 -32.74 -6.58
N ASN O 254 -66.38 -33.95 -6.73
CA ASN O 254 -67.79 -34.13 -7.10
C ASN O 254 -68.69 -34.16 -5.88
N LYS O 255 -68.09 -34.14 -4.69
CA LYS O 255 -68.85 -34.12 -3.45
C LYS O 255 -69.64 -32.81 -3.29
N PRO O 256 -68.97 -31.64 -3.43
CA PRO O 256 -69.79 -30.42 -3.37
C PRO O 256 -70.66 -30.24 -4.61
N ASN O 257 -70.20 -30.80 -5.74
CA ASN O 257 -70.86 -30.58 -7.03
C ASN O 257 -72.34 -30.97 -7.04
N GLU O 258 -72.62 -32.26 -6.99
CA GLU O 258 -74.01 -32.73 -6.94
C GLU O 258 -74.22 -33.74 -5.82
N LEU O 259 -74.99 -33.33 -4.82
CA LEU O 259 -75.39 -34.25 -3.75
C LEU O 259 -76.85 -33.98 -3.37
N SER O 260 -77.68 -35.02 -3.49
CA SER O 260 -79.11 -34.87 -3.23
C SER O 260 -79.52 -35.31 -1.82
N GLN O 261 -78.55 -35.79 -1.04
CA GLN O 261 -78.83 -36.29 0.30
C GLN O 261 -79.47 -35.23 1.20
N ILE O 262 -78.72 -34.19 1.51
CA ILE O 262 -79.14 -33.17 2.47
C ILE O 262 -80.32 -32.34 1.99
N LEU O 263 -80.25 -31.86 0.75
CA LEU O 263 -81.21 -30.89 0.23
C LEU O 263 -82.58 -31.47 -0.08
N THR O 264 -82.63 -32.72 -0.50
CA THR O 264 -83.86 -33.32 -1.02
C THR O 264 -84.66 -34.04 0.06
N VAL O 265 -84.20 -33.93 1.31
CA VAL O 265 -84.89 -34.57 2.44
C VAL O 265 -86.36 -34.18 2.49
N ASP O 266 -87.24 -35.17 2.58
CA ASP O 266 -88.68 -34.92 2.56
C ASP O 266 -89.43 -35.75 3.59
N PRO O 267 -89.50 -35.25 4.84
CA PRO O 267 -90.30 -35.88 5.88
C PRO O 267 -91.80 -35.67 5.63
N LYS O 268 -92.64 -36.47 6.27
CA LYS O 268 -94.08 -36.38 6.07
C LYS O 268 -94.68 -35.15 6.75
N THR O 269 -95.99 -34.98 6.58
CA THR O 269 -96.73 -33.84 7.13
C THR O 269 -96.19 -32.50 6.62
N SER O 270 -95.55 -32.54 5.47
CA SER O 270 -94.97 -31.34 4.84
C SER O 270 -94.54 -31.62 3.41
N LEU O 271 -94.00 -30.60 2.76
CA LEU O 271 -93.45 -30.73 1.42
C LEU O 271 -91.93 -30.88 1.55
N ARG O 272 -91.23 -31.01 0.43
CA ARG O 272 -89.77 -31.13 0.45
C ARG O 272 -89.14 -29.95 1.17
N ILE O 273 -88.31 -30.26 2.17
CA ILE O 273 -87.67 -29.24 2.99
C ILE O 273 -86.21 -29.58 3.26
N VAL O 274 -85.33 -28.60 3.03
CA VAL O 274 -83.90 -28.79 3.22
C VAL O 274 -83.58 -29.06 4.69
N LYS O 275 -82.48 -29.77 4.92
CA LYS O 275 -82.06 -30.15 6.26
C LYS O 275 -81.83 -28.91 7.14
N PRO O 276 -82.59 -28.80 8.23
CA PRO O 276 -82.49 -27.68 9.18
C PRO O 276 -81.13 -27.62 9.87
N THR O 277 -80.40 -28.73 9.86
CA THR O 277 -79.10 -28.81 10.51
C THR O 277 -77.98 -28.26 9.63
N VAL O 278 -77.75 -28.92 8.50
CA VAL O 278 -76.66 -28.56 7.60
C VAL O 278 -76.82 -27.15 7.02
N SER O 279 -75.75 -26.36 7.10
CA SER O 279 -75.74 -25.00 6.61
C SER O 279 -75.46 -24.96 5.10
N LEU O 280 -75.43 -23.76 4.53
CA LEU O 280 -75.15 -23.62 3.11
C LEU O 280 -74.08 -22.58 2.79
N THR O 281 -73.72 -22.49 1.51
CA THR O 281 -72.79 -21.48 1.01
C THR O 281 -73.05 -21.29 -0.49
N ILE O 282 -72.70 -20.11 -1.02
CA ILE O 282 -72.83 -19.88 -2.46
C ILE O 282 -71.71 -20.64 -3.17
N ASN O 283 -71.69 -20.59 -4.50
CA ASN O 283 -70.70 -21.36 -5.25
C ASN O 283 -70.31 -20.72 -6.58
N LEU O 284 -69.18 -21.17 -7.12
CA LEU O 284 -68.64 -20.68 -8.38
C LEU O 284 -69.39 -21.24 -9.58
N ASP O 285 -70.18 -22.28 -9.35
CA ASP O 285 -70.77 -23.08 -10.43
C ASP O 285 -71.53 -22.31 -11.49
N ARG O 286 -72.72 -21.80 -11.16
CA ARG O 286 -73.59 -21.20 -12.18
C ARG O 286 -73.43 -19.69 -12.33
N PHE O 287 -72.69 -19.06 -11.41
CA PHE O 287 -72.43 -17.63 -11.54
C PHE O 287 -71.36 -17.38 -12.59
N MET O 288 -70.29 -18.17 -12.52
CA MET O 288 -69.22 -18.08 -13.51
C MET O 288 -69.69 -18.64 -14.85
N LYS O 289 -70.72 -19.48 -14.79
CA LYS O 289 -71.32 -20.05 -16.00
C LYS O 289 -72.23 -19.07 -16.70
N GLY O 290 -73.03 -18.35 -15.92
CA GLY O 290 -73.99 -17.41 -16.46
C GLY O 290 -73.36 -16.31 -17.29
N ARG O 291 -72.23 -15.78 -16.81
CA ARG O 291 -71.53 -14.73 -17.53
C ARG O 291 -70.75 -15.29 -18.71
N ARG O 292 -70.32 -16.54 -18.60
CA ARG O 292 -69.59 -17.19 -19.67
C ARG O 292 -70.51 -17.42 -20.88
N SER O 293 -71.78 -17.71 -20.60
CA SER O 293 -72.78 -17.87 -21.63
C SER O 293 -73.05 -16.53 -22.31
N LYS O 294 -73.03 -15.46 -21.52
CA LYS O 294 -73.20 -14.11 -22.03
C LYS O 294 -72.13 -13.77 -23.06
N GLN O 295 -70.88 -14.16 -22.75
CA GLN O 295 -69.78 -13.96 -23.66
C GLN O 295 -69.98 -14.74 -24.95
N LEU O 296 -70.61 -15.90 -24.83
CA LEU O 296 -70.96 -16.72 -25.99
C LEU O 296 -72.13 -16.09 -26.73
N ILE O 297 -73.05 -15.49 -25.98
CA ILE O 297 -74.19 -14.81 -26.57
C ILE O 297 -73.74 -13.57 -27.35
N ASN O 298 -72.84 -12.80 -26.74
CA ASN O 298 -72.29 -11.62 -27.39
C ASN O 298 -71.59 -11.97 -28.70
N LEU O 299 -70.98 -13.15 -28.74
CA LEU O 299 -70.37 -13.65 -29.97
C LEU O 299 -71.44 -14.18 -30.91
N ALA O 300 -72.41 -14.88 -30.35
CA ALA O 300 -73.57 -15.36 -31.10
C ALA O 300 -74.33 -14.20 -31.74
N LYS O 301 -74.89 -13.34 -30.90
CA LYS O 301 -75.69 -12.19 -31.34
C LYS O 301 -75.01 -11.39 -32.43
N THR O 302 -73.70 -11.24 -32.33
CA THR O 302 -72.92 -10.56 -33.34
C THR O 302 -72.97 -11.30 -34.69
N ARG O 303 -72.82 -12.62 -34.64
CA ARG O 303 -72.69 -13.41 -35.86
C ARG O 303 -74.01 -13.97 -36.40
N VAL O 304 -75.09 -13.87 -35.63
CA VAL O 304 -76.40 -14.34 -36.11
C VAL O 304 -77.50 -13.37 -35.70
N GLY O 305 -78.75 -13.76 -35.97
CA GLY O 305 -79.90 -12.96 -35.61
C GLY O 305 -80.24 -13.05 -34.14
N SER O 306 -81.22 -12.27 -33.71
CA SER O 306 -81.64 -12.26 -32.31
C SER O 306 -82.40 -13.55 -31.96
N VAL O 307 -83.07 -14.12 -32.96
CA VAL O 307 -83.83 -15.35 -32.76
C VAL O 307 -82.89 -16.55 -32.58
N THR O 308 -81.86 -16.62 -33.40
CA THR O 308 -80.89 -17.71 -33.34
C THR O 308 -80.15 -17.71 -32.00
N ALA O 309 -79.90 -16.52 -31.48
CA ALA O 309 -79.24 -16.39 -30.18
C ALA O 309 -80.13 -16.93 -29.06
N GLN O 310 -81.44 -16.85 -29.26
CA GLN O 310 -82.41 -17.36 -28.29
C GLN O 310 -82.52 -18.88 -28.37
N VAL O 311 -82.52 -19.40 -29.60
CA VAL O 311 -82.58 -20.84 -29.82
C VAL O 311 -81.36 -21.53 -29.22
N TYR O 312 -80.21 -20.88 -29.35
CA TYR O 312 -78.96 -21.39 -28.79
C TYR O 312 -78.93 -21.19 -27.28
N LYS O 313 -79.72 -20.24 -26.79
CA LYS O 313 -79.77 -19.93 -25.37
C LYS O 313 -80.55 -20.98 -24.58
N ILE O 314 -81.72 -21.35 -25.09
CA ILE O 314 -82.59 -22.30 -24.39
C ILE O 314 -81.94 -23.67 -24.25
N ALA O 315 -80.98 -23.97 -25.12
CA ALA O 315 -80.23 -25.21 -25.04
C ALA O 315 -79.24 -25.13 -23.88
N LEU O 316 -78.50 -24.03 -23.82
CA LEU O 316 -77.47 -23.83 -22.81
C LEU O 316 -78.02 -23.80 -21.39
N ARG O 317 -79.23 -23.27 -21.24
CA ARG O 317 -79.84 -23.13 -19.92
C ARG O 317 -80.11 -24.48 -19.27
N LEU O 318 -80.50 -25.46 -20.09
CA LEU O 318 -80.79 -26.81 -19.59
C LEU O 318 -79.53 -27.63 -19.37
N THR O 319 -78.53 -27.44 -20.22
CA THR O 319 -77.34 -28.27 -20.21
C THR O 319 -76.17 -27.67 -19.41
N GLU O 320 -76.40 -26.52 -18.80
CA GLU O 320 -75.34 -25.82 -18.07
C GLU O 320 -74.95 -26.55 -16.79
N GLN O 321 -75.81 -27.46 -16.33
CA GLN O 321 -75.59 -28.16 -15.07
C GLN O 321 -74.40 -29.13 -15.13
N LYS O 322 -74.37 -29.96 -16.15
CA LYS O 322 -73.35 -31.00 -16.26
C LYS O 322 -72.15 -30.52 -17.09
N SER O 323 -72.19 -29.25 -17.49
CA SER O 323 -71.11 -28.65 -18.28
C SER O 323 -70.01 -28.09 -17.39
N PRO O 324 -68.82 -28.70 -17.43
CA PRO O 324 -67.71 -28.23 -16.57
C PRO O 324 -67.29 -26.80 -16.88
N LYS O 325 -67.03 -26.49 -18.15
CA LYS O 325 -66.73 -25.12 -18.59
C LYS O 325 -65.64 -24.48 -17.74
N ILE O 326 -66.03 -23.45 -16.99
CA ILE O 326 -65.15 -22.69 -16.10
C ILE O 326 -64.33 -23.59 -15.16
N ARG O 327 -64.87 -24.76 -14.85
CA ARG O 327 -64.26 -25.70 -13.92
C ARG O 327 -63.20 -26.58 -14.60
N ASP O 328 -62.94 -26.31 -15.88
CA ASP O 328 -62.27 -27.28 -16.76
C ASP O 328 -61.01 -27.99 -16.25
N PRO O 329 -59.93 -27.25 -15.93
CA PRO O 329 -58.75 -28.08 -15.65
C PRO O 329 -58.85 -28.89 -14.35
N LEU O 330 -59.11 -28.19 -13.26
CA LEU O 330 -59.41 -28.75 -11.94
C LEU O 330 -58.27 -29.58 -11.33
N THR O 331 -57.40 -30.12 -12.19
CA THR O 331 -56.20 -30.81 -11.75
C THR O 331 -54.94 -29.99 -11.95
N GLN O 332 -55.08 -28.82 -12.55
CA GLN O 332 -53.92 -28.06 -13.03
C GLN O 332 -53.07 -27.49 -11.91
N THR O 333 -53.71 -26.77 -11.00
CA THR O 333 -53.00 -26.14 -9.89
C THR O 333 -52.58 -27.18 -8.86
N GLY O 334 -51.34 -27.11 -8.42
CA GLY O 334 -50.86 -27.97 -7.35
C GLY O 334 -49.88 -29.08 -7.73
N LEU O 335 -49.66 -29.28 -9.02
CA LEU O 335 -48.74 -30.33 -9.43
C LEU O 335 -48.13 -30.12 -10.83
N LEU O 336 -47.23 -31.03 -11.19
CA LEU O 336 -46.56 -31.03 -12.48
C LEU O 336 -47.50 -31.54 -13.57
N GLN O 337 -47.21 -31.21 -14.83
CA GLN O 337 -47.97 -31.85 -15.89
C GLN O 337 -47.14 -32.96 -16.51
N ASP O 338 -46.27 -32.59 -17.46
CA ASP O 338 -45.15 -33.39 -17.96
C ASP O 338 -44.58 -32.73 -19.22
N LEU O 339 -43.52 -33.31 -19.76
CA LEU O 339 -43.17 -33.09 -21.16
C LEU O 339 -43.79 -34.21 -21.99
N GLU O 340 -43.29 -35.42 -21.77
CA GLU O 340 -43.82 -36.63 -22.39
C GLU O 340 -45.30 -36.86 -22.09
N GLU O 341 -45.62 -37.03 -20.81
CA GLU O 341 -46.93 -37.49 -20.37
C GLU O 341 -47.94 -36.34 -20.30
N ALA O 342 -47.50 -35.15 -20.71
CA ALA O 342 -48.34 -33.96 -20.69
C ALA O 342 -49.67 -34.19 -21.40
N LYS O 343 -49.61 -34.76 -22.60
CA LYS O 343 -50.82 -35.10 -23.33
C LYS O 343 -51.58 -36.22 -22.62
N SER O 344 -50.88 -37.26 -22.21
CA SER O 344 -51.47 -38.39 -21.50
C SER O 344 -52.19 -37.92 -20.23
N PHE O 345 -51.81 -36.75 -19.75
CA PHE O 345 -52.56 -36.03 -18.74
C PHE O 345 -53.69 -35.25 -19.43
N GLN O 346 -53.29 -34.35 -20.31
CA GLN O 346 -54.21 -33.49 -21.06
C GLN O 346 -55.32 -34.26 -21.78
N ASP O 347 -54.95 -35.24 -22.61
CA ASP O 347 -55.95 -35.97 -23.39
C ASP O 347 -56.79 -36.87 -22.48
N GLU O 348 -56.26 -37.20 -21.31
CA GLU O 348 -57.03 -37.94 -20.31
C GLU O 348 -58.16 -37.06 -19.81
N ALA O 349 -57.90 -35.75 -19.75
CA ALA O 349 -58.93 -34.78 -19.43
C ALA O 349 -59.79 -34.51 -20.66
N GLU O 350 -59.16 -34.53 -21.83
CA GLU O 350 -59.88 -34.26 -23.08
C GLU O 350 -60.86 -35.39 -23.42
N LEU O 351 -60.54 -36.61 -23.01
CA LEU O 351 -61.42 -37.74 -23.28
C LEU O 351 -62.61 -37.73 -22.32
N VAL O 352 -62.41 -37.20 -21.12
CA VAL O 352 -63.51 -37.04 -20.18
C VAL O 352 -64.25 -35.75 -20.51
N GLU O 353 -63.59 -34.87 -21.26
CA GLU O 353 -64.25 -33.71 -21.85
C GLU O 353 -64.93 -34.13 -23.15
N GLU O 354 -64.52 -35.28 -23.67
CA GLU O 354 -65.24 -35.93 -24.76
C GLU O 354 -66.42 -36.74 -24.21
N LYS O 355 -66.17 -37.44 -23.12
CA LYS O 355 -67.14 -38.34 -22.50
C LYS O 355 -68.44 -37.65 -22.08
N THR O 356 -68.35 -36.80 -21.06
CA THR O 356 -69.54 -36.23 -20.43
C THR O 356 -70.41 -35.39 -21.39
N PRO O 357 -69.79 -34.50 -22.20
CA PRO O 357 -70.66 -33.78 -23.13
C PRO O 357 -71.36 -34.66 -24.16
N GLY O 358 -70.64 -35.64 -24.71
CA GLY O 358 -71.23 -36.53 -25.69
C GLY O 358 -72.30 -37.45 -25.10
N LEU O 359 -71.90 -38.21 -24.08
CA LEU O 359 -72.79 -39.16 -23.43
C LEU O 359 -74.05 -38.54 -22.80
N THR O 360 -73.84 -37.73 -21.77
CA THR O 360 -74.91 -37.30 -20.87
C THR O 360 -75.90 -36.32 -21.49
N PHE O 361 -75.41 -35.38 -22.28
CA PHE O 361 -76.21 -34.22 -22.68
C PHE O 361 -77.43 -34.53 -23.55
N ASN O 362 -78.36 -33.59 -23.56
CA ASN O 362 -79.71 -33.76 -24.09
C ASN O 362 -79.83 -34.28 -25.52
N ALA O 363 -80.79 -35.17 -25.73
CA ALA O 363 -81.22 -35.59 -27.06
C ALA O 363 -82.02 -34.46 -27.71
N ILE O 364 -82.17 -34.50 -29.03
CA ILE O 364 -82.86 -33.47 -29.77
C ILE O 364 -84.30 -33.25 -29.29
N ASP O 365 -84.61 -32.01 -28.91
CA ASP O 365 -85.97 -31.64 -28.55
C ASP O 365 -86.62 -30.78 -29.63
N LEU O 366 -87.89 -30.46 -29.46
CA LEU O 366 -88.57 -29.54 -30.37
C LEU O 366 -89.18 -28.35 -29.63
N ALA O 367 -88.59 -27.17 -29.81
CA ALA O 367 -89.16 -25.90 -29.31
C ALA O 367 -89.76 -26.03 -27.92
N ARG O 368 -88.92 -26.24 -26.91
CA ARG O 368 -89.35 -26.74 -25.61
C ARG O 368 -90.55 -26.02 -24.99
N HIS O 369 -90.33 -24.81 -24.48
CA HIS O 369 -91.46 -24.02 -23.96
C HIS O 369 -91.45 -22.57 -24.43
N LEU O 370 -90.50 -21.80 -23.90
CA LEU O 370 -90.35 -20.37 -24.18
C LEU O 370 -91.51 -19.54 -23.64
N PRO O 371 -91.27 -18.26 -23.33
CA PRO O 371 -92.34 -17.37 -22.88
C PRO O 371 -93.25 -16.91 -24.02
N SER O 449 -93.04 -18.80 -35.02
CA SER O 449 -92.37 -19.97 -35.57
C SER O 449 -92.93 -21.25 -34.99
N ALA O 450 -93.81 -21.91 -35.73
CA ALA O 450 -94.43 -23.15 -35.29
C ALA O 450 -93.63 -24.36 -35.75
N SER O 451 -94.22 -25.55 -35.57
CA SER O 451 -93.62 -26.82 -35.96
C SER O 451 -92.24 -27.03 -35.33
N LEU O 452 -91.30 -27.51 -36.14
CA LEU O 452 -89.95 -27.81 -35.65
C LEU O 452 -88.99 -26.65 -35.91
N ILE O 453 -88.23 -26.29 -34.88
CA ILE O 453 -87.30 -25.17 -34.96
C ILE O 453 -85.89 -25.63 -35.31
N ASN O 454 -85.71 -26.93 -35.51
CA ASN O 454 -84.41 -27.49 -35.87
C ASN O 454 -83.89 -26.96 -37.20
N SER O 455 -84.78 -26.42 -38.02
CA SER O 455 -84.38 -25.80 -39.27
C SER O 455 -83.56 -24.54 -39.00
N HIS O 456 -83.86 -23.89 -37.88
CA HIS O 456 -83.11 -22.70 -37.47
C HIS O 456 -81.78 -23.12 -36.84
N LEU O 457 -81.69 -24.39 -36.45
CA LEU O 457 -80.44 -24.97 -35.99
C LEU O 457 -79.57 -25.31 -37.19
N LYS O 458 -80.21 -25.66 -38.29
CA LYS O 458 -79.51 -26.06 -39.51
C LYS O 458 -78.81 -24.87 -40.17
N ILE O 459 -79.34 -23.68 -39.96
CA ILE O 459 -78.68 -22.47 -40.45
C ILE O 459 -77.59 -22.07 -39.45
N LEU O 460 -77.68 -22.63 -38.25
CA LEU O 460 -76.62 -22.48 -37.25
C LEU O 460 -75.65 -23.64 -37.43
N ALA O 461 -76.04 -24.59 -38.28
CA ALA O 461 -75.22 -25.76 -38.58
C ALA O 461 -74.33 -25.52 -39.79
N SER O 462 -74.97 -25.27 -40.93
CA SER O 462 -74.25 -25.03 -42.20
C SER O 462 -73.15 -23.98 -42.04
N SER O 463 -73.39 -23.00 -41.18
CA SER O 463 -72.36 -22.04 -40.83
C SER O 463 -71.76 -22.40 -39.48
N ASN O 464 -70.51 -22.86 -39.50
CA ASN O 464 -69.84 -23.30 -38.28
C ASN O 464 -68.76 -22.32 -37.84
N PHE O 465 -67.72 -22.18 -38.66
CA PHE O 465 -66.63 -21.27 -38.36
C PHE O 465 -67.14 -19.87 -38.05
N PRO O 466 -66.56 -19.21 -37.03
CA PRO O 466 -65.50 -19.72 -36.13
C PRO O 466 -65.92 -20.79 -35.11
N PHE O 467 -67.14 -20.75 -34.59
CA PHE O 467 -67.43 -21.50 -33.37
C PHE O 467 -68.62 -22.48 -33.41
N LEU O 468 -68.66 -23.34 -32.40
CA LEU O 468 -69.63 -24.42 -32.19
C LEU O 468 -69.84 -25.35 -33.39
N ASN O 469 -71.08 -25.79 -33.58
CA ASN O 469 -71.48 -26.73 -34.64
C ASN O 469 -70.61 -27.99 -34.70
N GLU O 470 -70.52 -28.72 -33.60
CA GLU O 470 -69.94 -30.05 -33.64
C GLU O 470 -71.05 -31.09 -33.51
N THR O 471 -71.04 -32.07 -34.40
CA THR O 471 -72.16 -33.00 -34.49
C THR O 471 -71.73 -34.47 -34.39
N LYS O 472 -72.52 -35.24 -33.66
CA LYS O 472 -72.39 -36.68 -33.60
C LYS O 472 -73.62 -37.25 -34.27
N PRO O 473 -73.53 -38.46 -34.86
CA PRO O 473 -74.77 -38.99 -35.42
C PRO O 473 -75.85 -39.18 -34.36
N GLY O 474 -77.02 -38.61 -34.59
CA GLY O 474 -78.12 -38.71 -33.66
C GLY O 474 -78.18 -37.62 -32.61
N VAL O 475 -77.04 -37.00 -32.32
CA VAL O 475 -76.98 -35.97 -31.29
C VAL O 475 -75.99 -34.84 -31.62
N TYR O 476 -76.41 -33.59 -31.40
CA TYR O 476 -75.55 -32.44 -31.66
C TYR O 476 -75.28 -31.65 -30.39
N TYR O 477 -74.04 -31.21 -30.21
CA TYR O 477 -73.71 -30.33 -29.09
C TYR O 477 -72.43 -29.52 -29.33
N VAL O 478 -72.29 -28.43 -28.57
CA VAL O 478 -71.15 -27.52 -28.68
C VAL O 478 -69.97 -27.95 -27.81
N PRO O 479 -68.80 -28.14 -28.41
CA PRO O 479 -67.60 -28.55 -27.66
C PRO O 479 -67.13 -27.49 -26.69
N TYR O 480 -66.68 -27.91 -25.51
CA TYR O 480 -66.15 -26.97 -24.52
C TYR O 480 -64.63 -26.88 -24.57
N SER O 481 -64.02 -27.61 -25.50
CA SER O 481 -62.57 -27.61 -25.64
C SER O 481 -62.12 -26.70 -26.79
N LYS O 482 -62.53 -27.04 -28.00
CA LYS O 482 -62.11 -26.31 -29.19
C LYS O 482 -62.82 -24.96 -29.32
N LEU O 483 -63.80 -24.71 -28.44
CA LEU O 483 -64.55 -23.47 -28.47
C LEU O 483 -63.75 -22.29 -27.92
N MET O 484 -62.93 -22.56 -26.91
CA MET O 484 -62.15 -21.51 -26.26
C MET O 484 -61.16 -20.76 -27.16
N PRO O 485 -60.42 -21.48 -28.03
CA PRO O 485 -59.47 -20.76 -28.89
C PRO O 485 -60.12 -19.69 -29.78
N VAL O 486 -61.26 -20.00 -30.38
CA VAL O 486 -61.94 -19.03 -31.25
C VAL O 486 -62.69 -18.00 -30.42
N LEU O 487 -62.90 -18.30 -29.15
CA LEU O 487 -63.54 -17.36 -28.24
C LEU O 487 -62.53 -16.31 -27.78
N LYS O 488 -61.31 -16.76 -27.51
CA LYS O 488 -60.23 -15.85 -27.10
C LYS O 488 -59.78 -14.99 -28.28
N SER O 489 -59.80 -15.58 -29.47
CA SER O 489 -59.43 -14.87 -30.70
C SER O 489 -60.29 -13.62 -30.90
N SER O 490 -61.58 -13.83 -31.09
CA SER O 490 -62.55 -12.76 -31.35
C SER O 490 -62.42 -11.58 -30.37
N VAL O 491 -62.67 -11.86 -29.09
CA VAL O 491 -62.63 -10.84 -28.05
C VAL O 491 -61.33 -10.04 -28.05
N TYR O 492 -60.20 -10.74 -28.16
CA TYR O 492 -58.89 -10.09 -28.20
C TYR O 492 -58.75 -9.17 -29.41
N GLU O 493 -59.26 -9.64 -30.55
CA GLU O 493 -59.20 -8.86 -31.77
C GLU O 493 -60.07 -7.61 -31.69
N TYR O 494 -61.14 -7.69 -30.90
CA TYR O 494 -62.04 -6.57 -30.70
C TYR O 494 -61.45 -5.55 -29.74
N VAL O 495 -60.51 -6.00 -28.91
CA VAL O 495 -59.82 -5.11 -27.97
C VAL O 495 -58.91 -4.14 -28.72
N ILE O 496 -58.09 -4.69 -29.61
CA ILE O 496 -57.21 -3.87 -30.45
C ILE O 496 -58.05 -2.99 -31.37
N ALA O 497 -59.23 -3.50 -31.75
CA ALA O 497 -60.17 -2.75 -32.58
C ALA O 497 -60.68 -1.52 -31.85
N SER O 498 -60.95 -1.68 -30.56
CA SER O 498 -61.49 -0.59 -29.74
C SER O 498 -60.42 0.42 -29.36
N THR O 499 -59.26 -0.07 -28.92
CA THR O 499 -58.20 0.80 -28.43
C THR O 499 -57.59 1.65 -29.54
N LEU O 500 -57.09 1.01 -30.59
CA LEU O 500 -56.48 1.73 -31.70
C LEU O 500 -57.37 1.72 -32.94
N GLY O 501 -56.90 2.32 -34.02
CA GLY O 501 -57.67 2.43 -35.24
C GLY O 501 -57.75 1.14 -36.03
N PRO O 502 -58.27 1.23 -37.27
CA PRO O 502 -58.48 0.06 -38.14
C PRO O 502 -57.17 -0.55 -38.64
N SER O 503 -56.12 0.26 -38.72
CA SER O 503 -54.83 -0.22 -39.22
C SER O 503 -54.19 -1.24 -38.27
N ALA O 504 -54.38 -1.04 -36.98
CA ALA O 504 -53.81 -1.92 -35.97
C ALA O 504 -54.43 -3.32 -36.04
N MET O 505 -55.72 -3.37 -36.37
CA MET O 505 -56.42 -4.63 -36.54
C MET O 505 -55.77 -5.51 -37.60
N ARG O 506 -55.82 -5.02 -38.85
CA ARG O 506 -55.44 -5.78 -40.04
C ARG O 506 -54.08 -6.47 -39.94
N LEU O 507 -53.11 -5.82 -39.31
CA LEU O 507 -51.75 -6.37 -39.23
C LEU O 507 -51.62 -7.48 -38.21
N SER O 508 -52.52 -7.49 -37.22
CA SER O 508 -52.47 -8.49 -36.15
C SER O 508 -52.69 -9.90 -36.68
N ARG O 509 -53.70 -10.05 -37.54
CA ARG O 509 -54.01 -11.33 -38.16
C ARG O 509 -53.02 -11.66 -39.27
N CYS O 510 -52.47 -10.62 -39.89
CA CYS O 510 -51.49 -10.78 -40.95
C CYS O 510 -50.29 -11.57 -40.47
N ILE O 511 -49.94 -11.40 -39.20
CA ILE O 511 -48.88 -12.18 -38.57
C ILE O 511 -49.41 -13.54 -38.14
N ARG O 512 -50.73 -13.66 -38.03
CA ARG O 512 -51.35 -14.90 -37.57
C ARG O 512 -51.81 -15.81 -38.72
N ASP O 513 -51.71 -15.34 -39.96
CA ASP O 513 -52.07 -16.17 -41.10
C ASP O 513 -50.97 -17.19 -41.35
N ASN O 514 -49.84 -16.71 -41.83
CA ASN O 514 -48.61 -17.49 -41.83
C ASN O 514 -47.87 -17.19 -40.54
N LYS O 515 -46.62 -17.62 -40.42
CA LYS O 515 -45.85 -17.37 -39.21
C LYS O 515 -44.39 -17.02 -39.49
N LEU O 516 -43.85 -16.14 -38.66
CA LEU O 516 -42.43 -15.76 -38.68
C LEU O 516 -41.89 -15.49 -40.08
N VAL O 517 -42.26 -14.36 -40.66
CA VAL O 517 -41.73 -13.94 -41.95
C VAL O 517 -41.23 -12.50 -41.89
N SER O 518 -40.42 -12.11 -42.86
CA SER O 518 -39.82 -10.77 -42.90
C SER O 518 -40.76 -9.75 -43.52
N GLU O 519 -40.28 -8.51 -43.62
CA GLU O 519 -41.10 -7.40 -44.12
C GLU O 519 -41.24 -7.44 -45.64
N LYS O 520 -40.50 -8.34 -46.28
CA LYS O 520 -40.52 -8.46 -47.74
C LYS O 520 -41.91 -8.82 -48.26
N ILE O 521 -42.46 -9.94 -47.78
CA ILE O 521 -43.78 -10.37 -48.21
C ILE O 521 -44.87 -9.69 -47.39
N ILE O 522 -44.48 -9.07 -46.28
CA ILE O 522 -45.43 -8.35 -45.43
C ILE O 522 -45.87 -7.05 -46.10
N ASN O 523 -44.91 -6.26 -46.54
CA ASN O 523 -45.20 -4.99 -47.22
C ASN O 523 -46.12 -5.20 -48.43
N SER O 524 -45.79 -6.20 -49.23
CA SER O 524 -46.63 -6.61 -50.36
C SER O 524 -48.04 -6.98 -49.91
N THR O 525 -48.13 -8.01 -49.08
CA THR O 525 -49.40 -8.68 -48.81
C THR O 525 -50.26 -8.01 -47.74
N ALA O 526 -49.79 -6.96 -47.10
CA ALA O 526 -50.57 -6.40 -46.00
C ALA O 526 -51.68 -5.48 -46.47
N LEU O 527 -51.37 -4.23 -46.78
CA LEU O 527 -52.35 -3.39 -47.48
C LEU O 527 -51.78 -2.49 -48.58
N MET O 528 -51.13 -1.41 -48.16
CA MET O 528 -50.82 -0.33 -49.08
C MET O 528 -49.39 0.25 -49.00
N LYS O 529 -49.10 0.96 -47.92
CA LYS O 529 -47.94 1.85 -47.89
C LYS O 529 -46.89 1.48 -46.85
N GLU O 530 -45.63 1.63 -47.22
CA GLU O 530 -44.50 1.28 -46.37
C GLU O 530 -44.41 2.13 -45.10
N LYS O 531 -44.34 3.44 -45.28
CA LYS O 531 -44.08 4.36 -44.17
C LYS O 531 -45.13 4.29 -43.06
N ASP O 532 -46.40 4.18 -43.44
CA ASP O 532 -47.47 4.10 -42.46
C ASP O 532 -47.49 2.73 -41.79
N ILE O 533 -47.03 1.71 -42.50
CA ILE O 533 -46.91 0.38 -41.92
C ILE O 533 -45.83 0.38 -40.85
N ARG O 534 -44.67 0.93 -41.18
CA ARG O 534 -43.58 1.06 -40.22
C ARG O 534 -44.02 1.88 -39.01
N SER O 535 -44.95 2.79 -39.24
CA SER O 535 -45.52 3.62 -38.19
C SER O 535 -46.30 2.77 -37.19
N THR O 536 -47.26 2.01 -37.71
CA THR O 536 -48.12 1.18 -36.87
C THR O 536 -47.44 -0.13 -36.49
N LEU O 537 -46.32 -0.44 -37.15
CA LEU O 537 -45.50 -1.58 -36.77
C LEU O 537 -44.86 -1.27 -35.43
N ALA O 538 -44.42 -0.02 -35.28
CA ALA O 538 -43.84 0.45 -34.03
C ALA O 538 -44.92 0.55 -32.95
N SER O 539 -46.14 0.83 -33.38
CA SER O 539 -47.27 0.91 -32.45
C SER O 539 -47.74 -0.49 -32.07
N LEU O 540 -47.57 -1.43 -32.98
CA LEU O 540 -47.87 -2.83 -32.71
C LEU O 540 -46.80 -3.45 -31.81
N ILE O 541 -45.54 -3.20 -32.16
CA ILE O 541 -44.41 -3.73 -31.42
C ILE O 541 -44.17 -2.94 -30.14
N ARG O 542 -44.94 -1.85 -29.99
CA ARG O 542 -44.84 -0.98 -28.81
C ARG O 542 -44.91 -1.78 -27.52
N TYR O 543 -46.06 -2.38 -27.23
CA TYR O 543 -46.15 -3.27 -26.08
C TYR O 543 -46.20 -4.73 -26.54
N ASN O 544 -45.06 -5.38 -26.47
CA ASN O 544 -44.91 -6.83 -26.63
C ASN O 544 -45.67 -7.45 -27.81
N SER O 545 -46.14 -8.67 -27.56
CA SER O 545 -47.17 -9.40 -28.31
C SER O 545 -46.77 -9.87 -29.72
N VAL O 546 -45.83 -9.20 -30.37
CA VAL O 546 -45.22 -9.76 -31.57
C VAL O 546 -43.78 -10.20 -31.34
N GLU O 547 -43.26 -9.85 -30.16
CA GLU O 547 -41.84 -9.98 -29.83
C GLU O 547 -40.96 -9.40 -30.94
N ILE O 548 -39.82 -10.06 -31.18
CA ILE O 548 -38.90 -9.81 -32.29
C ILE O 548 -38.23 -11.15 -32.53
N GLN O 549 -37.83 -11.45 -33.78
CA GLN O 549 -37.18 -12.73 -33.99
C GLN O 549 -35.75 -12.70 -33.47
N GLU O 550 -35.13 -13.87 -33.48
CA GLU O 550 -33.82 -14.09 -32.90
C GLU O 550 -32.60 -14.19 -33.83
N VAL O 551 -32.78 -14.08 -35.14
CA VAL O 551 -31.72 -14.56 -36.02
C VAL O 551 -31.02 -13.48 -36.84
N PRO O 552 -29.69 -13.65 -37.02
CA PRO O 552 -28.77 -12.86 -37.85
C PRO O 552 -28.82 -13.24 -39.32
N ARG O 553 -28.35 -12.33 -40.19
CA ARG O 553 -28.08 -12.72 -41.57
C ARG O 553 -26.57 -12.78 -41.75
N THR O 554 -26.06 -14.02 -41.75
CA THR O 554 -24.64 -14.34 -41.97
C THR O 554 -23.69 -13.56 -41.05
N ALA O 555 -24.21 -12.97 -39.98
CA ALA O 555 -23.37 -12.25 -39.04
C ALA O 555 -23.03 -13.07 -37.80
N ASP O 556 -23.76 -14.16 -37.60
CA ASP O 556 -23.78 -14.85 -36.31
C ASP O 556 -23.88 -13.85 -35.15
N ARG O 557 -25.04 -13.20 -35.06
CA ARG O 557 -25.41 -12.27 -33.98
C ARG O 557 -24.59 -10.97 -33.96
N SER O 558 -23.62 -10.85 -34.86
CA SER O 558 -22.70 -9.71 -34.87
C SER O 558 -23.37 -8.35 -34.97
N ALA O 559 -23.99 -8.05 -36.12
CA ALA O 559 -24.39 -6.67 -36.40
C ALA O 559 -25.68 -6.51 -37.21
N SER O 560 -25.89 -5.28 -37.65
CA SER O 560 -27.09 -4.84 -38.36
C SER O 560 -27.27 -5.46 -39.75
N ARG O 561 -28.48 -5.30 -40.28
CA ARG O 561 -28.90 -5.76 -41.62
C ARG O 561 -29.36 -7.21 -41.57
N ALA O 562 -29.32 -7.80 -40.38
CA ALA O 562 -29.80 -9.15 -40.16
C ALA O 562 -31.30 -9.25 -40.45
N VAL O 563 -31.77 -10.45 -40.77
CA VAL O 563 -33.17 -10.67 -41.10
C VAL O 563 -34.06 -10.61 -39.85
N PHE O 564 -35.29 -10.15 -40.02
CA PHE O 564 -36.23 -10.02 -38.93
C PHE O 564 -37.55 -10.74 -39.21
N LEU O 565 -38.19 -11.24 -38.16
CA LEU O 565 -39.43 -12.00 -38.29
C LEU O 565 -40.35 -11.70 -37.11
N PHE O 566 -41.66 -11.76 -37.35
CA PHE O 566 -42.64 -11.53 -36.28
C PHE O 566 -43.42 -12.82 -35.99
N ARG O 567 -43.40 -13.25 -34.73
CA ARG O 567 -43.89 -14.59 -34.40
C ARG O 567 -44.60 -14.77 -33.05
N CYS O 568 -45.73 -15.49 -33.08
CA CYS O 568 -46.37 -16.09 -31.91
C CYS O 568 -46.53 -15.23 -30.65
N LYS O 569 -46.15 -15.82 -29.51
CA LYS O 569 -46.32 -15.25 -28.18
C LYS O 569 -47.76 -14.95 -27.81
N GLU O 570 -48.52 -16.02 -27.54
CA GLU O 570 -49.91 -15.89 -27.11
C GLU O 570 -50.02 -15.42 -25.66
N THR O 571 -49.46 -16.18 -24.72
CA THR O 571 -49.56 -15.87 -23.29
C THR O 571 -49.04 -14.46 -22.94
N HIS O 572 -48.05 -13.99 -23.69
CA HIS O 572 -47.53 -12.65 -23.49
C HIS O 572 -48.47 -11.62 -24.11
N SER O 573 -49.26 -12.06 -25.08
CA SER O 573 -50.31 -11.23 -25.66
C SER O 573 -51.61 -11.46 -24.90
N TYR O 574 -51.51 -12.26 -23.84
CA TYR O 574 -52.62 -12.52 -22.93
C TYR O 574 -52.45 -11.72 -21.65
N ASN O 575 -51.34 -11.97 -20.96
CA ASN O 575 -51.05 -11.34 -19.67
C ASN O 575 -51.12 -9.81 -19.68
N PHE O 576 -50.96 -9.20 -20.85
CA PHE O 576 -51.06 -7.75 -20.95
C PHE O 576 -52.51 -7.32 -20.82
N MET O 577 -53.43 -8.27 -20.92
CA MET O 577 -54.83 -8.02 -20.59
C MET O 577 -55.11 -8.34 -19.12
N ARG O 578 -54.13 -8.97 -18.46
CA ARG O 578 -54.22 -9.24 -17.04
C ARG O 578 -53.64 -8.08 -16.25
N GLN O 579 -52.92 -7.19 -16.96
CA GLN O 579 -52.42 -5.97 -16.35
C GLN O 579 -53.51 -4.90 -16.43
N ASN O 580 -54.53 -5.18 -17.24
CA ASN O 580 -55.67 -4.30 -17.38
C ASN O 580 -56.66 -4.51 -16.23
N LEU O 581 -56.49 -5.63 -15.55
CA LEU O 581 -57.34 -5.99 -14.41
C LEU O 581 -57.33 -4.95 -13.30
N GLU O 582 -56.19 -4.81 -12.63
CA GLU O 582 -56.12 -3.98 -11.43
C GLU O 582 -56.03 -2.48 -11.71
N TRP O 583 -55.14 -2.07 -12.59
CA TRP O 583 -54.81 -0.66 -12.73
C TRP O 583 -55.96 0.20 -13.26
N ASN O 584 -56.92 -0.46 -13.89
CA ASN O 584 -58.15 0.22 -14.29
C ASN O 584 -59.03 0.43 -13.06
N MET O 585 -59.42 -0.67 -12.44
CA MET O 585 -60.22 -0.63 -11.22
C MET O 585 -59.52 0.11 -10.08
N ALA O 586 -58.20 0.12 -10.08
CA ALA O 586 -57.43 0.76 -9.01
C ALA O 586 -57.78 2.24 -8.85
N ASN O 587 -57.36 3.06 -9.81
CA ASN O 587 -57.64 4.49 -9.78
C ASN O 587 -59.14 4.76 -9.76
N LEU O 588 -59.89 3.88 -10.42
CA LEU O 588 -61.35 3.93 -10.41
C LEU O 588 -61.88 3.94 -8.98
N LEU O 589 -61.60 2.87 -8.25
CA LEU O 589 -62.06 2.73 -6.87
C LEU O 589 -61.34 3.70 -5.92
N PHE O 590 -60.04 3.89 -6.13
CA PHE O 590 -59.24 4.74 -5.25
C PHE O 590 -59.72 6.18 -5.21
N LYS O 591 -59.78 6.83 -6.37
CA LYS O 591 -60.20 8.22 -6.45
C LYS O 591 -61.69 8.36 -6.16
N LYS O 592 -62.40 7.23 -6.12
CA LYS O 592 -63.77 7.21 -5.62
C LYS O 592 -63.74 7.24 -4.10
N GLU O 593 -62.78 6.53 -3.53
CA GLU O 593 -62.58 6.52 -2.08
C GLU O 593 -61.99 7.84 -1.61
N LYS O 594 -61.14 8.44 -2.45
CA LYS O 594 -60.57 9.74 -2.16
C LYS O 594 -61.64 10.82 -2.26
N LEU O 595 -62.67 10.53 -3.05
CA LEU O 595 -63.82 11.42 -3.16
C LEU O 595 -64.62 11.41 -1.87
N LYS O 596 -64.49 10.33 -1.10
CA LYS O 596 -65.19 10.19 0.16
C LYS O 596 -64.55 11.05 1.24
N GLN O 597 -63.30 10.76 1.57
CA GLN O 597 -62.58 11.48 2.62
C GLN O 597 -62.51 12.99 2.38
N GLU O 598 -62.50 13.39 1.12
CA GLU O 598 -62.54 14.82 0.78
C GLU O 598 -63.90 15.41 1.15
N ASN O 599 -64.95 14.70 0.79
CA ASN O 599 -66.32 15.13 1.09
C ASN O 599 -66.83 14.57 2.42
N SER O 600 -65.95 13.90 3.16
CA SER O 600 -66.30 13.27 4.43
C SER O 600 -67.04 14.19 5.39
N THR O 601 -66.61 15.46 5.45
CA THR O 601 -67.25 16.42 6.32
C THR O 601 -68.67 16.73 5.86
N LEU O 602 -68.91 16.60 4.55
CA LEU O 602 -70.24 16.80 3.98
C LEU O 602 -71.12 15.58 4.22
N LEU O 603 -70.56 14.40 3.99
CA LEU O 603 -71.30 13.14 4.10
C LEU O 603 -71.81 12.89 5.52
N LYS O 604 -70.98 13.23 6.51
CA LYS O 604 -71.37 13.08 7.91
C LYS O 604 -72.51 14.02 8.26
N LYS O 605 -72.53 15.18 7.63
CA LYS O 605 -73.61 16.14 7.81
C LYS O 605 -74.88 15.66 7.13
N ALA O 606 -74.71 14.96 6.01
CA ALA O 606 -75.83 14.42 5.26
C ALA O 606 -76.48 13.25 5.99
N ASN O 607 -75.65 12.41 6.61
CA ASN O 607 -76.15 11.25 7.36
C ASN O 607 -76.94 11.65 8.59
N ARG O 608 -76.48 12.69 9.28
CA ARG O 608 -77.17 13.18 10.47
C ARG O 608 -78.45 13.90 10.11
N ASP O 609 -78.51 14.42 8.87
CA ASP O 609 -79.70 15.11 8.40
C ASP O 609 -80.79 14.13 8.00
N ASP O 610 -80.37 12.96 7.51
CA ASP O 610 -81.30 11.92 7.11
C ASP O 610 -81.97 11.27 8.31
N LEU O 619 -81.16 22.09 3.25
CA LEU O 619 -80.54 23.26 3.88
C LEU O 619 -79.45 23.85 3.00
N LEU O 620 -79.58 25.15 2.71
CA LEU O 620 -78.61 25.93 1.94
C LEU O 620 -78.58 25.52 0.47
N PRO O 621 -78.28 26.49 -0.42
CA PRO O 621 -78.13 26.20 -1.86
C PRO O 621 -76.91 25.38 -2.24
N SER O 622 -75.76 25.68 -1.62
CA SER O 622 -74.49 25.11 -2.05
C SER O 622 -74.20 23.74 -1.43
N GLU O 623 -74.96 23.37 -0.40
CA GLU O 623 -74.77 22.08 0.24
C GLU O 623 -75.37 20.97 -0.61
N LEU O 624 -76.49 21.26 -1.25
CA LEU O 624 -77.17 20.29 -2.10
C LEU O 624 -76.43 20.11 -3.43
N ASN O 625 -75.66 21.12 -3.82
CA ASN O 625 -74.89 21.06 -5.05
C ASN O 625 -73.86 19.94 -5.03
N GLN O 626 -73.01 19.96 -4.00
CA GLN O 626 -71.95 18.96 -3.87
C GLN O 626 -72.51 17.60 -3.46
N LEU O 627 -73.75 17.58 -2.99
CA LEU O 627 -74.43 16.33 -2.65
C LEU O 627 -74.77 15.56 -3.93
N LYS O 628 -75.24 16.28 -4.93
CA LYS O 628 -75.56 15.67 -6.22
C LYS O 628 -74.28 15.33 -6.98
N MET O 629 -73.24 16.12 -6.75
CA MET O 629 -71.95 15.91 -7.40
C MET O 629 -71.39 14.51 -7.15
N VAL O 630 -71.12 14.21 -5.88
CA VAL O 630 -70.56 12.92 -5.48
C VAL O 630 -71.44 11.75 -5.94
N ASN O 631 -72.75 11.86 -5.74
CA ASN O 631 -73.69 10.81 -6.11
C ASN O 631 -73.63 10.49 -7.60
N GLU O 632 -73.51 11.54 -8.42
CA GLU O 632 -73.29 11.38 -9.85
C GLU O 632 -72.05 10.53 -10.11
N ARG O 633 -70.90 11.04 -9.65
CA ARG O 633 -69.63 10.34 -9.79
C ARG O 633 -69.68 8.91 -9.23
N GLU O 634 -70.38 8.75 -8.12
CA GLU O 634 -70.57 7.42 -7.52
C GLU O 634 -71.19 6.44 -8.50
N LEU O 635 -72.42 6.74 -8.94
CA LEU O 635 -73.14 5.91 -9.90
C LEU O 635 -72.28 5.54 -11.11
N ASN O 636 -71.85 6.54 -11.86
CA ASN O 636 -71.07 6.34 -13.07
C ASN O 636 -69.80 5.52 -12.88
N VAL O 637 -69.16 5.65 -11.72
CA VAL O 637 -67.89 4.95 -11.49
C VAL O 637 -68.12 3.47 -11.19
N PHE O 638 -69.30 3.13 -10.69
CA PHE O 638 -69.66 1.73 -10.48
C PHE O 638 -70.09 1.08 -11.78
N ALA O 639 -70.63 1.90 -12.69
CA ALA O 639 -71.03 1.42 -14.01
C ALA O 639 -69.80 1.14 -14.86
N ARG O 640 -68.74 1.92 -14.62
CA ARG O 640 -67.47 1.72 -15.30
C ARG O 640 -66.76 0.50 -14.73
N LEU O 641 -66.98 0.24 -13.45
CA LEU O 641 -66.37 -0.90 -12.77
C LEU O 641 -66.88 -2.21 -13.35
N SER O 642 -68.19 -2.36 -13.40
CA SER O 642 -68.81 -3.58 -13.91
C SER O 642 -68.56 -3.78 -15.40
N ARG O 643 -68.35 -2.68 -16.12
CA ARG O 643 -68.05 -2.72 -17.54
C ARG O 643 -66.78 -3.53 -17.84
N LEU O 644 -65.64 -3.01 -17.39
CA LEU O 644 -64.36 -3.65 -17.61
C LEU O 644 -64.24 -4.93 -16.78
N LEU O 645 -65.15 -5.09 -15.83
CA LEU O 645 -65.22 -6.29 -15.02
C LEU O 645 -65.56 -7.47 -15.93
N SER O 646 -66.56 -7.27 -16.79
CA SER O 646 -66.99 -8.30 -17.72
C SER O 646 -65.92 -8.55 -18.78
N LEU O 647 -65.08 -7.55 -19.03
CA LEU O 647 -64.01 -7.67 -20.00
C LEU O 647 -62.87 -8.54 -19.47
N TRP O 648 -62.55 -8.35 -18.19
CA TRP O 648 -61.47 -9.10 -17.55
C TRP O 648 -61.79 -10.59 -17.40
N GLU O 649 -63.05 -10.88 -17.10
CA GLU O 649 -63.46 -12.25 -16.78
C GLU O 649 -63.25 -13.24 -17.92
N VAL O 650 -63.29 -12.75 -19.15
CA VAL O 650 -63.09 -13.62 -20.31
C VAL O 650 -61.60 -13.85 -20.59
N PHE O 651 -60.75 -12.97 -20.06
CA PHE O 651 -59.32 -13.03 -20.32
C PHE O 651 -58.54 -13.81 -19.27
N GLN O 652 -59.24 -14.37 -18.29
CA GLN O 652 -58.57 -15.08 -17.19
C GLN O 652 -58.26 -16.52 -17.56
N MET O 653 -58.71 -16.97 -18.74
CA MET O 653 -58.49 -18.33 -19.17
C MET O 653 -57.96 -18.41 -20.59
N ALA O 654 -56.89 -19.20 -20.76
CA ALA O 654 -56.25 -19.40 -22.07
C ALA O 654 -55.86 -18.08 -22.72
N ASP P 171 -44.84 1.47 -59.13
CA ASP P 171 -44.22 2.43 -58.22
C ASP P 171 -45.30 3.12 -57.37
N ILE P 172 -45.54 4.40 -57.64
CA ILE P 172 -46.55 5.15 -56.91
C ILE P 172 -47.94 4.79 -57.41
N GLU P 173 -48.02 4.40 -58.68
CA GLU P 173 -49.28 3.97 -59.28
C GLU P 173 -49.82 2.73 -58.58
N PHE P 174 -48.89 1.88 -58.14
CA PHE P 174 -49.23 0.70 -57.36
C PHE P 174 -49.74 1.12 -55.97
N ILE P 175 -50.43 0.19 -55.30
CA ILE P 175 -50.98 0.32 -53.94
C ILE P 175 -52.13 1.33 -53.82
N ASN P 176 -52.33 2.16 -54.84
CA ASN P 176 -53.46 3.08 -54.85
C ASN P 176 -54.64 2.56 -55.67
N SER P 177 -54.47 1.41 -56.31
CA SER P 177 -55.50 0.85 -57.17
C SER P 177 -56.41 -0.13 -56.44
N LEU P 178 -56.04 -0.49 -55.21
CA LEU P 178 -56.79 -1.48 -54.45
C LEU P 178 -57.80 -0.83 -53.49
N LEU P 179 -57.82 0.49 -53.47
CA LEU P 179 -58.68 1.23 -52.55
C LEU P 179 -60.03 1.61 -53.16
N THR P 180 -60.27 1.19 -54.40
CA THR P 180 -61.47 1.64 -55.12
C THR P 180 -62.45 0.51 -55.49
N ILE P 181 -62.00 -0.41 -56.34
CA ILE P 181 -62.89 -1.41 -56.93
C ILE P 181 -63.48 -2.41 -55.93
N VAL P 182 -62.96 -2.43 -54.71
CA VAL P 182 -63.41 -3.38 -53.71
C VAL P 182 -64.49 -2.81 -52.78
N TRP P 183 -64.84 -1.55 -52.98
CA TRP P 183 -65.77 -0.84 -52.09
C TRP P 183 -67.13 -1.50 -51.91
N ARG P 184 -67.98 -1.39 -52.93
CA ARG P 184 -69.38 -1.79 -52.81
C ARG P 184 -69.69 -3.18 -53.37
N PHE P 185 -68.69 -3.85 -53.93
CA PHE P 185 -68.92 -5.15 -54.55
C PHE P 185 -69.19 -6.22 -53.48
N ILE P 186 -68.82 -5.90 -52.24
CA ILE P 186 -68.99 -6.82 -51.12
C ILE P 186 -70.46 -7.15 -50.85
N SER P 187 -71.30 -6.12 -50.85
CA SER P 187 -72.71 -6.27 -50.51
C SER P 187 -73.46 -7.15 -51.51
N GLU P 188 -73.01 -7.16 -52.76
CA GLU P 188 -73.67 -7.94 -53.80
C GLU P 188 -73.20 -9.39 -53.81
N ASN P 189 -72.24 -9.70 -52.94
CA ASN P 189 -71.76 -11.07 -52.81
C ASN P 189 -72.57 -11.87 -51.80
N TYR P 215 -73.99 -16.23 -49.76
CA TYR P 215 -73.14 -17.26 -50.36
C TYR P 215 -72.61 -16.84 -51.73
N SER P 216 -71.29 -16.89 -51.89
CA SER P 216 -70.67 -16.68 -53.18
C SER P 216 -69.75 -17.86 -53.48
N THR P 217 -70.13 -18.66 -54.47
CA THR P 217 -69.48 -19.95 -54.73
C THR P 217 -68.13 -19.81 -55.42
N THR P 218 -67.25 -20.78 -55.19
CA THR P 218 -65.97 -20.87 -55.88
C THR P 218 -65.11 -19.63 -55.64
N GLN P 219 -64.53 -19.54 -54.46
CA GLN P 219 -63.76 -18.39 -54.00
C GLN P 219 -62.76 -17.85 -55.02
N GLU P 220 -62.18 -18.74 -55.83
CA GLU P 220 -61.25 -18.30 -56.87
C GLU P 220 -61.97 -17.72 -58.08
N ILE P 221 -63.22 -18.15 -58.30
CA ILE P 221 -64.05 -17.58 -59.36
C ILE P 221 -64.46 -16.16 -58.98
N LEU P 222 -64.61 -15.93 -57.68
CA LEU P 222 -64.93 -14.59 -57.16
C LEU P 222 -63.93 -13.56 -57.65
N GLU P 223 -62.67 -13.97 -57.78
CA GLU P 223 -61.68 -13.13 -58.44
C GLU P 223 -61.91 -13.14 -59.95
N PHE P 224 -62.07 -14.33 -60.52
CA PHE P 224 -62.32 -14.48 -61.96
C PHE P 224 -63.52 -13.65 -62.40
N ILE P 225 -64.42 -13.37 -61.47
CA ILE P 225 -65.47 -12.38 -61.66
C ILE P 225 -64.87 -10.99 -61.55
N THR P 226 -64.32 -10.68 -60.38
CA THR P 226 -63.70 -9.39 -60.11
C THR P 226 -62.58 -9.05 -61.10
N ALA P 227 -61.83 -10.07 -61.52
CA ALA P 227 -60.72 -9.86 -62.45
C ALA P 227 -61.21 -9.30 -63.78
N ALA P 228 -62.38 -9.75 -64.23
CA ALA P 228 -62.99 -9.21 -65.44
C ALA P 228 -64.27 -8.45 -65.14
N GLN P 229 -64.19 -7.13 -65.21
CA GLN P 229 -65.31 -6.22 -64.90
C GLN P 229 -64.86 -4.78 -65.12
N VAL P 230 -65.84 -3.89 -65.28
CA VAL P 230 -65.60 -2.45 -65.39
C VAL P 230 -64.79 -2.06 -66.65
N ALA P 231 -64.32 -3.07 -67.40
CA ALA P 231 -63.51 -2.88 -68.60
C ALA P 231 -62.13 -2.32 -68.28
N ASN P 232 -61.91 -2.03 -67.01
CA ASN P 232 -60.66 -1.52 -66.48
C ASN P 232 -59.77 -2.67 -65.99
N VAL P 233 -60.15 -3.89 -66.37
CA VAL P 233 -59.67 -5.14 -65.76
C VAL P 233 -58.14 -5.19 -65.65
N GLU P 234 -57.64 -5.86 -64.61
CA GLU P 234 -56.23 -5.70 -64.30
C GLU P 234 -55.32 -6.58 -65.17
N LEU P 235 -55.02 -7.79 -64.72
CA LEU P 235 -54.30 -8.74 -65.57
C LEU P 235 -54.60 -10.23 -65.40
N THR P 236 -54.18 -10.79 -64.26
CA THR P 236 -53.91 -12.22 -64.13
C THR P 236 -54.38 -12.77 -62.78
N PRO P 237 -54.24 -14.10 -62.56
CA PRO P 237 -54.35 -14.75 -61.25
C PRO P 237 -53.48 -14.18 -60.13
N SER P 238 -52.49 -13.35 -60.44
CA SER P 238 -51.74 -12.67 -59.39
C SER P 238 -52.69 -11.89 -58.47
N ASN P 239 -53.87 -11.56 -58.97
CA ASN P 239 -54.91 -10.90 -58.17
C ASN P 239 -55.84 -11.88 -57.48
N ILE P 240 -55.71 -13.18 -57.78
CA ILE P 240 -56.50 -14.20 -57.11
C ILE P 240 -56.21 -14.22 -55.63
N ARG P 241 -54.91 -14.21 -55.31
CA ARG P 241 -54.46 -14.30 -53.92
C ARG P 241 -54.27 -12.90 -53.33
N SER P 242 -54.62 -11.88 -54.09
CA SER P 242 -54.43 -10.51 -53.65
C SER P 242 -55.56 -10.05 -52.72
N LEU P 243 -56.75 -9.81 -53.28
CA LEU P 243 -57.86 -9.35 -52.46
C LEU P 243 -58.33 -10.45 -51.51
N CYS P 244 -58.02 -11.70 -51.87
CA CYS P 244 -58.26 -12.84 -51.01
C CYS P 244 -57.53 -12.72 -49.67
N GLU P 245 -56.21 -12.72 -49.72
CA GLU P 245 -55.38 -12.81 -48.52
C GLU P 245 -55.00 -11.45 -47.94
N VAL P 246 -55.50 -10.37 -48.55
CA VAL P 246 -55.34 -9.04 -47.98
C VAL P 246 -56.58 -8.70 -47.14
N LEU P 247 -57.73 -8.66 -47.80
CA LEU P 247 -59.00 -8.36 -47.16
C LEU P 247 -59.51 -9.50 -46.27
N VAL P 248 -58.76 -10.61 -46.23
CA VAL P 248 -59.13 -11.79 -45.44
C VAL P 248 -59.50 -11.43 -44.00
N TYR P 249 -58.79 -10.46 -43.43
CA TYR P 249 -59.10 -9.98 -42.09
C TYR P 249 -59.83 -8.63 -42.17
N ASP P 250 -60.11 -8.04 -41.01
CA ASP P 250 -60.88 -6.79 -40.94
C ASP P 250 -62.26 -6.99 -41.55
N ASP P 251 -63.09 -7.76 -40.85
CA ASP P 251 -64.45 -8.05 -41.29
C ASP P 251 -64.47 -8.69 -42.67
N LYS P 252 -65.05 -7.99 -43.65
CA LYS P 252 -65.19 -8.47 -45.01
C LYS P 252 -66.01 -9.76 -45.05
N LEU P 253 -65.44 -10.83 -45.57
CA LEU P 253 -66.18 -12.07 -45.79
C LEU P 253 -65.64 -13.22 -44.96
N GLU P 254 -66.54 -14.04 -44.45
CA GLU P 254 -66.16 -15.21 -43.65
C GLU P 254 -65.57 -16.31 -44.51
N LYS P 255 -64.82 -17.20 -43.87
CA LYS P 255 -64.19 -18.30 -44.59
C LYS P 255 -64.86 -19.63 -44.27
N VAL P 256 -65.52 -20.20 -45.28
CA VAL P 256 -66.24 -21.45 -45.14
C VAL P 256 -65.70 -22.44 -46.17
N THR P 257 -65.99 -23.73 -45.99
CA THR P 257 -65.35 -24.78 -46.78
C THR P 257 -65.79 -24.79 -48.24
N HIS P 258 -65.26 -25.77 -48.98
CA HIS P 258 -65.41 -25.90 -50.44
C HIS P 258 -65.16 -24.59 -51.18
N ASP P 259 -64.20 -23.82 -50.66
CA ASP P 259 -63.66 -22.64 -51.33
C ASP P 259 -64.71 -21.58 -51.66
N CYS P 260 -65.23 -20.91 -50.63
CA CYS P 260 -66.15 -19.79 -50.84
C CYS P 260 -66.21 -18.86 -49.63
N TYR P 261 -67.03 -17.81 -49.73
CA TYR P 261 -67.09 -16.78 -48.70
C TYR P 261 -68.51 -16.55 -48.16
N ARG P 262 -68.62 -16.36 -46.86
CA ARG P 262 -69.90 -16.01 -46.23
C ARG P 262 -69.94 -14.55 -45.81
N VAL P 263 -71.09 -14.11 -45.31
CA VAL P 263 -71.26 -12.75 -44.78
C VAL P 263 -72.13 -12.77 -43.52
N THR P 264 -71.64 -12.19 -42.43
CA THR P 264 -72.46 -12.12 -41.22
C THR P 264 -72.51 -10.76 -40.52
N LEU P 265 -71.40 -10.33 -39.91
CA LEU P 265 -71.42 -9.21 -38.98
C LEU P 265 -71.03 -7.87 -39.61
N GLU P 266 -70.67 -7.88 -40.88
CA GLU P 266 -70.27 -6.65 -41.55
C GLU P 266 -71.50 -5.78 -41.86
N SER P 267 -72.67 -6.40 -41.87
CA SER P 267 -73.91 -5.70 -42.14
C SER P 267 -74.27 -4.74 -41.00
N ILE P 268 -73.77 -5.05 -39.80
CA ILE P 268 -74.03 -4.22 -38.64
C ILE P 268 -73.18 -2.96 -38.66
N LEU P 269 -71.92 -3.10 -39.06
CA LEU P 269 -70.99 -1.98 -39.10
C LEU P 269 -71.28 -1.06 -40.29
N GLN P 270 -71.78 -1.65 -41.38
CA GLN P 270 -72.16 -0.86 -42.55
C GLN P 270 -73.40 -0.03 -42.26
N MET P 271 -74.20 -0.49 -41.29
CA MET P 271 -75.40 0.22 -40.88
C MET P 271 -75.06 1.49 -40.12
N SER P 303 -65.27 12.64 -18.99
CA SER P 303 -64.62 12.27 -17.74
C SER P 303 -64.63 13.43 -16.75
N LYS P 304 -65.25 13.23 -15.60
CA LYS P 304 -65.32 14.26 -14.57
C LYS P 304 -64.06 14.27 -13.73
N HIS P 305 -63.87 13.23 -12.92
CA HIS P 305 -62.67 13.13 -12.09
C HIS P 305 -61.61 12.24 -12.75
N ASP P 306 -61.86 10.94 -12.74
CA ASP P 306 -60.96 9.99 -13.40
C ASP P 306 -61.73 8.92 -14.17
N LYS P 307 -61.51 8.87 -15.48
CA LYS P 307 -62.18 7.88 -16.33
C LYS P 307 -61.33 7.51 -17.55
N GLU P 308 -61.39 6.24 -17.92
CA GLU P 308 -60.79 5.76 -19.15
C GLU P 308 -59.29 6.05 -19.31
N VAL P 309 -58.98 6.62 -20.47
CA VAL P 309 -57.63 6.83 -21.02
C VAL P 309 -57.13 5.53 -21.69
N VAL P 310 -57.74 4.40 -21.32
CA VAL P 310 -57.79 3.16 -22.10
C VAL P 310 -56.51 2.69 -22.82
N TYR P 311 -55.35 2.98 -22.24
CA TYR P 311 -54.07 2.50 -22.78
C TYR P 311 -52.85 2.94 -21.96
N PHE P 312 -51.68 2.44 -22.38
CA PHE P 312 -50.39 2.77 -21.77
C PHE P 312 -50.40 2.48 -20.28
N ASP P 313 -49.80 3.39 -19.49
CA ASP P 313 -49.78 3.29 -18.03
C ASP P 313 -48.98 2.10 -17.52
N GLU P 314 -48.48 1.26 -18.43
CA GLU P 314 -47.74 0.05 -18.10
C GLU P 314 -48.54 -0.91 -17.23
N TRP P 315 -48.02 -1.21 -16.04
CA TRP P 315 -48.62 -2.18 -15.12
C TRP P 315 -48.75 -3.54 -15.76
N PRO Q 42 -63.87 1.49 -22.71
CA PRO Q 42 -64.25 2.89 -23.00
C PRO Q 42 -65.76 3.03 -23.17
N ILE Q 43 -66.15 3.76 -24.22
CA ILE Q 43 -67.56 3.96 -24.62
C ILE Q 43 -68.45 4.29 -23.40
N ASN Q 44 -69.48 3.50 -23.14
CA ASN Q 44 -70.39 3.67 -22.00
C ASN Q 44 -71.14 5.00 -21.98
N GLY Q 45 -71.15 5.63 -20.82
CA GLY Q 45 -72.02 6.76 -20.56
C GLY Q 45 -73.21 6.30 -19.72
N PRO Q 46 -74.22 7.15 -19.57
CA PRO Q 46 -75.40 6.79 -18.78
C PRO Q 46 -76.28 5.75 -19.49
N ILE Q 47 -75.86 4.49 -19.46
CA ILE Q 47 -76.57 3.43 -20.15
C ILE Q 47 -77.08 2.38 -19.16
N THR Q 48 -78.15 1.68 -19.56
CA THR Q 48 -78.66 0.52 -18.82
C THR Q 48 -79.04 0.85 -17.37
N ASN Q 49 -80.17 1.53 -17.21
CA ASN Q 49 -80.71 1.87 -15.89
C ASN Q 49 -80.76 0.67 -14.94
N LYS Q 50 -80.96 -0.52 -15.51
CA LYS Q 50 -80.90 -1.76 -14.74
C LYS Q 50 -79.55 -1.90 -14.03
N GLU Q 51 -78.47 -1.63 -14.74
CA GLU Q 51 -77.13 -1.68 -14.17
C GLU Q 51 -76.95 -0.62 -13.09
N ARG Q 52 -77.63 0.52 -13.26
CA ARG Q 52 -77.60 1.57 -12.25
C ARG Q 52 -78.26 1.08 -10.96
N SER Q 53 -79.36 0.35 -11.10
CA SER Q 53 -80.04 -0.23 -9.96
C SER Q 53 -79.17 -1.28 -9.28
N LEU Q 54 -78.44 -2.03 -10.10
CA LEU Q 54 -77.50 -3.02 -9.59
C LEU Q 54 -76.36 -2.34 -8.83
N ALA Q 55 -75.98 -1.16 -9.31
CA ALA Q 55 -74.93 -0.38 -8.66
C ALA Q 55 -75.41 0.16 -7.31
N VAL Q 56 -76.66 0.62 -7.29
CA VAL Q 56 -77.26 1.13 -6.06
C VAL Q 56 -77.34 0.03 -5.00
N LYS Q 57 -77.76 -1.16 -5.43
CA LYS Q 57 -77.81 -2.31 -4.55
C LYS Q 57 -76.44 -2.65 -4.00
N TYR Q 58 -75.44 -2.59 -4.89
CA TYR Q 58 -74.05 -2.87 -4.52
C TYR Q 58 -73.58 -1.96 -3.39
N ILE Q 59 -73.96 -0.68 -3.47
CA ILE Q 59 -73.61 0.29 -2.44
C ILE Q 59 -74.34 -0.03 -1.14
N ASN Q 60 -75.62 -0.39 -1.25
CA ASN Q 60 -76.44 -0.72 -0.09
C ASN Q 60 -75.91 -1.94 0.65
N PHE Q 61 -75.47 -2.96 -0.09
CA PHE Q 61 -74.93 -4.17 0.50
C PHE Q 61 -73.63 -3.88 1.21
N GLY Q 62 -72.83 -2.97 0.65
CA GLY Q 62 -71.57 -2.58 1.24
C GLY Q 62 -71.74 -1.83 2.55
N LYS Q 63 -72.79 -1.01 2.62
CA LYS Q 63 -73.09 -0.24 3.82
C LYS Q 63 -73.49 -1.14 4.98
N THR Q 64 -74.22 -2.21 4.66
CA THR Q 64 -74.69 -3.15 5.68
C THR Q 64 -73.54 -3.93 6.31
N VAL Q 65 -72.51 -4.19 5.50
CA VAL Q 65 -71.33 -4.91 5.97
C VAL Q 65 -70.51 -4.04 6.92
N LYS Q 66 -70.37 -2.77 6.56
CA LYS Q 66 -69.61 -1.82 7.39
C LYS Q 66 -70.27 -1.61 8.75
N ASP Q 67 -71.60 -1.60 8.77
CA ASP Q 67 -72.35 -1.42 10.00
C ASP Q 67 -72.22 -2.65 10.90
N GLY Q 68 -72.18 -3.83 10.28
CA GLY Q 68 -72.04 -5.06 11.02
C GLY Q 68 -70.64 -5.29 11.54
N PRO Q 69 -70.45 -6.33 12.37
CA PRO Q 69 -69.15 -6.66 12.95
C PRO Q 69 -68.37 -7.67 12.10
N UNK Q 70 -75.44 -12.73 17.45
CA UNK Q 70 -74.00 -12.89 17.52
C UNK Q 70 -73.64 -14.23 18.15
N UNK Q 71 -73.38 -15.23 17.30
CA UNK Q 71 -73.01 -16.56 17.78
C UNK Q 71 -71.67 -17.03 17.22
N UNK Q 72 -71.68 -17.41 15.94
CA UNK Q 72 -70.52 -17.94 15.21
C UNK Q 72 -70.08 -19.33 15.72
N UNK Q 73 -70.60 -19.70 16.89
CA UNK Q 73 -70.41 -21.02 17.51
C UNK Q 73 -68.96 -21.51 17.56
N UNK Q 74 -68.81 -22.82 17.37
CA UNK Q 74 -67.50 -23.47 17.35
C UNK Q 74 -67.00 -23.78 15.94
N UNK Q 75 -67.77 -23.37 14.94
CA UNK Q 75 -67.66 -23.91 13.57
C UNK Q 75 -66.25 -23.89 12.97
N UNK Q 76 -65.85 -25.05 12.45
CA UNK Q 76 -64.68 -25.20 11.58
C UNK Q 76 -63.33 -24.95 12.25
N UNK Q 77 -63.32 -24.50 13.50
CA UNK Q 77 -62.06 -24.18 14.17
C UNK Q 77 -61.29 -25.45 14.51
N UNK Q 78 -60.07 -25.55 13.98
CA UNK Q 78 -59.18 -26.67 14.30
C UNK Q 78 -58.16 -26.28 15.36
N UNK Q 79 -58.20 -25.02 15.78
CA UNK Q 79 -57.25 -24.50 16.76
C UNK Q 79 -57.93 -24.22 18.09
N UNK Q 80 -57.42 -24.84 19.15
CA UNK Q 80 -57.97 -24.67 20.48
C UNK Q 80 -57.74 -23.25 20.99
N UNK Q 81 -56.62 -22.65 20.56
CA UNK Q 81 -56.30 -21.28 20.95
C UNK Q 81 -57.24 -20.29 20.27
N UNK Q 82 -57.59 -20.58 19.02
CA UNK Q 82 -58.50 -19.72 18.26
C UNK Q 82 -59.94 -19.94 18.69
N UNK Q 83 -60.25 -21.17 19.08
CA UNK Q 83 -61.60 -21.51 19.53
C UNK Q 83 -61.93 -20.82 20.85
N UNK Q 84 -60.92 -20.63 21.68
CA UNK Q 84 -61.08 -19.94 22.96
C UNK Q 84 -61.41 -18.47 22.73
N UNK Q 85 -60.76 -17.87 21.73
CA UNK Q 85 -61.01 -16.47 21.39
C UNK Q 85 -62.30 -16.32 20.59
N UNK Q 86 -62.75 -17.41 19.97
CA UNK Q 86 -63.96 -17.39 19.18
C UNK Q 86 -65.21 -17.48 20.06
N UNK Q 87 -65.00 -17.73 21.35
CA UNK Q 87 -66.09 -17.81 22.31
C UNK Q 87 -66.75 -16.46 22.51
N UNK Q 88 -65.97 -15.40 22.37
CA UNK Q 88 -66.47 -14.04 22.52
C UNK Q 88 -66.39 -13.27 21.21
#